data_8JAV
#
_entry.id   8JAV
#
_cell.length_a   1.00
_cell.length_b   1.00
_cell.length_c   1.00
_cell.angle_alpha   90.00
_cell.angle_beta   90.00
_cell.angle_gamma   90.00
#
_symmetry.space_group_name_H-M   'P 1'
#
loop_
_entity.id
_entity.type
_entity.pdbx_description
1 polymer 'Amyloid protein-binding protein 2'
2 polymer Cullin-2
3 polymer Elongin-B
4 polymer Elongin-C
5 polymer 'MRPL28 C-degron'
6 polymer 'E3 ubiquitin-protein ligase RBX1, N-terminally processed'
7 non-polymer 'ZINC ION'
#
loop_
_entity_poly.entity_id
_entity_poly.type
_entity_poly.pdbx_seq_one_letter_code
_entity_poly.pdbx_strand_id
1 'polypeptide(L)'
;MAAVELEWIPETLYNTAISAVVDNYIRSRRDIRSLPENIQFDVYYKLYQQGRLCQLGSEFCELEVFAKVLRALDKRHLLH
HCFQALMDHGVKVASVLAYSFSRRCSYIAESDAAVKEKAIQVGFVLGGFLSDAGWYSDAEKVFLSCLQLCTLHDEMLHWF
RAVECCVRLLHVRNGNCKYHLGEETFKLAQTYMDKLSKHGQQANKAALYGELCALLFAKSHYDEAYKWCIEAMKEITAGL
PVKVVVDVLRQASKACVVKREFKKAEQLIKHAVYLARDHFGSKHPKYSDTLLDYGFYLLNVDNICQSVAIYQAALDIRQS
VFGGKNIHVATAHEDLAYSSYVHQYSSGKFDNALFHAERAIGIITHILPEDHLLLASSKRVKALILEEIAIDCHNKETEQ
RLLQEAHDLHLSSLQLAKKAFGEFNVQTAKHYGNLGRLYQSMRKFKEAEEMHIKAIQIKEQLLGQEDYEVALSVGHLASL
YNYDMNQYENAEKLYLRSIAIGKKLFGEGYSGLEYDYRGLIKLYNSIGNYEKVFEYHNVLSNWNRLRDRQYSVTDALEDV
STSPQSTEEVVQSFLISQNVEGPSC
;
A,B,J,K
2 'polypeptide(L)'
;TSLKPRVVDFDETWNKLLTTIKAVVMLEYVERATWNDRFSDIYALCVAYPEPLGERLYTETKIFLENHVRHLHKRVLESE
EQVLVMYHRYWEEYSKGADYMDCLYRYLNTQFIKKNKLTEADLQYGYGGVDMNEPLMEIGELALDMWRKLMVEPLQAILI
RMLLREIKNDRGGEDPNQKVIHGVINSFVHVEQYKKKFPLKFYQEIFESPFLTETGEYYKQEASNLLQESNCSQYMEKVL
GRLKDEEIRCRKYLHPSSYTKVIHECQQRMVADHLQFLHAECHNIIRQEKKNDMANMYVLLRAVSTGLPHMIQELQNHIH
DEGLRATSNLTQENMPTLFVESVLEVHGKFVQLINTVLNGDQHFMSALDKALTSVVNYREPKSVCKAPELLAKYCDNLLK
KSAKGMTENEVEDRLTSFITVFKYIDDKDVFQKFYARMLAKRLIHGLSMSMDSEEAMINKLKQACGYEFTSKLHRMYTDM
SVSADLNNKFNNFIKNQDTVIDLGISFQIYVLQAGAWPLTQAPSSTFAIPQELEKSVQMFELFYSQHFSGRKLTWLHYLC
TGEVKMNYLGKPYVAMVTTYQMAVLLAFNNSETVSYKELQDSTQMNEKELTKTIKSLLDVKMINHDSEKEDIDAESSFSL
NMNFSSKRTKFKITTSMQKDTPQEMEQTRSAVDEDRKMYLQAAIVRIMKARKVLRHNALIQEVISQSRARFNPSISMIKK
CIEVLIDKQYIERSQASADEYSYVA
;
E,I,L,U
3 'polypeptide(L)'
;MDVFLMIRRHKTTIFTDAKESSTVFELKRIVEGILKRPPDEQRLYKDDQLLDDGKTLGECGFTSQTARPQAPATVGLAFR
ADDTFEALCIEPFSSPPELPDVMKPQDSGSSANEQAVQ
;
C,G,M,Q
4 'polypeptide(L)'
;MYVKLISSDGHEFIVKREHALTSGTIKAMLSGPGQFAENETNEVNFREIPSHVLSKVCMYFTYKVRYTNSSTEIPEFPIA
PEIALELLMAANFLDC
;
D,H,N,T
5 'polypeptide(L)' QALSEPAVVQKRASGQ S,F,O,P
6 'polypeptide(L)'
;MAAAMDVDTPSGTNSGAGKKRFEVKKWNAVALWAWDIVVDNCAICRNHIMDLCIECQANQASATSEECTVAWGVCNHAFH
FHCISRWLKTRQVCPLDNREWEFQKYGH
;
R,V
#
# COMPACT_ATOMS: atom_id res chain seq x y z
N GLU A 7 -4.88 -26.62 64.09
CA GLU A 7 -4.45 -25.57 63.17
C GLU A 7 -5.58 -24.58 62.91
N TRP A 8 -6.73 -25.11 62.53
CA TRP A 8 -7.89 -24.30 62.17
C TRP A 8 -8.83 -24.22 63.37
N ILE A 9 -8.85 -23.08 64.03
CA ILE A 9 -9.76 -22.86 65.17
C ILE A 9 -11.19 -22.76 64.65
N PRO A 10 -12.14 -23.52 65.21
CA PRO A 10 -13.52 -23.39 64.76
C PRO A 10 -14.08 -21.99 65.04
N GLU A 11 -14.87 -21.50 64.10
CA GLU A 11 -15.44 -20.17 64.23
C GLU A 11 -16.59 -20.18 65.23
N THR A 12 -16.72 -19.09 65.98
CA THR A 12 -17.68 -19.03 67.06
C THR A 12 -19.11 -19.07 66.52
N LEU A 13 -20.05 -19.42 67.41
CA LEU A 13 -21.45 -19.43 67.03
C LEU A 13 -21.94 -18.04 66.66
N TYR A 14 -21.42 -17.02 67.35
CA TYR A 14 -21.85 -15.66 67.06
C TYR A 14 -21.49 -15.25 65.63
N ASN A 15 -20.25 -15.48 65.23
CA ASN A 15 -19.83 -15.10 63.89
C ASN A 15 -20.50 -15.95 62.81
N THR A 16 -20.75 -17.22 63.10
CA THR A 16 -21.47 -18.05 62.13
C THR A 16 -22.91 -17.59 61.98
N ALA A 17 -23.56 -17.19 63.08
CA ALA A 17 -24.91 -16.65 62.98
C ALA A 17 -24.92 -15.32 62.26
N ILE A 18 -23.89 -14.50 62.47
CA ILE A 18 -23.76 -13.25 61.74
C ILE A 18 -23.64 -13.51 60.25
N SER A 19 -22.82 -14.50 59.87
CA SER A 19 -22.71 -14.86 58.47
C SER A 19 -23.98 -15.52 57.95
N ALA A 20 -24.83 -16.03 58.85
CA ALA A 20 -26.10 -16.59 58.41
C ALA A 20 -27.17 -15.53 58.28
N VAL A 21 -27.19 -14.55 59.19
CA VAL A 21 -28.17 -13.47 59.10
C VAL A 21 -27.87 -12.59 57.89
N VAL A 22 -26.59 -12.33 57.63
CA VAL A 22 -26.23 -11.49 56.49
C VAL A 22 -26.63 -12.17 55.19
N ASP A 23 -26.30 -13.46 55.05
CA ASP A 23 -26.65 -14.19 53.83
C ASP A 23 -28.15 -14.22 53.63
N ASN A 24 -28.91 -14.47 54.68
CA ASN A 24 -30.37 -14.31 54.67
C ASN A 24 -30.76 -12.87 54.97
N TYR A 25 -30.14 -11.94 54.24
CA TYR A 25 -30.22 -10.53 54.62
C TYR A 25 -31.54 -9.91 54.15
N ILE A 26 -31.90 -10.11 52.89
CA ILE A 26 -33.06 -9.43 52.33
C ILE A 26 -34.34 -9.87 53.00
N ARG A 27 -34.46 -11.17 53.31
CA ARG A 27 -35.63 -11.66 54.02
C ARG A 27 -35.65 -11.21 55.48
N SER A 28 -34.57 -10.62 55.98
CA SER A 28 -34.51 -10.17 57.37
C SER A 28 -33.83 -8.82 57.50
N ARG A 29 -33.99 -7.95 56.51
CA ARG A 29 -33.34 -6.63 56.57
C ARG A 29 -33.98 -5.75 57.63
N ARG A 30 -35.31 -5.70 57.68
CA ARG A 30 -35.98 -4.83 58.63
C ARG A 30 -35.92 -5.38 60.03
N ASP A 31 -35.75 -6.70 60.18
CA ASP A 31 -35.69 -7.30 61.50
C ASP A 31 -34.30 -7.22 62.11
N ILE A 32 -33.28 -6.86 61.33
CA ILE A 32 -31.96 -6.63 61.89
C ILE A 32 -31.97 -5.40 62.77
N ARG A 33 -32.75 -4.38 62.39
CA ARG A 33 -32.80 -3.13 63.14
C ARG A 33 -33.38 -3.29 64.52
N SER A 34 -34.02 -4.41 64.83
CA SER A 34 -34.50 -4.67 66.18
C SER A 34 -33.45 -5.34 67.06
N LEU A 35 -32.30 -5.70 66.50
CA LEU A 35 -31.27 -6.38 67.26
C LEU A 35 -30.57 -5.41 68.22
N PRO A 36 -29.85 -5.93 69.21
CA PRO A 36 -28.98 -5.07 70.01
C PRO A 36 -27.98 -4.31 69.16
N GLU A 37 -27.57 -3.14 69.65
CA GLU A 37 -26.68 -2.27 68.87
C GLU A 37 -25.34 -2.95 68.60
N ASN A 38 -24.87 -3.80 69.51
CA ASN A 38 -23.66 -4.57 69.26
C ASN A 38 -23.86 -5.53 68.08
N ILE A 39 -24.94 -6.30 68.12
CA ILE A 39 -25.24 -7.21 67.03
C ILE A 39 -25.54 -6.45 65.75
N GLN A 40 -26.18 -5.29 65.87
CA GLN A 40 -26.44 -4.46 64.70
C GLN A 40 -25.13 -4.04 64.03
N PHE A 41 -24.16 -3.57 64.82
CA PHE A 41 -22.91 -3.17 64.20
C PHE A 41 -22.17 -4.37 63.63
N ASP A 42 -22.25 -5.52 64.28
CA ASP A 42 -21.56 -6.69 63.74
C ASP A 42 -22.17 -7.11 62.40
N VAL A 43 -23.50 -7.06 62.29
CA VAL A 43 -24.16 -7.39 61.03
C VAL A 43 -23.77 -6.39 59.95
N TYR A 44 -23.85 -5.09 60.26
CA TYR A 44 -23.52 -4.09 59.27
C TYR A 44 -22.02 -4.03 58.98
N TYR A 45 -21.19 -4.66 59.79
CA TYR A 45 -19.78 -4.79 59.45
C TYR A 45 -19.56 -6.00 58.56
N LYS A 46 -20.27 -7.10 58.82
CA LYS A 46 -20.21 -8.24 57.91
C LYS A 46 -20.73 -7.87 56.53
N LEU A 47 -21.66 -6.93 56.46
CA LEU A 47 -22.12 -6.43 55.17
C LEU A 47 -21.03 -5.66 54.44
N TYR A 48 -19.99 -5.21 55.14
CA TYR A 48 -18.88 -4.55 54.49
C TYR A 48 -17.73 -5.49 54.18
N GLN A 49 -17.44 -6.43 55.08
CA GLN A 49 -16.38 -7.39 54.84
C GLN A 49 -16.68 -8.25 53.61
N GLN A 50 -17.94 -8.64 53.45
CA GLN A 50 -18.36 -9.42 52.29
C GLN A 50 -18.33 -8.60 51.01
N GLY A 51 -18.14 -7.30 51.09
CA GLY A 51 -18.16 -6.46 49.92
C GLY A 51 -19.53 -5.96 49.52
N ARG A 52 -20.57 -6.26 50.30
CA ARG A 52 -21.92 -5.77 50.01
C ARG A 52 -22.00 -4.29 50.38
N LEU A 53 -21.25 -3.48 49.63
CA LEU A 53 -21.25 -2.05 49.90
C LEU A 53 -22.59 -1.43 49.57
N CYS A 54 -23.27 -1.92 48.53
CA CYS A 54 -24.53 -1.32 48.13
C CYS A 54 -25.66 -1.66 49.08
N GLN A 55 -25.60 -2.81 49.74
CA GLN A 55 -26.61 -3.13 50.76
C GLN A 55 -26.30 -2.47 52.09
N LEU A 56 -25.08 -1.97 52.28
CA LEU A 56 -24.71 -1.24 53.48
C LEU A 56 -24.95 0.24 53.34
N GLY A 57 -24.80 0.78 52.13
CA GLY A 57 -25.04 2.19 51.86
C GLY A 57 -26.49 2.58 51.82
N SER A 58 -27.40 1.64 52.05
CA SER A 58 -28.80 1.95 52.25
C SER A 58 -29.25 1.75 53.70
N GLU A 59 -28.39 1.21 54.55
CA GLU A 59 -28.66 1.06 55.97
C GLU A 59 -27.87 2.04 56.83
N PHE A 60 -26.64 2.37 56.43
CA PHE A 60 -25.92 3.46 57.09
C PHE A 60 -26.35 4.82 56.59
N CYS A 61 -27.21 4.88 55.58
CA CYS A 61 -27.65 6.13 54.99
C CYS A 61 -28.89 6.68 55.67
N GLU A 62 -29.33 6.06 56.77
CA GLU A 62 -30.51 6.47 57.51
C GLU A 62 -30.14 6.72 58.96
N LEU A 63 -30.70 7.79 59.55
CA LEU A 63 -30.41 8.09 60.94
C LEU A 63 -31.12 7.17 61.92
N GLU A 64 -32.19 6.50 61.52
CA GLU A 64 -32.81 5.53 62.40
C GLU A 64 -31.88 4.35 62.69
N VAL A 65 -30.92 4.10 61.81
CA VAL A 65 -29.95 3.03 61.96
C VAL A 65 -28.59 3.57 62.37
N PHE A 66 -28.15 4.65 61.73
CA PHE A 66 -26.82 5.17 62.00
C PHE A 66 -26.69 5.71 63.41
N ALA A 67 -27.73 6.38 63.92
CA ALA A 67 -27.66 6.83 65.30
C ALA A 67 -27.72 5.68 66.29
N LYS A 68 -28.19 4.51 65.85
CA LYS A 68 -28.21 3.31 66.68
C LYS A 68 -26.94 2.49 66.56
N VAL A 69 -26.01 2.89 65.68
CA VAL A 69 -24.75 2.19 65.53
C VAL A 69 -23.56 3.06 65.93
N LEU A 70 -23.73 4.38 65.99
CA LEU A 70 -22.66 5.26 66.43
C LEU A 70 -22.32 5.09 67.89
N ARG A 71 -23.20 4.50 68.68
CA ARG A 71 -22.93 4.26 70.09
C ARG A 71 -22.12 2.98 70.33
N ALA A 72 -21.58 2.37 69.27
CA ALA A 72 -20.65 1.26 69.40
C ALA A 72 -19.26 1.85 69.63
N LEU A 73 -19.02 2.31 70.85
CA LEU A 73 -17.80 3.04 71.16
C LEU A 73 -16.57 2.12 71.16
N ASP A 74 -16.73 0.85 71.53
CA ASP A 74 -15.61 -0.07 71.49
C ASP A 74 -15.10 -0.26 70.07
N LYS A 75 -16.02 -0.45 69.13
CA LYS A 75 -15.68 -0.66 67.73
C LYS A 75 -16.16 0.56 66.96
N ARG A 76 -15.34 1.60 66.95
CA ARG A 76 -15.60 2.82 66.20
C ARG A 76 -14.63 3.01 65.06
N HIS A 77 -13.36 2.63 65.26
CA HIS A 77 -12.39 2.68 64.18
C HIS A 77 -12.86 1.84 63.00
N LEU A 78 -13.38 0.64 63.27
CA LEU A 78 -14.00 -0.16 62.23
C LEU A 78 -15.08 0.61 61.50
N LEU A 79 -15.92 1.32 62.26
CA LEU A 79 -16.95 2.16 61.66
C LEU A 79 -16.32 3.23 60.77
N HIS A 80 -15.24 3.84 61.24
CA HIS A 80 -14.57 4.86 60.43
C HIS A 80 -14.04 4.25 59.14
N HIS A 81 -13.73 2.96 59.15
CA HIS A 81 -13.34 2.29 57.91
C HIS A 81 -14.54 1.99 57.03
N CYS A 82 -15.69 1.66 57.64
CA CYS A 82 -16.88 1.38 56.84
C CYS A 82 -17.41 2.65 56.19
N PHE A 83 -17.59 3.69 57.00
CA PHE A 83 -18.10 4.97 56.51
C PHE A 83 -17.23 5.51 55.39
N GLN A 84 -15.92 5.58 55.63
CA GLN A 84 -15.00 6.06 54.60
C GLN A 84 -15.02 5.17 53.37
N ALA A 85 -15.39 3.90 53.51
CA ALA A 85 -15.58 3.08 52.33
C ALA A 85 -16.79 3.56 51.54
N LEU A 86 -17.92 3.77 52.22
CA LEU A 86 -19.15 4.16 51.53
C LEU A 86 -18.98 5.49 50.82
N MET A 87 -18.39 6.48 51.48
CA MET A 87 -18.14 7.75 50.82
C MET A 87 -17.19 7.59 49.65
N ASP A 88 -16.23 6.68 49.76
CA ASP A 88 -15.39 6.36 48.61
C ASP A 88 -16.14 5.50 47.60
N HIS A 89 -17.13 4.73 48.08
CA HIS A 89 -17.90 3.86 47.21
C HIS A 89 -18.70 4.66 46.19
N GLY A 90 -19.28 5.77 46.62
CA GLY A 90 -20.12 6.59 45.77
C GLY A 90 -21.32 7.10 46.51
N VAL A 91 -21.71 6.41 47.57
CA VAL A 91 -22.88 6.78 48.34
C VAL A 91 -22.54 8.02 49.16
N LYS A 92 -23.36 9.07 49.01
CA LYS A 92 -23.15 10.31 49.75
C LYS A 92 -23.76 10.16 51.15
N VAL A 93 -23.10 9.34 51.97
CA VAL A 93 -23.65 9.02 53.29
C VAL A 93 -23.59 10.26 54.19
N ALA A 94 -22.53 11.04 54.09
CA ALA A 94 -22.41 12.24 54.93
C ALA A 94 -23.50 13.25 54.60
N SER A 95 -23.70 13.53 53.32
CA SER A 95 -24.70 14.51 52.92
C SER A 95 -26.11 14.05 53.28
N VAL A 96 -26.42 12.78 53.03
CA VAL A 96 -27.77 12.30 53.32
C VAL A 96 -28.01 12.23 54.83
N LEU A 97 -26.98 11.87 55.60
CA LEU A 97 -27.14 11.91 57.05
C LEU A 97 -27.36 13.33 57.55
N ALA A 98 -26.64 14.30 56.96
CA ALA A 98 -26.87 15.70 57.33
C ALA A 98 -28.29 16.15 56.98
N TYR A 99 -28.76 15.79 55.79
CA TYR A 99 -30.12 16.17 55.39
C TYR A 99 -31.16 15.51 56.28
N SER A 100 -30.96 14.25 56.63
CA SER A 100 -31.89 13.56 57.51
C SER A 100 -31.91 14.22 58.89
N PHE A 101 -30.75 14.62 59.39
CA PHE A 101 -30.75 15.28 60.70
C PHE A 101 -31.38 16.66 60.63
N SER A 102 -31.17 17.39 59.52
CA SER A 102 -31.84 18.67 59.38
C SER A 102 -33.36 18.52 59.36
N ARG A 103 -33.85 17.50 58.64
CA ARG A 103 -35.29 17.25 58.61
C ARG A 103 -35.81 16.85 59.98
N ARG A 104 -35.05 16.02 60.70
CA ARG A 104 -35.48 15.62 62.04
C ARG A 104 -35.52 16.82 62.98
N CYS A 105 -34.52 17.71 62.88
CA CYS A 105 -34.52 18.91 63.72
C CYS A 105 -35.70 19.82 63.39
N SER A 106 -36.01 19.98 62.10
CA SER A 106 -37.15 20.81 61.73
C SER A 106 -38.46 20.19 62.21
N TYR A 107 -38.55 18.86 62.21
CA TYR A 107 -39.75 18.20 62.72
C TYR A 107 -39.84 18.26 64.25
N ILE A 108 -38.69 18.35 64.93
CA ILE A 108 -38.68 18.34 66.39
C ILE A 108 -38.77 19.74 66.98
N ALA A 109 -38.46 20.78 66.20
CA ALA A 109 -38.38 22.16 66.72
C ALA A 109 -39.67 22.58 67.42
N GLU A 110 -40.82 22.19 66.89
CA GLU A 110 -42.09 22.51 67.53
C GLU A 110 -42.50 21.50 68.59
N SER A 111 -41.80 20.38 68.71
CA SER A 111 -42.19 19.32 69.63
C SER A 111 -41.73 19.65 71.05
N ASP A 112 -41.86 18.69 71.95
CA ASP A 112 -41.56 18.91 73.36
C ASP A 112 -40.06 19.10 73.57
N ALA A 113 -39.73 19.97 74.53
CA ALA A 113 -38.33 20.29 74.80
C ALA A 113 -37.56 19.09 75.32
N ALA A 114 -38.22 18.19 76.03
CA ALA A 114 -37.55 16.97 76.47
C ALA A 114 -37.16 16.09 75.27
N VAL A 115 -38.04 16.00 74.28
CA VAL A 115 -37.70 15.28 73.05
C VAL A 115 -36.62 16.05 72.28
N LYS A 116 -36.59 17.37 72.43
CA LYS A 116 -35.59 18.17 71.72
C LYS A 116 -34.18 17.82 72.16
N GLU A 117 -33.99 17.52 73.45
CA GLU A 117 -32.66 17.19 73.95
C GLU A 117 -32.20 15.83 73.42
N LYS A 118 -33.12 14.87 73.27
CA LYS A 118 -32.74 13.58 72.71
C LYS A 118 -32.30 13.70 71.25
N ALA A 119 -32.76 14.73 70.56
CA ALA A 119 -32.29 15.02 69.21
C ALA A 119 -31.00 15.83 69.20
N ILE A 120 -30.46 16.16 70.38
CA ILE A 120 -29.17 16.83 70.48
C ILE A 120 -28.05 15.85 70.80
N GLN A 121 -28.30 14.89 71.70
CA GLN A 121 -27.30 13.87 71.97
C GLN A 121 -27.04 13.02 70.74
N VAL A 122 -28.10 12.70 69.98
CA VAL A 122 -27.90 12.09 68.66
C VAL A 122 -27.19 13.06 67.74
N GLY A 123 -27.49 14.35 67.88
CA GLY A 123 -26.79 15.34 67.07
C GLY A 123 -25.32 15.46 67.43
N PHE A 124 -24.99 15.36 68.72
CA PHE A 124 -23.60 15.47 69.13
C PHE A 124 -22.77 14.28 68.66
N VAL A 125 -23.30 13.05 68.78
CA VAL A 125 -22.51 11.89 68.36
C VAL A 125 -22.33 11.89 66.85
N LEU A 126 -23.37 12.22 66.09
CA LEU A 126 -23.24 12.27 64.65
C LEU A 126 -22.34 13.40 64.20
N GLY A 127 -22.44 14.55 64.86
CA GLY A 127 -21.56 15.66 64.53
C GLY A 127 -20.11 15.35 64.82
N GLY A 128 -19.85 14.74 65.98
CA GLY A 128 -18.49 14.36 66.32
C GLY A 128 -17.94 13.30 65.39
N PHE A 129 -18.78 12.36 64.96
CA PHE A 129 -18.31 11.35 64.02
C PHE A 129 -17.99 11.98 62.67
N LEU A 130 -18.90 12.77 62.12
CA LEU A 130 -18.68 13.36 60.81
C LEU A 130 -17.57 14.41 60.84
N SER A 131 -17.27 14.99 62.00
CA SER A 131 -16.11 15.84 62.14
C SER A 131 -14.82 15.03 62.23
N ASP A 132 -14.85 13.91 62.94
CA ASP A 132 -13.67 13.05 63.01
C ASP A 132 -13.34 12.46 61.64
N ALA A 133 -14.36 12.08 60.87
CA ALA A 133 -14.13 11.48 59.57
C ALA A 133 -13.62 12.47 58.55
N GLY A 134 -13.60 13.76 58.85
CA GLY A 134 -13.13 14.73 57.91
C GLY A 134 -14.19 15.32 56.99
N TRP A 135 -15.46 15.03 57.23
CA TRP A 135 -16.55 15.62 56.45
C TRP A 135 -17.12 16.81 57.21
N TYR A 136 -16.31 17.85 57.31
CA TYR A 136 -16.73 19.06 58.00
C TYR A 136 -17.86 19.76 57.26
N SER A 137 -17.81 19.75 55.92
CA SER A 137 -18.82 20.44 55.13
C SER A 137 -20.20 19.83 55.32
N ASP A 138 -20.26 18.55 55.68
CA ASP A 138 -21.53 17.89 55.97
C ASP A 138 -21.79 17.72 57.46
N ALA A 139 -20.78 17.90 58.31
CA ALA A 139 -21.01 18.02 59.73
C ALA A 139 -21.36 19.44 60.12
N GLU A 140 -21.19 20.40 59.22
CA GLU A 140 -21.57 21.78 59.52
C GLU A 140 -23.08 21.93 59.59
N LYS A 141 -23.81 21.26 58.68
CA LYS A 141 -25.26 21.35 58.70
C LYS A 141 -25.84 20.69 59.95
N VAL A 142 -25.26 19.57 60.37
CA VAL A 142 -25.72 18.89 61.58
C VAL A 142 -25.57 19.81 62.79
N PHE A 143 -24.41 20.46 62.90
CA PHE A 143 -24.18 21.35 64.02
C PHE A 143 -25.01 22.62 63.92
N LEU A 144 -25.27 23.12 62.71
CA LEU A 144 -26.14 24.28 62.57
C LEU A 144 -27.55 23.96 63.04
N SER A 145 -28.09 22.81 62.64
CA SER A 145 -29.41 22.40 63.10
C SER A 145 -29.41 22.20 64.61
N CYS A 146 -28.34 21.62 65.15
CA CYS A 146 -28.24 21.44 66.60
C CYS A 146 -28.24 22.79 67.31
N LEU A 147 -27.48 23.76 66.79
CA LEU A 147 -27.42 25.07 67.42
C LEU A 147 -28.78 25.77 67.38
N GLN A 148 -29.47 25.73 66.23
CA GLN A 148 -30.77 26.36 66.14
C GLN A 148 -31.77 25.72 67.09
N LEU A 149 -31.78 24.38 67.13
CA LEU A 149 -32.71 23.67 68.00
C LEU A 149 -32.40 23.95 69.47
N CYS A 150 -31.13 24.16 69.81
CA CYS A 150 -30.79 24.48 71.19
C CYS A 150 -31.11 25.93 71.54
N THR A 151 -31.00 26.85 70.58
CA THR A 151 -31.22 28.26 70.85
C THR A 151 -32.66 28.70 70.65
N LEU A 152 -33.56 27.79 70.26
CA LEU A 152 -34.97 28.13 70.28
C LEU A 152 -35.43 28.55 71.68
N HIS A 153 -35.01 27.81 72.71
CA HIS A 153 -35.31 28.14 74.09
C HIS A 153 -34.02 28.45 74.83
N ASP A 154 -34.16 29.15 75.96
CA ASP A 154 -33.01 29.76 76.64
C ASP A 154 -32.98 29.38 78.12
N GLU A 155 -33.13 28.10 78.42
CA GLU A 155 -32.92 27.62 79.78
C GLU A 155 -31.45 27.25 79.98
N MET A 156 -31.10 26.98 81.24
CA MET A 156 -29.69 26.77 81.60
C MET A 156 -29.11 25.56 80.89
N LEU A 157 -29.87 24.46 80.84
CA LEU A 157 -29.42 23.28 80.08
C LEU A 157 -29.28 23.61 78.60
N HIS A 158 -30.21 24.40 78.07
CA HIS A 158 -30.09 24.85 76.69
C HIS A 158 -28.91 25.79 76.51
N TRP A 159 -28.59 26.60 77.53
CA TRP A 159 -27.39 27.43 77.47
C TRP A 159 -26.15 26.57 77.34
N PHE A 160 -26.06 25.52 78.16
CA PHE A 160 -24.88 24.63 78.12
C PHE A 160 -24.80 23.91 76.78
N ARG A 161 -25.93 23.41 76.28
CA ARG A 161 -25.94 22.71 75.00
C ARG A 161 -25.57 23.65 73.86
N ALA A 162 -26.03 24.90 73.92
CA ALA A 162 -25.64 25.87 72.91
C ALA A 162 -24.16 26.18 72.97
N VAL A 163 -23.60 26.26 74.18
CA VAL A 163 -22.16 26.49 74.32
C VAL A 163 -21.37 25.33 73.71
N GLU A 164 -21.79 24.10 74.01
CA GLU A 164 -21.08 22.94 73.48
C GLU A 164 -21.22 22.85 71.96
N CYS A 165 -22.40 23.13 71.43
CA CYS A 165 -22.57 23.11 69.98
C CYS A 165 -21.81 24.26 69.31
N CYS A 166 -21.64 25.38 70.01
CA CYS A 166 -20.87 26.49 69.47
C CYS A 166 -19.38 26.16 69.42
N VAL A 167 -18.85 25.54 70.47
CA VAL A 167 -17.44 25.18 70.44
C VAL A 167 -17.19 24.05 69.44
N ARG A 168 -18.15 23.14 69.27
CA ARG A 168 -17.99 22.10 68.25
C ARG A 168 -18.11 22.68 66.84
N LEU A 169 -18.98 23.66 66.63
CA LEU A 169 -19.21 24.16 65.28
C LEU A 169 -18.05 25.04 64.83
N LEU A 170 -17.32 25.65 65.76
CA LEU A 170 -16.13 26.40 65.38
C LEU A 170 -15.07 25.47 64.80
N HIS A 171 -14.93 24.28 65.36
CA HIS A 171 -13.95 23.32 64.86
C HIS A 171 -14.28 22.85 63.44
N VAL A 172 -15.55 22.55 63.17
CA VAL A 172 -15.93 22.10 61.84
C VAL A 172 -15.97 23.26 60.85
N ARG A 173 -16.01 24.50 61.33
CA ARG A 173 -15.89 25.67 60.48
C ARG A 173 -14.44 26.04 60.20
N ASN A 174 -13.61 26.00 61.24
CA ASN A 174 -12.19 26.30 61.06
C ASN A 174 -11.50 25.23 60.22
N GLY A 175 -11.83 23.96 60.45
CA GLY A 175 -11.20 22.89 59.69
C GLY A 175 -11.55 22.89 58.22
N ASN A 176 -12.68 23.48 57.85
CA ASN A 176 -13.10 23.58 56.47
C ASN A 176 -12.56 24.82 55.79
N CYS A 177 -11.63 25.53 56.42
CA CYS A 177 -11.05 26.77 55.93
C CYS A 177 -12.10 27.85 55.72
N LYS A 178 -13.18 27.79 56.49
CA LYS A 178 -14.16 28.88 56.53
C LYS A 178 -13.91 29.75 57.76
N TYR A 179 -12.79 30.46 57.70
CA TYR A 179 -12.38 31.28 58.85
C TYR A 179 -13.28 32.50 59.03
N HIS A 180 -13.76 33.09 57.94
CA HIS A 180 -14.62 34.26 58.05
C HIS A 180 -15.92 33.93 58.79
N LEU A 181 -16.52 32.77 58.49
CA LEU A 181 -17.67 32.35 59.27
C LEU A 181 -17.26 31.88 60.65
N GLY A 182 -16.01 31.44 60.81
CA GLY A 182 -15.53 31.06 62.12
C GLY A 182 -15.46 32.23 63.09
N GLU A 183 -15.13 33.42 62.58
CA GLU A 183 -15.12 34.60 63.43
C GLU A 183 -16.53 34.91 63.96
N GLU A 184 -17.52 34.86 63.07
CA GLU A 184 -18.90 35.07 63.50
C GLU A 184 -19.36 33.98 64.48
N THR A 185 -18.93 32.73 64.23
CA THR A 185 -19.25 31.65 65.16
C THR A 185 -18.66 31.91 66.53
N PHE A 186 -17.42 32.40 66.59
CA PHE A 186 -16.81 32.69 67.88
C PHE A 186 -17.51 33.87 68.54
N LYS A 187 -17.97 34.85 67.77
CA LYS A 187 -18.74 35.95 68.34
C LYS A 187 -20.04 35.45 68.95
N LEU A 188 -20.73 34.55 68.25
CA LEU A 188 -21.94 33.95 68.79
C LEU A 188 -21.64 33.17 70.07
N ALA A 189 -20.53 32.43 70.08
CA ALA A 189 -20.14 31.69 71.27
C ALA A 189 -19.83 32.62 72.43
N GLN A 190 -19.20 33.75 72.15
CA GLN A 190 -18.92 34.75 73.18
C GLN A 190 -20.22 35.30 73.75
N THR A 191 -21.19 35.59 72.89
CA THR A 191 -22.48 36.08 73.38
C THR A 191 -23.18 35.03 74.25
N TYR A 192 -23.15 33.76 73.81
CA TYR A 192 -23.81 32.71 74.56
C TYR A 192 -23.14 32.48 75.92
N MET A 193 -21.81 32.49 75.95
CA MET A 193 -21.13 32.31 77.23
C MET A 193 -21.31 33.53 78.13
N ASP A 194 -21.43 34.72 77.55
CA ASP A 194 -21.74 35.90 78.36
C ASP A 194 -23.12 35.80 78.98
N LYS A 195 -24.10 35.33 78.21
CA LYS A 195 -25.45 35.12 78.75
C LYS A 195 -25.44 34.06 79.83
N LEU A 196 -24.64 33.01 79.64
CA LEU A 196 -24.52 31.97 80.66
C LEU A 196 -23.87 32.50 81.94
N SER A 197 -22.84 33.34 81.80
CA SER A 197 -22.13 33.85 82.96
C SER A 197 -22.93 34.92 83.69
N LYS A 198 -23.82 35.61 82.98
CA LYS A 198 -24.66 36.62 83.62
C LYS A 198 -25.62 36.01 84.62
N HIS A 199 -25.90 34.71 84.52
CA HIS A 199 -26.74 34.00 85.46
C HIS A 199 -25.95 33.31 86.56
N GLY A 200 -24.64 33.55 86.63
CA GLY A 200 -23.80 32.97 87.66
C GLY A 200 -23.21 31.61 87.34
N GLN A 201 -23.54 31.04 86.19
CA GLN A 201 -23.01 29.74 85.78
C GLN A 201 -21.83 29.94 84.85
N GLN A 202 -20.72 29.28 85.16
CA GLN A 202 -19.51 29.37 84.36
C GLN A 202 -19.15 27.99 83.82
N ALA A 203 -18.88 27.92 82.53
CA ALA A 203 -18.49 26.67 81.88
C ALA A 203 -17.08 26.82 81.31
N ASN A 204 -16.34 25.71 81.31
CA ASN A 204 -14.97 25.73 80.84
C ASN A 204 -14.91 26.08 79.35
N LYS A 205 -14.03 27.01 78.99
CA LYS A 205 -13.91 27.48 77.61
C LYS A 205 -12.53 27.19 77.03
N ALA A 206 -11.82 26.20 77.57
CA ALA A 206 -10.49 25.89 77.08
C ALA A 206 -10.54 25.38 75.63
N ALA A 207 -11.53 24.53 75.33
CA ALA A 207 -11.68 24.04 73.96
C ALA A 207 -11.99 25.18 73.01
N LEU A 208 -12.85 26.11 73.42
CA LEU A 208 -13.19 27.25 72.58
C LEU A 208 -11.97 28.10 72.29
N TYR A 209 -11.16 28.36 73.31
CA TYR A 209 -9.99 29.21 73.12
C TYR A 209 -8.93 28.50 72.28
N GLY A 210 -8.77 27.19 72.46
CA GLY A 210 -7.85 26.45 71.61
C GLY A 210 -8.30 26.43 70.16
N GLU A 211 -9.60 26.28 69.93
CA GLU A 211 -10.10 26.31 68.57
C GLU A 211 -9.94 27.69 67.94
N LEU A 212 -10.12 28.75 68.74
CA LEU A 212 -9.83 30.09 68.25
C LEU A 212 -8.35 30.25 67.93
N CYS A 213 -7.48 29.63 68.73
CA CYS A 213 -6.05 29.63 68.44
C CYS A 213 -5.77 28.98 67.11
N ALA A 214 -6.41 27.85 66.84
CA ALA A 214 -6.28 27.20 65.53
C ALA A 214 -6.78 28.10 64.42
N LEU A 215 -7.90 28.79 64.65
CA LEU A 215 -8.47 29.68 63.65
C LEU A 215 -7.51 30.82 63.32
N LEU A 216 -6.92 31.43 64.35
CA LEU A 216 -6.01 32.55 64.13
C LEU A 216 -4.67 32.11 63.57
N PHE A 217 -4.18 30.93 63.99
CA PHE A 217 -2.95 30.40 63.42
C PHE A 217 -3.13 30.11 61.94
N ALA A 218 -4.30 29.58 61.55
CA ALA A 218 -4.60 29.45 60.14
C ALA A 218 -4.65 30.82 59.47
N LYS A 219 -5.26 31.80 60.14
CA LYS A 219 -5.26 33.17 59.65
C LYS A 219 -3.91 33.84 59.79
N SER A 220 -2.96 33.19 60.46
CA SER A 220 -1.59 33.68 60.65
C SER A 220 -1.57 34.99 61.44
N HIS A 221 -2.46 35.09 62.43
CA HIS A 221 -2.40 36.17 63.42
C HIS A 221 -1.67 35.61 64.64
N TYR A 222 -0.35 35.48 64.50
CA TYR A 222 0.44 34.71 65.45
C TYR A 222 0.44 35.33 66.83
N ASP A 223 0.51 36.66 66.92
CA ASP A 223 0.52 37.31 68.23
C ASP A 223 -0.81 37.11 68.96
N GLU A 224 -1.92 37.33 68.25
CA GLU A 224 -3.23 37.11 68.85
C GLU A 224 -3.47 35.64 69.15
N ALA A 225 -2.98 34.76 68.28
CA ALA A 225 -3.09 33.33 68.53
C ALA A 225 -2.34 32.94 69.79
N TYR A 226 -1.14 33.49 69.99
CA TYR A 226 -0.37 33.19 71.19
C TYR A 226 -1.04 33.75 72.44
N LYS A 227 -1.64 34.93 72.35
CA LYS A 227 -2.35 35.49 73.49
C LYS A 227 -3.52 34.59 73.88
N TRP A 228 -4.35 34.21 72.89
CA TRP A 228 -5.47 33.32 73.16
C TRP A 228 -4.98 31.96 73.65
N CYS A 229 -3.79 31.54 73.21
CA CYS A 229 -3.14 30.38 73.82
C CYS A 229 -2.90 30.60 75.30
N ILE A 230 -2.48 31.80 75.68
CA ILE A 230 -2.21 32.08 77.09
C ILE A 230 -3.50 31.96 77.91
N GLU A 231 -4.60 32.56 77.43
CA GLU A 231 -5.86 32.34 78.16
C GLU A 231 -6.33 30.88 78.10
N ALA A 232 -6.10 30.18 76.99
CA ALA A 232 -6.49 28.78 76.90
C ALA A 232 -5.78 27.93 77.94
N MET A 233 -4.47 28.12 78.08
CA MET A 233 -3.71 27.39 79.09
C MET A 233 -4.09 27.83 80.50
N LYS A 234 -4.49 29.10 80.67
CA LYS A 234 -5.02 29.52 81.96
C LYS A 234 -6.33 28.82 82.29
N GLU A 235 -7.13 28.49 81.27
CA GLU A 235 -8.44 27.89 81.47
C GLU A 235 -8.37 26.38 81.68
N ILE A 236 -7.21 25.76 81.52
CA ILE A 236 -7.10 24.31 81.67
C ILE A 236 -7.33 23.93 83.13
N THR A 237 -8.22 22.99 83.35
CA THR A 237 -8.50 22.45 84.68
C THR A 237 -8.21 20.96 84.70
N ALA A 238 -8.56 20.31 85.80
CA ALA A 238 -8.34 18.87 85.93
C ALA A 238 -9.53 18.04 85.48
N GLY A 239 -10.75 18.59 85.56
CA GLY A 239 -11.93 17.85 85.20
C GLY A 239 -12.26 17.81 83.72
N LEU A 240 -11.45 18.45 82.88
CA LEU A 240 -11.72 18.47 81.46
C LEU A 240 -11.52 17.08 80.85
N PRO A 241 -12.28 16.75 79.80
CA PRO A 241 -12.02 15.50 79.08
C PRO A 241 -10.65 15.53 78.41
N VAL A 242 -10.07 14.35 78.25
CA VAL A 242 -8.69 14.25 77.77
C VAL A 242 -8.59 14.75 76.33
N LYS A 243 -9.62 14.53 75.52
CA LYS A 243 -9.60 14.98 74.14
C LYS A 243 -9.48 16.50 74.05
N VAL A 244 -10.20 17.21 74.92
CA VAL A 244 -10.10 18.67 74.95
C VAL A 244 -8.71 19.11 75.37
N VAL A 245 -8.13 18.43 76.36
CA VAL A 245 -6.78 18.77 76.82
C VAL A 245 -5.77 18.57 75.70
N VAL A 246 -5.89 17.46 74.97
CA VAL A 246 -4.98 17.20 73.85
C VAL A 246 -5.15 18.25 72.76
N ASP A 247 -6.39 18.64 72.48
CA ASP A 247 -6.62 19.69 71.48
C ASP A 247 -5.98 21.00 71.90
N VAL A 248 -6.18 21.39 73.16
CA VAL A 248 -5.61 22.65 73.64
C VAL A 248 -4.09 22.62 73.60
N LEU A 249 -3.49 21.51 74.06
CA LEU A 249 -2.04 21.40 74.06
C LEU A 249 -1.48 21.39 72.64
N ARG A 250 -2.17 20.71 71.71
CA ARG A 250 -1.71 20.67 70.33
C ARG A 250 -1.75 22.04 69.68
N GLN A 251 -2.84 22.79 69.88
CA GLN A 251 -2.90 24.14 69.34
C GLN A 251 -1.88 25.05 70.02
N ALA A 252 -1.67 24.85 71.32
CA ALA A 252 -0.66 25.61 72.03
C ALA A 252 0.72 25.37 71.45
N SER A 253 1.05 24.10 71.15
CA SER A 253 2.35 23.79 70.56
C SER A 253 2.49 24.38 69.17
N LYS A 254 1.48 24.19 68.32
CA LYS A 254 1.61 24.68 66.96
C LYS A 254 1.46 26.19 66.86
N ALA A 255 1.08 26.86 67.94
CA ALA A 255 1.18 28.32 67.96
C ALA A 255 2.51 28.80 68.54
N CYS A 256 3.01 28.12 69.58
CA CYS A 256 4.27 28.53 70.18
C CYS A 256 5.44 28.26 69.24
N VAL A 257 5.35 27.23 68.39
CA VAL A 257 6.41 26.98 67.42
C VAL A 257 6.49 28.12 66.42
N VAL A 258 5.35 28.55 65.88
CA VAL A 258 5.38 29.63 64.90
C VAL A 258 5.66 30.96 65.57
N LYS A 259 5.45 31.06 66.88
CA LYS A 259 5.93 32.22 67.64
C LYS A 259 7.39 32.09 68.05
N ARG A 260 8.08 31.07 67.54
CA ARG A 260 9.52 30.85 67.72
C ARG A 260 9.90 30.57 69.17
N GLU A 261 8.95 30.14 70.00
CA GLU A 261 9.25 29.76 71.39
C GLU A 261 9.36 28.24 71.45
N PHE A 262 10.51 27.73 71.02
CA PHE A 262 10.68 26.30 70.86
C PHE A 262 10.88 25.57 72.18
N LYS A 263 11.24 26.27 73.26
CA LYS A 263 11.45 25.60 74.53
C LYS A 263 10.13 25.17 75.16
N LYS A 264 9.14 26.07 75.17
CA LYS A 264 7.85 25.73 75.76
C LYS A 264 7.06 24.79 74.87
N ALA A 265 7.07 25.05 73.56
CA ALA A 265 6.34 24.21 72.62
C ALA A 265 6.85 22.78 72.63
N GLU A 266 8.15 22.60 72.89
CA GLU A 266 8.70 21.26 73.03
C GLU A 266 7.97 20.48 74.11
N GLN A 267 7.92 21.04 75.33
CA GLN A 267 7.27 20.35 76.43
C GLN A 267 5.79 20.17 76.16
N LEU A 268 5.13 21.19 75.59
CA LEU A 268 3.71 21.09 75.29
C LEU A 268 3.41 19.94 74.35
N ILE A 269 4.15 19.85 73.24
CA ILE A 269 3.85 18.81 72.26
C ILE A 269 4.28 17.44 72.75
N LYS A 270 5.36 17.34 73.54
CA LYS A 270 5.71 16.03 74.08
C LYS A 270 4.63 15.54 75.04
N HIS A 271 4.11 16.42 75.89
CA HIS A 271 3.04 16.00 76.79
C HIS A 271 1.77 15.68 76.02
N ALA A 272 1.49 16.42 74.94
CA ALA A 272 0.31 16.14 74.13
C ALA A 272 0.42 14.76 73.48
N VAL A 273 1.58 14.44 72.91
CA VAL A 273 1.77 13.13 72.29
C VAL A 273 1.67 12.02 73.33
N TYR A 274 2.28 12.22 74.50
CA TYR A 274 2.23 11.21 75.55
C TYR A 274 0.79 10.98 76.02
N LEU A 275 0.03 12.06 76.21
CA LEU A 275 -1.34 11.92 76.68
C LEU A 275 -2.23 11.26 75.64
N ALA A 276 -2.02 11.60 74.36
CA ALA A 276 -2.79 10.94 73.29
C ALA A 276 -2.45 9.47 73.21
N ARG A 277 -1.17 9.13 73.38
CA ARG A 277 -0.79 7.72 73.34
C ARG A 277 -1.39 6.94 74.50
N ASP A 278 -1.40 7.55 75.69
CA ASP A 278 -1.94 6.84 76.85
C ASP A 278 -3.46 6.70 76.76
N HIS A 279 -4.18 7.81 76.73
CA HIS A 279 -5.62 7.74 76.91
C HIS A 279 -6.37 7.21 75.69
N PHE A 280 -5.78 7.26 74.51
CA PHE A 280 -6.47 6.87 73.29
C PHE A 280 -5.90 5.61 72.65
N GLY A 281 -4.60 5.57 72.39
CA GLY A 281 -3.97 4.42 71.81
C GLY A 281 -3.03 4.81 70.67
N SER A 282 -2.23 3.83 70.26
CA SER A 282 -1.25 4.08 69.23
C SER A 282 -1.85 4.17 67.84
N LYS A 283 -3.11 3.80 67.66
CA LYS A 283 -3.76 3.80 66.35
C LYS A 283 -5.13 4.45 66.43
N HIS A 284 -5.19 5.61 67.06
CA HIS A 284 -6.38 6.42 67.17
C HIS A 284 -6.27 7.65 66.29
N PRO A 285 -7.38 8.13 65.71
CA PRO A 285 -7.31 9.34 64.88
C PRO A 285 -6.80 10.55 65.63
N LYS A 286 -7.13 10.70 66.91
CA LYS A 286 -6.64 11.84 67.67
C LYS A 286 -5.13 11.75 67.89
N TYR A 287 -4.61 10.55 68.13
CA TYR A 287 -3.17 10.37 68.19
C TYR A 287 -2.53 10.67 66.85
N SER A 288 -3.21 10.33 65.76
CA SER A 288 -2.71 10.68 64.44
C SER A 288 -2.62 12.19 64.25
N ASP A 289 -3.63 12.93 64.72
CA ASP A 289 -3.58 14.39 64.63
C ASP A 289 -2.48 14.96 65.52
N THR A 290 -2.30 14.38 66.71
CA THR A 290 -1.24 14.84 67.60
C THR A 290 0.13 14.63 66.97
N LEU A 291 0.34 13.48 66.31
CA LEU A 291 1.60 13.27 65.59
C LEU A 291 1.72 14.18 64.39
N LEU A 292 0.62 14.46 63.70
CA LEU A 292 0.70 15.34 62.54
C LEU A 292 1.08 16.76 62.93
N ASP A 293 0.66 17.20 64.12
CA ASP A 293 1.09 18.52 64.59
C ASP A 293 2.33 18.47 65.47
N TYR A 294 2.84 17.27 65.78
CA TYR A 294 4.14 17.12 66.40
C TYR A 294 5.25 17.10 65.36
N GLY A 295 4.97 16.51 64.19
CA GLY A 295 5.90 16.60 63.09
C GLY A 295 6.10 18.02 62.60
N PHE A 296 5.07 18.86 62.73
CA PHE A 296 5.24 20.28 62.42
C PHE A 296 6.27 20.92 63.34
N TYR A 297 6.16 20.65 64.65
CA TYR A 297 7.13 21.18 65.60
C TYR A 297 8.53 20.67 65.29
N LEU A 298 8.65 19.37 65.02
CA LEU A 298 9.97 18.80 64.74
C LEU A 298 10.55 19.34 63.44
N LEU A 299 9.70 19.64 62.46
CA LEU A 299 10.17 20.21 61.21
C LEU A 299 10.61 21.65 61.39
N ASN A 300 9.99 22.39 62.30
CA ASN A 300 10.33 23.79 62.50
C ASN A 300 11.35 24.01 63.61
N VAL A 301 12.05 22.96 64.06
CA VAL A 301 13.15 23.14 64.99
C VAL A 301 14.41 22.50 64.41
N ASP A 302 14.52 22.53 63.08
CA ASP A 302 15.66 22.05 62.29
C ASP A 302 15.82 20.54 62.37
N ASN A 303 14.91 19.82 63.03
CA ASN A 303 14.98 18.36 63.09
C ASN A 303 14.10 17.78 61.99
N ILE A 304 14.51 18.04 60.75
CA ILE A 304 13.72 17.64 59.59
C ILE A 304 13.63 16.12 59.50
N CYS A 305 14.75 15.43 59.68
CA CYS A 305 14.80 13.99 59.45
C CYS A 305 13.83 13.25 60.36
N GLN A 306 13.91 13.51 61.67
CA GLN A 306 12.97 12.91 62.60
C GLN A 306 11.53 13.23 62.25
N SER A 307 11.29 14.41 61.66
CA SER A 307 9.95 14.79 61.25
C SER A 307 9.36 13.78 60.26
N VAL A 308 10.19 13.32 59.31
CA VAL A 308 9.69 12.34 58.35
C VAL A 308 9.30 11.05 59.07
N ALA A 309 10.03 10.70 60.13
CA ALA A 309 9.68 9.50 60.88
C ALA A 309 8.43 9.67 61.71
N ILE A 310 7.89 10.88 61.81
CA ILE A 310 6.67 11.14 62.56
C ILE A 310 5.46 11.26 61.64
N TYR A 311 5.61 11.98 60.52
CA TYR A 311 4.50 12.06 59.57
C TYR A 311 4.16 10.70 59.00
N GLN A 312 5.18 9.91 58.65
CA GLN A 312 4.93 8.55 58.19
C GLN A 312 4.34 7.69 59.29
N ALA A 313 4.62 8.02 60.55
CA ALA A 313 3.94 7.37 61.66
C ALA A 313 2.61 8.02 61.99
N ALA A 314 2.25 9.09 61.30
CA ALA A 314 0.93 9.70 61.43
C ALA A 314 0.06 9.50 60.20
N LEU A 315 0.67 9.30 59.03
CA LEU A 315 -0.12 8.91 57.86
C LEU A 315 -0.54 7.46 57.96
N ASP A 316 0.33 6.59 58.46
CA ASP A 316 0.02 5.18 58.57
C ASP A 316 -1.07 4.89 59.59
N ILE A 317 -1.37 5.84 60.48
CA ILE A 317 -2.51 5.69 61.38
C ILE A 317 -3.79 6.08 60.66
N ARG A 318 -3.73 7.09 59.80
CA ARG A 318 -4.90 7.58 59.11
C ARG A 318 -5.19 6.81 57.83
N GLN A 319 -4.34 5.86 57.43
CA GLN A 319 -4.72 4.96 56.34
C GLN A 319 -5.34 3.69 56.89
N SER A 320 -4.94 3.29 58.10
CA SER A 320 -5.53 2.10 58.71
C SER A 320 -6.92 2.41 59.24
N VAL A 321 -7.17 3.67 59.60
CA VAL A 321 -8.47 4.05 60.16
C VAL A 321 -9.38 4.73 59.15
N PHE A 322 -8.87 5.70 58.39
CA PHE A 322 -9.70 6.50 57.51
C PHE A 322 -9.62 6.13 56.05
N GLY A 323 -9.52 4.85 55.70
CA GLY A 323 -9.68 4.42 54.32
C GLY A 323 -8.63 5.05 53.41
N GLY A 324 -9.05 5.45 52.22
CA GLY A 324 -8.12 5.97 51.23
C GLY A 324 -8.46 7.30 50.61
N LYS A 325 -9.73 7.71 50.66
CA LYS A 325 -10.19 8.99 50.09
C LYS A 325 -10.80 9.79 51.23
N ASN A 326 -9.96 10.52 51.96
CA ASN A 326 -10.39 11.28 53.11
C ASN A 326 -9.61 12.57 53.17
N ILE A 327 -10.16 13.57 53.86
CA ILE A 327 -9.41 14.80 54.05
C ILE A 327 -8.43 14.70 55.21
N HIS A 328 -8.62 13.73 56.12
CA HIS A 328 -7.66 13.54 57.18
C HIS A 328 -6.43 12.77 56.73
N VAL A 329 -6.58 11.89 55.72
CA VAL A 329 -5.40 11.28 55.13
C VAL A 329 -4.82 12.18 54.05
N ALA A 330 -5.60 13.14 53.56
CA ALA A 330 -5.06 14.08 52.58
C ALA A 330 -4.10 15.07 53.23
N THR A 331 -4.45 15.59 54.40
CA THR A 331 -3.53 16.51 55.09
C THR A 331 -2.29 15.77 55.57
N ALA A 332 -2.43 14.51 56.01
CA ALA A 332 -1.27 13.72 56.37
C ALA A 332 -0.38 13.49 55.16
N HIS A 333 -0.99 13.21 54.00
CA HIS A 333 -0.22 13.07 52.78
C HIS A 333 0.51 14.36 52.43
N GLU A 334 -0.15 15.50 52.55
CA GLU A 334 0.47 16.76 52.13
C GLU A 334 1.54 17.20 53.12
N ASP A 335 1.42 16.84 54.39
CA ASP A 335 2.47 17.15 55.35
C ASP A 335 3.66 16.22 55.16
N LEU A 336 3.41 14.94 54.91
CA LEU A 336 4.50 14.02 54.63
C LEU A 336 5.11 14.27 53.25
N ALA A 337 4.35 14.84 52.33
CA ALA A 337 4.91 15.22 51.04
C ALA A 337 5.82 16.44 51.14
N TYR A 338 5.65 17.24 52.19
CA TYR A 338 6.46 18.44 52.36
C TYR A 338 7.67 18.17 53.24
N SER A 339 7.50 17.39 54.32
CA SER A 339 8.64 17.05 55.16
C SER A 339 9.67 16.24 54.40
N SER A 340 9.21 15.29 53.58
CA SER A 340 10.12 14.55 52.73
C SER A 340 10.74 15.43 51.66
N TYR A 341 10.02 16.46 51.22
CA TYR A 341 10.58 17.42 50.27
C TYR A 341 11.72 18.21 50.89
N VAL A 342 11.57 18.61 52.15
CA VAL A 342 12.67 19.28 52.85
C VAL A 342 13.79 18.29 53.14
N HIS A 343 13.43 17.07 53.52
CA HIS A 343 14.42 16.06 53.88
C HIS A 343 15.33 15.74 52.70
N GLN A 344 14.75 15.46 51.55
CA GLN A 344 15.51 15.08 50.36
C GLN A 344 15.82 16.26 49.46
N TYR A 345 15.90 17.47 50.03
CA TYR A 345 16.28 18.64 49.23
C TYR A 345 17.70 18.50 48.70
N SER A 346 18.63 18.10 49.56
CA SER A 346 20.01 17.94 49.12
C SER A 346 20.19 16.68 48.29
N SER A 347 19.60 15.57 48.71
CA SER A 347 19.83 14.29 48.06
C SER A 347 19.07 14.13 46.74
N GLY A 348 18.02 14.92 46.51
CA GLY A 348 17.29 14.81 45.26
C GLY A 348 16.43 13.57 45.14
N LYS A 349 16.06 12.96 46.26
CA LYS A 349 15.20 11.78 46.24
C LYS A 349 13.74 12.20 46.46
N PHE A 350 13.18 12.79 45.40
CA PHE A 350 11.83 13.34 45.45
C PHE A 350 10.77 12.42 44.87
N ASP A 351 11.13 11.18 44.51
CA ASP A 351 10.14 10.26 43.97
C ASP A 351 9.09 9.89 45.01
N ASN A 352 9.51 9.70 46.26
CA ASN A 352 8.55 9.45 47.33
C ASN A 352 7.75 10.70 47.65
N ALA A 353 8.41 11.86 47.70
CA ALA A 353 7.72 13.09 48.09
C ALA A 353 6.79 13.57 46.99
N LEU A 354 7.01 13.14 45.75
CA LEU A 354 6.06 13.47 44.69
C LEU A 354 4.81 12.60 44.79
N PHE A 355 4.99 11.31 45.09
CA PHE A 355 3.85 10.40 45.21
C PHE A 355 2.94 10.82 46.37
N HIS A 356 3.54 11.21 47.49
CA HIS A 356 2.75 11.67 48.63
C HIS A 356 2.13 13.03 48.38
N ALA A 357 2.50 13.73 47.32
CA ALA A 357 1.90 15.01 46.96
C ALA A 357 0.84 14.85 45.88
N GLU A 358 1.04 13.95 44.92
CA GLU A 358 0.00 13.65 43.95
C GLU A 358 -1.20 12.99 44.61
N ARG A 359 -0.94 12.17 45.63
CA ARG A 359 -2.03 11.52 46.34
C ARG A 359 -2.92 12.53 47.03
N ALA A 360 -2.33 13.53 47.69
CA ALA A 360 -3.13 14.57 48.33
C ALA A 360 -3.90 15.38 47.32
N ILE A 361 -3.29 15.66 46.16
CA ILE A 361 -4.00 16.40 45.11
C ILE A 361 -5.15 15.56 44.57
N GLY A 362 -4.90 14.30 44.25
CA GLY A 362 -5.93 13.43 43.73
C GLY A 362 -7.05 13.16 44.71
N ILE A 363 -6.82 13.37 46.00
CA ILE A 363 -7.85 13.20 47.01
C ILE A 363 -8.66 14.49 47.18
N ILE A 364 -7.97 15.62 47.38
CA ILE A 364 -8.69 16.86 47.65
C ILE A 364 -9.44 17.34 46.42
N THR A 365 -8.90 17.09 45.22
CA THR A 365 -9.65 17.41 44.01
C THR A 365 -10.90 16.53 43.86
N HIS A 366 -11.02 15.46 44.63
CA HIS A 366 -12.15 14.55 44.54
C HIS A 366 -13.20 14.77 45.62
N ILE A 367 -12.80 15.20 46.81
CA ILE A 367 -13.74 15.42 47.91
C ILE A 367 -13.99 16.89 48.20
N LEU A 368 -13.25 17.79 47.57
CA LEU A 368 -13.43 19.22 47.82
C LEU A 368 -13.55 19.96 46.51
N PRO A 369 -14.27 21.07 46.48
CA PRO A 369 -14.39 21.85 45.24
C PRO A 369 -13.06 22.48 44.85
N GLU A 370 -13.05 23.04 43.63
CA GLU A 370 -11.82 23.65 43.11
C GLU A 370 -11.40 24.85 43.95
N ASP A 371 -12.35 25.65 44.39
CA ASP A 371 -12.05 26.88 45.14
C ASP A 371 -12.12 26.60 46.64
N HIS A 372 -11.15 25.83 47.11
CA HIS A 372 -11.01 25.54 48.52
C HIS A 372 -9.56 25.74 48.95
N LEU A 373 -9.38 26.35 50.13
CA LEU A 373 -8.04 26.70 50.59
C LEU A 373 -7.19 25.46 50.83
N LEU A 374 -7.80 24.37 51.29
CA LEU A 374 -7.03 23.15 51.54
C LEU A 374 -6.41 22.60 50.28
N LEU A 375 -7.02 22.89 49.12
CA LEU A 375 -6.40 22.50 47.86
C LEU A 375 -5.21 23.41 47.53
N ALA A 376 -5.21 24.63 48.04
CA ALA A 376 -4.10 25.55 47.76
C ALA A 376 -2.82 25.07 48.42
N SER A 377 -2.89 24.59 49.66
CA SER A 377 -1.69 24.11 50.35
C SER A 377 -1.13 22.87 49.68
N SER A 378 -1.99 21.97 49.21
CA SER A 378 -1.52 20.76 48.56
C SER A 378 -1.02 21.04 47.15
N LYS A 379 -1.63 22.00 46.44
CA LYS A 379 -1.10 22.40 45.13
C LYS A 379 0.26 23.08 45.27
N ARG A 380 0.51 23.71 46.42
CA ARG A 380 1.82 24.29 46.67
C ARG A 380 2.90 23.21 46.70
N VAL A 381 2.77 22.25 47.62
CA VAL A 381 3.84 21.29 47.88
C VAL A 381 4.15 20.47 46.64
N LYS A 382 3.13 20.00 45.93
CA LYS A 382 3.36 19.27 44.69
C LYS A 382 4.18 20.08 43.71
N ALA A 383 3.96 21.39 43.68
CA ALA A 383 4.75 22.22 42.77
C ALA A 383 6.17 22.43 43.26
N LEU A 384 6.39 22.51 44.58
CA LEU A 384 7.75 22.57 45.10
C LEU A 384 8.54 21.31 44.77
N ILE A 385 7.94 20.13 44.91
CA ILE A 385 8.64 18.95 44.40
C ILE A 385 8.79 19.00 42.89
N LEU A 386 7.81 19.58 42.18
CA LEU A 386 7.90 19.64 40.73
C LEU A 386 9.08 20.52 40.27
N GLU A 387 9.36 21.61 40.99
CA GLU A 387 10.48 22.46 40.59
C GLU A 387 11.82 21.81 40.90
N GLU A 388 11.89 21.00 41.97
CA GLU A 388 13.15 20.37 42.33
C GLU A 388 13.49 19.21 41.42
N ILE A 389 12.48 18.49 40.94
CA ILE A 389 12.72 17.46 39.92
C ILE A 389 13.13 18.12 38.61
N ALA A 390 12.53 19.25 38.28
CA ALA A 390 12.77 19.90 36.99
C ALA A 390 14.21 20.39 36.85
N ILE A 391 14.75 20.99 37.91
CA ILE A 391 16.12 21.48 37.83
C ILE A 391 17.11 20.33 37.72
N ASP A 392 16.78 19.18 38.32
CA ASP A 392 17.61 17.99 38.16
C ASP A 392 17.33 17.27 36.85
N CYS A 393 16.23 17.57 36.19
CA CYS A 393 15.95 17.00 34.88
C CYS A 393 16.89 17.60 33.83
N HIS A 394 17.24 16.78 32.85
CA HIS A 394 18.18 17.19 31.81
C HIS A 394 17.51 17.60 30.52
N ASN A 395 16.37 17.01 30.17
CA ASN A 395 15.68 17.38 28.96
C ASN A 395 15.11 18.79 29.07
N LYS A 396 15.32 19.61 28.04
CA LYS A 396 14.85 20.98 28.08
C LYS A 396 13.32 21.05 27.97
N GLU A 397 12.71 20.18 27.17
CA GLU A 397 11.26 20.16 27.08
C GLU A 397 10.64 19.68 28.39
N THR A 398 11.25 18.69 29.03
CA THR A 398 10.74 18.18 30.30
C THR A 398 10.79 19.25 31.38
N GLU A 399 11.94 19.92 31.52
CA GLU A 399 12.05 20.96 32.52
C GLU A 399 11.16 22.15 32.19
N GLN A 400 10.98 22.46 30.89
CA GLN A 400 10.09 23.55 30.52
C GLN A 400 8.66 23.26 30.92
N ARG A 401 8.17 22.06 30.60
CA ARG A 401 6.79 21.72 30.94
C ARG A 401 6.61 21.57 32.46
N LEU A 402 7.63 21.09 33.16
CA LEU A 402 7.53 21.00 34.62
C LEU A 402 7.50 22.38 35.26
N LEU A 403 8.31 23.31 34.76
CA LEU A 403 8.25 24.69 35.23
C LEU A 403 6.89 25.31 34.93
N GLN A 404 6.32 25.02 33.76
CA GLN A 404 5.01 25.56 33.44
C GLN A 404 3.94 24.99 34.37
N GLU A 405 4.01 23.70 34.68
CA GLU A 405 3.07 23.09 35.61
C GLU A 405 3.21 23.69 37.01
N ALA A 406 4.45 23.88 37.46
CA ALA A 406 4.66 24.51 38.76
C ALA A 406 4.16 25.95 38.77
N HIS A 407 4.31 26.66 37.65
CA HIS A 407 3.79 28.01 37.54
C HIS A 407 2.28 28.02 37.66
N ASP A 408 1.61 27.10 36.97
CA ASP A 408 0.16 27.00 37.07
C ASP A 408 -0.28 26.68 38.50
N LEU A 409 0.42 25.74 39.13
CA LEU A 409 0.05 25.36 40.50
C LEU A 409 0.25 26.50 41.48
N HIS A 410 1.39 27.21 41.40
CA HIS A 410 1.59 28.35 42.28
C HIS A 410 0.60 29.47 42.01
N LEU A 411 0.27 29.74 40.74
CA LEU A 411 -0.67 30.83 40.50
C LEU A 411 -2.06 30.46 40.99
N SER A 412 -2.47 29.20 40.84
CA SER A 412 -3.75 28.77 41.38
C SER A 412 -3.77 28.86 42.90
N SER A 413 -2.69 28.41 43.55
CA SER A 413 -2.62 28.49 45.01
C SER A 413 -2.61 29.93 45.49
N LEU A 414 -1.89 30.80 44.78
CA LEU A 414 -1.85 32.21 45.16
C LEU A 414 -3.22 32.86 44.99
N GLN A 415 -3.92 32.51 43.90
CA GLN A 415 -5.27 33.05 43.70
C GLN A 415 -6.21 32.60 44.81
N LEU A 416 -6.13 31.32 45.19
CA LEU A 416 -6.98 30.82 46.26
C LEU A 416 -6.65 31.48 47.60
N ALA A 417 -5.35 31.65 47.89
CA ALA A 417 -4.94 32.29 49.14
C ALA A 417 -5.36 33.74 49.17
N LYS A 418 -5.29 34.44 48.04
CA LYS A 418 -5.72 35.83 48.01
C LYS A 418 -7.24 35.93 48.14
N LYS A 419 -7.97 34.97 47.57
CA LYS A 419 -9.42 34.97 47.69
C LYS A 419 -9.85 34.75 49.14
N ALA A 420 -9.17 33.85 49.85
CA ALA A 420 -9.60 33.53 51.21
C ALA A 420 -8.98 34.44 52.26
N PHE A 421 -7.65 34.44 52.34
CA PHE A 421 -6.95 35.23 53.35
C PHE A 421 -6.95 36.72 53.00
N GLY A 422 -6.34 37.06 51.88
CA GLY A 422 -6.17 38.45 51.49
C GLY A 422 -4.84 38.62 50.78
N GLU A 423 -4.40 39.88 50.72
CA GLU A 423 -3.17 40.24 50.02
C GLU A 423 -1.98 40.40 50.95
N PHE A 424 -2.20 40.79 52.20
CA PHE A 424 -1.13 41.08 53.15
C PHE A 424 -1.09 40.08 54.30
N ASN A 425 -1.22 38.80 53.99
CA ASN A 425 -1.15 37.76 55.01
C ASN A 425 0.16 36.98 54.89
N VAL A 426 0.51 36.30 55.98
CA VAL A 426 1.79 35.60 56.03
C VAL A 426 1.81 34.42 55.06
N GLN A 427 0.69 33.70 54.95
CA GLN A 427 0.64 32.56 54.04
C GLN A 427 0.71 33.02 52.59
N THR A 428 0.07 34.14 52.27
CA THR A 428 0.22 34.71 50.94
C THR A 428 1.65 35.14 50.69
N ALA A 429 2.34 35.62 51.73
CA ALA A 429 3.75 35.96 51.59
C ALA A 429 4.60 34.73 51.31
N LYS A 430 4.28 33.61 51.96
CA LYS A 430 4.99 32.36 51.67
C LYS A 430 4.76 31.92 50.24
N HIS A 431 3.52 32.08 49.76
CA HIS A 431 3.23 31.78 48.35
C HIS A 431 4.03 32.68 47.42
N TYR A 432 4.15 33.95 47.77
CA TYR A 432 4.93 34.88 46.95
C TYR A 432 6.39 34.48 46.92
N GLY A 433 6.94 34.08 48.06
CA GLY A 433 8.33 33.64 48.10
C GLY A 433 8.56 32.38 47.28
N ASN A 434 7.64 31.42 47.38
CA ASN A 434 7.76 30.21 46.58
C ASN A 434 7.67 30.52 45.08
N LEU A 435 6.75 31.42 44.70
CA LEU A 435 6.64 31.77 43.29
C LEU A 435 7.86 32.55 42.82
N GLY A 436 8.47 33.33 43.69
CA GLY A 436 9.72 34.01 43.32
C GLY A 436 10.86 33.04 43.09
N ARG A 437 10.98 32.03 43.96
CA ARG A 437 11.96 30.98 43.72
C ARG A 437 11.68 30.26 42.42
N LEU A 438 10.40 30.03 42.13
CA LEU A 438 10.01 29.38 40.88
C LEU A 438 10.43 30.21 39.67
N TYR A 439 10.20 31.53 39.73
CA TYR A 439 10.60 32.39 38.63
C TYR A 439 12.12 32.46 38.50
N GLN A 440 12.84 32.40 39.61
CA GLN A 440 14.29 32.28 39.55
C GLN A 440 14.69 31.02 38.80
N SER A 441 14.03 29.90 39.09
CA SER A 441 14.30 28.67 38.36
C SER A 441 13.81 28.73 36.91
N MET A 442 12.90 29.65 36.59
CA MET A 442 12.28 29.71 35.28
C MET A 442 12.91 30.77 34.38
N ARG A 443 14.02 31.37 34.79
CA ARG A 443 14.72 32.40 34.01
C ARG A 443 13.81 33.60 33.74
N LYS A 444 13.21 34.10 34.80
CA LYS A 444 12.36 35.30 34.78
C LYS A 444 12.73 36.21 35.94
N PHE A 445 14.03 36.49 36.05
CA PHE A 445 14.60 37.02 37.28
C PHE A 445 14.08 38.41 37.62
N LYS A 446 13.72 39.19 36.59
CA LYS A 446 13.30 40.57 36.81
C LYS A 446 12.04 40.63 37.67
N GLU A 447 11.08 39.77 37.39
CA GLU A 447 9.89 39.67 38.23
C GLU A 447 10.10 38.76 39.43
N ALA A 448 11.10 37.88 39.39
CA ALA A 448 11.41 37.07 40.56
C ALA A 448 11.86 37.93 41.72
N GLU A 449 12.71 38.92 41.44
CA GLU A 449 13.13 39.85 42.48
C GLU A 449 11.94 40.64 43.01
N GLU A 450 11.01 41.01 42.12
CA GLU A 450 9.81 41.72 42.57
C GLU A 450 8.97 40.84 43.50
N MET A 451 8.80 39.56 43.16
CA MET A 451 8.05 38.66 44.00
C MET A 451 8.71 38.50 45.37
N HIS A 452 10.03 38.33 45.39
CA HIS A 452 10.74 38.23 46.66
C HIS A 452 10.59 39.51 47.47
N ILE A 453 10.67 40.67 46.82
CA ILE A 453 10.55 41.94 47.53
C ILE A 453 9.16 42.09 48.13
N LYS A 454 8.12 41.73 47.36
CA LYS A 454 6.76 41.79 47.88
C LYS A 454 6.58 40.87 49.06
N ALA A 455 7.11 39.64 48.96
CA ALA A 455 7.01 38.70 50.08
C ALA A 455 7.75 39.23 51.31
N ILE A 456 8.93 39.80 51.11
CA ILE A 456 9.72 40.33 52.23
C ILE A 456 8.98 41.47 52.91
N GLN A 457 8.40 42.37 52.11
CA GLN A 457 7.65 43.48 52.68
C GLN A 457 6.43 43.01 53.44
N ILE A 458 5.69 42.04 52.90
CA ILE A 458 4.51 41.53 53.57
C ILE A 458 4.89 40.84 54.88
N LYS A 459 5.95 40.04 54.86
CA LYS A 459 6.41 39.39 56.08
C LYS A 459 6.87 40.41 57.12
N GLU A 460 7.62 41.41 56.68
CA GLU A 460 8.14 42.43 57.60
C GLU A 460 7.01 43.25 58.22
N GLN A 461 5.95 43.50 57.45
CA GLN A 461 4.80 44.24 57.98
C GLN A 461 4.15 43.51 59.14
N LEU A 462 4.24 42.19 59.17
CA LEU A 462 3.61 41.38 60.19
C LEU A 462 4.60 40.66 61.09
N LEU A 463 5.53 39.89 60.50
CA LEU A 463 6.44 39.07 61.28
C LEU A 463 7.57 39.87 61.91
N GLY A 464 7.83 41.07 61.42
CA GLY A 464 8.92 41.87 61.96
C GLY A 464 10.29 41.42 61.48
N GLN A 465 11.30 41.95 62.15
CA GLN A 465 12.70 41.69 61.79
C GLN A 465 13.32 40.56 62.60
N GLU A 466 12.59 39.97 63.54
CA GLU A 466 13.13 38.97 64.44
C GLU A 466 12.59 37.56 64.19
N ASP A 467 11.88 37.35 63.09
CA ASP A 467 11.25 36.07 62.81
C ASP A 467 12.08 35.27 61.81
N TYR A 468 12.01 33.94 61.96
CA TYR A 468 12.71 33.04 61.06
C TYR A 468 12.04 32.95 59.69
N GLU A 469 10.72 33.09 59.65
CA GLU A 469 9.99 32.95 58.39
C GLU A 469 10.39 34.03 57.39
N VAL A 470 10.54 35.27 57.85
CA VAL A 470 11.00 36.32 56.95
C VAL A 470 12.48 36.13 56.62
N ALA A 471 13.27 35.62 57.57
CA ALA A 471 14.70 35.44 57.34
C ALA A 471 14.96 34.40 56.26
N LEU A 472 14.13 33.36 56.18
CA LEU A 472 14.32 32.33 55.17
C LEU A 472 14.11 32.90 53.77
N SER A 473 13.07 33.71 53.57
CA SER A 473 12.87 34.34 52.27
C SER A 473 13.91 35.41 52.01
N VAL A 474 14.44 36.04 53.06
CA VAL A 474 15.56 36.97 52.91
C VAL A 474 16.77 36.23 52.33
N GLY A 475 17.06 35.05 52.88
CA GLY A 475 18.13 34.23 52.33
C GLY A 475 17.86 33.78 50.91
N HIS A 476 16.59 33.48 50.61
CA HIS A 476 16.21 33.12 49.24
C HIS A 476 16.50 34.26 48.27
N LEU A 477 16.08 35.47 48.64
CA LEU A 477 16.30 36.64 47.79
C LEU A 477 17.78 36.93 47.64
N ALA A 478 18.55 36.77 48.71
CA ALA A 478 19.98 37.02 48.63
C ALA A 478 20.67 35.98 47.75
N SER A 479 20.23 34.72 47.81
CA SER A 479 20.76 33.71 46.90
C SER A 479 20.39 34.01 45.46
N LEU A 480 19.20 34.58 45.25
CA LEU A 480 18.85 35.09 43.93
C LEU A 480 19.82 36.17 43.47
N TYR A 481 20.15 37.09 44.38
CA TYR A 481 21.04 38.19 44.03
C TYR A 481 22.44 37.69 43.69
N ASN A 482 22.96 36.74 44.49
CA ASN A 482 24.35 36.31 44.35
C ASN A 482 24.58 35.62 43.00
N TYR A 483 23.75 34.65 42.66
CA TYR A 483 24.01 33.81 41.50
C TYR A 483 23.38 34.35 40.21
N ASP A 484 22.39 35.23 40.31
CA ASP A 484 21.66 35.61 39.11
C ASP A 484 21.35 37.10 38.98
N MET A 485 21.56 37.92 40.00
CA MET A 485 21.37 39.35 39.90
C MET A 485 22.65 40.16 40.04
N ASN A 486 23.71 39.58 40.62
CA ASN A 486 25.04 40.15 40.77
C ASN A 486 25.11 41.36 41.69
N GLN A 487 23.99 41.79 42.28
CA GLN A 487 24.00 42.90 43.23
C GLN A 487 24.53 42.37 44.56
N TYR A 488 25.85 42.29 44.65
CA TYR A 488 26.49 41.56 45.73
C TYR A 488 26.38 42.28 47.08
N GLU A 489 26.15 43.59 47.09
CA GLU A 489 26.03 44.30 48.36
C GLU A 489 24.74 43.90 49.09
N ASN A 490 23.61 43.91 48.37
CA ASN A 490 22.34 43.50 48.95
C ASN A 490 22.39 42.03 49.35
N ALA A 491 23.00 41.19 48.52
CA ALA A 491 23.15 39.78 48.87
C ALA A 491 23.99 39.60 50.12
N GLU A 492 25.06 40.38 50.26
CA GLU A 492 25.90 40.30 51.44
C GLU A 492 25.14 40.70 52.69
N LYS A 493 24.40 41.81 52.63
CA LYS A 493 23.70 42.26 53.84
C LYS A 493 22.56 41.31 54.21
N LEU A 494 21.90 40.73 53.20
CA LEU A 494 20.81 39.80 53.50
C LEU A 494 21.33 38.47 54.00
N TYR A 495 22.46 37.99 53.45
CA TYR A 495 23.18 36.87 54.06
C TYR A 495 23.53 37.15 55.51
N LEU A 496 24.03 38.36 55.81
CA LEU A 496 24.42 38.67 57.18
C LEU A 496 23.21 38.60 58.11
N ARG A 497 22.08 39.19 57.69
CA ARG A 497 20.88 39.14 58.51
C ARG A 497 20.37 37.72 58.69
N SER A 498 20.34 36.93 57.60
CA SER A 498 19.84 35.57 57.68
C SER A 498 20.72 34.70 58.58
N ILE A 499 22.05 34.83 58.45
CA ILE A 499 22.95 34.03 59.25
C ILE A 499 22.86 34.43 60.72
N ALA A 500 22.73 35.73 60.99
CA ALA A 500 22.57 36.18 62.37
C ALA A 500 21.29 35.62 62.98
N ILE A 501 20.18 35.67 62.25
CA ILE A 501 18.91 35.16 62.77
C ILE A 501 18.97 33.66 62.97
N GLY A 502 19.56 32.94 62.01
CA GLY A 502 19.66 31.49 62.13
C GLY A 502 20.53 31.06 63.30
N LYS A 503 21.66 31.75 63.51
CA LYS A 503 22.50 31.45 64.66
C LYS A 503 21.81 31.83 65.97
N LYS A 504 21.00 32.89 65.95
CA LYS A 504 20.26 33.27 67.15
C LYS A 504 19.20 32.24 67.51
N LEU A 505 18.51 31.70 66.52
CA LEU A 505 17.37 30.82 66.78
C LEU A 505 17.76 29.34 66.79
N PHE A 506 18.26 28.84 65.66
CA PHE A 506 18.49 27.40 65.49
C PHE A 506 19.90 26.98 65.83
N GLY A 507 20.37 27.37 67.02
CA GLY A 507 21.67 26.93 67.49
C GLY A 507 22.80 27.37 66.58
N GLU A 508 23.61 26.41 66.15
CA GLU A 508 24.72 26.68 65.24
C GLU A 508 24.81 25.73 64.07
N GLY A 509 23.96 24.71 64.00
CA GLY A 509 24.01 23.75 62.91
C GLY A 509 22.74 23.72 62.08
N TYR A 510 22.16 24.90 61.85
CA TYR A 510 20.93 25.00 61.07
C TYR A 510 21.17 24.56 59.64
N SER A 511 20.17 23.91 59.04
CA SER A 511 20.34 23.28 57.73
C SER A 511 20.64 24.30 56.65
N GLY A 512 19.95 25.44 56.66
CA GLY A 512 20.19 26.45 55.66
C GLY A 512 21.47 27.25 55.83
N LEU A 513 22.15 27.08 56.96
CA LEU A 513 23.42 27.76 57.17
C LEU A 513 24.47 27.29 56.17
N GLU A 514 24.44 26.01 55.82
CA GLU A 514 25.38 25.50 54.81
C GLU A 514 25.13 26.15 53.46
N TYR A 515 23.85 26.28 53.07
CA TYR A 515 23.51 26.92 51.82
C TYR A 515 23.93 28.39 51.82
N ASP A 516 23.72 29.06 52.96
CA ASP A 516 24.17 30.45 53.08
C ASP A 516 25.68 30.56 52.98
N TYR A 517 26.41 29.64 53.63
CA TYR A 517 27.86 29.69 53.60
C TYR A 517 28.40 29.46 52.19
N ARG A 518 27.79 28.53 51.45
CA ARG A 518 28.18 28.34 50.07
C ARG A 518 27.84 29.57 49.23
N GLY A 519 26.74 30.24 49.56
CA GLY A 519 26.43 31.50 48.89
C GLY A 519 27.49 32.56 49.11
N LEU A 520 27.93 32.72 50.37
CA LEU A 520 28.99 33.68 50.66
C LEU A 520 30.29 33.30 49.97
N ILE A 521 30.61 32.00 49.94
CA ILE A 521 31.85 31.57 49.30
C ILE A 521 31.83 31.87 47.81
N LYS A 522 30.71 31.58 47.15
CA LYS A 522 30.61 31.89 45.72
C LYS A 522 30.63 33.40 45.48
N LEU A 523 29.98 34.17 46.35
CA LEU A 523 30.00 35.63 46.20
C LEU A 523 31.40 36.18 46.35
N TYR A 524 32.14 35.71 47.35
CA TYR A 524 33.49 36.22 47.59
C TYR A 524 34.46 35.73 46.53
N ASN A 525 34.19 34.57 45.92
CA ASN A 525 34.95 34.16 44.75
C ASN A 525 34.63 35.05 43.55
N SER A 526 33.38 35.51 43.42
CA SER A 526 33.01 36.33 42.28
C SER A 526 33.66 37.71 42.34
N ILE A 527 33.69 38.33 43.52
CA ILE A 527 34.25 39.67 43.63
C ILE A 527 35.76 39.66 43.42
N GLY A 528 36.43 38.63 43.94
CA GLY A 528 37.88 38.49 43.80
C GLY A 528 38.62 38.41 45.12
N ASN A 529 38.00 38.79 46.23
CA ASN A 529 38.67 38.71 47.52
C ASN A 529 38.78 37.26 47.94
N TYR A 530 39.99 36.71 47.88
CA TYR A 530 40.24 35.29 48.11
C TYR A 530 40.67 34.98 49.54
N GLU A 531 40.71 35.96 50.42
CA GLU A 531 41.00 35.68 51.83
C GLU A 531 39.74 35.28 52.58
N LYS A 532 38.66 36.05 52.40
CA LYS A 532 37.39 35.69 53.02
C LYS A 532 36.81 34.41 52.43
N VAL A 533 37.20 34.03 51.21
CA VAL A 533 36.82 32.73 50.67
C VAL A 533 37.36 31.61 51.56
N PHE A 534 38.65 31.66 51.88
CA PHE A 534 39.23 30.66 52.77
C PHE A 534 38.66 30.77 54.17
N GLU A 535 38.41 32.01 54.63
CA GLU A 535 37.80 32.21 55.94
C GLU A 535 36.46 31.49 56.06
N TYR A 536 35.57 31.71 55.09
CA TYR A 536 34.25 31.08 55.18
C TYR A 536 34.27 29.63 54.74
N HIS A 537 35.30 29.18 54.03
CA HIS A 537 35.51 27.74 53.87
C HIS A 537 35.82 27.08 55.20
N ASN A 538 36.67 27.73 56.01
CA ASN A 538 36.92 27.24 57.37
C ASN A 538 35.66 27.30 58.21
N VAL A 539 34.86 28.36 58.05
CA VAL A 539 33.61 28.47 58.80
C VAL A 539 32.64 27.36 58.39
N LEU A 540 32.59 27.03 57.10
CA LEU A 540 31.74 25.94 56.63
C LEU A 540 32.21 24.60 57.18
N SER A 541 33.53 24.39 57.26
CA SER A 541 34.04 23.18 57.88
C SER A 541 33.67 23.13 59.36
N ASN A 542 33.72 24.27 60.05
CA ASN A 542 33.29 24.33 61.44
C ASN A 542 31.82 23.98 61.58
N TRP A 543 30.98 24.50 60.68
CA TRP A 543 29.57 24.16 60.67
C TRP A 543 29.38 22.65 60.44
N ASN A 544 30.16 22.08 59.53
CA ASN A 544 30.05 20.65 59.26
C ASN A 544 30.42 19.82 60.48
N ARG A 545 31.49 20.18 61.19
CA ARG A 545 31.88 19.38 62.35
C ARG A 545 30.91 19.56 63.52
N LEU A 546 30.38 20.77 63.72
CA LEU A 546 29.32 20.95 64.70
C LEU A 546 28.09 20.12 64.36
N ARG A 547 27.69 20.11 63.08
CA ARG A 547 26.56 19.28 62.68
C ARG A 547 26.83 17.81 62.93
N ASP A 548 28.05 17.35 62.62
CA ASP A 548 28.39 15.94 62.78
C ASP A 548 28.38 15.53 64.25
N ARG A 549 28.91 16.38 65.13
CA ARG A 549 28.97 16.02 66.54
C ARG A 549 27.76 16.50 67.34
N GLN A 550 26.78 17.12 66.68
CA GLN A 550 25.53 17.51 67.32
C GLN A 550 24.35 16.64 66.92
N TYR A 551 24.22 16.31 65.63
CA TYR A 551 23.06 15.56 65.17
C TYR A 551 23.13 14.12 65.63
N SER A 552 22.13 13.69 66.39
CA SER A 552 22.03 12.32 66.88
C SER A 552 20.73 11.72 66.38
N VAL A 553 20.81 10.52 65.81
CA VAL A 553 19.63 9.85 65.27
C VAL A 553 18.90 9.12 66.38
N THR A 554 17.91 9.77 66.96
CA THR A 554 17.09 9.19 68.03
C THR A 554 15.63 9.26 67.60
N ASP A 555 14.93 8.13 67.74
CA ASP A 555 13.52 8.10 67.39
C ASP A 555 12.71 8.95 68.37
N ALA A 556 11.82 9.78 67.83
CA ALA A 556 11.04 10.68 68.68
C ALA A 556 10.02 9.92 69.51
N LEU A 557 9.46 8.83 68.98
CA LEU A 557 8.42 8.09 69.69
C LEU A 557 8.99 7.42 70.95
N GLU A 558 10.20 6.86 70.86
CA GLU A 558 10.83 6.34 72.07
C GLU A 558 11.36 7.44 72.96
N ASP A 559 11.62 8.63 72.40
CA ASP A 559 11.98 9.77 73.22
C ASP A 559 10.80 10.23 74.07
N VAL A 560 9.59 10.09 73.56
CA VAL A 560 8.38 10.44 74.28
C VAL A 560 7.72 9.22 74.91
N SER A 561 8.45 8.10 75.00
CA SER A 561 7.85 6.84 75.41
C SER A 561 7.33 6.90 76.85
N THR A 562 8.07 7.55 77.75
CA THR A 562 7.65 7.69 79.14
C THR A 562 8.08 9.06 79.63
N SER A 563 7.18 10.03 79.56
CA SER A 563 7.46 11.36 80.06
C SER A 563 7.25 11.40 81.58
N PRO A 564 8.25 11.80 82.36
CA PRO A 564 8.08 11.90 83.82
C PRO A 564 7.29 13.11 84.29
N GLN A 565 6.62 13.82 83.38
CA GLN A 565 5.91 15.04 83.68
C GLN A 565 4.41 14.82 83.49
N SER A 566 3.61 15.28 84.44
CA SER A 566 2.18 15.08 84.41
C SER A 566 1.48 16.33 83.87
N THR A 567 0.14 16.32 83.88
CA THR A 567 -0.63 17.39 83.27
C THR A 567 -0.46 18.71 84.02
N GLU A 568 -0.51 18.66 85.36
CA GLU A 568 -0.46 19.90 86.13
C GLU A 568 0.90 20.57 86.03
N GLU A 569 1.98 19.77 85.99
CA GLU A 569 3.31 20.34 85.93
C GLU A 569 3.55 21.10 84.62
N VAL A 570 3.03 20.58 83.51
CA VAL A 570 3.26 21.24 82.21
C VAL A 570 2.58 22.59 82.17
N VAL A 571 1.30 22.64 82.56
CA VAL A 571 0.56 23.90 82.53
C VAL A 571 1.10 24.88 83.57
N GLN A 572 1.52 24.36 84.73
CA GLN A 572 2.13 25.23 85.73
C GLN A 572 3.43 25.84 85.21
N SER A 573 4.26 25.03 84.55
CA SER A 573 5.51 25.55 83.99
C SER A 573 5.25 26.56 82.88
N PHE A 574 4.25 26.31 82.04
CA PHE A 574 3.92 27.26 80.99
C PHE A 574 3.42 28.58 81.57
N LEU A 575 2.61 28.51 82.63
CA LEU A 575 2.14 29.74 83.27
C LEU A 575 3.27 30.48 83.98
N ILE A 576 4.20 29.73 84.58
CA ILE A 576 5.35 30.35 85.24
C ILE A 576 6.22 31.06 84.21
N SER A 577 6.44 30.44 83.06
CA SER A 577 7.23 31.07 82.00
C SER A 577 6.56 32.32 81.45
N GLN A 578 5.25 32.47 81.65
CA GLN A 578 4.55 33.66 81.19
C GLN A 578 3.89 34.38 82.37
N THR B 1 -39.45 -16.62 76.72
CA THR B 1 -39.29 -16.32 75.30
C THR B 1 -38.91 -14.86 75.09
N SER B 2 -39.01 -14.41 73.83
CA SER B 2 -38.79 -13.01 73.45
C SER B 2 -37.37 -12.55 73.79
N LEU B 3 -36.41 -13.16 73.09
CA LEU B 3 -35.02 -12.70 73.14
C LEU B 3 -34.84 -11.30 72.55
N LYS B 4 -35.84 -10.79 71.83
CA LYS B 4 -35.74 -9.46 71.26
C LYS B 4 -35.58 -8.42 72.37
N PRO B 5 -34.89 -7.31 72.09
CA PRO B 5 -34.80 -6.23 73.08
C PRO B 5 -36.18 -5.71 73.45
N ARG B 6 -36.55 -5.92 74.71
CA ARG B 6 -37.85 -5.50 75.20
C ARG B 6 -37.76 -4.12 75.84
N VAL B 7 -38.91 -3.61 76.25
CA VAL B 7 -39.00 -2.39 77.04
C VAL B 7 -39.52 -2.77 78.42
N VAL B 8 -38.88 -2.22 79.45
CA VAL B 8 -39.22 -2.56 80.83
C VAL B 8 -38.90 -1.37 81.72
N ASP B 9 -39.76 -1.12 82.70
CA ASP B 9 -39.50 -0.09 83.68
C ASP B 9 -38.34 -0.48 84.56
N PHE B 10 -37.47 0.49 84.86
CA PHE B 10 -36.28 0.21 85.65
C PHE B 10 -36.59 -0.04 87.12
N ASP B 11 -37.76 0.39 87.60
CA ASP B 11 -38.03 0.37 89.03
C ASP B 11 -38.11 -1.05 89.59
N GLU B 12 -39.07 -1.83 89.09
CA GLU B 12 -39.26 -3.18 89.63
C GLU B 12 -38.07 -4.08 89.32
N THR B 13 -37.50 -3.95 88.11
CA THR B 13 -36.35 -4.77 87.74
C THR B 13 -35.15 -4.46 88.62
N TRP B 14 -34.89 -3.18 88.86
CA TRP B 14 -33.78 -2.82 89.73
C TRP B 14 -34.05 -3.21 91.18
N ASN B 15 -35.31 -3.19 91.62
CA ASN B 15 -35.63 -3.69 92.95
C ASN B 15 -35.34 -5.18 93.07
N LYS B 16 -35.69 -5.95 92.03
CA LYS B 16 -35.37 -7.38 92.02
C LYS B 16 -33.87 -7.60 92.05
N LEU B 17 -33.12 -6.82 91.26
CA LEU B 17 -31.66 -6.91 91.30
C LEU B 17 -31.12 -6.55 92.67
N LEU B 18 -31.71 -5.54 93.31
CA LEU B 18 -31.27 -5.14 94.64
C LEU B 18 -31.46 -6.28 95.63
N THR B 19 -32.62 -6.93 95.59
CA THR B 19 -32.88 -8.05 96.48
C THR B 19 -31.90 -9.19 96.22
N THR B 20 -31.65 -9.52 94.95
CA THR B 20 -30.73 -10.61 94.65
C THR B 20 -29.31 -10.30 95.12
N ILE B 21 -28.84 -9.07 94.86
CA ILE B 21 -27.48 -8.71 95.26
C ILE B 21 -27.36 -8.70 96.78
N LYS B 22 -28.38 -8.18 97.48
CA LYS B 22 -28.37 -8.25 98.94
C LYS B 22 -28.34 -9.69 99.41
N ALA B 23 -28.94 -10.61 98.66
CA ALA B 23 -28.87 -12.02 98.99
C ALA B 23 -27.57 -12.68 98.53
N VAL B 24 -26.74 -11.99 97.74
CA VAL B 24 -25.52 -12.58 97.19
C VAL B 24 -24.27 -12.13 97.93
N VAL B 25 -24.12 -10.82 98.18
CA VAL B 25 -22.83 -10.29 98.63
C VAL B 25 -22.45 -10.80 100.02
N MET B 26 -23.43 -10.99 100.91
CA MET B 26 -23.15 -11.61 102.20
C MET B 26 -23.14 -13.13 102.15
N LEU B 27 -23.12 -13.72 100.96
CA LEU B 27 -23.02 -15.16 100.76
C LEU B 27 -24.16 -15.90 101.45
N GLU B 28 -25.38 -15.63 100.98
CA GLU B 28 -26.56 -16.33 101.43
C GLU B 28 -27.01 -17.32 100.36
N TYR B 29 -27.86 -18.26 100.78
CA TYR B 29 -28.37 -19.29 99.88
C TYR B 29 -29.35 -18.65 98.91
N VAL B 30 -28.94 -18.53 97.65
CA VAL B 30 -29.75 -17.91 96.60
C VAL B 30 -30.39 -19.01 95.77
N GLU B 31 -31.71 -18.93 95.59
CA GLU B 31 -32.43 -19.94 94.83
C GLU B 31 -32.03 -19.88 93.36
N ARG B 32 -32.19 -21.03 92.69
CA ARG B 32 -31.88 -21.09 91.26
C ARG B 32 -32.78 -20.18 90.44
N ALA B 33 -34.06 -20.10 90.81
CA ALA B 33 -35.01 -19.31 90.03
C ALA B 33 -34.59 -17.84 89.99
N THR B 34 -34.23 -17.29 91.15
CA THR B 34 -33.79 -15.90 91.21
C THR B 34 -32.48 -15.71 90.44
N TRP B 35 -31.55 -16.65 90.55
CA TRP B 35 -30.26 -16.55 89.86
C TRP B 35 -30.44 -16.53 88.35
N ASN B 36 -31.18 -17.49 87.81
CA ASN B 36 -31.40 -17.54 86.36
C ASN B 36 -32.27 -16.39 85.89
N ASP B 37 -33.22 -15.94 86.71
CA ASP B 37 -34.02 -14.78 86.35
C ASP B 37 -33.15 -13.54 86.26
N ARG B 38 -32.18 -13.39 87.17
CA ARG B 38 -31.28 -12.24 87.09
C ARG B 38 -30.37 -12.33 85.88
N PHE B 39 -29.88 -13.52 85.53
CA PHE B 39 -29.12 -13.66 84.29
C PHE B 39 -29.96 -13.28 83.07
N SER B 40 -31.20 -13.77 83.00
CA SER B 40 -32.04 -13.48 81.86
C SER B 40 -32.63 -12.08 81.88
N ASP B 41 -32.53 -11.37 83.00
CA ASP B 41 -33.07 -10.02 83.11
C ASP B 41 -32.03 -8.93 82.98
N ILE B 42 -30.78 -9.20 83.36
CA ILE B 42 -29.72 -8.23 83.14
C ILE B 42 -29.47 -8.06 81.65
N TYR B 43 -29.69 -9.12 80.87
CA TYR B 43 -29.55 -9.01 79.42
C TYR B 43 -30.56 -8.00 78.86
N ALA B 44 -31.82 -8.13 79.25
CA ALA B 44 -32.84 -7.18 78.81
C ALA B 44 -32.61 -5.80 79.41
N LEU B 45 -31.98 -5.73 80.58
CA LEU B 45 -31.63 -4.44 81.16
C LEU B 45 -30.60 -3.72 80.32
N CYS B 46 -29.61 -4.45 79.79
CA CYS B 46 -28.56 -3.82 79.00
C CYS B 46 -28.99 -3.51 77.58
N VAL B 47 -30.15 -3.98 77.14
CA VAL B 47 -30.59 -3.75 75.77
C VAL B 47 -32.03 -3.25 75.77
N ALA B 48 -32.44 -2.61 76.88
CA ALA B 48 -33.81 -2.15 77.02
C ALA B 48 -34.16 -1.13 75.94
N TYR B 49 -35.28 -1.35 75.27
CA TYR B 49 -35.74 -0.50 74.19
C TYR B 49 -36.35 0.80 74.76
N PRO B 50 -36.16 1.94 74.10
CA PRO B 50 -35.35 2.18 72.90
C PRO B 50 -33.90 2.52 73.22
N GLU B 51 -33.65 3.16 74.36
CA GLU B 51 -32.30 3.49 74.78
C GLU B 51 -31.81 2.43 75.74
N PRO B 52 -30.77 1.66 75.39
CA PRO B 52 -30.24 0.65 76.32
C PRO B 52 -29.75 1.31 77.60
N LEU B 53 -30.42 0.98 78.70
CA LEU B 53 -30.16 1.60 80.00
C LEU B 53 -29.14 0.82 80.82
N GLY B 54 -28.01 0.49 80.19
CA GLY B 54 -26.90 -0.08 80.92
C GLY B 54 -26.19 0.93 81.80
N GLU B 55 -26.17 2.19 81.38
CA GLU B 55 -25.54 3.24 82.17
C GLU B 55 -26.26 3.44 83.49
N ARG B 56 -27.60 3.43 83.47
CA ARG B 56 -28.34 3.54 84.72
C ARG B 56 -28.06 2.36 85.63
N LEU B 57 -28.18 1.15 85.10
CA LEU B 57 -27.90 -0.06 85.89
C LEU B 57 -26.51 -0.01 86.52
N TYR B 58 -25.51 0.44 85.76
CA TYR B 58 -24.18 0.64 86.35
C TYR B 58 -24.22 1.69 87.46
N THR B 59 -24.98 2.76 87.25
CA THR B 59 -24.98 3.86 88.21
C THR B 59 -25.57 3.44 89.56
N GLU B 60 -26.80 2.93 89.56
CA GLU B 60 -27.35 2.44 90.82
C GLU B 60 -26.63 1.20 91.35
N THR B 61 -25.99 0.40 90.48
CA THR B 61 -25.21 -0.71 91.01
C THR B 61 -24.01 -0.20 91.82
N LYS B 62 -23.27 0.76 91.27
CA LYS B 62 -22.14 1.29 92.02
C LYS B 62 -22.60 2.09 93.24
N ILE B 63 -23.78 2.71 93.17
CA ILE B 63 -24.33 3.39 94.34
C ILE B 63 -24.64 2.39 95.45
N PHE B 64 -25.26 1.25 95.09
CA PHE B 64 -25.55 0.24 96.08
C PHE B 64 -24.28 -0.35 96.67
N LEU B 65 -23.28 -0.62 95.83
CA LEU B 65 -22.00 -1.12 96.35
C LEU B 65 -21.35 -0.09 97.28
N GLU B 66 -21.43 1.20 96.92
CA GLU B 66 -20.86 2.25 97.76
C GLU B 66 -21.51 2.28 99.13
N ASN B 67 -22.85 2.26 99.18
CA ASN B 67 -23.49 2.34 100.48
C ASN B 67 -23.33 1.05 101.28
N HIS B 68 -23.25 -0.10 100.60
CA HIS B 68 -22.99 -1.35 101.30
C HIS B 68 -21.60 -1.36 101.92
N VAL B 69 -20.59 -0.90 101.18
CA VAL B 69 -19.24 -0.82 101.75
C VAL B 69 -19.19 0.22 102.87
N ARG B 70 -19.95 1.31 102.74
CA ARG B 70 -20.01 2.28 103.83
C ARG B 70 -20.63 1.68 105.08
N HIS B 71 -21.69 0.88 104.92
CA HIS B 71 -22.30 0.21 106.07
C HIS B 71 -21.32 -0.77 106.72
N LEU B 72 -20.60 -1.53 105.90
CA LEU B 72 -19.58 -2.43 106.46
C LEU B 72 -18.46 -1.67 107.14
N HIS B 73 -18.10 -0.49 106.61
CA HIS B 73 -17.08 0.34 107.26
C HIS B 73 -17.56 0.82 108.63
N LYS B 74 -18.82 1.22 108.73
CA LYS B 74 -19.36 1.60 110.04
C LYS B 74 -19.41 0.39 110.97
N ARG B 75 -19.71 -0.79 110.43
CA ARG B 75 -19.71 -2.00 111.25
C ARG B 75 -18.31 -2.33 111.76
N VAL B 76 -17.27 -2.06 110.96
CA VAL B 76 -15.90 -2.26 111.43
C VAL B 76 -15.54 -1.22 112.49
N LEU B 77 -15.94 0.04 112.27
CA LEU B 77 -15.62 1.09 113.24
C LEU B 77 -16.30 0.89 114.57
N GLU B 78 -17.55 0.38 114.59
CA GLU B 78 -18.24 0.19 115.85
C GLU B 78 -17.67 -0.95 116.67
N SER B 79 -16.79 -1.77 116.10
CA SER B 79 -16.10 -2.83 116.82
C SER B 79 -14.69 -2.37 117.18
N GLU B 80 -14.26 -2.69 118.40
CA GLU B 80 -12.96 -2.28 118.89
C GLU B 80 -12.18 -3.49 119.38
N GLU B 81 -10.89 -3.53 119.03
CA GLU B 81 -9.88 -4.50 119.48
C GLU B 81 -10.11 -5.89 118.90
N GLN B 82 -11.21 -6.13 118.18
CA GLN B 82 -11.49 -7.42 117.56
C GLN B 82 -11.71 -7.25 116.06
N VAL B 83 -11.17 -6.19 115.47
CA VAL B 83 -11.44 -5.89 114.07
C VAL B 83 -10.71 -6.84 113.14
N LEU B 84 -9.66 -7.53 113.61
CA LEU B 84 -8.86 -8.35 112.70
C LEU B 84 -9.64 -9.55 112.18
N VAL B 85 -10.24 -10.32 113.09
CA VAL B 85 -10.92 -11.55 112.68
C VAL B 85 -12.19 -11.23 111.89
N MET B 86 -12.99 -10.28 112.39
CA MET B 86 -14.21 -9.90 111.68
C MET B 86 -13.88 -9.27 110.34
N TYR B 87 -12.79 -8.49 110.27
CA TYR B 87 -12.36 -7.91 108.99
C TYR B 87 -11.93 -9.00 108.02
N HIS B 88 -11.20 -10.01 108.50
CA HIS B 88 -10.77 -11.09 107.62
C HIS B 88 -11.97 -11.86 107.07
N ARG B 89 -12.91 -12.23 107.93
CA ARG B 89 -14.06 -12.99 107.46
C ARG B 89 -14.95 -12.14 106.56
N TYR B 90 -15.13 -10.85 106.88
CA TYR B 90 -15.90 -9.97 106.03
C TYR B 90 -15.23 -9.79 104.67
N TRP B 91 -13.90 -9.70 104.65
CA TRP B 91 -13.18 -9.56 103.39
C TRP B 91 -13.31 -10.82 102.55
N GLU B 92 -13.23 -11.99 103.17
CA GLU B 92 -13.41 -13.23 102.42
C GLU B 92 -14.81 -13.33 101.84
N GLU B 93 -15.83 -13.00 102.65
CA GLU B 93 -17.21 -13.01 102.17
C GLU B 93 -17.40 -12.01 101.04
N TYR B 94 -16.79 -10.82 101.17
CA TYR B 94 -16.96 -9.79 100.15
C TYR B 94 -16.23 -10.14 98.86
N SER B 95 -15.07 -10.80 98.96
CA SER B 95 -14.38 -11.24 97.76
C SER B 95 -15.16 -12.34 97.04
N LYS B 96 -15.73 -13.27 97.81
CA LYS B 96 -16.59 -14.28 97.19
C LYS B 96 -17.80 -13.64 96.55
N GLY B 97 -18.40 -12.65 97.22
CA GLY B 97 -19.51 -11.92 96.63
C GLY B 97 -19.14 -11.13 95.39
N ALA B 98 -17.91 -10.59 95.36
CA ALA B 98 -17.45 -9.86 94.18
C ALA B 98 -17.24 -10.81 93.00
N ASP B 99 -16.70 -12.00 93.27
CA ASP B 99 -16.60 -13.00 92.21
C ASP B 99 -17.98 -13.42 91.72
N TYR B 100 -18.92 -13.61 92.64
CA TYR B 100 -20.28 -13.94 92.26
C TYR B 100 -20.94 -12.82 91.48
N MET B 101 -20.57 -11.57 91.78
CA MET B 101 -21.10 -10.43 91.05
C MET B 101 -20.51 -10.35 89.65
N ASP B 102 -19.19 -10.57 89.52
CA ASP B 102 -18.55 -10.58 88.21
C ASP B 102 -19.14 -11.66 87.33
N CYS B 103 -19.43 -12.83 87.90
CA CYS B 103 -20.18 -13.83 87.17
C CYS B 103 -21.61 -13.38 86.90
N LEU B 104 -22.22 -12.65 87.84
CA LEU B 104 -23.62 -12.27 87.68
C LEU B 104 -23.78 -11.15 86.69
N TYR B 105 -22.88 -10.18 86.70
CA TYR B 105 -22.86 -9.12 85.69
C TYR B 105 -22.03 -9.60 84.50
N ARG B 106 -22.55 -10.64 83.83
CA ARG B 106 -21.82 -11.23 82.72
C ARG B 106 -21.97 -10.41 81.45
N TYR B 107 -23.21 -10.14 81.03
CA TYR B 107 -23.42 -9.41 79.79
C TYR B 107 -23.03 -7.94 79.94
N LEU B 108 -23.26 -7.36 81.11
CA LEU B 108 -22.93 -5.95 81.28
C LEU B 108 -21.42 -5.73 81.29
N ASN B 109 -20.67 -6.67 81.87
CA ASN B 109 -19.21 -6.59 81.81
C ASN B 109 -18.72 -6.77 80.38
N THR B 110 -19.30 -7.71 79.64
CA THR B 110 -18.80 -8.03 78.30
C THR B 110 -19.20 -6.97 77.28
N GLN B 111 -20.44 -6.47 77.36
CA GLN B 111 -20.96 -5.60 76.31
C GLN B 111 -21.38 -4.23 76.80
N PHE B 112 -21.02 -3.85 78.00
CA PHE B 112 -21.16 -2.43 78.34
C PHE B 112 -19.91 -1.83 78.95
N ILE B 113 -19.19 -2.58 79.80
CA ILE B 113 -18.01 -2.03 80.45
C ILE B 113 -16.88 -1.88 79.46
N LYS B 114 -16.64 -2.89 78.62
CA LYS B 114 -15.56 -2.83 77.66
C LYS B 114 -15.82 -1.82 76.55
N LYS B 115 -17.08 -1.46 76.30
CA LYS B 115 -17.38 -0.50 75.24
C LYS B 115 -17.02 0.93 75.66
N ASN B 116 -17.12 1.23 76.95
CA ASN B 116 -16.75 2.56 77.44
C ASN B 116 -15.24 2.68 77.61
N PRO B 135 -12.90 6.64 81.91
CA PRO B 135 -13.92 5.66 81.51
C PRO B 135 -14.39 4.79 82.67
N LEU B 136 -15.30 3.86 82.38
CA LEU B 136 -15.84 2.98 83.40
C LEU B 136 -14.84 1.88 83.74
N MET B 137 -15.14 1.14 84.81
CA MET B 137 -14.30 0.05 85.27
C MET B 137 -15.12 -1.23 85.37
N GLU B 138 -14.40 -2.35 85.47
CA GLU B 138 -15.04 -3.65 85.49
C GLU B 138 -15.87 -3.83 86.77
N ILE B 139 -17.01 -4.51 86.62
CA ILE B 139 -17.91 -4.72 87.75
C ILE B 139 -17.26 -5.57 88.82
N GLY B 140 -16.57 -6.64 88.41
CA GLY B 140 -15.94 -7.51 89.39
C GLY B 140 -14.91 -6.81 90.24
N GLU B 141 -14.16 -5.89 89.64
CA GLU B 141 -13.22 -5.07 90.39
C GLU B 141 -13.83 -3.77 90.90
N LEU B 142 -15.06 -3.45 90.50
CA LEU B 142 -15.76 -2.32 91.10
C LEU B 142 -16.00 -2.55 92.58
N ALA B 143 -16.42 -3.75 92.95
CA ALA B 143 -16.56 -4.09 94.36
C ALA B 143 -15.22 -4.03 95.08
N LEU B 144 -14.17 -4.55 94.45
CA LEU B 144 -12.85 -4.51 95.06
C LEU B 144 -12.34 -3.08 95.21
N ASP B 145 -12.56 -2.24 94.20
CA ASP B 145 -12.14 -0.85 94.30
C ASP B 145 -12.92 -0.11 95.39
N MET B 146 -14.24 -0.34 95.46
CA MET B 146 -15.04 0.29 96.50
C MET B 146 -14.58 -0.15 97.89
N TRP B 147 -14.29 -1.45 98.04
CA TRP B 147 -13.71 -1.91 99.29
C TRP B 147 -12.44 -1.13 99.61
N ARG B 148 -11.41 -1.29 98.76
CA ARG B 148 -10.10 -0.73 99.06
C ARG B 148 -10.09 0.78 99.18
N LYS B 149 -11.12 1.47 98.68
CA LYS B 149 -11.19 2.92 98.83
C LYS B 149 -12.07 3.37 99.98
N LEU B 150 -12.97 2.52 100.49
CA LEU B 150 -13.84 2.91 101.59
C LEU B 150 -13.68 2.05 102.83
N MET B 151 -13.10 0.84 102.70
CA MET B 151 -12.80 0.00 103.85
C MET B 151 -11.33 0.05 104.22
N VAL B 152 -10.45 -0.29 103.27
CA VAL B 152 -9.01 -0.30 103.54
C VAL B 152 -8.47 1.12 103.67
N GLU B 153 -8.90 2.02 102.79
CA GLU B 153 -8.32 3.36 102.76
C GLU B 153 -8.53 4.16 104.04
N PRO B 154 -9.74 4.26 104.60
CA PRO B 154 -9.87 4.99 105.88
C PRO B 154 -9.21 4.27 107.04
N LEU B 155 -9.07 2.95 106.97
CA LEU B 155 -8.47 2.15 108.03
C LEU B 155 -7.12 1.59 107.61
N GLN B 156 -6.32 2.40 106.91
CA GLN B 156 -5.03 1.95 106.43
C GLN B 156 -4.04 1.69 107.55
N ALA B 157 -4.28 2.24 108.75
CA ALA B 157 -3.41 2.02 109.89
C ALA B 157 -4.08 1.30 111.05
N ILE B 158 -5.41 1.36 111.15
CA ILE B 158 -6.11 0.71 112.25
C ILE B 158 -6.00 -0.81 112.13
N LEU B 159 -6.17 -1.34 110.92
CA LEU B 159 -6.14 -2.79 110.74
C LEU B 159 -4.73 -3.35 110.85
N ILE B 160 -3.72 -2.57 110.50
CA ILE B 160 -2.34 -3.04 110.55
C ILE B 160 -1.71 -2.64 111.87
N ARG B 161 -2.51 -2.06 112.76
CA ARG B 161 -2.00 -1.67 114.07
C ARG B 161 -1.52 -2.87 114.88
N MET B 162 -2.28 -3.96 114.85
CA MET B 162 -1.90 -5.17 115.56
C MET B 162 -1.18 -6.19 114.70
N LEU B 163 -1.25 -6.06 113.37
CA LEU B 163 -0.58 -7.03 112.50
C LEU B 163 0.93 -6.87 112.57
N LEU B 164 1.42 -5.64 112.57
CA LEU B 164 2.87 -5.41 112.56
C LEU B 164 3.52 -5.80 113.88
N ARG B 165 2.82 -5.59 115.00
CA ARG B 165 3.39 -5.92 116.29
C ARG B 165 3.40 -7.43 116.54
N GLU B 166 2.45 -8.16 115.96
CA GLU B 166 2.41 -9.61 116.14
C GLU B 166 3.48 -10.30 115.31
N ILE B 167 3.92 -9.69 114.20
CA ILE B 167 5.05 -10.24 113.45
C ILE B 167 6.31 -10.22 114.30
N LYS B 168 6.55 -9.11 115.00
CA LYS B 168 7.65 -9.06 115.96
C LYS B 168 7.41 -10.01 117.11
N ASN B 169 6.15 -10.14 117.55
CA ASN B 169 5.82 -11.10 118.59
C ASN B 169 6.00 -12.53 118.11
N ASP B 170 5.84 -12.78 116.81
CA ASP B 170 6.04 -14.12 116.26
C ASP B 170 7.48 -14.58 116.46
N ARG B 171 8.44 -13.69 116.20
CA ARG B 171 9.84 -14.05 116.40
C ARG B 171 10.21 -14.10 117.87
N GLY B 172 9.68 -13.18 118.67
CA GLY B 172 10.08 -13.08 120.06
C GLY B 172 9.30 -13.94 121.04
N GLY B 173 8.00 -13.69 121.17
CA GLY B 173 7.26 -14.33 122.25
C GLY B 173 5.90 -14.92 121.98
N GLU B 174 5.31 -14.64 120.81
CA GLU B 174 3.92 -15.05 120.59
C GLU B 174 3.68 -15.20 119.07
N ASP B 175 3.68 -16.44 118.60
CA ASP B 175 3.32 -16.70 117.21
C ASP B 175 1.81 -16.52 117.03
N PRO B 176 1.39 -15.79 116.01
CA PRO B 176 -0.03 -15.53 115.80
C PRO B 176 -0.70 -16.70 115.09
N ASN B 177 -2.02 -16.59 114.94
CA ASN B 177 -2.78 -17.59 114.19
C ASN B 177 -2.42 -17.50 112.71
N GLN B 178 -2.14 -18.67 112.11
CA GLN B 178 -1.68 -18.68 110.73
C GLN B 178 -2.77 -18.23 109.76
N LYS B 179 -4.00 -18.67 109.96
CA LYS B 179 -5.05 -18.33 109.01
C LYS B 179 -5.50 -16.88 109.15
N VAL B 180 -5.40 -16.31 110.34
CA VAL B 180 -5.74 -14.90 110.53
C VAL B 180 -4.71 -14.00 109.86
N ILE B 181 -3.42 -14.32 110.04
CA ILE B 181 -2.37 -13.46 109.49
C ILE B 181 -2.22 -13.66 107.98
N HIS B 182 -2.59 -14.83 107.46
CA HIS B 182 -2.49 -15.08 106.02
C HIS B 182 -3.74 -14.67 105.26
N GLY B 183 -4.90 -14.63 105.92
CA GLY B 183 -6.11 -14.19 105.25
C GLY B 183 -6.19 -12.70 105.00
N VAL B 184 -5.30 -11.93 105.60
CA VAL B 184 -5.24 -10.49 105.36
C VAL B 184 -4.02 -10.09 104.54
N ILE B 185 -2.93 -10.86 104.60
CA ILE B 185 -1.72 -10.52 103.85
C ILE B 185 -1.97 -10.61 102.35
N ASN B 186 -2.90 -11.45 101.91
CA ASN B 186 -3.27 -11.55 100.51
C ASN B 186 -4.42 -10.61 100.14
N SER B 187 -5.04 -9.95 101.11
CA SER B 187 -6.15 -9.06 100.83
C SER B 187 -5.70 -7.84 100.01
N PHE B 188 -4.51 -7.31 100.31
CA PHE B 188 -4.04 -6.13 99.61
C PHE B 188 -3.67 -6.43 98.17
N VAL B 189 -3.26 -7.67 97.88
CA VAL B 189 -2.93 -8.05 96.51
C VAL B 189 -4.17 -8.14 95.66
N HIS B 190 -5.28 -8.65 96.23
CA HIS B 190 -6.49 -8.88 95.44
C HIS B 190 -7.11 -7.59 94.97
N VAL B 191 -7.11 -6.54 95.81
CA VAL B 191 -7.77 -5.30 95.45
C VAL B 191 -7.04 -4.56 94.34
N GLU B 192 -5.79 -4.91 94.06
CA GLU B 192 -5.02 -4.30 92.99
C GLU B 192 -4.81 -5.26 91.81
N GLN B 193 -5.71 -6.23 91.66
CA GLN B 193 -5.58 -7.21 90.58
C GLN B 193 -5.91 -6.61 89.22
N TYR B 194 -6.59 -5.46 89.18
CA TYR B 194 -6.91 -4.82 87.91
C TYR B 194 -5.90 -3.77 87.51
N LYS B 195 -5.26 -3.11 88.47
CA LYS B 195 -4.31 -2.05 88.17
C LYS B 195 -3.05 -2.65 87.56
N LYS B 196 -2.86 -2.43 86.26
CA LYS B 196 -1.65 -2.92 85.59
C LYS B 196 -0.40 -2.23 86.11
N LYS B 197 -0.48 -0.91 86.33
CA LYS B 197 0.69 -0.17 86.77
C LYS B 197 1.13 -0.55 88.17
N PHE B 198 0.17 -0.86 89.05
CA PHE B 198 0.44 -1.23 90.43
C PHE B 198 -0.19 -2.60 90.70
N PRO B 199 0.40 -3.68 90.20
CA PRO B 199 -0.18 -5.01 90.42
C PRO B 199 0.13 -5.53 91.82
N LEU B 200 1.28 -5.14 92.37
CA LEU B 200 1.67 -5.55 93.71
C LEU B 200 2.24 -4.41 94.54
N LYS B 201 2.28 -3.18 94.00
CA LYS B 201 2.88 -2.06 94.73
C LYS B 201 2.09 -1.72 95.98
N PHE B 202 0.77 -1.73 95.90
CA PHE B 202 -0.06 -1.37 97.05
C PHE B 202 0.14 -2.33 98.21
N TYR B 203 0.39 -3.61 97.93
CA TYR B 203 0.70 -4.57 98.98
C TYR B 203 2.00 -4.21 99.70
N GLN B 204 3.02 -3.79 98.93
CA GLN B 204 4.23 -3.26 99.56
C GLN B 204 3.99 -1.91 100.21
N GLU B 205 3.15 -1.08 99.58
CA GLU B 205 2.99 0.30 100.05
C GLU B 205 2.32 0.35 101.42
N ILE B 206 1.31 -0.47 101.65
CA ILE B 206 0.50 -0.36 102.86
C ILE B 206 0.90 -1.33 103.96
N PHE B 207 1.57 -2.44 103.62
CA PHE B 207 1.92 -3.40 104.66
C PHE B 207 3.39 -3.77 104.67
N GLU B 208 4.02 -3.89 103.50
CA GLU B 208 5.41 -4.31 103.43
C GLU B 208 6.34 -3.11 103.29
N ASP C 2 -16.09 -42.22 65.23
CA ASP C 2 -16.82 -41.52 66.26
C ASP C 2 -18.22 -41.15 65.77
N VAL C 3 -19.24 -41.48 66.55
CA VAL C 3 -20.63 -41.27 66.17
C VAL C 3 -21.27 -40.35 67.21
N PHE C 4 -21.77 -39.20 66.75
CA PHE C 4 -22.43 -38.23 67.62
C PHE C 4 -23.93 -38.33 67.44
N LEU C 5 -24.66 -38.35 68.55
CA LEU C 5 -26.10 -38.55 68.51
C LEU C 5 -26.70 -38.03 69.81
N MET C 6 -28.01 -37.90 69.81
CA MET C 6 -28.76 -37.50 70.99
C MET C 6 -29.82 -38.53 71.32
N ILE C 7 -30.09 -38.70 72.61
CA ILE C 7 -31.09 -39.64 73.10
C ILE C 7 -32.23 -38.81 73.70
N ARG C 8 -33.42 -38.95 73.14
CA ARG C 8 -34.57 -38.17 73.56
C ARG C 8 -35.69 -39.10 73.99
N ARG C 9 -36.08 -39.02 75.26
CA ARG C 9 -37.27 -39.70 75.74
C ARG C 9 -38.29 -38.62 76.10
N HIS C 10 -38.91 -38.08 75.06
CA HIS C 10 -40.14 -37.28 75.11
C HIS C 10 -39.96 -35.94 75.82
N LYS C 11 -38.88 -35.75 76.58
CA LYS C 11 -38.63 -34.47 77.23
C LYS C 11 -37.15 -34.08 77.32
N THR C 12 -36.23 -34.94 76.90
CA THR C 12 -34.82 -34.74 77.19
C THR C 12 -34.01 -34.86 75.91
N THR C 13 -32.68 -34.76 76.07
CA THR C 13 -31.75 -34.86 74.96
C THR C 13 -30.38 -35.16 75.53
N ILE C 14 -29.75 -36.24 75.08
CA ILE C 14 -28.51 -36.74 75.67
C ILE C 14 -27.46 -36.75 74.56
N PHE C 15 -26.68 -35.67 74.46
CA PHE C 15 -25.62 -35.63 73.47
C PHE C 15 -24.43 -36.48 73.93
N THR C 16 -23.92 -37.30 73.02
CA THR C 16 -22.86 -38.24 73.35
C THR C 16 -21.92 -38.36 72.15
N ASP C 17 -20.72 -38.88 72.42
CA ASP C 17 -19.65 -39.00 71.43
C ASP C 17 -19.14 -40.43 71.37
N ALA C 18 -20.06 -41.39 71.28
CA ALA C 18 -19.69 -42.78 71.26
C ALA C 18 -19.03 -43.15 69.93
N LYS C 19 -18.23 -44.21 69.96
CA LYS C 19 -17.57 -44.72 68.76
C LYS C 19 -18.48 -45.72 68.06
N GLU C 20 -17.96 -46.35 67.00
CA GLU C 20 -18.74 -47.39 66.33
C GLU C 20 -18.79 -48.68 67.13
N SER C 21 -17.75 -48.97 67.92
CA SER C 21 -17.76 -50.16 68.75
C SER C 21 -18.78 -50.06 69.87
N SER C 22 -19.09 -48.84 70.32
CA SER C 22 -20.09 -48.61 71.37
C SER C 22 -21.49 -48.71 70.76
N THR C 23 -21.88 -49.95 70.44
CA THR C 23 -23.11 -50.19 69.70
C THR C 23 -24.36 -49.78 70.46
N VAL C 24 -24.69 -50.51 71.54
CA VAL C 24 -25.92 -50.24 72.27
C VAL C 24 -25.65 -50.16 73.77
N PHE C 25 -24.98 -51.19 74.30
CA PHE C 25 -24.84 -51.34 75.74
C PHE C 25 -24.08 -50.18 76.36
N GLU C 26 -23.06 -49.68 75.68
CA GLU C 26 -22.32 -48.53 76.20
C GLU C 26 -23.18 -47.28 76.21
N LEU C 27 -24.03 -47.12 75.18
CA LEU C 27 -24.98 -46.01 75.17
C LEU C 27 -25.94 -46.11 76.35
N LYS C 28 -26.44 -47.31 76.63
CA LYS C 28 -27.34 -47.47 77.76
C LYS C 28 -26.61 -47.26 79.09
N ARG C 29 -25.33 -47.61 79.16
CA ARG C 29 -24.53 -47.29 80.33
C ARG C 29 -24.40 -45.78 80.52
N ILE C 30 -24.20 -45.05 79.42
CA ILE C 30 -24.13 -43.59 79.49
C ILE C 30 -25.45 -43.02 79.97
N VAL C 31 -26.57 -43.56 79.49
CA VAL C 31 -27.88 -43.12 79.97
C VAL C 31 -28.03 -43.44 81.45
N GLU C 32 -27.56 -44.62 81.88
CA GLU C 32 -27.56 -44.98 83.30
C GLU C 32 -26.76 -44.01 84.13
N GLY C 33 -25.68 -43.46 83.56
CA GLY C 33 -24.86 -42.50 84.26
C GLY C 33 -25.54 -41.19 84.57
N ILE C 34 -26.73 -40.94 84.01
CA ILE C 34 -27.48 -39.72 84.24
C ILE C 34 -28.75 -39.99 85.06
N LEU C 35 -29.66 -40.80 84.53
CA LEU C 35 -30.96 -41.00 85.14
C LEU C 35 -31.25 -42.47 85.45
N LYS C 36 -30.20 -43.29 85.61
CA LYS C 36 -30.32 -44.72 85.86
C LYS C 36 -31.14 -45.40 84.78
N ARG C 37 -32.35 -45.86 85.14
CA ARG C 37 -33.26 -46.52 84.20
C ARG C 37 -32.60 -47.72 83.56
N PRO C 38 -32.45 -48.83 84.30
CA PRO C 38 -31.71 -49.97 83.77
C PRO C 38 -32.36 -50.53 82.52
N PRO C 39 -31.59 -51.20 81.65
CA PRO C 39 -32.13 -51.65 80.37
C PRO C 39 -33.27 -52.65 80.47
N ASP C 40 -33.47 -53.28 81.61
CA ASP C 40 -34.57 -54.23 81.77
C ASP C 40 -35.94 -53.58 81.61
N GLU C 41 -36.04 -52.27 81.80
CA GLU C 41 -37.29 -51.54 81.66
C GLU C 41 -37.35 -50.64 80.44
N GLN C 42 -36.25 -49.98 80.08
CA GLN C 42 -36.23 -49.05 78.97
C GLN C 42 -35.32 -49.57 77.86
N ARG C 43 -35.74 -49.36 76.61
CA ARG C 43 -34.99 -49.76 75.44
C ARG C 43 -34.95 -48.60 74.45
N LEU C 44 -33.81 -48.44 73.79
CA LEU C 44 -33.67 -47.36 72.83
C LEU C 44 -34.47 -47.65 71.56
N TYR C 45 -34.82 -46.59 70.85
CA TYR C 45 -35.58 -46.68 69.62
C TYR C 45 -34.94 -45.80 68.56
N LYS C 46 -35.44 -45.95 67.33
CA LYS C 46 -35.00 -45.12 66.21
C LYS C 46 -36.07 -45.21 65.14
N ASP C 47 -36.56 -44.05 64.68
CA ASP C 47 -37.53 -43.86 63.59
C ASP C 47 -38.58 -44.96 63.51
N ASP C 48 -39.22 -45.26 64.65
CA ASP C 48 -40.20 -46.34 64.78
C ASP C 48 -39.58 -47.69 64.41
N GLN C 49 -38.46 -48.00 65.04
CA GLN C 49 -37.78 -49.28 64.86
C GLN C 49 -36.94 -49.56 66.10
N LEU C 50 -36.68 -50.83 66.34
CA LEU C 50 -35.92 -51.28 67.52
C LEU C 50 -34.57 -51.80 67.07
N LEU C 51 -33.52 -51.39 67.78
CA LEU C 51 -32.17 -51.87 67.51
C LEU C 51 -31.79 -52.93 68.54
N ASP C 52 -31.25 -54.05 68.05
CA ASP C 52 -30.81 -55.11 68.95
C ASP C 52 -29.59 -54.67 69.76
N ASP C 53 -29.50 -55.20 70.98
CA ASP C 53 -28.40 -54.83 71.86
C ASP C 53 -27.05 -55.26 71.27
N GLY C 54 -26.99 -56.44 70.68
CA GLY C 54 -25.77 -56.92 70.07
C GLY C 54 -25.54 -56.45 68.65
N LYS C 55 -26.53 -55.82 68.03
CA LYS C 55 -26.41 -55.35 66.67
C LYS C 55 -25.52 -54.11 66.61
N THR C 56 -24.55 -54.12 65.71
CA THR C 56 -23.66 -52.98 65.53
C THR C 56 -24.38 -51.86 64.80
N LEU C 57 -24.23 -50.63 65.31
CA LEU C 57 -24.89 -49.48 64.72
C LEU C 57 -24.35 -49.13 63.33
N GLY C 58 -23.13 -49.55 63.00
CA GLY C 58 -22.53 -49.14 61.74
C GLY C 58 -23.25 -49.70 60.53
N GLU C 59 -23.66 -50.96 60.58
CA GLU C 59 -24.26 -51.59 59.41
C GLU C 59 -25.70 -51.15 59.17
N CYS C 60 -26.42 -50.74 60.21
CA CYS C 60 -27.84 -50.41 60.05
C CYS C 60 -28.06 -48.94 59.69
N GLY C 61 -27.34 -48.47 58.68
CA GLY C 61 -27.52 -47.12 58.15
C GLY C 61 -27.35 -46.02 59.17
N PHE C 62 -26.39 -46.16 60.08
CA PHE C 62 -26.22 -45.24 61.20
C PHE C 62 -24.74 -44.94 61.40
N THR C 63 -24.03 -44.74 60.29
CA THR C 63 -22.59 -44.59 60.32
C THR C 63 -22.20 -43.20 60.82
N SER C 64 -20.89 -42.97 60.91
CA SER C 64 -20.37 -41.70 61.39
C SER C 64 -20.51 -40.57 60.38
N GLN C 65 -20.68 -40.90 59.10
CA GLN C 65 -20.83 -39.86 58.08
C GLN C 65 -22.10 -39.05 58.29
N THR C 66 -23.19 -39.71 58.68
CA THR C 66 -24.45 -39.05 58.95
C THR C 66 -24.63 -38.68 60.42
N ALA C 67 -23.60 -38.85 61.23
CA ALA C 67 -23.65 -38.55 62.66
C ALA C 67 -22.61 -37.52 63.03
N ARG C 68 -22.48 -36.47 62.23
CA ARG C 68 -21.53 -35.41 62.52
C ARG C 68 -22.00 -34.58 63.70
N PRO C 69 -21.07 -33.98 64.45
CA PRO C 69 -21.49 -33.14 65.59
C PRO C 69 -22.33 -31.95 65.19
N GLN C 70 -22.09 -31.38 64.01
CA GLN C 70 -22.87 -30.25 63.53
C GLN C 70 -24.31 -30.63 63.20
N ALA C 71 -24.57 -31.89 62.89
CA ALA C 71 -25.93 -32.37 62.62
C ALA C 71 -26.02 -33.84 63.00
N PRO C 72 -26.12 -34.13 64.29
CA PRO C 72 -26.16 -35.53 64.72
C PRO C 72 -27.52 -36.16 64.50
N ALA C 73 -27.49 -37.47 64.21
CA ALA C 73 -28.70 -38.24 64.05
C ALA C 73 -29.36 -38.50 65.40
N THR C 74 -30.67 -38.75 65.37
CA THR C 74 -31.45 -38.92 66.58
C THR C 74 -31.85 -40.38 66.77
N VAL C 75 -31.96 -40.78 68.03
CA VAL C 75 -32.44 -42.11 68.42
C VAL C 75 -33.53 -41.95 69.47
N GLY C 76 -34.59 -42.74 69.35
CA GLY C 76 -35.68 -42.68 70.29
C GLY C 76 -35.41 -43.47 71.56
N LEU C 77 -36.26 -43.22 72.55
CA LEU C 77 -36.17 -43.90 73.83
C LEU C 77 -37.56 -44.12 74.39
N ALA C 78 -37.79 -45.29 74.97
CA ALA C 78 -39.06 -45.62 75.60
C ALA C 78 -38.80 -46.36 76.90
N PHE C 79 -39.45 -45.93 77.97
CA PHE C 79 -39.28 -46.54 79.28
C PHE C 79 -40.04 -47.87 79.37
N LEU C 88 -43.67 -44.48 69.72
CA LEU C 88 -43.11 -43.41 70.56
C LEU C 88 -43.85 -42.10 70.29
N CYS C 89 -43.74 -41.16 71.23
CA CYS C 89 -44.46 -39.89 71.16
C CYS C 89 -43.51 -38.74 71.51
N ILE C 90 -42.34 -38.72 70.87
CA ILE C 90 -41.34 -37.70 71.14
C ILE C 90 -41.89 -36.33 70.73
N GLU C 91 -41.87 -35.38 71.68
CA GLU C 91 -42.37 -34.05 71.41
C GLU C 91 -41.48 -33.32 70.41
N PRO C 92 -42.05 -32.43 69.60
CA PRO C 92 -41.22 -31.66 68.66
C PRO C 92 -40.36 -30.64 69.39
N PHE C 93 -39.47 -30.02 68.61
CA PHE C 93 -38.50 -29.07 69.13
C PHE C 93 -39.03 -27.64 69.17
N SER C 94 -40.35 -27.44 69.20
CA SER C 94 -40.97 -26.12 69.24
C SER C 94 -40.51 -25.29 68.03
N SER C 95 -41.00 -25.71 66.88
CA SER C 95 -40.47 -25.25 65.59
C SER C 95 -40.53 -23.73 65.49
N PRO C 96 -39.50 -23.10 64.92
CA PRO C 96 -39.42 -21.64 64.90
C PRO C 96 -40.48 -21.04 64.00
N PRO C 97 -40.85 -19.77 64.22
CA PRO C 97 -41.79 -19.12 63.32
C PRO C 97 -41.25 -19.02 61.91
N GLU C 98 -42.12 -19.22 60.93
CA GLU C 98 -41.70 -19.16 59.55
C GLU C 98 -41.49 -17.71 59.11
N LEU C 99 -40.62 -17.54 58.12
CA LEU C 99 -40.33 -16.23 57.57
C LEU C 99 -40.87 -16.13 56.15
N PRO C 100 -41.21 -14.93 55.69
CA PRO C 100 -41.75 -14.78 54.33
C PRO C 100 -40.72 -15.19 53.29
N ASP C 101 -41.20 -15.82 52.21
CA ASP C 101 -40.34 -16.22 51.11
C ASP C 101 -39.93 -15.05 50.23
N VAL C 102 -40.58 -13.89 50.39
CA VAL C 102 -40.27 -12.65 49.68
C VAL C 102 -40.51 -12.79 48.17
N MET C 103 -39.84 -13.75 47.53
CA MET C 103 -40.06 -13.99 46.11
C MET C 103 -41.47 -14.48 45.81
N LYS C 104 -42.18 -15.00 46.80
CA LYS C 104 -43.55 -15.41 46.60
C LYS C 104 -44.43 -14.19 46.31
N PRO C 105 -45.45 -14.33 45.48
CA PRO C 105 -46.32 -13.20 45.16
C PRO C 105 -47.38 -12.94 46.23
N GLN C 106 -46.91 -12.55 47.41
CA GLN C 106 -47.77 -12.22 48.56
C GLN C 106 -48.74 -13.34 48.92
N MET D 1 -20.07 -33.71 86.06
CA MET D 1 -19.60 -34.19 84.76
C MET D 1 -20.60 -33.80 83.67
N TYR D 2 -21.89 -33.77 84.01
CA TYR D 2 -22.93 -33.43 83.07
C TYR D 2 -23.75 -32.25 83.59
N VAL D 3 -24.37 -31.55 82.64
CA VAL D 3 -25.22 -30.40 82.94
C VAL D 3 -26.46 -30.48 82.07
N LYS D 4 -27.61 -30.12 82.64
CA LYS D 4 -28.87 -30.17 81.91
C LYS D 4 -29.41 -28.75 81.72
N LEU D 5 -29.86 -28.47 80.49
CA LEU D 5 -30.29 -27.14 80.09
C LEU D 5 -31.78 -27.16 79.80
N ILE D 6 -32.48 -26.14 80.30
CA ILE D 6 -33.93 -26.04 80.16
C ILE D 6 -34.25 -24.86 79.25
N SER D 7 -35.04 -25.11 78.22
CA SER D 7 -35.48 -24.06 77.32
C SER D 7 -36.62 -23.26 77.95
N SER D 8 -37.04 -22.20 77.26
CA SER D 8 -38.18 -21.43 77.72
C SER D 8 -39.50 -22.15 77.50
N ASP D 9 -39.51 -23.22 76.71
CA ASP D 9 -40.71 -23.98 76.43
C ASP D 9 -40.79 -25.27 77.24
N GLY D 10 -39.94 -25.42 78.26
CA GLY D 10 -40.00 -26.57 79.13
C GLY D 10 -39.17 -27.76 78.71
N HIS D 11 -38.47 -27.68 77.58
CA HIS D 11 -37.63 -28.79 77.15
C HIS D 11 -36.42 -28.94 78.06
N GLU D 12 -35.79 -30.10 77.99
CA GLU D 12 -34.56 -30.38 78.73
C GLU D 12 -33.49 -30.85 77.78
N PHE D 13 -32.30 -30.29 77.91
CA PHE D 13 -31.15 -30.68 77.09
C PHE D 13 -29.99 -30.99 78.02
N ILE D 14 -29.47 -32.21 77.93
CA ILE D 14 -28.39 -32.67 78.80
C ILE D 14 -27.14 -32.84 77.95
N VAL D 15 -26.08 -32.12 78.33
CA VAL D 15 -24.81 -32.15 77.62
C VAL D 15 -23.70 -32.16 78.66
N LYS D 16 -22.50 -32.57 78.22
CA LYS D 16 -21.36 -32.69 79.12
C LYS D 16 -20.95 -31.32 79.65
N ARG D 17 -20.22 -31.35 80.78
CA ARG D 17 -19.80 -30.11 81.43
C ARG D 17 -18.82 -29.33 80.57
N GLU D 18 -17.81 -30.01 80.02
CA GLU D 18 -16.81 -29.32 79.21
C GLU D 18 -17.40 -28.85 77.89
N HIS D 19 -18.44 -29.52 77.39
CA HIS D 19 -19.12 -29.05 76.19
C HIS D 19 -19.84 -27.73 76.44
N ALA D 20 -20.46 -27.59 77.60
CA ALA D 20 -21.18 -26.36 77.92
C ALA D 20 -20.28 -25.22 78.35
N LEU D 21 -19.01 -25.50 78.62
CA LEU D 21 -18.08 -24.44 79.03
C LEU D 21 -17.68 -23.53 77.88
N THR D 22 -18.05 -23.85 76.64
CA THR D 22 -17.77 -22.96 75.53
C THR D 22 -18.45 -21.62 75.72
N SER D 23 -19.71 -21.63 76.15
CA SER D 23 -20.42 -20.38 76.41
C SER D 23 -19.85 -19.68 77.63
N GLY D 24 -19.67 -18.37 77.50
CA GLY D 24 -19.15 -17.59 78.62
C GLY D 24 -20.12 -17.52 79.78
N THR D 25 -21.41 -17.33 79.50
CA THR D 25 -22.37 -17.15 80.57
C THR D 25 -22.81 -18.46 81.20
N ILE D 26 -22.60 -19.59 80.51
CA ILE D 26 -22.86 -20.88 81.15
C ILE D 26 -21.86 -21.12 82.28
N LYS D 27 -20.62 -20.68 82.08
CA LYS D 27 -19.63 -20.75 83.16
C LYS D 27 -20.06 -19.93 84.36
N ALA D 28 -20.72 -18.79 84.13
CA ALA D 28 -21.28 -18.02 85.23
C ALA D 28 -22.49 -18.72 85.84
N MET D 29 -23.27 -19.42 85.01
CA MET D 29 -24.38 -20.22 85.52
C MET D 29 -23.89 -21.28 86.49
N LEU D 30 -22.77 -21.91 86.18
CA LEU D 30 -22.21 -22.99 86.98
C LEU D 30 -21.18 -22.51 88.00
N SER D 31 -21.02 -21.20 88.17
CA SER D 31 -20.04 -20.70 89.13
C SER D 31 -20.69 -20.47 90.51
N GLY D 32 -21.95 -20.04 90.53
CA GLY D 32 -22.60 -19.72 91.77
C GLY D 32 -23.53 -20.82 92.26
N PRO D 33 -24.79 -20.47 92.54
CA PRO D 33 -25.74 -21.46 93.06
C PRO D 33 -26.08 -22.58 92.09
N GLY D 34 -25.66 -22.48 90.82
CA GLY D 34 -26.00 -23.52 89.86
C GLY D 34 -25.32 -24.85 90.11
N GLN D 35 -24.28 -24.88 90.94
CA GLN D 35 -23.57 -26.12 91.22
C GLN D 35 -24.45 -27.13 91.92
N PHE D 36 -24.84 -26.83 93.17
CA PHE D 36 -25.71 -27.69 93.98
C PHE D 36 -25.28 -29.16 93.94
N ALA D 37 -23.97 -29.37 94.12
CA ALA D 37 -23.37 -30.70 94.15
C ALA D 37 -23.71 -31.52 92.90
N GLU D 38 -24.05 -32.79 93.11
CA GLU D 38 -24.35 -33.72 92.02
C GLU D 38 -25.66 -34.46 92.28
N ASN D 39 -26.64 -33.74 92.85
CA ASN D 39 -27.93 -34.36 93.15
C ASN D 39 -28.67 -34.75 91.88
N GLU D 40 -28.79 -33.81 90.93
CA GLU D 40 -29.41 -34.06 89.65
C GLU D 40 -28.54 -33.51 88.52
N THR D 41 -27.21 -33.47 88.75
CA THR D 41 -26.21 -32.83 87.91
C THR D 41 -26.43 -31.32 87.86
N ASN D 42 -25.50 -30.60 87.24
CA ASN D 42 -25.65 -29.15 87.16
C ASN D 42 -26.87 -28.78 86.34
N GLU D 43 -27.61 -27.78 86.81
CA GLU D 43 -28.93 -27.47 86.28
C GLU D 43 -29.01 -26.00 85.90
N VAL D 44 -29.51 -25.74 84.69
CA VAL D 44 -29.62 -24.40 84.13
C VAL D 44 -30.95 -24.28 83.40
N ASN D 45 -31.67 -23.19 83.65
CA ASN D 45 -32.95 -22.93 83.00
C ASN D 45 -32.97 -21.54 82.40
N PHE D 46 -33.32 -21.45 81.13
CA PHE D 46 -33.48 -20.18 80.43
C PHE D 46 -34.96 -19.87 80.26
N ARG D 47 -35.37 -18.68 80.66
CA ARG D 47 -36.75 -18.25 80.51
C ARG D 47 -36.99 -17.47 79.22
N GLU D 48 -35.98 -17.33 78.37
CA GLU D 48 -36.12 -16.59 77.13
C GLU D 48 -35.66 -17.33 75.89
N ILE D 49 -34.92 -18.43 76.03
CA ILE D 49 -34.35 -19.16 74.90
C ILE D 49 -35.31 -20.28 74.52
N PRO D 50 -35.88 -20.27 73.32
CA PRO D 50 -36.76 -21.38 72.90
C PRO D 50 -36.03 -22.70 72.71
N SER D 51 -36.77 -23.75 72.35
CA SER D 51 -36.21 -25.10 72.32
C SER D 51 -35.30 -25.30 71.12
N HIS D 52 -35.70 -24.82 69.94
CA HIS D 52 -34.93 -25.08 68.73
C HIS D 52 -33.56 -24.40 68.78
N VAL D 53 -33.52 -23.14 69.22
CA VAL D 53 -32.25 -22.44 69.29
C VAL D 53 -31.35 -23.04 70.35
N LEU D 54 -31.91 -23.52 71.46
CA LEU D 54 -31.07 -24.18 72.47
C LEU D 54 -30.54 -25.51 71.96
N SER D 55 -31.34 -26.23 71.17
CA SER D 55 -30.84 -27.44 70.52
C SER D 55 -29.69 -27.12 69.57
N LYS D 56 -29.82 -26.03 68.82
CA LYS D 56 -28.75 -25.62 67.92
C LYS D 56 -27.51 -25.18 68.69
N VAL D 57 -27.70 -24.54 69.84
CA VAL D 57 -26.57 -24.16 70.68
C VAL D 57 -25.85 -25.40 71.20
N CYS D 58 -26.60 -26.40 71.62
CA CYS D 58 -25.98 -27.66 72.08
C CYS D 58 -25.24 -28.35 70.94
N MET D 59 -25.82 -28.36 69.74
CA MET D 59 -25.14 -28.92 68.59
C MET D 59 -23.88 -28.13 68.27
N TYR D 60 -23.91 -26.82 68.45
CA TYR D 60 -22.71 -26.01 68.28
C TYR D 60 -21.66 -26.38 69.32
N PHE D 61 -22.08 -26.66 70.55
CA PHE D 61 -21.14 -27.11 71.58
C PHE D 61 -20.44 -28.38 71.13
N THR D 62 -21.22 -29.34 70.64
CA THR D 62 -20.65 -30.60 70.16
C THR D 62 -19.69 -30.36 69.00
N TYR D 63 -20.06 -29.45 68.10
CA TYR D 63 -19.20 -29.12 66.97
C TYR D 63 -17.92 -28.44 67.42
N LYS D 64 -18.02 -27.58 68.44
CA LYS D 64 -16.86 -26.83 68.92
C LYS D 64 -15.85 -27.74 69.61
N VAL D 65 -16.33 -28.57 70.54
CA VAL D 65 -15.41 -29.41 71.30
C VAL D 65 -14.78 -30.48 70.42
N ARG D 66 -15.56 -31.08 69.53
CA ARG D 66 -15.02 -32.10 68.63
C ARG D 66 -14.00 -31.50 67.67
N TYR D 67 -14.28 -30.33 67.10
CA TYR D 67 -13.42 -29.71 66.11
C TYR D 67 -12.48 -28.68 66.70
N THR D 68 -12.30 -28.68 68.02
CA THR D 68 -11.35 -27.76 68.64
C THR D 68 -9.93 -28.07 68.16
N ASN D 69 -9.21 -27.02 67.76
CA ASN D 69 -7.84 -27.06 67.25
C ASN D 69 -7.57 -28.28 66.35
N SER D 70 -8.51 -28.53 65.44
CA SER D 70 -8.39 -29.64 64.53
C SER D 70 -7.33 -29.36 63.46
N SER D 71 -6.79 -30.43 62.90
CA SER D 71 -5.84 -30.35 61.80
C SER D 71 -6.49 -30.59 60.44
N THR D 72 -7.81 -30.67 60.39
CA THR D 72 -8.56 -30.89 59.16
C THR D 72 -9.45 -29.68 58.88
N GLU D 73 -9.85 -29.56 57.62
CA GLU D 73 -10.74 -28.48 57.21
C GLU D 73 -12.10 -28.63 57.88
N ILE D 74 -12.44 -27.72 58.77
CA ILE D 74 -13.68 -27.82 59.54
C ILE D 74 -14.87 -27.54 58.62
N PRO D 75 -15.93 -28.33 58.68
CA PRO D 75 -17.16 -27.97 57.98
C PRO D 75 -17.84 -26.79 58.68
N GLU D 76 -18.64 -26.06 57.91
CA GLU D 76 -19.34 -24.91 58.44
C GLU D 76 -20.57 -25.34 59.23
N PHE D 77 -20.79 -24.72 60.38
CA PHE D 77 -21.95 -25.04 61.19
C PHE D 77 -23.22 -24.59 60.48
N PRO D 78 -24.21 -25.47 60.30
CA PRO D 78 -25.41 -25.13 59.52
C PRO D 78 -26.50 -24.39 60.30
N ILE D 79 -26.39 -23.07 60.36
CA ILE D 79 -27.40 -22.23 60.99
C ILE D 79 -28.43 -21.88 59.93
N ALA D 80 -29.56 -22.58 59.93
CA ALA D 80 -30.54 -22.43 58.88
C ALA D 80 -31.12 -21.01 58.88
N PRO D 81 -31.52 -20.48 57.72
CA PRO D 81 -31.96 -19.08 57.66
C PRO D 81 -33.20 -18.78 58.50
N GLU D 82 -34.06 -19.76 58.76
CA GLU D 82 -35.26 -19.46 59.53
C GLU D 82 -34.97 -19.31 61.02
N ILE D 83 -33.80 -19.75 61.47
CA ILE D 83 -33.41 -19.63 62.87
C ILE D 83 -32.24 -18.69 63.06
N ALA D 84 -31.72 -18.08 62.00
CA ALA D 84 -30.48 -17.32 62.08
C ALA D 84 -30.60 -16.14 63.04
N LEU D 85 -31.71 -15.40 62.96
CA LEU D 85 -31.90 -14.25 63.82
C LEU D 85 -32.02 -14.62 65.29
N GLU D 86 -32.83 -15.65 65.58
CA GLU D 86 -33.02 -16.06 66.96
C GLU D 86 -31.73 -16.65 67.54
N LEU D 87 -30.99 -17.40 66.72
CA LEU D 87 -29.74 -17.98 67.19
C LEU D 87 -28.68 -16.91 67.38
N LEU D 88 -28.75 -15.84 66.58
CA LEU D 88 -27.77 -14.77 66.72
C LEU D 88 -27.89 -14.07 68.06
N MET D 89 -29.11 -13.76 68.49
CA MET D 89 -29.29 -13.17 69.81
C MET D 89 -28.98 -14.17 70.91
N ALA D 90 -29.28 -15.45 70.69
CA ALA D 90 -28.92 -16.47 71.66
C ALA D 90 -27.40 -16.62 71.78
N ALA D 91 -26.69 -16.58 70.64
CA ALA D 91 -25.25 -16.71 70.68
C ALA D 91 -24.60 -15.54 71.38
N ASN D 92 -25.13 -14.33 71.17
CA ASN D 92 -24.59 -13.15 71.83
C ASN D 92 -24.92 -13.16 73.32
N PHE D 93 -26.13 -13.60 73.68
CA PHE D 93 -26.50 -13.71 75.08
C PHE D 93 -25.65 -14.76 75.80
N LEU D 94 -25.39 -15.89 75.15
CA LEU D 94 -24.59 -16.94 75.74
C LEU D 94 -23.10 -16.72 75.57
N ASP D 95 -22.70 -15.74 74.75
CA ASP D 95 -21.29 -15.47 74.45
C ASP D 95 -20.58 -16.71 73.93
N CYS D 96 -21.26 -17.46 73.07
CA CYS D 96 -20.70 -18.67 72.48
C CYS D 96 -19.59 -18.33 71.50
N GLN E 10 22.35 23.04 47.24
CA GLN E 10 22.07 23.65 45.94
C GLN E 10 22.25 25.17 45.99
N LYS E 11 21.82 25.84 44.93
CA LYS E 11 21.96 27.29 44.83
C LYS E 11 20.89 28.06 45.59
N ARG E 12 19.81 27.39 46.00
CA ARG E 12 18.72 28.03 46.73
C ARG E 12 18.35 27.18 47.94
N ALA E 13 17.81 27.84 48.96
CA ALA E 13 17.41 27.12 50.16
C ALA E 13 16.14 26.32 49.91
N SER E 14 15.68 25.64 50.95
CA SER E 14 14.52 24.76 50.84
C SER E 14 13.24 25.59 50.87
N GLY E 15 12.10 24.93 51.01
CA GLY E 15 10.83 25.61 51.10
C GLY E 15 10.64 26.29 52.43
N GLN E 16 9.52 26.99 52.56
CA GLN E 16 9.20 27.69 53.79
C GLN E 16 7.75 27.44 54.20
N GLU F 7 -38.33 12.18 14.71
CA GLU F 7 -39.68 11.83 14.30
C GLU F 7 -40.64 11.90 15.48
N TRP F 8 -40.07 11.83 16.69
CA TRP F 8 -40.82 11.93 17.95
C TRP F 8 -41.91 10.85 18.03
N ILE F 9 -41.45 9.60 18.07
CA ILE F 9 -42.37 8.46 18.23
C ILE F 9 -42.71 8.32 19.72
N PRO F 10 -43.99 8.27 20.08
CA PRO F 10 -44.35 8.13 21.50
C PRO F 10 -43.89 6.80 22.07
N GLU F 11 -43.52 6.81 23.34
CA GLU F 11 -42.99 5.64 24.01
C GLU F 11 -44.09 4.64 24.33
N THR F 12 -43.71 3.36 24.28
CA THR F 12 -44.63 2.26 24.56
C THR F 12 -45.10 2.35 26.01
N LEU F 13 -46.32 1.85 26.26
CA LEU F 13 -46.82 1.81 27.63
C LEU F 13 -45.94 0.94 28.51
N TYR F 14 -45.27 -0.06 27.94
CA TYR F 14 -44.33 -0.84 28.72
C TYR F 14 -43.17 0.02 29.20
N ASN F 15 -42.54 0.76 28.29
CA ASN F 15 -41.42 1.62 28.67
C ASN F 15 -41.85 2.85 29.46
N THR F 16 -43.16 3.12 29.55
CA THR F 16 -43.63 4.19 30.42
C THR F 16 -43.96 3.68 31.81
N ALA F 17 -44.57 2.50 31.91
CA ALA F 17 -44.81 1.90 33.22
C ALA F 17 -43.51 1.51 33.89
N ILE F 18 -42.50 1.11 33.11
CA ILE F 18 -41.18 0.83 33.66
C ILE F 18 -40.60 2.06 34.32
N SER F 19 -40.70 3.21 33.65
CA SER F 19 -40.19 4.45 34.24
C SER F 19 -41.02 4.89 35.44
N ALA F 20 -42.31 4.57 35.45
CA ALA F 20 -43.14 4.91 36.59
C ALA F 20 -42.97 3.95 37.76
N VAL F 21 -42.40 2.78 37.53
CA VAL F 21 -42.10 1.85 38.62
C VAL F 21 -40.71 2.10 39.19
N VAL F 22 -39.73 2.32 38.31
CA VAL F 22 -38.37 2.59 38.76
C VAL F 22 -38.33 3.85 39.62
N ASP F 23 -39.03 4.90 39.22
CA ASP F 23 -39.10 6.11 40.01
C ASP F 23 -39.79 5.89 41.35
N ASN F 24 -40.55 4.81 41.50
CA ASN F 24 -41.17 4.43 42.76
C ASN F 24 -40.42 3.28 43.43
N TYR F 25 -39.18 3.02 43.00
CA TYR F 25 -38.50 1.78 43.35
C TYR F 25 -38.32 1.61 44.85
N ILE F 26 -38.19 2.71 45.59
CA ILE F 26 -38.02 2.61 47.03
C ILE F 26 -39.24 1.97 47.68
N ARG F 27 -40.43 2.35 47.23
CA ARG F 27 -41.66 1.91 47.87
C ARG F 27 -42.26 0.66 47.23
N SER F 28 -41.64 0.13 46.16
CA SER F 28 -42.22 -0.99 45.45
C SER F 28 -41.24 -2.14 45.22
N ARG F 29 -40.02 -2.07 45.75
CA ARG F 29 -39.05 -3.14 45.55
C ARG F 29 -39.51 -4.44 46.18
N ARG F 30 -40.40 -4.39 47.18
CA ARG F 30 -40.98 -5.60 47.72
C ARG F 30 -41.83 -6.33 46.69
N ASP F 31 -42.62 -5.58 45.92
CA ASP F 31 -43.53 -6.19 44.96
C ASP F 31 -42.94 -6.39 43.58
N ILE F 32 -41.82 -5.73 43.27
CA ILE F 32 -41.14 -5.98 42.00
C ILE F 32 -40.54 -7.39 41.99
N ARG F 33 -40.09 -7.87 43.14
CA ARG F 33 -39.48 -9.19 43.20
C ARG F 33 -40.45 -10.32 42.91
N SER F 34 -41.76 -10.04 42.86
CA SER F 34 -42.75 -11.03 42.49
C SER F 34 -43.27 -10.83 41.07
N LEU F 35 -42.65 -9.96 40.28
CA LEU F 35 -43.07 -9.69 38.92
C LEU F 35 -42.66 -10.82 37.99
N PRO F 36 -43.22 -10.88 36.78
CA PRO F 36 -42.74 -11.82 35.77
C PRO F 36 -41.24 -11.65 35.52
N GLU F 37 -40.61 -12.74 35.07
CA GLU F 37 -39.17 -12.72 34.86
C GLU F 37 -38.76 -11.77 33.75
N ASN F 38 -39.59 -11.65 32.70
CA ASN F 38 -39.24 -10.76 31.60
C ASN F 38 -39.46 -9.29 31.96
N ILE F 39 -40.21 -9.02 33.02
CA ILE F 39 -40.39 -7.65 33.49
C ILE F 39 -39.35 -7.30 34.54
N GLN F 40 -39.02 -8.24 35.41
CA GLN F 40 -38.05 -7.98 36.47
C GLN F 40 -36.71 -7.56 35.91
N PHE F 41 -36.26 -8.21 34.84
CA PHE F 41 -35.01 -7.80 34.25
C PHE F 41 -35.12 -6.43 33.58
N ASP F 42 -36.32 -6.05 33.15
CA ASP F 42 -36.46 -4.75 32.52
C ASP F 42 -36.45 -3.63 33.54
N VAL F 43 -37.02 -3.87 34.73
CA VAL F 43 -36.93 -2.89 35.80
C VAL F 43 -35.48 -2.69 36.20
N TYR F 44 -34.75 -3.79 36.36
CA TYR F 44 -33.35 -3.70 36.78
C TYR F 44 -32.49 -3.10 35.70
N TYR F 45 -32.76 -3.40 34.44
CA TYR F 45 -31.99 -2.75 33.39
C TYR F 45 -32.34 -1.27 33.28
N LYS F 46 -33.56 -0.88 33.63
CA LYS F 46 -33.86 0.54 33.70
C LYS F 46 -33.09 1.20 34.84
N LEU F 47 -32.98 0.49 35.97
CA LEU F 47 -32.18 1.02 37.08
C LEU F 47 -30.73 1.20 36.68
N TYR F 48 -30.17 0.24 35.94
CA TYR F 48 -28.80 0.41 35.45
C TYR F 48 -28.72 1.57 34.48
N GLN F 49 -29.71 1.70 33.59
CA GLN F 49 -29.68 2.80 32.62
C GLN F 49 -29.76 4.14 33.32
N GLN F 50 -30.58 4.25 34.37
CA GLN F 50 -30.62 5.47 35.16
C GLN F 50 -29.35 5.69 35.98
N GLY F 51 -28.47 4.71 36.01
CA GLY F 51 -27.23 4.85 36.75
C GLY F 51 -27.37 4.63 38.24
N ARG F 52 -28.53 4.16 38.71
CA ARG F 52 -28.74 3.93 40.14
C ARG F 52 -28.21 2.55 40.51
N LEU F 53 -26.89 2.40 40.41
CA LEU F 53 -26.29 1.11 40.70
C LEU F 53 -26.10 0.92 42.20
N CYS F 54 -27.13 1.23 42.98
CA CYS F 54 -27.13 0.93 44.40
C CYS F 54 -28.45 0.36 44.89
N GLN F 55 -29.55 0.65 44.22
CA GLN F 55 -30.81 -0.07 44.43
C GLN F 55 -30.91 -1.25 43.48
N LEU F 56 -29.89 -1.46 42.65
CA LEU F 56 -29.75 -2.58 41.75
C LEU F 56 -28.80 -3.64 42.31
N GLY F 57 -27.58 -3.23 42.67
CA GLY F 57 -26.67 -4.11 43.36
C GLY F 57 -27.15 -4.54 44.73
N SER F 58 -28.08 -3.79 45.31
CA SER F 58 -28.76 -4.24 46.51
C SER F 58 -29.67 -5.42 46.23
N GLU F 59 -30.03 -5.66 44.97
CA GLU F 59 -30.91 -6.76 44.60
C GLU F 59 -30.20 -7.87 43.85
N PHE F 60 -29.14 -7.57 43.09
CA PHE F 60 -28.36 -8.61 42.44
C PHE F 60 -27.51 -9.40 43.43
N CYS F 61 -27.32 -8.89 44.65
CA CYS F 61 -26.56 -9.62 45.67
C CYS F 61 -27.37 -10.74 46.30
N GLU F 62 -28.65 -10.85 46.01
CA GLU F 62 -29.42 -12.03 46.38
C GLU F 62 -29.20 -13.13 45.37
N LEU F 63 -29.17 -14.37 45.83
CA LEU F 63 -29.14 -15.47 44.87
C LEU F 63 -30.52 -15.70 44.26
N GLU F 64 -31.58 -15.57 45.06
CA GLU F 64 -32.92 -15.84 44.54
C GLU F 64 -33.33 -14.83 43.48
N VAL F 65 -33.01 -13.55 43.70
CA VAL F 65 -33.36 -12.53 42.71
C VAL F 65 -32.49 -12.69 41.46
N PHE F 66 -31.19 -12.91 41.65
CA PHE F 66 -30.32 -13.12 40.50
C PHE F 66 -30.61 -14.40 39.76
N ALA F 67 -31.37 -15.33 40.36
CA ALA F 67 -31.80 -16.50 39.61
C ALA F 67 -32.87 -16.13 38.59
N LYS F 68 -33.84 -15.30 38.99
CA LYS F 68 -34.87 -14.86 38.05
C LYS F 68 -34.28 -14.00 36.95
N VAL F 69 -33.33 -13.13 37.29
CA VAL F 69 -32.68 -12.30 36.28
C VAL F 69 -31.87 -13.16 35.32
N LEU F 70 -31.29 -14.26 35.82
CA LEU F 70 -30.50 -15.13 34.96
C LEU F 70 -31.36 -15.96 34.02
N ARG F 71 -32.65 -16.11 34.31
CA ARG F 71 -33.50 -16.92 33.45
C ARG F 71 -33.85 -16.23 32.14
N ALA F 72 -33.70 -14.91 32.07
CA ALA F 72 -33.96 -14.17 30.83
C ALA F 72 -32.78 -14.38 29.89
N LEU F 73 -32.87 -15.44 29.08
CA LEU F 73 -31.75 -15.83 28.22
C LEU F 73 -31.63 -14.97 26.98
N ASP F 74 -32.66 -14.22 26.62
CA ASP F 74 -32.56 -13.34 25.45
C ASP F 74 -31.70 -12.14 25.76
N LYS F 75 -32.11 -11.33 26.72
CA LYS F 75 -31.34 -10.16 27.14
C LYS F 75 -30.29 -10.59 28.16
N ARG F 76 -29.25 -11.23 27.65
CA ARG F 76 -28.11 -11.63 28.45
C ARG F 76 -26.89 -10.76 28.23
N HIS F 77 -26.75 -10.14 27.05
CA HIS F 77 -25.70 -9.15 26.87
C HIS F 77 -25.95 -7.95 27.79
N LEU F 78 -27.22 -7.56 27.95
CA LEU F 78 -27.55 -6.50 28.89
C LEU F 78 -27.22 -6.92 30.32
N LEU F 79 -27.48 -8.17 30.66
CA LEU F 79 -27.14 -8.64 32.00
C LEU F 79 -25.64 -8.65 32.23
N HIS F 80 -24.86 -9.02 31.21
CA HIS F 80 -23.41 -8.97 31.34
C HIS F 80 -22.92 -7.56 31.53
N HIS F 81 -23.47 -6.60 30.78
CA HIS F 81 -23.06 -5.21 30.95
C HIS F 81 -23.46 -4.68 32.33
N CYS F 82 -24.67 -5.02 32.78
CA CYS F 82 -25.11 -4.62 34.11
C CYS F 82 -24.23 -5.21 35.21
N PHE F 83 -23.89 -6.48 35.07
CA PHE F 83 -23.04 -7.14 36.05
C PHE F 83 -21.65 -6.53 36.08
N GLN F 84 -21.07 -6.27 34.91
CA GLN F 84 -19.75 -5.65 34.88
C GLN F 84 -19.79 -4.24 35.43
N ALA F 85 -20.89 -3.52 35.23
CA ALA F 85 -21.03 -2.21 35.85
C ALA F 85 -21.08 -2.34 37.37
N LEU F 86 -21.76 -3.36 37.88
CA LEU F 86 -21.80 -3.57 39.32
C LEU F 86 -20.43 -3.94 39.87
N MET F 87 -19.69 -4.80 39.18
CA MET F 87 -18.40 -5.23 39.70
C MET F 87 -17.41 -4.07 39.75
N ASP F 88 -17.41 -3.20 38.74
CA ASP F 88 -16.59 -2.00 38.79
C ASP F 88 -17.16 -0.96 39.74
N HIS F 89 -18.45 -1.03 40.04
CA HIS F 89 -19.06 -0.07 40.95
C HIS F 89 -18.47 -0.18 42.35
N GLY F 90 -18.01 -1.35 42.73
CA GLY F 90 -17.40 -1.54 44.04
C GLY F 90 -18.02 -2.68 44.80
N VAL F 91 -19.31 -2.94 44.57
CA VAL F 91 -19.96 -4.06 45.20
C VAL F 91 -19.42 -5.34 44.60
N LYS F 92 -19.23 -6.36 45.43
CA LYS F 92 -18.67 -7.64 44.99
C LYS F 92 -19.80 -8.63 44.74
N VAL F 93 -20.51 -8.43 43.62
CA VAL F 93 -21.59 -9.34 43.30
C VAL F 93 -21.07 -10.71 42.90
N ALA F 94 -19.87 -10.78 42.33
CA ALA F 94 -19.34 -12.09 41.95
C ALA F 94 -19.05 -12.95 43.16
N SER F 95 -18.36 -12.40 44.16
CA SER F 95 -18.01 -13.19 45.33
C SER F 95 -19.21 -13.41 46.24
N VAL F 96 -20.09 -12.42 46.35
CA VAL F 96 -21.25 -12.56 47.23
C VAL F 96 -22.21 -13.62 46.69
N LEU F 97 -22.48 -13.60 45.38
CA LEU F 97 -23.36 -14.60 44.81
C LEU F 97 -22.76 -16.00 44.94
N ALA F 98 -21.47 -16.14 44.67
CA ALA F 98 -20.83 -17.45 44.76
C ALA F 98 -20.84 -17.97 46.19
N TYR F 99 -20.50 -17.12 47.16
CA TYR F 99 -20.53 -17.54 48.55
C TYR F 99 -21.94 -17.87 49.01
N SER F 100 -22.93 -17.07 48.61
CA SER F 100 -24.31 -17.34 49.00
C SER F 100 -24.78 -18.66 48.41
N PHE F 101 -24.43 -18.94 47.16
CA PHE F 101 -24.84 -20.20 46.57
C PHE F 101 -24.14 -21.38 47.23
N SER F 102 -22.85 -21.24 47.57
CA SER F 102 -22.17 -22.33 48.26
C SER F 102 -22.80 -22.60 49.63
N ARG F 103 -23.16 -21.54 50.35
CA ARG F 103 -23.77 -21.72 51.66
C ARG F 103 -25.14 -22.40 51.53
N ARG F 104 -25.98 -21.92 50.62
CA ARG F 104 -27.29 -22.55 50.44
C ARG F 104 -27.18 -23.98 49.93
N CYS F 105 -26.19 -24.24 49.08
CA CYS F 105 -25.94 -25.59 48.59
C CYS F 105 -25.55 -26.52 49.73
N SER F 106 -24.63 -26.08 50.59
CA SER F 106 -24.23 -26.92 51.72
C SER F 106 -25.40 -27.12 52.68
N TYR F 107 -26.32 -26.17 52.74
CA TYR F 107 -27.47 -26.33 53.63
C TYR F 107 -28.48 -27.33 53.07
N ILE F 108 -28.78 -27.26 51.78
CA ILE F 108 -29.81 -28.11 51.19
C ILE F 108 -29.21 -29.37 50.57
N ALA F 109 -27.94 -29.67 50.84
CA ALA F 109 -27.37 -30.95 50.44
C ALA F 109 -28.16 -32.13 51.00
N GLU F 110 -28.75 -31.98 52.19
CA GLU F 110 -29.55 -33.05 52.80
C GLU F 110 -31.02 -32.83 52.47
N SER F 111 -31.39 -33.20 51.25
CA SER F 111 -32.77 -33.10 50.80
C SER F 111 -33.01 -34.14 49.71
N ASP F 112 -34.17 -34.09 49.08
CA ASP F 112 -34.53 -35.05 48.05
C ASP F 112 -33.89 -34.65 46.72
N ALA F 113 -34.19 -35.44 45.69
CA ALA F 113 -33.57 -35.21 44.38
C ALA F 113 -34.14 -34.01 43.65
N ALA F 114 -35.37 -33.59 43.97
CA ALA F 114 -35.95 -32.43 43.29
C ALA F 114 -35.26 -31.14 43.70
N VAL F 115 -35.08 -30.94 45.01
CA VAL F 115 -34.39 -29.74 45.50
C VAL F 115 -32.94 -29.74 45.04
N LYS F 116 -32.28 -30.89 45.09
CA LYS F 116 -30.91 -30.98 44.61
C LYS F 116 -30.82 -30.69 43.12
N GLU F 117 -31.78 -31.15 42.34
CA GLU F 117 -31.79 -30.85 40.91
C GLU F 117 -31.97 -29.36 40.67
N LYS F 118 -32.89 -28.72 41.41
CA LYS F 118 -33.09 -27.29 41.25
C LYS F 118 -31.84 -26.51 41.61
N ALA F 119 -31.19 -26.91 42.71
CA ALA F 119 -29.96 -26.23 43.12
C ALA F 119 -28.84 -26.43 42.11
N ILE F 120 -28.71 -27.64 41.56
CA ILE F 120 -27.66 -27.89 40.58
C ILE F 120 -27.92 -27.11 39.30
N GLN F 121 -29.19 -26.97 38.91
CA GLN F 121 -29.47 -26.18 37.71
C GLN F 121 -29.21 -24.70 37.95
N VAL F 122 -29.58 -24.18 39.12
CA VAL F 122 -29.26 -22.80 39.44
C VAL F 122 -27.75 -22.61 39.46
N GLY F 123 -27.02 -23.60 39.95
CA GLY F 123 -25.58 -23.52 39.95
C GLY F 123 -24.99 -23.56 38.56
N PHE F 124 -25.56 -24.38 37.68
CA PHE F 124 -25.08 -24.41 36.29
C PHE F 124 -25.30 -23.07 35.60
N VAL F 125 -26.48 -22.47 35.75
CA VAL F 125 -26.70 -21.20 35.07
C VAL F 125 -25.84 -20.10 35.69
N LEU F 126 -25.70 -20.10 37.02
CA LEU F 126 -24.91 -19.07 37.68
C LEU F 126 -23.42 -19.23 37.38
N GLY F 127 -22.91 -20.46 37.42
CA GLY F 127 -21.53 -20.70 37.09
C GLY F 127 -21.23 -20.42 35.63
N GLY F 128 -22.17 -20.75 34.74
CA GLY F 128 -22.00 -20.40 33.35
C GLY F 128 -21.95 -18.90 33.15
N PHE F 129 -22.76 -18.16 33.91
CA PHE F 129 -22.71 -16.70 33.79
C PHE F 129 -21.40 -16.15 34.34
N LEU F 130 -20.99 -16.59 35.52
CA LEU F 130 -19.77 -16.05 36.12
C LEU F 130 -18.54 -16.43 35.31
N SER F 131 -18.45 -17.67 34.85
CA SER F 131 -17.36 -18.08 33.97
C SER F 131 -17.43 -17.37 32.63
N ASP F 132 -18.63 -17.03 32.17
CA ASP F 132 -18.75 -16.26 30.94
C ASP F 132 -18.36 -14.81 31.14
N ALA F 133 -18.63 -14.25 32.32
CA ALA F 133 -18.27 -12.86 32.58
C ALA F 133 -16.78 -12.72 32.81
N GLY F 134 -16.12 -13.76 33.32
CA GLY F 134 -14.71 -13.70 33.54
C GLY F 134 -14.27 -14.10 34.94
N TRP F 135 -15.21 -14.08 35.89
CA TRP F 135 -14.87 -14.33 37.29
C TRP F 135 -14.68 -15.83 37.52
N TYR F 136 -13.53 -16.32 37.02
CA TYR F 136 -13.23 -17.74 37.14
C TYR F 136 -12.94 -18.14 38.58
N SER F 137 -12.27 -17.27 39.34
CA SER F 137 -11.99 -17.59 40.73
C SER F 137 -13.26 -17.65 41.55
N ASP F 138 -14.28 -16.88 41.16
CA ASP F 138 -15.57 -16.86 41.84
C ASP F 138 -16.57 -17.80 41.20
N ALA F 139 -16.15 -18.59 40.20
CA ALA F 139 -17.01 -19.60 39.60
C ALA F 139 -16.68 -21.00 40.07
N GLU F 140 -15.44 -21.26 40.49
CA GLU F 140 -15.13 -22.56 41.09
C GLU F 140 -15.97 -22.78 42.34
N LYS F 141 -16.09 -21.74 43.17
CA LYS F 141 -16.82 -21.86 44.42
C LYS F 141 -18.28 -22.23 44.20
N VAL F 142 -18.82 -21.94 43.02
CA VAL F 142 -20.15 -22.42 42.65
C VAL F 142 -20.10 -23.82 42.08
N PHE F 143 -19.15 -24.06 41.16
CA PHE F 143 -19.05 -25.38 40.55
C PHE F 143 -18.56 -26.43 41.53
N LEU F 144 -17.69 -26.07 42.47
CA LEU F 144 -17.31 -27.03 43.49
C LEU F 144 -18.49 -27.42 44.36
N SER F 145 -19.37 -26.46 44.67
CA SER F 145 -20.57 -26.78 45.41
C SER F 145 -21.52 -27.66 44.61
N CYS F 146 -21.65 -27.38 43.31
CA CYS F 146 -22.48 -28.24 42.46
C CYS F 146 -21.91 -29.66 42.37
N LEU F 147 -20.59 -29.78 42.27
CA LEU F 147 -19.95 -31.08 42.27
C LEU F 147 -20.18 -31.80 43.59
N GLN F 148 -20.11 -31.07 44.71
CA GLN F 148 -20.40 -31.66 46.00
C GLN F 148 -21.84 -32.17 46.06
N LEU F 149 -22.77 -31.45 45.44
CA LEU F 149 -24.13 -31.96 45.33
C LEU F 149 -24.18 -33.23 44.49
N CYS F 150 -23.39 -33.29 43.42
CA CYS F 150 -23.45 -34.43 42.51
C CYS F 150 -22.81 -35.69 43.09
N THR F 151 -22.01 -35.58 44.15
CA THR F 151 -21.37 -36.76 44.73
C THR F 151 -22.21 -37.45 45.79
N LEU F 152 -23.31 -36.85 46.22
CA LEU F 152 -24.06 -37.42 47.35
C LEU F 152 -24.83 -38.66 46.94
N HIS F 153 -25.41 -38.67 45.75
CA HIS F 153 -26.19 -39.80 45.26
C HIS F 153 -25.48 -40.47 44.09
N ASP F 154 -25.96 -41.65 43.72
CA ASP F 154 -25.31 -42.49 42.72
C ASP F 154 -26.20 -42.77 41.53
N GLU F 155 -27.16 -41.88 41.23
CA GLU F 155 -28.05 -42.08 40.10
C GLU F 155 -27.35 -41.73 38.79
N MET F 156 -27.98 -42.14 37.68
CA MET F 156 -27.40 -41.89 36.36
C MET F 156 -27.30 -40.40 36.06
N LEU F 157 -28.38 -39.65 36.29
CA LEU F 157 -28.34 -38.22 36.05
C LEU F 157 -27.34 -37.53 36.97
N HIS F 158 -27.17 -38.05 38.19
CA HIS F 158 -26.17 -37.47 39.09
C HIS F 158 -24.75 -37.71 38.58
N TRP F 159 -24.47 -38.90 38.05
CA TRP F 159 -23.15 -39.13 37.46
C TRP F 159 -22.92 -38.21 36.27
N PHE F 160 -23.94 -38.06 35.42
CA PHE F 160 -23.77 -37.24 34.22
C PHE F 160 -23.58 -35.77 34.58
N ARG F 161 -24.31 -35.28 35.59
CA ARG F 161 -24.14 -33.91 36.00
C ARG F 161 -22.86 -33.69 36.79
N ALA F 162 -22.33 -34.74 37.44
CA ALA F 162 -20.97 -34.64 37.99
C ALA F 162 -19.95 -34.51 36.87
N VAL F 163 -20.14 -35.22 35.77
CA VAL F 163 -19.27 -35.05 34.61
C VAL F 163 -19.40 -33.63 34.06
N GLU F 164 -20.62 -33.09 34.03
CA GLU F 164 -20.80 -31.72 33.58
C GLU F 164 -20.13 -30.72 34.52
N CYS F 165 -20.20 -30.96 35.83
CA CYS F 165 -19.47 -30.10 36.77
C CYS F 165 -17.98 -30.20 36.55
N CYS F 166 -17.47 -31.40 36.27
CA CYS F 166 -16.03 -31.58 36.09
C CYS F 166 -15.54 -31.06 34.75
N VAL F 167 -16.42 -30.89 33.77
CA VAL F 167 -16.00 -30.29 32.52
C VAL F 167 -16.14 -28.77 32.53
N ARG F 168 -17.17 -28.23 33.20
CA ARG F 168 -17.26 -26.78 33.33
C ARG F 168 -16.23 -26.27 34.32
N LEU F 169 -15.93 -27.05 35.36
CA LEU F 169 -14.96 -26.72 36.38
C LEU F 169 -13.54 -26.71 35.84
N LEU F 170 -13.29 -27.44 34.75
CA LEU F 170 -12.01 -27.36 34.10
C LEU F 170 -11.87 -26.10 33.25
N HIS F 171 -12.98 -25.59 32.72
CA HIS F 171 -12.92 -24.35 31.96
C HIS F 171 -12.66 -23.15 32.83
N VAL F 172 -13.17 -23.17 34.07
CA VAL F 172 -12.96 -22.05 35.00
C VAL F 172 -11.63 -22.13 35.72
N ARG F 173 -10.82 -23.15 35.44
CA ARG F 173 -9.48 -23.24 36.00
C ARG F 173 -8.39 -23.00 34.97
N ASN F 174 -8.63 -23.33 33.69
CA ASN F 174 -7.70 -22.93 32.65
C ASN F 174 -7.70 -21.43 32.46
N GLY F 175 -8.87 -20.80 32.58
CA GLY F 175 -8.93 -19.35 32.52
C GLY F 175 -8.39 -18.68 33.75
N ASN F 176 -8.33 -19.39 34.87
CA ASN F 176 -7.75 -18.89 36.09
C ASN F 176 -6.28 -19.28 36.25
N CYS F 177 -5.73 -20.01 35.28
CA CYS F 177 -4.37 -20.53 35.35
C CYS F 177 -4.09 -21.29 36.64
N LYS F 178 -5.04 -22.14 37.03
CA LYS F 178 -4.81 -23.15 38.05
C LYS F 178 -4.52 -24.50 37.37
N TYR F 179 -3.43 -24.54 36.63
CA TYR F 179 -3.12 -25.72 35.82
C TYR F 179 -2.78 -26.93 36.68
N HIS F 180 -2.16 -26.72 37.83
CA HIS F 180 -1.82 -27.85 38.69
C HIS F 180 -3.05 -28.59 39.20
N LEU F 181 -4.20 -27.92 39.25
CA LEU F 181 -5.45 -28.57 39.62
C LEU F 181 -6.23 -29.07 38.41
N GLY F 182 -5.89 -28.60 37.21
CA GLY F 182 -6.61 -29.07 36.03
C GLY F 182 -6.41 -30.53 35.74
N GLU F 183 -5.19 -31.04 35.98
CA GLU F 183 -4.94 -32.47 35.80
C GLU F 183 -5.75 -33.29 36.80
N GLU F 184 -5.86 -32.83 38.04
CA GLU F 184 -6.68 -33.53 39.02
C GLU F 184 -8.15 -33.48 38.63
N THR F 185 -8.61 -32.35 38.09
CA THR F 185 -9.98 -32.26 37.63
C THR F 185 -10.25 -33.22 36.47
N PHE F 186 -9.30 -33.30 35.53
CA PHE F 186 -9.46 -34.25 34.43
C PHE F 186 -9.46 -35.69 34.93
N LYS F 187 -8.61 -36.00 35.92
CA LYS F 187 -8.61 -37.34 36.48
C LYS F 187 -9.94 -37.66 37.14
N LEU F 188 -10.52 -36.71 37.86
CA LEU F 188 -11.85 -36.91 38.44
C LEU F 188 -12.90 -37.11 37.35
N ALA F 189 -12.83 -36.31 36.30
CA ALA F 189 -13.81 -36.42 35.22
C ALA F 189 -13.70 -37.76 34.50
N GLN F 190 -12.49 -38.24 34.28
CA GLN F 190 -12.33 -39.52 33.61
C GLN F 190 -12.66 -40.68 34.53
N THR F 191 -12.50 -40.50 35.84
CA THR F 191 -13.01 -41.49 36.80
C THR F 191 -14.52 -41.60 36.69
N TYR F 192 -15.21 -40.45 36.64
CA TYR F 192 -16.66 -40.46 36.51
C TYR F 192 -17.07 -41.04 35.16
N MET F 193 -16.33 -40.74 34.10
CA MET F 193 -16.65 -41.28 32.79
C MET F 193 -16.45 -42.80 32.75
N ASP F 194 -15.41 -43.29 33.41
CA ASP F 194 -15.17 -44.73 33.45
C ASP F 194 -16.27 -45.44 34.24
N LYS F 195 -16.66 -44.90 35.40
CA LYS F 195 -17.74 -45.53 36.15
C LYS F 195 -19.10 -45.33 35.48
N LEU F 196 -19.22 -44.37 34.56
CA LEU F 196 -20.40 -44.29 33.73
C LEU F 196 -20.39 -45.36 32.64
N SER F 197 -19.23 -45.58 32.02
CA SER F 197 -19.12 -46.59 30.97
C SER F 197 -19.33 -47.99 31.53
N LYS F 198 -18.86 -48.26 32.75
CA LYS F 198 -19.07 -49.55 33.37
C LYS F 198 -20.53 -49.82 33.70
N HIS F 199 -21.38 -48.79 33.66
CA HIS F 199 -22.81 -48.96 33.91
C HIS F 199 -23.63 -48.89 32.62
N GLY F 200 -22.99 -49.10 31.47
CA GLY F 200 -23.71 -49.25 30.22
C GLY F 200 -24.44 -48.01 29.73
N GLN F 201 -23.83 -46.83 29.88
CA GLN F 201 -24.42 -45.60 29.36
C GLN F 201 -23.27 -44.65 29.04
N GLN F 202 -22.91 -44.58 27.76
CA GLN F 202 -21.81 -43.73 27.33
C GLN F 202 -22.27 -42.28 27.24
N ALA F 203 -21.39 -41.37 27.67
CA ALA F 203 -21.65 -39.94 27.61
C ALA F 203 -20.59 -39.27 26.75
N ASN F 204 -20.99 -38.19 26.08
CA ASN F 204 -20.09 -37.51 25.16
C ASN F 204 -18.94 -36.85 25.94
N LYS F 205 -17.75 -36.91 25.34
CA LYS F 205 -16.53 -36.40 25.97
C LYS F 205 -15.81 -35.41 25.07
N ALA F 206 -16.51 -34.74 24.17
CA ALA F 206 -15.85 -33.77 23.30
C ALA F 206 -15.43 -32.54 24.10
N ALA F 207 -16.31 -32.03 24.95
CA ALA F 207 -16.01 -30.83 25.72
C ALA F 207 -14.85 -31.07 26.68
N LEU F 208 -14.83 -32.23 27.33
CA LEU F 208 -13.77 -32.53 28.31
C LEU F 208 -12.41 -32.58 27.63
N TYR F 209 -12.32 -33.26 26.49
CA TYR F 209 -11.04 -33.35 25.80
C TYR F 209 -10.66 -32.02 25.17
N GLY F 210 -11.64 -31.20 24.79
CA GLY F 210 -11.32 -29.85 24.35
C GLY F 210 -10.73 -29.01 25.47
N GLU F 211 -11.27 -29.16 26.69
CA GLU F 211 -10.70 -28.46 27.83
C GLU F 211 -9.29 -28.95 28.12
N LEU F 212 -9.05 -30.25 27.99
CA LEU F 212 -7.69 -30.78 28.10
C LEU F 212 -6.78 -30.19 27.05
N CYS F 213 -7.29 -30.02 25.83
CA CYS F 213 -6.51 -29.39 24.78
C CYS F 213 -6.13 -27.96 25.14
N ALA F 214 -7.09 -27.20 25.67
CA ALA F 214 -6.81 -25.82 26.07
C ALA F 214 -5.80 -25.79 27.21
N LEU F 215 -5.93 -26.69 28.18
CA LEU F 215 -5.01 -26.74 29.31
C LEU F 215 -3.59 -27.07 28.85
N LEU F 216 -3.45 -28.12 28.05
CA LEU F 216 -2.13 -28.57 27.62
C LEU F 216 -1.51 -27.66 26.56
N PHE F 217 -2.31 -26.88 25.85
CA PHE F 217 -1.74 -25.84 25.02
C PHE F 217 -1.29 -24.66 25.87
N ALA F 218 -2.05 -24.35 26.92
CA ALA F 218 -1.62 -23.30 27.85
C ALA F 218 -0.36 -23.69 28.58
N LYS F 219 -0.25 -24.96 28.98
CA LYS F 219 0.94 -25.48 29.64
C LYS F 219 2.05 -25.81 28.66
N SER F 220 1.86 -25.48 27.37
CA SER F 220 2.85 -25.69 26.32
C SER F 220 3.24 -27.16 26.18
N HIS F 221 2.25 -28.05 26.34
CA HIS F 221 2.39 -29.46 25.98
C HIS F 221 1.77 -29.63 24.60
N TYR F 222 2.50 -29.18 23.59
CA TYR F 222 1.93 -29.09 22.23
C TYR F 222 1.56 -30.45 21.68
N ASP F 223 2.41 -31.46 21.89
CA ASP F 223 2.09 -32.80 21.40
C ASP F 223 0.88 -33.38 22.11
N GLU F 224 0.80 -33.19 23.44
CA GLU F 224 -0.37 -33.64 24.18
C GLU F 224 -1.61 -32.87 23.75
N ALA F 225 -1.46 -31.57 23.47
CA ALA F 225 -2.59 -30.79 22.98
C ALA F 225 -3.10 -31.31 21.64
N TYR F 226 -2.18 -31.65 20.73
CA TYR F 226 -2.59 -32.18 19.44
C TYR F 226 -3.28 -33.53 19.60
N LYS F 227 -2.72 -34.41 20.44
CA LYS F 227 -3.34 -35.72 20.65
C LYS F 227 -4.73 -35.59 21.24
N TRP F 228 -4.90 -34.67 22.20
CA TRP F 228 -6.19 -34.56 22.86
C TRP F 228 -7.21 -33.83 22.01
N CYS F 229 -6.79 -32.90 21.14
CA CYS F 229 -7.76 -32.35 20.19
C CYS F 229 -8.15 -33.37 19.14
N ILE F 230 -7.22 -34.24 18.75
CA ILE F 230 -7.56 -35.38 17.88
C ILE F 230 -8.62 -36.24 18.55
N GLU F 231 -8.43 -36.55 19.84
CA GLU F 231 -9.40 -37.35 20.58
C GLU F 231 -10.75 -36.64 20.67
N ALA F 232 -10.74 -35.33 20.95
CA ALA F 232 -11.98 -34.58 21.05
C ALA F 232 -12.75 -34.62 19.74
N MET F 233 -12.08 -34.33 18.63
CA MET F 233 -12.75 -34.32 17.34
C MET F 233 -13.06 -35.72 16.84
N LYS F 234 -12.46 -36.76 17.42
CA LYS F 234 -12.95 -38.11 17.19
C LYS F 234 -14.21 -38.38 17.99
N GLU F 235 -14.37 -37.72 19.14
CA GLU F 235 -15.54 -37.92 19.99
C GLU F 235 -16.64 -36.89 19.76
N ILE F 236 -16.46 -35.97 18.82
CA ILE F 236 -17.50 -34.98 18.54
C ILE F 236 -18.57 -35.60 17.67
N THR F 237 -19.83 -35.28 17.96
CA THR F 237 -20.96 -35.79 17.19
C THR F 237 -21.81 -34.64 16.67
N ALA F 238 -22.98 -34.95 16.13
CA ALA F 238 -23.90 -33.93 15.67
C ALA F 238 -24.87 -33.47 16.76
N GLY F 239 -25.11 -34.29 17.78
CA GLY F 239 -26.04 -33.97 18.83
C GLY F 239 -25.52 -33.03 19.90
N LEU F 240 -24.25 -32.66 19.84
CA LEU F 240 -23.68 -31.77 20.84
C LEU F 240 -24.24 -30.36 20.67
N PRO F 241 -24.29 -29.59 21.77
CA PRO F 241 -24.71 -28.19 21.65
C PRO F 241 -23.70 -27.37 20.87
N VAL F 242 -24.14 -26.18 20.48
CA VAL F 242 -23.31 -25.30 19.66
C VAL F 242 -22.07 -24.86 20.43
N LYS F 243 -22.22 -24.53 21.71
CA LYS F 243 -21.09 -24.04 22.49
C LYS F 243 -19.98 -25.06 22.58
N VAL F 244 -20.33 -26.34 22.81
CA VAL F 244 -19.32 -27.38 22.92
C VAL F 244 -18.58 -27.57 21.61
N VAL F 245 -19.32 -27.59 20.49
CA VAL F 245 -18.70 -27.76 19.19
C VAL F 245 -17.77 -26.60 18.88
N VAL F 246 -18.20 -25.38 19.17
CA VAL F 246 -17.37 -24.20 18.92
C VAL F 246 -16.11 -24.25 19.77
N ASP F 247 -16.25 -24.61 21.05
CA ASP F 247 -15.09 -24.67 21.93
C ASP F 247 -14.09 -25.72 21.45
N VAL F 248 -14.58 -26.90 21.07
CA VAL F 248 -13.70 -27.96 20.59
C VAL F 248 -12.98 -27.52 19.33
N LEU F 249 -13.71 -26.90 18.39
CA LEU F 249 -13.11 -26.43 17.15
C LEU F 249 -12.02 -25.40 17.41
N ARG F 250 -12.30 -24.40 18.26
CA ARG F 250 -11.33 -23.33 18.46
C ARG F 250 -10.11 -23.83 19.23
N GLN F 251 -10.30 -24.72 20.21
CA GLN F 251 -9.14 -25.24 20.94
C GLN F 251 -8.31 -26.15 20.05
N ALA F 252 -8.96 -26.95 19.19
CA ALA F 252 -8.21 -27.77 18.24
C ALA F 252 -7.44 -26.90 17.26
N SER F 253 -8.04 -25.79 16.83
CA SER F 253 -7.33 -24.85 15.97
C SER F 253 -6.12 -24.26 16.68
N LYS F 254 -6.28 -23.87 17.94
CA LYS F 254 -5.16 -23.30 18.68
C LYS F 254 -4.04 -24.31 18.87
N ALA F 255 -4.39 -25.58 19.10
CA ALA F 255 -3.36 -26.60 19.24
C ALA F 255 -2.69 -26.91 17.90
N CYS F 256 -3.44 -26.83 16.80
CA CYS F 256 -2.85 -27.20 15.51
C CYS F 256 -1.85 -26.17 15.03
N VAL F 257 -2.07 -24.88 15.32
CA VAL F 257 -1.17 -23.86 14.84
C VAL F 257 0.20 -23.98 15.50
N VAL F 258 0.23 -24.19 16.82
CA VAL F 258 1.51 -24.36 17.51
C VAL F 258 2.16 -25.68 17.15
N LYS F 259 1.41 -26.64 16.61
CA LYS F 259 1.96 -27.85 16.03
C LYS F 259 2.56 -27.60 14.65
N ARG F 260 2.59 -26.33 14.21
CA ARG F 260 3.12 -25.94 12.91
C ARG F 260 2.40 -26.63 11.77
N GLU F 261 1.10 -26.89 11.95
CA GLU F 261 0.25 -27.48 10.92
C GLU F 261 -0.82 -26.45 10.61
N PHE F 262 -0.52 -25.54 9.69
CA PHE F 262 -1.37 -24.41 9.39
C PHE F 262 -2.40 -24.70 8.31
N LYS F 263 -2.49 -25.94 7.84
CA LYS F 263 -3.43 -26.30 6.79
C LYS F 263 -4.79 -26.68 7.35
N LYS F 264 -4.83 -27.68 8.23
CA LYS F 264 -6.10 -28.08 8.83
C LYS F 264 -6.57 -27.05 9.85
N ALA F 265 -5.64 -26.33 10.48
CA ALA F 265 -6.01 -25.30 11.44
C ALA F 265 -6.84 -24.20 10.79
N GLU F 266 -6.50 -23.85 9.54
CA GLU F 266 -7.29 -22.86 8.81
C GLU F 266 -8.73 -23.30 8.67
N GLN F 267 -8.95 -24.55 8.24
CA GLN F 267 -10.30 -25.04 8.07
C GLN F 267 -11.04 -25.08 9.39
N LEU F 268 -10.38 -25.55 10.46
CA LEU F 268 -11.04 -25.64 11.76
C LEU F 268 -11.44 -24.27 12.27
N ILE F 269 -10.56 -23.28 12.17
CA ILE F 269 -10.87 -21.97 12.70
C ILE F 269 -11.90 -21.24 11.83
N LYS F 270 -11.86 -21.45 10.50
CA LYS F 270 -12.87 -20.85 9.64
C LYS F 270 -14.25 -21.42 9.94
N HIS F 271 -14.32 -22.75 10.11
CA HIS F 271 -15.60 -23.37 10.46
C HIS F 271 -16.08 -22.90 11.82
N ALA F 272 -15.16 -22.76 12.78
CA ALA F 272 -15.54 -22.29 14.11
C ALA F 272 -16.08 -20.87 14.06
N VAL F 273 -15.40 -19.98 13.34
CA VAL F 273 -15.83 -18.59 13.26
C VAL F 273 -17.18 -18.49 12.56
N TYR F 274 -17.35 -19.24 11.46
CA TYR F 274 -18.64 -19.21 10.75
C TYR F 274 -19.75 -19.75 11.64
N LEU F 275 -19.50 -20.86 12.33
CA LEU F 275 -20.57 -21.49 13.10
C LEU F 275 -20.90 -20.67 14.34
N ALA F 276 -19.94 -19.92 14.86
CA ALA F 276 -20.23 -19.01 15.96
C ALA F 276 -20.98 -17.79 15.48
N ARG F 277 -20.56 -17.20 14.34
CA ARG F 277 -21.23 -16.00 13.85
C ARG F 277 -22.61 -16.30 13.29
N ASP F 278 -22.90 -17.55 12.96
CA ASP F 278 -24.24 -17.88 12.48
C ASP F 278 -25.20 -18.12 13.63
N HIS F 279 -24.81 -18.98 14.57
CA HIS F 279 -25.72 -19.33 15.66
C HIS F 279 -25.84 -18.21 16.69
N PHE F 280 -24.71 -17.59 17.05
CA PHE F 280 -24.70 -16.60 18.12
C PHE F 280 -24.93 -15.19 17.60
N GLY F 281 -24.06 -14.72 16.71
CA GLY F 281 -24.18 -13.40 16.13
C GLY F 281 -22.89 -12.65 16.25
N SER F 282 -22.96 -11.35 15.96
CA SER F 282 -21.79 -10.49 15.97
C SER F 282 -21.60 -9.77 17.31
N LYS F 283 -22.38 -10.14 18.32
CA LYS F 283 -22.29 -9.52 19.63
C LYS F 283 -22.09 -10.50 20.77
N HIS F 284 -22.45 -11.77 20.60
CA HIS F 284 -22.29 -12.73 21.67
C HIS F 284 -20.80 -12.92 21.98
N PRO F 285 -20.42 -12.98 23.26
CA PRO F 285 -19.00 -13.09 23.61
C PRO F 285 -18.32 -14.34 23.09
N LYS F 286 -19.07 -15.41 22.80
CA LYS F 286 -18.46 -16.59 22.21
C LYS F 286 -17.90 -16.28 20.83
N TYR F 287 -18.60 -15.45 20.07
CA TYR F 287 -18.07 -15.00 18.79
C TYR F 287 -16.79 -14.20 19.00
N SER F 288 -16.72 -13.41 20.07
CA SER F 288 -15.49 -12.68 20.36
C SER F 288 -14.35 -13.62 20.71
N ASP F 289 -14.63 -14.69 21.45
CA ASP F 289 -13.59 -15.67 21.76
C ASP F 289 -13.09 -16.38 20.51
N THR F 290 -14.01 -16.72 19.60
CA THR F 290 -13.61 -17.32 18.34
C THR F 290 -12.78 -16.35 17.51
N LEU F 291 -13.16 -15.08 17.51
CA LEU F 291 -12.36 -14.09 16.80
C LEU F 291 -10.98 -13.95 17.43
N LEU F 292 -10.89 -14.05 18.75
CA LEU F 292 -9.60 -13.98 19.41
C LEU F 292 -8.71 -15.16 19.01
N ASP F 293 -9.28 -16.37 18.98
CA ASP F 293 -8.51 -17.52 18.54
C ASP F 293 -8.12 -17.43 17.07
N TYR F 294 -9.02 -16.90 16.25
CA TYR F 294 -8.71 -16.70 14.84
C TYR F 294 -7.62 -15.66 14.64
N GLY F 295 -7.63 -14.61 15.46
CA GLY F 295 -6.55 -13.63 15.41
C GLY F 295 -5.22 -14.23 15.85
N PHE F 296 -5.25 -15.12 16.84
CA PHE F 296 -4.04 -15.86 17.20
C PHE F 296 -3.55 -16.68 16.02
N TYR F 297 -4.45 -17.37 15.34
CA TYR F 297 -4.07 -18.18 14.17
C TYR F 297 -3.45 -17.30 13.08
N LEU F 298 -4.08 -16.15 12.80
CA LEU F 298 -3.57 -15.26 11.76
C LEU F 298 -2.22 -14.68 12.16
N LEU F 299 -2.03 -14.39 13.45
CA LEU F 299 -0.75 -13.86 13.89
C LEU F 299 0.35 -14.90 13.80
N ASN F 300 0.01 -16.18 14.00
CA ASN F 300 1.02 -17.24 14.00
C ASN F 300 1.07 -17.94 12.63
N VAL F 301 0.66 -17.25 11.57
CA VAL F 301 0.91 -17.69 10.20
C VAL F 301 1.48 -16.52 9.41
N ASP F 302 2.08 -15.56 10.12
CA ASP F 302 2.72 -14.37 9.56
C ASP F 302 1.74 -13.43 8.87
N ASN F 303 0.44 -13.62 9.08
CA ASN F 303 -0.57 -12.73 8.51
C ASN F 303 -1.02 -11.70 9.54
N ILE F 304 -0.06 -10.83 9.90
CA ILE F 304 -0.29 -9.89 11.00
C ILE F 304 -1.33 -8.85 10.62
N CYS F 305 -1.32 -8.41 9.36
CA CYS F 305 -2.20 -7.31 8.95
C CYS F 305 -3.67 -7.68 9.09
N GLN F 306 -4.00 -8.96 8.96
CA GLN F 306 -5.37 -9.42 9.21
C GLN F 306 -5.61 -9.74 10.69
N SER F 307 -4.59 -10.22 11.39
CA SER F 307 -4.75 -10.52 12.81
C SER F 307 -5.06 -9.27 13.62
N VAL F 308 -4.35 -8.17 13.35
CA VAL F 308 -4.58 -6.95 14.10
C VAL F 308 -5.97 -6.39 13.81
N ALA F 309 -6.48 -6.62 12.59
CA ALA F 309 -7.84 -6.20 12.29
C ALA F 309 -8.87 -7.07 12.99
N ILE F 310 -8.58 -8.37 13.12
CA ILE F 310 -9.49 -9.27 13.81
C ILE F 310 -9.53 -8.97 15.31
N TYR F 311 -8.37 -8.74 15.92
CA TYR F 311 -8.33 -8.41 17.34
C TYR F 311 -9.06 -7.10 17.62
N GLN F 312 -8.94 -6.13 16.71
CA GLN F 312 -9.68 -4.89 16.88
C GLN F 312 -11.17 -5.13 16.88
N ALA F 313 -11.63 -6.07 16.05
CA ALA F 313 -13.02 -6.53 16.14
C ALA F 313 -13.24 -7.28 17.44
N ALA F 314 -12.38 -8.25 17.75
CA ALA F 314 -12.58 -9.11 18.91
C ALA F 314 -12.57 -8.32 20.21
N LEU F 315 -11.86 -7.19 20.24
CA LEU F 315 -11.93 -6.32 21.40
C LEU F 315 -13.30 -5.64 21.48
N ASP F 316 -13.86 -5.25 20.33
CA ASP F 316 -15.06 -4.43 20.33
C ASP F 316 -16.28 -5.16 20.87
N ILE F 317 -16.42 -6.46 20.54
CA ILE F 317 -17.48 -7.24 21.15
C ILE F 317 -17.29 -7.33 22.66
N ARG F 318 -16.06 -7.62 23.08
CA ARG F 318 -15.78 -7.72 24.51
C ARG F 318 -15.83 -6.37 25.20
N GLN F 319 -15.49 -5.29 24.48
CA GLN F 319 -15.56 -3.96 25.06
C GLN F 319 -17.01 -3.53 25.28
N SER F 320 -17.92 -3.95 24.40
CA SER F 320 -19.32 -3.54 24.52
C SER F 320 -20.08 -4.42 25.51
N VAL F 321 -19.92 -5.74 25.40
CA VAL F 321 -20.69 -6.64 26.24
C VAL F 321 -20.18 -6.60 27.68
N PHE F 322 -18.87 -6.58 27.88
CA PHE F 322 -18.25 -6.75 29.19
C PHE F 322 -17.76 -5.45 29.79
N GLY F 323 -18.49 -4.36 29.59
CA GLY F 323 -18.23 -3.12 30.31
C GLY F 323 -16.82 -2.58 30.22
N GLY F 324 -16.19 -2.38 31.37
CA GLY F 324 -14.87 -1.79 31.48
C GLY F 324 -13.87 -2.83 31.98
N LYS F 325 -13.54 -2.77 33.26
CA LYS F 325 -12.50 -3.62 33.85
C LYS F 325 -12.95 -5.07 33.97
N ASN F 326 -12.51 -5.90 33.03
CA ASN F 326 -12.88 -7.31 32.96
C ASN F 326 -11.68 -8.14 32.56
N ILE F 327 -11.69 -9.42 32.93
CA ILE F 327 -10.61 -10.31 32.53
C ILE F 327 -10.59 -10.49 31.02
N HIS F 328 -11.77 -10.64 30.41
CA HIS F 328 -11.83 -10.87 28.97
C HIS F 328 -11.44 -9.63 28.17
N VAL F 329 -11.88 -8.45 28.62
CA VAL F 329 -11.45 -7.22 27.98
C VAL F 329 -9.95 -7.05 28.11
N ALA F 330 -9.39 -7.38 29.28
CA ALA F 330 -7.95 -7.29 29.48
C ALA F 330 -7.21 -8.27 28.59
N THR F 331 -7.74 -9.49 28.42
CA THR F 331 -7.10 -10.46 27.54
C THR F 331 -7.12 -9.99 26.10
N ALA F 332 -8.23 -9.40 25.66
CA ALA F 332 -8.30 -8.85 24.32
C ALA F 332 -7.32 -7.69 24.15
N HIS F 333 -7.20 -6.84 25.18
CA HIS F 333 -6.23 -5.74 25.12
C HIS F 333 -4.81 -6.27 25.02
N GLU F 334 -4.48 -7.29 25.80
CA GLU F 334 -3.13 -7.85 25.79
C GLU F 334 -2.82 -8.48 24.45
N ASP F 335 -3.72 -9.33 23.94
CA ASP F 335 -3.47 -9.99 22.66
C ASP F 335 -3.42 -9.00 21.51
N LEU F 336 -4.26 -7.96 21.57
CA LEU F 336 -4.22 -6.95 20.52
C LEU F 336 -2.94 -6.14 20.59
N ALA F 337 -2.49 -5.82 21.81
CA ALA F 337 -1.28 -5.04 21.97
C ALA F 337 -0.06 -5.78 21.40
N TYR F 338 0.01 -7.09 21.63
CA TYR F 338 1.08 -7.88 21.04
C TYR F 338 0.96 -7.90 19.52
N SER F 339 -0.26 -8.06 19.00
CA SER F 339 -0.46 -8.07 17.56
C SER F 339 -0.12 -6.72 16.95
N SER F 340 -0.55 -5.63 17.60
CA SER F 340 -0.16 -4.31 17.12
C SER F 340 1.34 -4.08 17.26
N TYR F 341 1.95 -4.64 18.30
CA TYR F 341 3.40 -4.54 18.44
C TYR F 341 4.12 -5.21 17.28
N VAL F 342 3.64 -6.38 16.86
CA VAL F 342 4.24 -7.05 15.71
C VAL F 342 3.96 -6.28 14.43
N HIS F 343 2.73 -5.79 14.27
CA HIS F 343 2.35 -5.11 13.03
C HIS F 343 3.14 -3.82 12.84
N GLN F 344 3.30 -3.02 13.89
CA GLN F 344 3.99 -1.75 13.81
C GLN F 344 5.45 -1.85 14.24
N TYR F 345 5.99 -3.06 14.31
CA TYR F 345 7.40 -3.23 14.63
C TYR F 345 8.29 -2.59 13.58
N SER F 346 7.99 -2.81 12.30
CA SER F 346 8.76 -2.21 11.22
C SER F 346 8.61 -0.68 11.22
N SER F 347 7.40 -0.19 11.44
CA SER F 347 7.18 1.25 11.49
C SER F 347 7.90 1.88 12.67
N GLY F 348 7.86 1.21 13.83
CA GLY F 348 8.51 1.69 15.03
C GLY F 348 7.65 2.56 15.92
N LYS F 349 6.52 3.05 15.42
CA LYS F 349 5.64 3.88 16.22
C LYS F 349 4.70 3.00 17.04
N PHE F 350 4.55 3.32 18.33
CA PHE F 350 3.67 2.59 19.23
C PHE F 350 2.96 3.61 20.12
N ASP F 351 1.81 4.09 19.65
CA ASP F 351 0.98 5.02 20.40
C ASP F 351 -0.27 4.37 20.96
N ASN F 352 -0.87 3.45 20.22
CA ASN F 352 -2.01 2.68 20.72
C ASN F 352 -1.59 1.32 21.27
N ALA F 353 -0.49 0.75 20.78
CA ALA F 353 -0.03 -0.53 21.30
C ALA F 353 0.37 -0.42 22.77
N LEU F 354 1.09 0.65 23.12
CA LEU F 354 1.43 0.86 24.52
C LEU F 354 0.19 1.13 25.36
N PHE F 355 -0.78 1.87 24.82
CA PHE F 355 -2.00 2.12 25.56
C PHE F 355 -2.77 0.83 25.82
N HIS F 356 -2.81 -0.05 24.83
CA HIS F 356 -3.54 -1.30 25.01
C HIS F 356 -2.79 -2.25 25.95
N ALA F 357 -1.47 -2.29 25.85
CA ALA F 357 -0.70 -3.14 26.75
C ALA F 357 -0.79 -2.65 28.18
N GLU F 358 -0.80 -1.33 28.38
CA GLU F 358 -0.97 -0.79 29.72
C GLU F 358 -2.39 -0.99 30.22
N ARG F 359 -3.37 -0.96 29.31
CA ARG F 359 -4.75 -1.23 29.69
C ARG F 359 -4.90 -2.63 30.25
N ALA F 360 -4.26 -3.62 29.61
CA ALA F 360 -4.34 -5.00 30.06
C ALA F 360 -3.63 -5.21 31.39
N ILE F 361 -2.81 -4.27 31.84
CA ILE F 361 -2.19 -4.37 33.16
C ILE F 361 -2.95 -3.47 34.12
N GLY F 362 -3.52 -2.39 33.59
CA GLY F 362 -4.37 -1.55 34.41
C GLY F 362 -5.66 -2.23 34.84
N ILE F 363 -6.07 -3.27 34.12
CA ILE F 363 -7.26 -4.03 34.47
C ILE F 363 -6.91 -5.22 35.34
N ILE F 364 -5.92 -6.01 34.93
CA ILE F 364 -5.63 -7.26 35.59
C ILE F 364 -5.09 -7.02 37.01
N THR F 365 -4.27 -5.98 37.19
CA THR F 365 -3.79 -5.67 38.53
C THR F 365 -4.92 -5.33 39.48
N HIS F 366 -6.04 -4.84 38.95
CA HIS F 366 -7.18 -4.48 39.80
C HIS F 366 -7.95 -5.69 40.27
N ILE F 367 -8.08 -6.72 39.44
CA ILE F 367 -8.99 -7.83 39.70
C ILE F 367 -8.24 -9.11 40.04
N LEU F 368 -7.08 -9.33 39.47
CA LEU F 368 -6.29 -10.51 39.75
C LEU F 368 -5.22 -10.20 40.78
N PRO F 369 -4.73 -11.19 41.51
CA PRO F 369 -3.66 -10.93 42.48
C PRO F 369 -2.37 -10.50 41.80
N GLU F 370 -1.39 -10.16 42.64
CA GLU F 370 -0.11 -9.68 42.12
C GLU F 370 0.70 -10.78 41.46
N ASP F 371 0.43 -12.04 41.78
CA ASP F 371 1.27 -13.14 41.30
C ASP F 371 0.47 -14.11 40.43
N HIS F 372 -0.31 -13.57 39.49
CA HIS F 372 -1.15 -14.38 38.62
C HIS F 372 -0.57 -14.40 37.22
N LEU F 373 -0.75 -15.53 36.54
CA LEU F 373 -0.07 -15.76 35.27
C LEU F 373 -0.57 -14.81 34.18
N LEU F 374 -1.87 -14.51 34.17
CA LEU F 374 -2.38 -13.55 33.21
C LEU F 374 -1.73 -12.19 33.39
N LEU F 375 -1.40 -11.83 34.62
CA LEU F 375 -0.66 -10.60 34.85
C LEU F 375 0.76 -10.69 34.33
N ALA F 376 1.32 -11.90 34.28
CA ALA F 376 2.67 -12.08 33.74
C ALA F 376 2.69 -11.81 32.25
N SER F 377 1.91 -12.58 31.48
CA SER F 377 1.96 -12.49 30.03
C SER F 377 1.67 -11.07 29.54
N SER F 378 0.62 -10.46 30.06
CA SER F 378 0.31 -9.07 29.72
C SER F 378 1.51 -8.17 29.99
N LYS F 379 2.11 -8.31 31.17
CA LYS F 379 3.30 -7.55 31.51
C LYS F 379 4.35 -7.68 30.42
N ARG F 380 4.61 -8.94 30.00
CA ARG F 380 5.62 -9.20 28.99
C ARG F 380 5.37 -8.35 27.75
N VAL F 381 4.12 -8.31 27.30
CA VAL F 381 3.80 -7.57 26.07
C VAL F 381 4.19 -6.11 26.23
N LYS F 382 3.80 -5.50 27.36
CA LYS F 382 4.15 -4.10 27.58
C LYS F 382 5.66 -3.93 27.58
N ALA F 383 6.37 -4.86 28.22
CA ALA F 383 7.82 -4.78 28.27
C ALA F 383 8.40 -4.76 26.87
N LEU F 384 7.86 -5.60 25.98
CA LEU F 384 8.33 -5.59 24.59
C LEU F 384 8.19 -4.20 24.00
N ILE F 385 7.01 -3.61 24.13
CA ILE F 385 6.78 -2.27 23.58
C ILE F 385 7.75 -1.29 24.21
N LEU F 386 8.03 -1.45 25.51
CA LEU F 386 8.93 -0.54 26.18
C LEU F 386 10.30 -0.53 25.54
N GLU F 387 10.85 -1.72 25.21
CA GLU F 387 12.19 -1.71 24.65
C GLU F 387 12.19 -1.05 23.28
N GLU F 388 11.07 -1.12 22.56
CA GLU F 388 10.97 -0.41 21.29
C GLU F 388 11.05 1.09 21.52
N ILE F 389 10.36 1.59 22.55
CA ILE F 389 10.46 3.00 22.89
C ILE F 389 11.87 3.30 23.38
N ALA F 390 12.58 2.30 23.90
CA ALA F 390 14.00 2.49 24.19
C ALA F 390 14.80 2.72 22.92
N ILE F 391 14.49 1.97 21.85
CA ILE F 391 15.26 2.08 20.64
C ILE F 391 15.01 3.42 19.95
N ASP F 392 13.75 3.85 19.88
CA ASP F 392 13.40 5.05 19.12
C ASP F 392 13.81 6.33 19.84
N CYS F 393 13.70 6.37 21.16
CA CYS F 393 13.99 7.60 21.89
C CYS F 393 15.46 7.96 21.81
N HIS F 394 15.74 9.25 21.67
CA HIS F 394 17.11 9.74 21.57
C HIS F 394 17.72 10.10 22.91
N ASN F 395 16.93 10.09 23.99
CA ASN F 395 17.45 10.37 25.31
C ASN F 395 18.29 9.19 25.80
N LYS F 396 19.07 9.45 26.86
CA LYS F 396 19.90 8.42 27.48
C LYS F 396 19.41 8.01 28.85
N GLU F 397 19.11 8.97 29.73
CA GLU F 397 18.55 8.63 31.03
C GLU F 397 17.17 8.00 30.89
N THR F 398 16.33 8.57 30.03
CA THR F 398 15.02 7.98 29.76
C THR F 398 15.16 6.59 29.16
N GLU F 399 16.12 6.43 28.24
CA GLU F 399 16.35 5.12 27.63
C GLU F 399 16.77 4.09 28.68
N GLN F 400 17.68 4.48 29.59
CA GLN F 400 18.13 3.55 30.62
C GLN F 400 17.00 3.20 31.57
N ARG F 401 16.19 4.19 31.96
CA ARG F 401 15.07 3.92 32.86
C ARG F 401 14.04 3.01 32.20
N LEU F 402 13.76 3.23 30.91
CA LEU F 402 12.80 2.37 30.21
C LEU F 402 13.35 0.96 30.02
N LEU F 403 14.66 0.84 29.76
CA LEU F 403 15.27 -0.48 29.69
C LEU F 403 15.16 -1.20 31.03
N GLN F 404 15.39 -0.47 32.13
CA GLN F 404 15.26 -1.10 33.45
C GLN F 404 13.82 -1.50 33.74
N GLU F 405 12.85 -0.68 33.34
CA GLU F 405 11.45 -1.04 33.54
C GLU F 405 11.09 -2.28 32.73
N ALA F 406 11.53 -2.36 31.48
CA ALA F 406 11.29 -3.55 30.68
C ALA F 406 11.99 -4.75 31.29
N HIS F 407 13.17 -4.54 31.90
CA HIS F 407 13.88 -5.63 32.55
C HIS F 407 13.09 -6.15 33.76
N ASP F 408 12.55 -5.25 34.56
CA ASP F 408 11.74 -5.67 35.70
C ASP F 408 10.50 -6.42 35.25
N LEU F 409 9.83 -5.93 34.21
CA LEU F 409 8.63 -6.61 33.72
C LEU F 409 8.97 -7.99 33.19
N HIS F 410 10.03 -8.09 32.37
CA HIS F 410 10.42 -9.39 31.84
C HIS F 410 10.81 -10.36 32.94
N LEU F 411 11.53 -9.89 33.95
CA LEU F 411 12.00 -10.80 34.98
C LEU F 411 10.86 -11.25 35.89
N SER F 412 9.92 -10.35 36.20
CA SER F 412 8.75 -10.78 36.98
C SER F 412 7.91 -11.77 36.20
N SER F 413 7.71 -11.52 34.89
CA SER F 413 6.96 -12.46 34.06
C SER F 413 7.67 -13.80 33.98
N LEU F 414 9.00 -13.78 33.85
CA LEU F 414 9.77 -15.01 33.83
C LEU F 414 9.63 -15.77 35.14
N GLN F 415 9.64 -15.05 36.26
CA GLN F 415 9.50 -15.73 37.54
C GLN F 415 8.12 -16.38 37.66
N LEU F 416 7.07 -15.67 37.24
CA LEU F 416 5.74 -16.25 37.31
C LEU F 416 5.61 -17.48 36.43
N ALA F 417 6.11 -17.40 35.19
CA ALA F 417 6.04 -18.54 34.28
C ALA F 417 6.89 -19.70 34.79
N LYS F 418 8.06 -19.39 35.36
CA LYS F 418 8.95 -20.43 35.84
C LYS F 418 8.40 -21.12 37.09
N LYS F 419 7.68 -20.37 37.93
CA LYS F 419 7.09 -20.98 39.11
C LYS F 419 5.88 -21.83 38.75
N ALA F 420 5.03 -21.34 37.83
CA ALA F 420 3.82 -22.07 37.52
C ALA F 420 3.97 -23.13 36.44
N PHE F 421 5.08 -23.11 35.70
CA PHE F 421 5.29 -24.01 34.58
C PHE F 421 6.51 -24.89 34.71
N GLY F 422 7.50 -24.49 35.49
CA GLY F 422 8.75 -25.20 35.53
C GLY F 422 9.75 -24.64 34.55
N GLU F 423 10.96 -25.18 34.61
CA GLU F 423 12.02 -24.69 33.74
C GLU F 423 11.87 -25.18 32.31
N PHE F 424 11.40 -26.41 32.13
CA PHE F 424 11.34 -27.03 30.81
C PHE F 424 9.95 -26.85 30.19
N ASN F 425 9.70 -25.62 29.73
CA ASN F 425 8.49 -25.32 28.96
C ASN F 425 8.80 -24.24 27.94
N VAL F 426 7.92 -24.13 26.95
CA VAL F 426 8.11 -23.19 25.86
C VAL F 426 7.94 -21.75 26.32
N GLN F 427 7.01 -21.51 27.26
CA GLN F 427 6.78 -20.14 27.73
C GLN F 427 7.98 -19.61 28.50
N THR F 428 8.59 -20.44 29.34
CA THR F 428 9.78 -20.03 30.06
C THR F 428 10.92 -19.71 29.09
N ALA F 429 11.05 -20.52 28.03
CA ALA F 429 12.07 -20.26 27.03
C ALA F 429 11.76 -19.01 26.23
N LYS F 430 10.48 -18.72 25.98
CA LYS F 430 10.12 -17.47 25.32
C LYS F 430 10.49 -16.27 26.17
N HIS F 431 10.28 -16.38 27.49
CA HIS F 431 10.73 -15.34 28.39
C HIS F 431 12.24 -15.20 28.37
N TYR F 432 12.96 -16.33 28.29
CA TYR F 432 14.41 -16.30 28.14
C TYR F 432 14.83 -15.57 26.87
N GLY F 433 14.15 -15.86 25.77
CA GLY F 433 14.49 -15.20 24.51
C GLY F 433 14.18 -13.72 24.51
N ASN F 434 13.04 -13.33 25.07
CA ASN F 434 12.73 -11.92 25.19
C ASN F 434 13.73 -11.21 26.08
N LEU F 435 14.14 -11.85 27.17
CA LEU F 435 15.14 -11.26 28.06
C LEU F 435 16.48 -11.15 27.35
N GLY F 436 16.82 -12.12 26.50
CA GLY F 436 18.03 -12.02 25.72
C GLY F 436 17.98 -10.87 24.72
N ARG F 437 16.83 -10.67 24.08
CA ARG F 437 16.68 -9.54 23.18
C ARG F 437 16.82 -8.22 23.93
N LEU F 438 16.24 -8.15 25.12
CA LEU F 438 16.37 -6.95 25.94
C LEU F 438 17.81 -6.70 26.36
N TYR F 439 18.52 -7.77 26.74
CA TYR F 439 19.94 -7.65 27.07
C TYR F 439 20.74 -7.17 25.87
N GLN F 440 20.39 -7.65 24.68
CA GLN F 440 21.01 -7.14 23.46
C GLN F 440 20.74 -5.65 23.29
N SER F 441 19.53 -5.21 23.62
CA SER F 441 19.26 -3.78 23.65
C SER F 441 19.98 -3.09 24.80
N MET F 442 20.17 -3.79 25.92
CA MET F 442 20.83 -3.24 27.09
C MET F 442 22.35 -3.29 26.99
N ARG F 443 22.89 -3.63 25.82
CA ARG F 443 24.33 -3.70 25.55
C ARG F 443 25.04 -4.73 26.42
N LYS F 444 24.30 -5.68 27.00
CA LYS F 444 24.89 -6.76 27.78
C LYS F 444 24.96 -8.00 26.87
N PHE F 445 25.91 -7.97 25.95
CA PHE F 445 25.94 -8.97 24.89
C PHE F 445 26.32 -10.35 25.40
N LYS F 446 27.19 -10.44 26.41
CA LYS F 446 27.50 -11.74 27.00
C LYS F 446 26.25 -12.35 27.63
N GLU F 447 25.54 -11.57 28.44
CA GLU F 447 24.30 -12.06 29.03
C GLU F 447 23.26 -12.32 27.96
N ALA F 448 23.24 -11.49 26.91
CA ALA F 448 22.27 -11.70 25.83
C ALA F 448 22.49 -13.04 25.14
N GLU F 449 23.74 -13.36 24.81
CA GLU F 449 24.01 -14.63 24.17
C GLU F 449 23.78 -15.80 25.13
N GLU F 450 24.03 -15.60 26.43
CA GLU F 450 23.75 -16.66 27.39
C GLU F 450 22.27 -16.97 27.45
N MET F 451 21.43 -15.93 27.54
CA MET F 451 19.99 -16.13 27.58
C MET F 451 19.49 -16.75 26.28
N HIS F 452 19.99 -16.28 25.13
CA HIS F 452 19.54 -16.83 23.87
C HIS F 452 19.95 -18.29 23.71
N ILE F 453 21.16 -18.64 24.16
CA ILE F 453 21.62 -20.02 24.10
C ILE F 453 20.73 -20.91 24.98
N LYS F 454 20.42 -20.42 26.19
CA LYS F 454 19.54 -21.20 27.07
C LYS F 454 18.16 -21.39 26.45
N ALA F 455 17.61 -20.33 25.86
CA ALA F 455 16.28 -20.42 25.25
C ALA F 455 16.29 -21.39 24.07
N ILE F 456 17.31 -21.31 23.22
CA ILE F 456 17.40 -22.19 22.06
C ILE F 456 17.54 -23.64 22.50
N GLN F 457 18.35 -23.88 23.54
CA GLN F 457 18.51 -25.24 24.05
C GLN F 457 17.20 -25.77 24.60
N ILE F 458 16.46 -24.95 25.35
CA ILE F 458 15.20 -25.39 25.93
C ILE F 458 14.18 -25.70 24.85
N LYS F 459 14.08 -24.84 23.83
CA LYS F 459 13.10 -25.06 22.78
C LYS F 459 13.49 -26.24 21.88
N GLU F 460 14.78 -26.36 21.56
CA GLU F 460 15.24 -27.47 20.73
C GLU F 460 15.05 -28.80 21.44
N GLN F 461 15.27 -28.84 22.76
CA GLN F 461 15.04 -30.06 23.51
C GLN F 461 13.56 -30.44 23.51
N LEU F 462 12.67 -29.45 23.46
CA LEU F 462 11.23 -29.70 23.53
C LEU F 462 10.59 -29.73 22.14
N LEU F 463 10.76 -28.66 21.37
CA LEU F 463 10.10 -28.54 20.08
C LEU F 463 10.85 -29.24 18.96
N GLY F 464 11.99 -29.84 19.25
CA GLY F 464 12.79 -30.44 18.20
C GLY F 464 13.70 -29.41 17.54
N GLN F 465 14.38 -29.87 16.49
CA GLN F 465 15.37 -29.04 15.81
C GLN F 465 14.76 -28.08 14.81
N GLU F 466 13.45 -28.14 14.57
CA GLU F 466 12.80 -27.28 13.59
C GLU F 466 11.45 -26.83 14.12
N ASP F 467 11.31 -25.53 14.37
CA ASP F 467 10.03 -24.95 14.76
C ASP F 467 10.10 -23.45 14.49
N TYR F 468 8.92 -22.84 14.33
CA TYR F 468 8.86 -21.41 14.06
C TYR F 468 9.42 -20.60 15.21
N GLU F 469 9.11 -20.99 16.45
CA GLU F 469 9.67 -20.31 17.61
C GLU F 469 11.18 -20.50 17.68
N VAL F 470 11.67 -21.70 17.37
CA VAL F 470 13.11 -21.92 17.34
C VAL F 470 13.74 -21.10 16.22
N ALA F 471 13.04 -20.96 15.10
CA ALA F 471 13.54 -20.11 14.02
C ALA F 471 13.66 -18.66 14.48
N LEU F 472 12.66 -18.17 15.21
CA LEU F 472 12.72 -16.81 15.73
C LEU F 472 13.87 -16.64 16.71
N SER F 473 14.08 -17.64 17.57
CA SER F 473 15.16 -17.57 18.55
C SER F 473 16.53 -17.56 17.87
N VAL F 474 16.73 -18.43 16.88
CA VAL F 474 18.02 -18.47 16.21
C VAL F 474 18.23 -17.23 15.36
N GLY F 475 17.15 -16.66 14.81
CA GLY F 475 17.28 -15.39 14.13
C GLY F 475 17.69 -14.27 15.06
N HIS F 476 17.13 -14.24 16.27
CA HIS F 476 17.53 -13.25 17.26
C HIS F 476 19.00 -13.42 17.65
N LEU F 477 19.43 -14.66 17.85
CA LEU F 477 20.83 -14.90 18.21
C LEU F 477 21.77 -14.53 17.06
N ALA F 478 21.37 -14.81 15.82
CA ALA F 478 22.17 -14.42 14.68
C ALA F 478 22.26 -12.90 14.56
N SER F 479 21.17 -12.20 14.83
CA SER F 479 21.20 -10.74 14.82
C SER F 479 22.11 -10.21 15.92
N LEU F 480 22.14 -10.88 17.07
CA LEU F 480 23.08 -10.49 18.12
C LEU F 480 24.52 -10.70 17.68
N TYR F 481 24.81 -11.87 17.09
CA TYR F 481 26.18 -12.20 16.71
C TYR F 481 26.70 -11.27 15.62
N ASN F 482 25.95 -11.14 14.53
CA ASN F 482 26.46 -10.46 13.35
C ASN F 482 26.43 -8.94 13.47
N TYR F 483 25.76 -8.40 14.48
CA TYR F 483 25.68 -6.95 14.66
C TYR F 483 26.41 -6.45 15.90
N ASP F 484 26.48 -7.23 16.97
CA ASP F 484 27.05 -6.76 18.22
C ASP F 484 28.31 -7.51 18.61
N MET F 485 28.27 -8.84 18.69
CA MET F 485 29.43 -9.58 19.16
C MET F 485 30.43 -9.90 18.07
N ASN F 486 30.07 -9.67 16.80
CA ASN F 486 30.98 -9.82 15.65
C ASN F 486 31.56 -11.23 15.56
N GLN F 487 30.76 -12.23 15.91
CA GLN F 487 31.12 -13.63 15.70
C GLN F 487 30.40 -14.09 14.43
N TYR F 488 31.03 -13.82 13.30
CA TYR F 488 30.35 -13.96 12.01
C TYR F 488 30.19 -15.42 11.60
N GLU F 489 31.11 -16.28 12.02
CA GLU F 489 31.03 -17.69 11.64
C GLU F 489 29.81 -18.37 12.24
N ASN F 490 29.53 -18.11 13.52
CA ASN F 490 28.31 -18.64 14.13
C ASN F 490 27.07 -17.99 13.52
N ALA F 491 27.15 -16.69 13.25
CA ALA F 491 26.00 -15.98 12.71
C ALA F 491 25.60 -16.51 11.34
N GLU F 492 26.58 -16.95 10.54
CA GLU F 492 26.26 -17.47 9.21
C GLU F 492 25.40 -18.72 9.30
N LYS F 493 25.82 -19.70 10.11
CA LYS F 493 25.04 -20.92 10.23
C LYS F 493 23.72 -20.68 10.95
N LEU F 494 23.68 -19.73 11.90
CA LEU F 494 22.42 -19.42 12.55
C LEU F 494 21.42 -18.81 11.57
N TYR F 495 21.88 -17.89 10.73
CA TYR F 495 21.02 -17.30 9.71
C TYR F 495 20.57 -18.36 8.71
N LEU F 496 21.47 -19.27 8.34
CA LEU F 496 21.09 -20.34 7.43
C LEU F 496 20.01 -21.24 8.04
N ARG F 497 20.16 -21.57 9.32
CA ARG F 497 19.14 -22.35 10.01
C ARG F 497 17.81 -21.62 10.04
N SER F 498 17.85 -20.32 10.35
CA SER F 498 16.61 -19.54 10.42
C SER F 498 15.90 -19.48 9.09
N ILE F 499 16.65 -19.20 8.01
CA ILE F 499 16.02 -19.12 6.70
C ILE F 499 15.54 -20.49 6.23
N ALA F 500 16.25 -21.55 6.62
CA ALA F 500 15.80 -22.89 6.26
C ALA F 500 14.47 -23.23 6.91
N ILE F 501 14.35 -22.92 8.21
CA ILE F 501 13.08 -23.18 8.89
C ILE F 501 11.97 -22.29 8.34
N GLY F 502 12.31 -21.03 8.03
CA GLY F 502 11.31 -20.12 7.48
C GLY F 502 10.78 -20.57 6.13
N LYS F 503 11.67 -21.00 5.25
CA LYS F 503 11.22 -21.50 3.95
C LYS F 503 10.56 -22.87 4.06
N LYS F 504 10.89 -23.65 5.10
CA LYS F 504 10.19 -24.90 5.32
C LYS F 504 8.75 -24.67 5.76
N LEU F 505 8.53 -23.68 6.62
CA LEU F 505 7.21 -23.48 7.20
C LEU F 505 6.34 -22.53 6.37
N PHE F 506 6.79 -21.29 6.18
CA PHE F 506 6.01 -20.28 5.48
C PHE F 506 6.50 -20.04 4.07
N GLY F 507 7.46 -20.83 3.58
CA GLY F 507 8.00 -20.57 2.27
C GLY F 507 8.84 -19.30 2.26
N GLU F 508 8.87 -18.65 1.09
CA GLU F 508 9.65 -17.44 0.90
C GLU F 508 8.89 -16.17 1.24
N GLY F 509 7.65 -16.29 1.72
CA GLY F 509 6.85 -15.14 2.13
C GLY F 509 6.98 -14.77 3.58
N TYR F 510 7.91 -15.36 4.31
CA TYR F 510 8.06 -15.07 5.74
C TYR F 510 8.55 -13.63 5.93
N SER F 511 7.94 -12.93 6.89
CA SER F 511 8.29 -11.54 7.14
C SER F 511 9.66 -11.41 7.79
N GLY F 512 10.05 -12.37 8.63
CA GLY F 512 11.38 -12.35 9.22
C GLY F 512 12.49 -12.57 8.23
N LEU F 513 12.16 -12.99 7.01
CA LEU F 513 13.17 -13.11 5.97
C LEU F 513 13.77 -11.76 5.64
N GLU F 514 13.00 -10.68 5.76
CA GLU F 514 13.58 -9.35 5.57
C GLU F 514 14.70 -9.10 6.57
N TYR F 515 14.43 -9.34 7.85
CA TYR F 515 15.42 -9.07 8.89
C TYR F 515 16.62 -9.99 8.74
N ASP F 516 16.40 -11.27 8.48
CA ASP F 516 17.55 -12.18 8.41
C ASP F 516 18.34 -12.00 7.12
N TYR F 517 17.70 -11.57 6.03
CA TYR F 517 18.43 -11.28 4.81
C TYR F 517 19.25 -10.00 4.95
N ARG F 518 18.71 -8.98 5.62
CA ARG F 518 19.50 -7.79 5.90
C ARG F 518 20.67 -8.13 6.82
N GLY F 519 20.43 -9.00 7.80
CA GLY F 519 21.51 -9.46 8.65
C GLY F 519 22.60 -10.19 7.90
N LEU F 520 22.21 -11.05 6.96
CA LEU F 520 23.20 -11.74 6.13
C LEU F 520 23.94 -10.77 5.21
N ILE F 521 23.24 -9.74 4.73
CA ILE F 521 23.88 -8.73 3.91
C ILE F 521 24.99 -8.03 4.68
N LYS F 522 24.66 -7.56 5.89
CA LYS F 522 25.69 -6.90 6.70
C LYS F 522 26.75 -7.89 7.17
N LEU F 523 26.39 -9.16 7.34
CA LEU F 523 27.36 -10.20 7.68
C LEU F 523 28.42 -10.32 6.60
N TYR F 524 27.98 -10.51 5.36
CA TYR F 524 28.93 -10.71 4.26
C TYR F 524 29.67 -9.42 3.94
N ASN F 525 29.04 -8.26 4.15
CA ASN F 525 29.75 -7.00 4.01
C ASN F 525 30.85 -6.86 5.06
N SER F 526 30.58 -7.27 6.30
CA SER F 526 31.58 -7.19 7.35
C SER F 526 32.73 -8.16 7.09
N ILE F 527 32.43 -9.37 6.61
CA ILE F 527 33.51 -10.31 6.31
C ILE F 527 34.14 -10.04 4.95
N GLY F 528 33.57 -9.15 4.14
CA GLY F 528 34.18 -8.71 2.91
C GLY F 528 33.83 -9.50 1.67
N ASN F 529 33.13 -10.62 1.81
CA ASN F 529 32.79 -11.47 0.66
C ASN F 529 31.63 -10.80 -0.09
N TYR F 530 31.98 -9.97 -1.07
CA TYR F 530 30.98 -9.19 -1.80
C TYR F 530 30.20 -10.00 -2.82
N GLU F 531 30.71 -11.17 -3.21
CA GLU F 531 29.97 -12.04 -4.12
C GLU F 531 28.64 -12.45 -3.50
N LYS F 532 28.68 -12.98 -2.28
CA LYS F 532 27.45 -13.30 -1.58
C LYS F 532 26.69 -12.06 -1.14
N VAL F 533 27.37 -10.91 -0.98
CA VAL F 533 26.66 -9.66 -0.74
C VAL F 533 25.70 -9.38 -1.88
N PHE F 534 26.20 -9.45 -3.12
CA PHE F 534 25.32 -9.22 -4.26
C PHE F 534 24.32 -10.35 -4.44
N GLU F 535 24.71 -11.59 -4.08
CA GLU F 535 23.79 -12.72 -4.18
C GLU F 535 22.58 -12.52 -3.27
N TYR F 536 22.81 -12.25 -2.00
CA TYR F 536 21.68 -12.00 -1.10
C TYR F 536 21.04 -10.64 -1.35
N HIS F 537 21.73 -9.71 -2.00
CA HIS F 537 21.07 -8.47 -2.40
C HIS F 537 20.01 -8.74 -3.46
N ASN F 538 20.33 -9.55 -4.46
CA ASN F 538 19.33 -9.92 -5.45
C ASN F 538 18.26 -10.83 -4.84
N VAL F 539 18.64 -11.68 -3.88
CA VAL F 539 17.64 -12.51 -3.19
C VAL F 539 16.65 -11.63 -2.43
N LEU F 540 17.15 -10.60 -1.73
CA LEU F 540 16.26 -9.69 -1.02
C LEU F 540 15.43 -8.85 -1.97
N SER F 541 15.99 -8.48 -3.14
CA SER F 541 15.19 -7.80 -4.14
C SER F 541 14.05 -8.69 -4.63
N ASN F 542 14.33 -9.97 -4.86
CA ASN F 542 13.28 -10.91 -5.23
C ASN F 542 12.25 -11.06 -4.12
N TRP F 543 12.71 -11.08 -2.86
CA TRP F 543 11.80 -11.19 -1.74
C TRP F 543 10.88 -9.98 -1.65
N ASN F 544 11.44 -8.78 -1.81
CA ASN F 544 10.62 -7.58 -1.80
C ASN F 544 9.65 -7.56 -2.97
N ARG F 545 10.09 -8.03 -4.14
CA ARG F 545 9.22 -8.08 -5.30
C ARG F 545 8.05 -9.02 -5.07
N LEU F 546 8.32 -10.21 -4.52
CA LEU F 546 7.23 -11.17 -4.28
C LEU F 546 6.32 -10.73 -3.15
N ARG F 547 6.86 -10.03 -2.15
CA ARG F 547 6.01 -9.49 -1.09
C ARG F 547 5.11 -8.40 -1.61
N ASP F 548 5.65 -7.48 -2.42
CA ASP F 548 4.84 -6.39 -2.96
C ASP F 548 3.82 -6.89 -3.97
N ARG F 549 4.17 -7.92 -4.74
CA ARG F 549 3.22 -8.49 -5.70
C ARG F 549 2.05 -9.14 -4.98
N GLN F 550 2.30 -9.82 -3.87
CA GLN F 550 1.25 -10.46 -3.07
C GLN F 550 1.19 -9.76 -1.72
N TYR F 551 0.47 -8.64 -1.69
CA TYR F 551 0.21 -7.93 -0.43
C TYR F 551 -1.05 -7.10 -0.67
N SER F 552 -2.19 -7.60 -0.20
CA SER F 552 -3.47 -6.95 -0.42
C SER F 552 -4.33 -7.11 0.81
N VAL F 553 -5.22 -6.13 1.01
CA VAL F 553 -6.17 -6.22 2.12
C VAL F 553 -7.20 -7.28 1.80
N THR F 554 -7.43 -8.18 2.75
CA THR F 554 -8.34 -9.30 2.55
C THR F 554 -9.62 -9.16 3.37
N ASP F 555 -9.54 -8.56 4.56
CA ASP F 555 -10.68 -8.39 5.46
C ASP F 555 -11.30 -9.75 5.81
N ALA F 556 -10.51 -10.53 6.54
CA ALA F 556 -10.81 -11.92 6.84
C ALA F 556 -12.13 -12.11 7.60
N LEU F 557 -12.76 -11.02 8.04
CA LEU F 557 -14.05 -11.13 8.73
C LEU F 557 -15.11 -11.74 7.82
N GLU F 558 -15.13 -11.34 6.54
CA GLU F 558 -16.04 -11.91 5.56
C GLU F 558 -15.40 -13.01 4.74
N ASP F 559 -14.16 -13.39 5.06
CA ASP F 559 -13.54 -14.52 4.37
C ASP F 559 -14.27 -15.83 4.67
N VAL F 560 -14.89 -15.92 5.84
CA VAL F 560 -15.75 -17.07 6.13
C VAL F 560 -16.98 -17.05 5.23
N SER F 561 -17.43 -15.87 4.83
CA SER F 561 -18.60 -15.65 3.97
C SER F 561 -19.83 -16.25 4.65
N THR F 562 -20.80 -16.70 3.86
CA THR F 562 -22.00 -17.35 4.38
C THR F 562 -22.00 -18.80 3.92
N SER F 563 -22.09 -19.73 4.87
CA SER F 563 -22.09 -21.17 4.64
C SER F 563 -20.88 -21.61 3.80
N PRO F 564 -19.66 -21.49 4.32
CA PRO F 564 -18.51 -22.00 3.55
C PRO F 564 -18.44 -23.51 3.53
N GLN F 565 -18.71 -24.16 4.67
CA GLN F 565 -18.69 -25.61 4.78
C GLN F 565 -19.92 -26.03 5.56
N SER F 566 -19.95 -27.31 5.94
CA SER F 566 -21.08 -27.87 6.67
C SER F 566 -20.56 -28.56 7.93
N THR F 567 -21.45 -28.72 8.89
CA THR F 567 -21.12 -29.44 10.11
C THR F 567 -20.87 -30.92 9.82
N GLU F 568 -20.05 -31.54 10.66
CA GLU F 568 -19.62 -32.93 10.52
C GLU F 568 -18.92 -33.20 9.19
N GLU F 569 -18.35 -32.16 8.59
CA GLU F 569 -17.58 -32.29 7.37
C GLU F 569 -16.15 -31.79 7.51
N VAL F 570 -15.95 -30.65 8.17
CA VAL F 570 -14.60 -30.16 8.43
C VAL F 570 -13.89 -31.08 9.42
N VAL F 571 -14.63 -31.59 10.41
CA VAL F 571 -14.03 -32.51 11.37
C VAL F 571 -13.65 -33.82 10.69
N GLN F 572 -14.46 -34.30 9.75
CA GLN F 572 -14.13 -35.53 9.05
C GLN F 572 -12.88 -35.36 8.18
N SER F 573 -12.78 -34.22 7.49
CA SER F 573 -11.58 -33.94 6.70
C SER F 573 -10.35 -33.83 7.59
N PHE F 574 -10.50 -33.17 8.74
CA PHE F 574 -9.38 -33.04 9.68
C PHE F 574 -8.95 -34.41 10.20
N LEU F 575 -9.90 -35.28 10.51
CA LEU F 575 -9.57 -36.60 11.03
C LEU F 575 -8.91 -37.48 9.99
N ILE F 576 -9.46 -37.51 8.76
CA ILE F 576 -8.91 -38.37 7.73
C ILE F 576 -7.67 -37.78 7.07
N SER F 577 -7.34 -36.51 7.35
CA SER F 577 -6.14 -35.91 6.80
C SER F 577 -4.90 -36.20 7.64
N GLN F 578 -5.03 -36.92 8.73
CA GLN F 578 -3.88 -37.28 9.56
C GLN F 578 -3.01 -38.33 8.86
N GLN G 10 15.10 -2.86 11.85
CA GLN G 10 15.10 -2.73 13.30
C GLN G 10 16.10 -3.69 13.93
N LYS G 11 17.05 -4.16 13.11
CA LYS G 11 18.25 -4.88 13.53
C LYS G 11 17.96 -6.31 13.98
N ARG G 12 16.69 -6.66 14.15
CA ARG G 12 16.32 -7.98 14.62
C ARG G 12 14.85 -8.23 14.30
N ALA G 13 14.44 -9.49 14.41
CA ALA G 13 13.09 -9.88 14.10
C ALA G 13 12.15 -9.48 15.24
N SER G 14 10.86 -9.77 15.06
CA SER G 14 9.86 -9.40 16.04
C SER G 14 10.03 -10.20 17.32
N GLY G 15 9.60 -9.62 18.43
CA GLY G 15 9.72 -10.29 19.71
C GLY G 15 8.83 -11.51 19.79
N GLN G 16 9.21 -12.41 20.70
CA GLN G 16 8.49 -13.65 20.88
C GLN G 16 7.19 -13.42 21.63
N ASP H 2 -58.48 19.66 19.28
CA ASP H 2 -59.36 18.52 19.46
C ASP H 2 -59.54 18.20 20.93
N VAL H 3 -60.74 17.77 21.31
CA VAL H 3 -61.09 17.50 22.70
C VAL H 3 -61.40 16.02 22.83
N PHE H 4 -60.68 15.34 23.72
CA PHE H 4 -60.87 13.91 23.94
C PHE H 4 -61.72 13.70 25.18
N LEU H 5 -62.76 12.88 25.06
CA LEU H 5 -63.78 12.76 26.08
C LEU H 5 -63.99 11.31 26.48
N MET H 6 -64.52 11.14 27.68
CA MET H 6 -64.68 9.87 28.36
C MET H 6 -66.13 9.68 28.80
N ILE H 7 -67.05 9.84 27.84
CA ILE H 7 -68.49 9.75 28.14
C ILE H 7 -68.77 8.41 28.79
N ARG H 8 -69.17 8.43 30.05
CA ARG H 8 -69.33 7.21 30.81
C ARG H 8 -70.64 7.22 31.59
N ARG H 9 -71.31 6.06 31.59
CA ARG H 9 -72.56 5.89 32.33
C ARG H 9 -72.52 4.52 33.00
N HIS H 10 -72.72 4.52 34.32
CA HIS H 10 -72.71 3.30 35.12
C HIS H 10 -71.42 2.52 34.91
N LYS H 11 -71.46 1.51 34.04
CA LYS H 11 -70.30 0.70 33.70
C LYS H 11 -69.60 1.17 32.43
N THR H 12 -70.38 1.54 31.41
CA THR H 12 -69.81 1.93 30.12
C THR H 12 -68.95 3.18 30.28
N THR H 13 -67.84 3.22 29.55
CA THR H 13 -66.86 4.30 29.64
C THR H 13 -66.37 4.70 28.24
N ILE H 14 -67.33 5.00 27.35
CA ILE H 14 -67.03 5.32 25.96
C ILE H 14 -65.92 6.37 25.86
N PHE H 15 -64.97 6.12 24.97
CA PHE H 15 -63.88 7.05 24.68
C PHE H 15 -64.10 7.63 23.29
N THR H 16 -64.19 8.96 23.19
CA THR H 16 -64.40 9.62 21.90
C THR H 16 -63.47 10.81 21.77
N ASP H 17 -63.50 11.43 20.60
CA ASP H 17 -62.74 12.64 20.33
C ASP H 17 -63.54 13.54 19.40
N ALA H 18 -63.91 14.72 19.88
CA ALA H 18 -64.66 15.69 19.10
C ALA H 18 -63.97 17.04 19.18
N LYS H 19 -64.05 17.79 18.09
CA LYS H 19 -63.34 19.06 17.99
C LYS H 19 -63.92 20.08 18.96
N GLU H 20 -63.16 21.17 19.16
CA GLU H 20 -63.61 22.23 20.06
C GLU H 20 -64.87 22.90 19.53
N SER H 21 -64.97 23.07 18.20
CA SER H 21 -66.13 23.69 17.58
C SER H 21 -67.35 22.77 17.60
N SER H 22 -67.18 21.50 17.92
CA SER H 22 -68.31 20.59 17.97
C SER H 22 -69.25 20.94 19.12
N THR H 23 -70.48 20.45 19.02
CA THR H 23 -71.51 20.73 20.00
C THR H 23 -71.90 19.45 20.73
N VAL H 24 -72.76 19.62 21.74
CA VAL H 24 -73.30 18.47 22.47
C VAL H 24 -74.15 17.60 21.56
N PHE H 25 -74.72 18.18 20.50
CA PHE H 25 -75.51 17.39 19.56
C PHE H 25 -74.64 16.36 18.85
N GLU H 26 -73.41 16.72 18.49
CA GLU H 26 -72.51 15.75 17.86
C GLU H 26 -72.20 14.60 18.81
N LEU H 27 -71.96 14.91 20.09
CA LEU H 27 -71.68 13.88 21.08
C LEU H 27 -72.88 12.95 21.26
N LYS H 28 -74.08 13.53 21.34
CA LYS H 28 -75.28 12.70 21.47
C LYS H 28 -75.50 11.84 20.23
N ARG H 29 -75.18 12.37 19.05
CA ARG H 29 -75.25 11.58 17.83
C ARG H 29 -74.25 10.43 17.85
N ILE H 30 -73.04 10.69 18.36
CA ILE H 30 -72.04 9.63 18.47
C ILE H 30 -72.52 8.52 19.40
N VAL H 31 -73.09 8.89 20.54
CA VAL H 31 -73.63 7.87 21.45
C VAL H 31 -74.82 7.17 20.82
N GLU H 32 -75.63 7.89 20.04
CA GLU H 32 -76.76 7.28 19.35
C GLU H 32 -76.31 6.23 18.34
N GLY H 33 -75.22 6.51 17.62
CA GLY H 33 -74.71 5.59 16.64
C GLY H 33 -74.05 4.35 17.21
N ILE H 34 -73.92 4.25 18.53
CA ILE H 34 -73.24 3.13 19.16
C ILE H 34 -74.22 2.34 20.03
N LEU H 35 -74.88 3.02 20.96
CA LEU H 35 -75.81 2.38 21.88
C LEU H 35 -77.23 2.33 21.35
N LYS H 36 -77.48 2.87 20.15
CA LYS H 36 -78.80 2.87 19.51
C LYS H 36 -79.86 3.52 20.41
N ARG H 37 -79.48 4.60 21.08
CA ARG H 37 -80.40 5.36 21.90
C ARG H 37 -80.57 6.75 21.31
N PRO H 38 -81.81 7.22 21.10
CA PRO H 38 -82.00 8.52 20.47
C PRO H 38 -81.43 9.63 21.34
N PRO H 39 -80.93 10.70 20.71
CA PRO H 39 -80.35 11.80 21.50
C PRO H 39 -81.35 12.46 22.44
N ASP H 40 -82.62 12.54 22.05
CA ASP H 40 -83.62 13.07 22.96
C ASP H 40 -83.90 12.10 24.11
N GLU H 41 -83.69 10.80 23.88
CA GLU H 41 -83.88 9.82 24.94
C GLU H 41 -82.81 9.95 26.02
N GLN H 42 -81.60 10.34 25.64
CA GLN H 42 -80.48 10.47 26.56
C GLN H 42 -80.26 11.93 26.93
N ARG H 43 -79.34 12.14 27.86
CA ARG H 43 -79.02 13.46 28.37
C ARG H 43 -77.69 13.41 29.10
N LEU H 44 -76.78 14.32 28.77
CA LEU H 44 -75.43 14.32 29.32
C LEU H 44 -75.41 15.12 30.61
N TYR H 45 -75.18 14.43 31.73
CA TYR H 45 -75.01 15.08 33.03
C TYR H 45 -73.53 15.32 33.29
N LYS H 46 -72.97 16.26 32.54
CA LYS H 46 -71.54 16.50 32.58
C LYS H 46 -71.15 17.15 33.90
N ASP H 47 -70.29 16.48 34.65
CA ASP H 47 -69.76 16.97 35.93
C ASP H 47 -70.88 17.33 36.90
N ASP H 48 -71.94 16.52 36.90
CA ASP H 48 -73.03 16.62 37.86
C ASP H 48 -73.73 17.98 37.83
N GLN H 49 -73.78 18.61 36.66
CA GLN H 49 -74.46 19.89 36.50
C GLN H 49 -75.23 19.87 35.20
N LEU H 50 -75.75 21.04 34.82
CA LEU H 50 -76.59 21.14 33.63
C LEU H 50 -75.75 21.06 32.36
N LEU H 51 -76.38 20.56 31.29
CA LEU H 51 -75.79 20.58 29.96
C LEU H 51 -76.92 20.50 28.96
N ASP H 52 -77.19 21.61 28.28
CA ASP H 52 -78.30 21.67 27.33
C ASP H 52 -77.95 20.90 26.06
N ASP H 53 -79.00 20.56 25.29
CA ASP H 53 -78.81 19.86 24.04
C ASP H 53 -78.07 20.69 23.00
N GLY H 54 -78.09 22.02 23.13
CA GLY H 54 -77.38 22.88 22.21
C GLY H 54 -75.97 23.18 22.68
N LYS H 55 -75.64 24.47 22.74
CA LYS H 55 -74.33 24.95 23.19
C LYS H 55 -73.19 24.37 22.36
N THR H 56 -71.97 24.42 22.90
CA THR H 56 -70.81 23.82 22.27
C THR H 56 -69.78 23.56 23.34
N LEU H 57 -68.72 22.84 22.96
CA LEU H 57 -67.71 22.40 23.92
C LEU H 57 -66.96 23.57 24.56
N GLY H 58 -66.97 24.74 23.93
CA GLY H 58 -66.24 25.88 24.48
C GLY H 58 -66.79 26.34 25.82
N GLU H 59 -68.11 26.41 25.95
CA GLU H 59 -68.75 26.87 27.17
C GLU H 59 -69.30 25.73 28.02
N CYS H 60 -69.00 24.48 27.67
CA CYS H 60 -69.36 23.37 28.54
C CYS H 60 -68.62 23.45 29.86
N GLY H 61 -67.35 23.83 29.83
CA GLY H 61 -66.55 23.93 31.03
C GLY H 61 -65.15 23.37 30.84
N PHE H 62 -64.92 22.73 29.71
CA PHE H 62 -63.63 22.12 29.40
C PHE H 62 -63.19 22.52 28.00
N THR H 63 -61.88 22.60 27.83
CA THR H 63 -61.25 22.90 26.55
C THR H 63 -60.37 21.73 26.14
N SER H 64 -59.59 21.92 25.08
CA SER H 64 -58.71 20.86 24.60
C SER H 64 -57.57 20.60 25.57
N GLN H 65 -57.05 21.66 26.20
CA GLN H 65 -55.87 21.51 27.06
C GLN H 65 -56.21 20.87 28.40
N THR H 66 -57.43 21.04 28.88
CA THR H 66 -57.84 20.40 30.13
C THR H 66 -58.55 19.07 29.92
N ALA H 67 -58.69 18.63 28.67
CA ALA H 67 -59.25 17.33 28.33
C ALA H 67 -58.29 16.58 27.41
N ARG H 68 -57.02 16.54 27.81
CA ARG H 68 -55.98 15.89 27.03
C ARG H 68 -56.21 14.39 26.97
N PRO H 69 -55.65 13.71 25.95
CA PRO H 69 -55.76 12.25 25.90
C PRO H 69 -55.15 11.55 27.10
N GLN H 70 -54.17 12.18 27.76
CA GLN H 70 -53.56 11.57 28.94
C GLN H 70 -54.57 11.41 30.05
N ALA H 71 -55.29 12.48 30.38
CA ALA H 71 -56.33 12.47 31.41
C ALA H 71 -57.58 13.11 30.84
N PRO H 72 -58.35 12.37 30.02
CA PRO H 72 -59.57 12.94 29.44
C PRO H 72 -60.60 13.28 30.52
N ALA H 73 -61.36 14.34 30.25
CA ALA H 73 -62.37 14.80 31.18
C ALA H 73 -63.61 13.94 31.10
N THR H 74 -64.10 13.49 32.25
CA THR H 74 -65.28 12.63 32.28
C THR H 74 -66.53 13.43 31.92
N VAL H 75 -67.49 12.73 31.30
CA VAL H 75 -68.77 13.31 30.94
C VAL H 75 -69.86 12.29 31.31
N GLY H 76 -70.83 12.72 32.10
CA GLY H 76 -71.89 11.83 32.51
C GLY H 76 -72.85 11.53 31.36
N LEU H 77 -73.72 10.55 31.61
CA LEU H 77 -74.74 10.18 30.64
C LEU H 77 -75.88 9.51 31.38
N ALA H 78 -77.11 9.78 30.92
CA ALA H 78 -78.29 9.16 31.51
C ALA H 78 -79.42 9.18 30.48
N PHE H 79 -80.18 8.10 30.45
CA PHE H 79 -81.30 7.98 29.52
C PHE H 79 -82.57 8.49 30.19
N ARG H 80 -83.72 8.22 29.57
CA ARG H 80 -85.02 8.57 30.13
C ARG H 80 -85.78 7.30 30.46
N ALA H 81 -86.28 7.21 31.69
CA ALA H 81 -86.98 6.03 32.18
C ALA H 81 -88.44 6.41 32.45
N ASP H 82 -89.32 6.01 31.55
CA ASP H 82 -90.76 6.23 31.66
C ASP H 82 -91.09 7.72 31.84
N ASP H 83 -90.73 8.50 30.81
CA ASP H 83 -90.93 9.94 30.74
C ASP H 83 -90.16 10.71 31.82
N THR H 84 -89.28 10.05 32.55
CA THR H 84 -88.46 10.68 33.57
C THR H 84 -86.99 10.35 33.32
N PHE H 85 -86.15 11.37 33.32
CA PHE H 85 -84.72 11.19 33.12
C PHE H 85 -84.09 10.80 34.46
N GLU H 86 -83.56 9.58 34.53
CA GLU H 86 -82.93 9.10 35.75
C GLU H 86 -81.64 9.86 36.03
N ALA H 87 -81.33 10.01 37.32
CA ALA H 87 -80.08 10.64 37.72
C ALA H 87 -78.90 9.74 37.38
N LEU H 88 -77.79 10.36 37.03
CA LEU H 88 -76.59 9.60 36.69
C LEU H 88 -76.07 8.86 37.90
N CYS H 89 -75.58 7.64 37.68
CA CYS H 89 -75.12 6.75 38.74
C CYS H 89 -73.77 6.15 38.37
N ILE H 90 -72.85 7.00 37.92
CA ILE H 90 -71.50 6.53 37.62
C ILE H 90 -70.76 6.24 38.92
N GLU H 91 -70.11 5.09 38.97
CA GLU H 91 -69.36 4.65 40.13
C GLU H 91 -67.87 4.72 39.86
N PRO H 92 -67.04 4.81 40.90
CA PRO H 92 -65.59 4.76 40.70
C PRO H 92 -65.18 3.42 40.12
N PHE H 93 -64.05 3.42 39.41
CA PHE H 93 -63.61 2.23 38.69
C PHE H 93 -63.41 1.05 39.63
N SER H 94 -62.44 1.16 40.53
CA SER H 94 -62.16 0.07 41.47
C SER H 94 -61.50 0.66 42.70
N SER H 95 -61.28 -0.19 43.69
CA SER H 95 -60.59 0.21 44.91
C SER H 95 -59.15 -0.27 44.81
N PRO H 96 -58.20 0.59 44.43
CA PRO H 96 -56.82 0.13 44.28
C PRO H 96 -56.22 -0.22 45.63
N PRO H 97 -55.27 -1.16 45.66
CA PRO H 97 -54.69 -1.57 46.95
C PRO H 97 -53.79 -0.51 47.57
N GLU H 98 -53.17 -0.85 48.69
CA GLU H 98 -52.26 0.08 49.35
C GLU H 98 -50.98 0.25 48.53
N LEU H 99 -50.46 1.47 48.50
CA LEU H 99 -49.25 1.75 47.74
C LEU H 99 -48.04 1.00 48.26
N PRO H 100 -47.74 0.94 49.58
CA PRO H 100 -46.59 0.13 49.95
C PRO H 100 -46.87 -1.37 49.86
N MET I 1 -65.90 -1.61 14.23
CA MET I 1 -65.49 -0.41 14.93
C MET I 1 -66.12 -0.36 16.32
N TYR I 2 -65.50 0.41 17.22
CA TYR I 2 -65.95 0.57 18.60
C TYR I 2 -65.98 -0.78 19.33
N VAL I 3 -64.79 -1.37 19.48
CA VAL I 3 -64.64 -2.59 20.26
C VAL I 3 -64.89 -2.31 21.73
N LYS I 4 -65.53 -3.27 22.40
CA LYS I 4 -65.94 -3.09 23.79
C LYS I 4 -65.06 -3.92 24.70
N LEU I 5 -64.27 -3.25 25.53
CA LEU I 5 -63.35 -3.90 26.46
C LEU I 5 -64.00 -3.98 27.83
N ILE I 6 -63.99 -5.17 28.43
CA ILE I 6 -64.60 -5.40 29.73
C ILE I 6 -63.51 -5.79 30.71
N SER I 7 -63.51 -5.16 31.88
CA SER I 7 -62.49 -5.42 32.89
C SER I 7 -62.91 -6.61 33.75
N SER I 8 -62.19 -6.83 34.85
CA SER I 8 -62.50 -7.95 35.73
C SER I 8 -63.81 -7.72 36.47
N ASP I 9 -64.05 -6.49 36.93
CA ASP I 9 -65.20 -6.18 37.76
C ASP I 9 -66.45 -5.84 36.96
N GLY I 10 -66.39 -5.93 35.63
CA GLY I 10 -67.55 -5.70 34.79
C GLY I 10 -67.61 -4.34 34.12
N HIS I 11 -66.62 -3.47 34.35
CA HIS I 11 -66.63 -2.16 33.73
C HIS I 11 -66.34 -2.28 32.24
N GLU I 12 -67.18 -1.65 31.42
CA GLU I 12 -67.03 -1.65 29.98
C GLU I 12 -66.30 -0.39 29.53
N PHE I 13 -65.46 -0.51 28.50
CA PHE I 13 -64.55 0.54 28.08
C PHE I 13 -64.56 0.70 26.57
N ILE I 14 -65.75 0.86 26.00
CA ILE I 14 -65.94 0.95 24.54
C ILE I 14 -65.01 1.99 23.93
N VAL I 15 -64.11 1.55 23.06
CA VAL I 15 -63.14 2.42 22.41
C VAL I 15 -63.05 2.00 20.94
N LYS I 16 -62.54 2.91 20.12
CA LYS I 16 -62.43 2.66 18.68
C LYS I 16 -61.55 1.46 18.41
N ARG I 17 -61.93 0.67 17.40
CA ARG I 17 -61.20 -0.55 17.09
C ARG I 17 -59.77 -0.25 16.64
N GLU I 18 -59.60 0.76 15.80
CA GLU I 18 -58.25 1.14 15.36
C GLU I 18 -57.40 1.57 16.54
N HIS I 19 -58.02 2.21 17.54
CA HIS I 19 -57.31 2.56 18.76
C HIS I 19 -56.82 1.31 19.49
N ALA I 20 -57.68 0.29 19.60
CA ALA I 20 -57.38 -0.87 20.43
C ALA I 20 -56.51 -1.89 19.74
N LEU I 21 -56.38 -1.87 18.41
CA LEU I 21 -55.43 -2.74 17.73
C LEU I 21 -54.03 -2.13 17.63
N THR I 22 -53.68 -1.22 18.53
CA THR I 22 -52.28 -0.89 18.77
C THR I 22 -51.65 -1.80 19.81
N SER I 23 -52.44 -2.69 20.40
CA SER I 23 -51.96 -3.65 21.39
C SER I 23 -52.06 -5.05 20.81
N GLY I 24 -50.95 -5.78 20.84
CA GLY I 24 -50.91 -7.07 20.17
C GLY I 24 -51.86 -8.08 20.75
N THR I 25 -52.04 -8.07 22.07
CA THR I 25 -52.89 -9.08 22.70
C THR I 25 -54.36 -8.85 22.40
N ILE I 26 -54.83 -7.60 22.40
CA ILE I 26 -56.22 -7.37 22.02
C ILE I 26 -56.42 -7.67 20.54
N LYS I 27 -55.41 -7.39 19.71
CA LYS I 27 -55.48 -7.77 18.31
C LYS I 27 -55.62 -9.27 18.15
N ALA I 28 -54.89 -10.03 18.96
CA ALA I 28 -55.01 -11.49 18.90
C ALA I 28 -56.34 -11.97 19.47
N MET I 29 -56.85 -11.29 20.50
CA MET I 29 -58.11 -11.69 21.10
C MET I 29 -59.29 -11.36 20.21
N LEU I 30 -59.12 -10.41 19.28
CA LEU I 30 -60.16 -10.15 18.30
C LEU I 30 -60.02 -11.07 17.09
N SER I 31 -58.80 -11.20 16.57
CA SER I 31 -58.56 -12.08 15.43
C SER I 31 -58.78 -13.53 15.81
N GLY I 32 -59.54 -14.24 14.99
CA GLY I 32 -59.83 -15.64 15.22
C GLY I 32 -61.29 -15.86 15.55
N PRO I 33 -61.58 -16.85 16.37
CA PRO I 33 -62.98 -17.11 16.77
C PRO I 33 -63.54 -16.06 17.71
N GLY I 34 -62.82 -14.97 17.94
CA GLY I 34 -63.31 -13.85 18.69
C GLY I 34 -63.94 -12.74 17.86
N GLN I 35 -64.09 -12.93 16.56
CA GLN I 35 -64.65 -11.89 15.69
C GLN I 35 -65.75 -12.38 14.73
N PHE I 36 -65.84 -13.68 14.44
CA PHE I 36 -66.85 -14.11 13.48
C PHE I 36 -68.26 -13.93 14.03
N ALA I 37 -68.43 -14.13 15.34
CA ALA I 37 -69.69 -13.82 16.01
C ALA I 37 -69.56 -12.46 16.67
N GLU I 38 -70.39 -11.52 16.25
CA GLU I 38 -70.27 -10.13 16.70
C GLU I 38 -71.61 -9.42 16.53
N ASN I 39 -71.74 -8.29 17.21
CA ASN I 39 -72.90 -7.40 17.12
C ASN I 39 -72.42 -6.00 16.75
N GLU I 40 -71.51 -5.94 15.78
CA GLU I 40 -70.89 -4.72 15.25
C GLU I 40 -69.91 -4.12 16.25
N THR I 41 -69.88 -4.65 17.47
CA THR I 41 -68.90 -4.26 18.49
C THR I 41 -68.36 -5.51 19.14
N ASN I 42 -67.06 -5.75 18.99
CA ASN I 42 -66.43 -6.91 19.60
C ASN I 42 -66.40 -6.76 21.12
N GLU I 43 -66.40 -7.91 21.81
CA GLU I 43 -66.70 -7.89 23.24
C GLU I 43 -65.56 -8.58 23.99
N VAL I 44 -64.33 -8.14 23.73
CA VAL I 44 -63.17 -8.73 24.42
C VAL I 44 -63.34 -8.52 25.92
N ASN I 45 -63.19 -9.59 26.68
CA ASN I 45 -63.45 -9.60 28.11
C ASN I 45 -62.20 -10.06 28.84
N PHE I 46 -61.64 -9.18 29.66
CA PHE I 46 -60.44 -9.46 30.42
C PHE I 46 -60.82 -10.02 31.77
N ARG I 47 -60.42 -11.26 32.05
CA ARG I 47 -60.76 -11.89 33.32
C ARG I 47 -59.91 -11.37 34.47
N GLU I 48 -58.69 -10.93 34.20
CA GLU I 48 -57.75 -10.56 35.25
C GLU I 48 -57.50 -9.08 35.39
N ILE I 49 -57.61 -8.30 34.31
CA ILE I 49 -57.27 -6.89 34.33
C ILE I 49 -58.34 -6.09 35.09
N PRO I 50 -57.98 -5.37 36.14
CA PRO I 50 -58.96 -4.54 36.83
C PRO I 50 -59.33 -3.31 36.02
N SER I 51 -60.38 -2.63 36.48
CA SER I 51 -60.92 -1.49 35.74
C SER I 51 -60.05 -0.25 35.88
N HIS I 52 -59.50 -0.02 37.08
CA HIS I 52 -58.71 1.18 37.31
C HIS I 52 -57.45 1.23 36.47
N VAL I 53 -56.98 0.08 35.98
CA VAL I 53 -55.80 0.03 35.13
C VAL I 53 -56.25 -0.06 33.68
N LEU I 54 -57.43 -0.65 33.44
CA LEU I 54 -57.93 -0.72 32.07
C LEU I 54 -58.30 0.67 31.54
N SER I 55 -58.77 1.55 32.42
CA SER I 55 -59.02 2.93 32.00
C SER I 55 -57.73 3.60 31.57
N LYS I 56 -56.63 3.40 32.31
CA LYS I 56 -55.36 3.98 31.91
C LYS I 56 -54.81 3.32 30.66
N VAL I 57 -55.10 2.04 30.45
CA VAL I 57 -54.70 1.39 29.21
C VAL I 57 -55.41 2.03 28.02
N CYS I 58 -56.73 2.25 28.14
CA CYS I 58 -57.46 2.89 27.06
C CYS I 58 -57.01 4.33 26.85
N MET I 59 -56.71 5.05 27.94
CA MET I 59 -56.15 6.38 27.81
C MET I 59 -54.83 6.35 27.07
N TYR I 60 -54.00 5.34 27.34
CA TYR I 60 -52.77 5.20 26.57
C TYR I 60 -53.06 4.88 25.11
N PHE I 61 -54.11 4.11 24.85
CA PHE I 61 -54.49 3.81 23.46
C PHE I 61 -54.77 5.09 22.70
N THR I 62 -55.62 5.96 23.27
CA THR I 62 -55.93 7.22 22.63
C THR I 62 -54.70 8.11 22.56
N TYR I 63 -53.85 8.08 23.58
CA TYR I 63 -52.63 8.89 23.60
C TYR I 63 -51.67 8.47 22.50
N LYS I 64 -51.56 7.16 22.26
CA LYS I 64 -50.69 6.67 21.20
C LYS I 64 -51.24 6.98 19.82
N VAL I 65 -52.55 6.79 19.63
CA VAL I 65 -53.14 7.05 18.31
C VAL I 65 -53.07 8.53 17.97
N ARG I 66 -53.39 9.40 18.94
CA ARG I 66 -53.39 10.83 18.66
C ARG I 66 -51.97 11.34 18.40
N TYR I 67 -51.00 10.94 19.22
CA TYR I 67 -49.64 11.46 19.13
C TYR I 67 -48.74 10.61 18.25
N THR I 68 -49.31 9.81 17.35
CA THR I 68 -48.49 8.96 16.50
C THR I 68 -47.69 9.81 15.53
N ASN I 69 -46.38 9.52 15.47
CA ASN I 69 -45.38 10.17 14.58
C ASN I 69 -45.63 11.67 14.40
N SER I 70 -45.89 12.34 15.51
CA SER I 70 -46.11 13.78 15.49
C SER I 70 -44.79 14.53 15.44
N SER I 71 -44.82 15.73 14.85
CA SER I 71 -43.64 16.58 14.81
C SER I 71 -43.49 17.43 16.06
N THR I 72 -44.46 17.38 16.98
CA THR I 72 -44.41 18.18 18.20
C THR I 72 -43.64 17.43 19.28
N GLU I 73 -43.65 17.99 20.48
CA GLU I 73 -43.04 17.37 21.66
C GLU I 73 -44.14 16.69 22.46
N ILE I 74 -44.13 15.37 22.48
CA ILE I 74 -45.21 14.60 23.12
C ILE I 74 -45.12 14.76 24.62
N PRO I 75 -46.22 15.13 25.30
CA PRO I 75 -46.20 15.14 26.76
C PRO I 75 -46.00 13.75 27.32
N GLU I 76 -45.30 13.68 28.45
CA GLU I 76 -45.08 12.40 29.11
C GLU I 76 -46.40 11.82 29.61
N PHE I 77 -46.58 10.53 29.39
CA PHE I 77 -47.80 9.88 29.86
C PHE I 77 -47.76 9.81 31.39
N PRO I 78 -48.73 10.39 32.08
CA PRO I 78 -48.69 10.38 33.54
C PRO I 78 -49.32 9.13 34.13
N ILE I 79 -48.52 8.34 34.84
CA ILE I 79 -49.00 7.14 35.51
C ILE I 79 -48.93 7.39 37.02
N ALA I 80 -50.04 7.18 37.70
CA ALA I 80 -50.07 7.32 39.14
C ALA I 80 -49.14 6.28 39.76
N PRO I 81 -48.26 6.66 40.68
CA PRO I 81 -47.28 5.69 41.21
C PRO I 81 -47.92 4.53 41.94
N GLU I 82 -49.18 4.64 42.36
CA GLU I 82 -49.82 3.49 43.00
C GLU I 82 -50.18 2.41 41.99
N ILE I 83 -50.60 2.81 40.78
CA ILE I 83 -50.92 1.84 39.74
C ILE I 83 -49.78 1.66 38.75
N ALA I 84 -48.60 2.18 39.05
CA ALA I 84 -47.47 2.01 38.14
C ALA I 84 -47.11 0.55 37.97
N LEU I 85 -47.13 -0.21 39.07
CA LEU I 85 -46.79 -1.62 38.98
C LEU I 85 -47.86 -2.41 38.25
N GLU I 86 -49.13 -2.23 38.64
CA GLU I 86 -50.21 -3.00 38.03
C GLU I 86 -50.28 -2.75 36.54
N LEU I 87 -50.17 -1.48 36.13
CA LEU I 87 -50.13 -1.15 34.72
C LEU I 87 -48.97 -1.84 34.02
N LEU I 88 -47.83 -1.93 34.70
CA LEU I 88 -46.69 -2.66 34.15
C LEU I 88 -47.06 -4.11 33.87
N MET I 89 -47.76 -4.75 34.81
CA MET I 89 -48.19 -6.12 34.58
C MET I 89 -49.15 -6.21 33.42
N ALA I 90 -49.93 -5.15 33.17
CA ALA I 90 -50.83 -5.12 32.03
C ALA I 90 -50.21 -4.42 30.83
N ALA I 91 -48.93 -4.05 30.90
CA ALA I 91 -48.27 -3.45 29.75
C ALA I 91 -47.58 -4.47 28.88
N ASN I 92 -47.20 -5.62 29.46
CA ASN I 92 -46.64 -6.72 28.68
C ASN I 92 -47.67 -7.80 28.38
N PHE I 93 -48.67 -7.97 29.24
CA PHE I 93 -49.75 -8.89 28.92
C PHE I 93 -50.54 -8.40 27.71
N LEU I 94 -50.84 -7.11 27.66
CA LEU I 94 -51.58 -6.53 26.54
C LEU I 94 -50.68 -6.16 25.37
N ASP I 95 -49.37 -6.19 25.55
CA ASP I 95 -48.40 -5.85 24.50
C ASP I 95 -48.62 -4.44 23.96
N CYS I 96 -49.23 -3.56 24.76
CA CYS I 96 -49.53 -2.22 24.31
C CYS I 96 -48.35 -1.29 24.54
N THR J 1 -59.42 -11.66 40.58
CA THR J 1 -58.02 -11.78 40.96
C THR J 1 -57.18 -10.70 40.27
N SER J 2 -55.89 -11.00 40.07
CA SER J 2 -54.99 -10.08 39.40
C SER J 2 -54.05 -10.88 38.50
N LEU J 3 -53.49 -10.19 37.52
CA LEU J 3 -52.61 -10.81 36.53
C LEU J 3 -51.17 -10.87 36.98
N LYS J 4 -50.92 -10.79 38.29
CA LYS J 4 -49.60 -11.06 38.83
C LYS J 4 -49.29 -12.54 38.71
N PRO J 5 -48.01 -12.92 38.74
CA PRO J 5 -47.67 -14.34 38.74
C PRO J 5 -48.29 -15.06 39.92
N ARG J 6 -48.77 -16.28 39.68
CA ARG J 6 -49.40 -17.05 40.73
C ARG J 6 -49.13 -18.53 40.46
N VAL J 7 -49.20 -19.32 41.52
CA VAL J 7 -49.04 -20.76 41.38
C VAL J 7 -50.31 -21.34 40.77
N VAL J 8 -50.15 -22.15 39.73
CA VAL J 8 -51.28 -22.72 39.01
C VAL J 8 -50.96 -24.16 38.67
N ASP J 9 -51.93 -25.05 38.86
CA ASP J 9 -51.73 -26.44 38.49
C ASP J 9 -51.77 -26.60 36.97
N PHE J 10 -50.71 -27.19 36.43
CA PHE J 10 -50.60 -27.29 34.97
C PHE J 10 -51.57 -28.30 34.39
N ASP J 11 -51.93 -29.34 35.14
CA ASP J 11 -52.81 -30.37 34.60
C ASP J 11 -54.21 -29.81 34.35
N GLU J 12 -54.78 -29.10 35.32
CA GLU J 12 -56.13 -28.57 35.16
C GLU J 12 -56.20 -27.49 34.09
N THR J 13 -55.25 -26.55 34.11
CA THR J 13 -55.24 -25.50 33.09
C THR J 13 -54.97 -26.09 31.70
N TRP J 14 -54.11 -27.10 31.62
CA TRP J 14 -53.84 -27.72 30.33
C TRP J 14 -55.05 -28.49 29.83
N ASN J 15 -55.81 -29.13 30.72
CA ASN J 15 -57.04 -29.81 30.30
C ASN J 15 -58.10 -28.81 29.86
N LYS J 16 -58.18 -27.66 30.53
CA LYS J 16 -59.11 -26.62 30.09
C LYS J 16 -58.69 -26.04 28.75
N LEU J 17 -57.38 -25.90 28.53
CA LEU J 17 -56.88 -25.35 27.27
C LEU J 17 -56.99 -26.36 26.13
N LEU J 18 -56.96 -27.65 26.45
CA LEU J 18 -56.95 -28.66 25.40
C LEU J 18 -58.29 -28.73 24.68
N THR J 19 -59.39 -28.55 25.40
CA THR J 19 -60.70 -28.56 24.75
C THR J 19 -60.88 -27.37 23.82
N THR J 20 -60.27 -26.23 24.14
CA THR J 20 -60.30 -25.11 23.22
C THR J 20 -59.30 -25.29 22.08
N ILE J 21 -58.16 -25.93 22.34
CA ILE J 21 -57.14 -26.01 21.31
C ILE J 21 -57.39 -27.16 20.34
N LYS J 22 -58.22 -28.14 20.69
CA LYS J 22 -58.63 -29.15 19.73
C LYS J 22 -59.92 -28.76 19.02
N ALA J 23 -60.49 -27.60 19.36
CA ALA J 23 -61.62 -27.05 18.63
C ALA J 23 -61.24 -25.84 17.79
N VAL J 24 -60.17 -25.15 18.14
CA VAL J 24 -59.65 -24.08 17.30
C VAL J 24 -59.00 -24.64 16.04
N VAL J 25 -58.19 -25.69 16.20
CA VAL J 25 -57.50 -26.29 15.06
C VAL J 25 -58.51 -26.96 14.14
N MET J 26 -59.54 -27.58 14.70
CA MET J 26 -60.59 -28.21 13.91
C MET J 26 -61.63 -27.21 13.40
N LEU J 27 -61.42 -25.91 13.63
CA LEU J 27 -62.35 -24.86 13.22
C LEU J 27 -63.76 -25.12 13.75
N GLU J 28 -63.84 -25.56 14.99
CA GLU J 28 -65.12 -25.76 15.64
C GLU J 28 -65.59 -24.42 16.21
N TYR J 29 -66.63 -24.45 17.03
CA TYR J 29 -67.17 -23.25 17.64
C TYR J 29 -66.70 -23.16 19.09
N VAL J 30 -65.99 -22.09 19.41
CA VAL J 30 -65.58 -21.80 20.78
C VAL J 30 -66.13 -20.42 21.15
N GLU J 31 -66.67 -20.32 22.37
CA GLU J 31 -67.31 -19.10 22.81
C GLU J 31 -66.31 -17.96 22.87
N ARG J 32 -66.81 -16.73 22.68
CA ARG J 32 -65.96 -15.57 22.84
C ARG J 32 -65.43 -15.46 24.26
N ALA J 33 -66.28 -15.76 25.24
CA ALA J 33 -65.83 -15.76 26.63
C ALA J 33 -64.74 -16.80 26.86
N THR J 34 -64.92 -18.00 26.30
CA THR J 34 -63.91 -19.04 26.46
C THR J 34 -62.62 -18.68 25.75
N TRP J 35 -62.71 -18.11 24.54
CA TRP J 35 -61.51 -17.74 23.81
C TRP J 35 -60.76 -16.61 24.51
N ASN J 36 -61.49 -15.67 25.13
CA ASN J 36 -60.84 -14.60 25.87
C ASN J 36 -60.30 -15.10 27.22
N ASP J 37 -60.89 -16.16 27.78
CA ASP J 37 -60.36 -16.77 28.98
C ASP J 37 -59.08 -17.56 28.71
N ARG J 38 -59.00 -18.20 27.54
CA ARG J 38 -57.82 -19.01 27.25
C ARG J 38 -56.57 -18.15 27.10
N PHE J 39 -56.72 -16.87 26.73
CA PHE J 39 -55.56 -15.98 26.72
C PHE J 39 -55.01 -15.79 28.13
N SER J 40 -55.89 -15.57 29.10
CA SER J 40 -55.44 -15.42 30.48
C SER J 40 -54.84 -16.72 30.99
N ASP J 41 -55.41 -17.86 30.60
CA ASP J 41 -54.83 -19.15 31.00
C ASP J 41 -53.44 -19.32 30.41
N ILE J 42 -53.25 -18.96 29.15
CA ILE J 42 -51.93 -19.04 28.52
C ILE J 42 -50.94 -18.14 29.24
N TYR J 43 -51.37 -16.92 29.57
CA TYR J 43 -50.49 -16.01 30.29
C TYR J 43 -50.09 -16.59 31.64
N ALA J 44 -51.07 -17.05 32.42
CA ALA J 44 -50.77 -17.58 33.75
C ALA J 44 -49.89 -18.81 33.68
N LEU J 45 -50.01 -19.62 32.62
CA LEU J 45 -49.08 -20.72 32.42
C LEU J 45 -47.69 -20.21 32.09
N CYS J 46 -47.58 -19.16 31.28
CA CYS J 46 -46.28 -18.63 30.92
C CYS J 46 -45.63 -17.83 32.04
N VAL J 47 -46.35 -17.53 33.12
CA VAL J 47 -45.76 -16.73 34.18
C VAL J 47 -46.03 -17.44 35.52
N ALA J 48 -46.23 -18.75 35.47
CA ALA J 48 -46.53 -19.49 36.68
C ALA J 48 -45.35 -19.48 37.64
N TYR J 49 -45.66 -19.60 38.93
CA TYR J 49 -44.75 -19.61 40.07
C TYR J 49 -44.75 -20.98 40.73
N PRO J 50 -43.58 -21.50 41.14
CA PRO J 50 -42.24 -20.93 41.05
C PRO J 50 -41.61 -21.09 39.68
N GLU J 51 -41.85 -22.20 39.03
CA GLU J 51 -41.28 -22.41 37.71
C GLU J 51 -42.23 -21.91 36.64
N PRO J 52 -41.78 -21.06 35.71
CA PRO J 52 -42.64 -20.67 34.60
C PRO J 52 -42.94 -21.84 33.68
N LEU J 53 -44.21 -22.25 33.63
CA LEU J 53 -44.61 -23.40 32.82
C LEU J 53 -44.77 -23.01 31.35
N GLY J 54 -43.68 -22.51 30.79
CA GLY J 54 -43.66 -22.19 29.39
C GLY J 54 -43.13 -23.36 28.58
N GLU J 55 -42.06 -23.99 29.07
CA GLU J 55 -41.50 -25.13 28.37
C GLU J 55 -42.45 -26.32 28.41
N ARG J 56 -43.09 -26.56 29.55
CA ARG J 56 -44.08 -27.65 29.63
C ARG J 56 -45.25 -27.40 28.70
N LEU J 57 -45.74 -26.16 28.66
CA LEU J 57 -46.83 -25.81 27.76
C LEU J 57 -46.43 -26.01 26.30
N TYR J 58 -45.21 -25.58 25.95
CA TYR J 58 -44.74 -25.73 24.58
C TYR J 58 -44.60 -27.20 24.19
N THR J 59 -44.02 -28.02 25.08
CA THR J 59 -43.85 -29.43 24.75
C THR J 59 -45.20 -30.13 24.66
N GLU J 60 -46.14 -29.81 25.55
CA GLU J 60 -47.44 -30.44 25.48
C GLU J 60 -48.21 -30.02 24.23
N THR J 61 -48.08 -28.75 23.83
CA THR J 61 -48.70 -28.31 22.58
C THR J 61 -48.06 -28.98 21.37
N LYS J 62 -46.74 -29.14 21.38
CA LYS J 62 -46.07 -29.81 20.27
C LYS J 62 -46.50 -31.27 20.18
N ILE J 63 -46.62 -31.95 21.32
CA ILE J 63 -47.08 -33.33 21.34
C ILE J 63 -48.52 -33.42 20.86
N PHE J 64 -49.37 -32.49 21.29
CA PHE J 64 -50.75 -32.48 20.84
C PHE J 64 -50.85 -32.25 19.34
N LEU J 65 -50.03 -31.35 18.81
CA LEU J 65 -50.06 -31.09 17.37
C LEU J 65 -49.53 -32.28 16.58
N GLU J 66 -48.50 -32.95 17.08
CA GLU J 66 -48.05 -34.19 16.43
C GLU J 66 -49.16 -35.23 16.42
N ASN J 67 -49.85 -35.39 17.56
CA ASN J 67 -50.95 -36.35 17.61
C ASN J 67 -52.05 -35.97 16.63
N HIS J 68 -52.39 -34.68 16.55
CA HIS J 68 -53.46 -34.26 15.66
C HIS J 68 -53.09 -34.44 14.19
N VAL J 69 -51.88 -34.05 13.80
CA VAL J 69 -51.53 -34.17 12.40
C VAL J 69 -51.34 -35.62 12.00
N ARG J 70 -50.88 -36.49 12.91
CA ARG J 70 -50.79 -37.90 12.54
C ARG J 70 -52.17 -38.55 12.54
N HIS J 71 -53.10 -38.06 13.36
CA HIS J 71 -54.48 -38.51 13.25
C HIS J 71 -55.07 -38.13 11.90
N LEU J 72 -54.85 -36.89 11.46
CA LEU J 72 -55.33 -36.47 10.15
C LEU J 72 -54.64 -37.26 9.05
N HIS J 73 -53.36 -37.58 9.23
CA HIS J 73 -52.64 -38.38 8.24
C HIS J 73 -53.22 -39.78 8.12
N LYS J 74 -53.57 -40.38 9.26
CA LYS J 74 -54.24 -41.69 9.21
C LYS J 74 -55.60 -41.57 8.54
N ARG J 75 -56.36 -40.51 8.85
CA ARG J 75 -57.68 -40.34 8.27
C ARG J 75 -57.62 -40.11 6.77
N VAL J 76 -56.55 -39.50 6.27
CA VAL J 76 -56.42 -39.29 4.84
C VAL J 76 -55.87 -40.53 4.15
N LEU J 77 -54.86 -41.16 4.73
CA LEU J 77 -54.27 -42.35 4.12
C LEU J 77 -55.25 -43.51 4.08
N GLU J 78 -56.18 -43.59 5.04
CA GLU J 78 -57.18 -44.64 5.00
C GLU J 78 -58.23 -44.41 3.92
N SER J 79 -58.27 -43.22 3.32
CA SER J 79 -59.26 -42.89 2.30
C SER J 79 -58.51 -42.69 0.98
N GLU J 80 -58.31 -43.79 0.25
CA GLU J 80 -57.68 -43.72 -1.06
C GLU J 80 -58.70 -43.29 -2.11
N GLU J 81 -58.17 -42.94 -3.29
CA GLU J 81 -58.91 -42.48 -4.47
C GLU J 81 -59.56 -41.13 -4.26
N GLN J 82 -59.49 -40.55 -3.06
CA GLN J 82 -60.00 -39.22 -2.76
C GLN J 82 -59.02 -38.47 -1.86
N VAL J 83 -57.73 -38.74 -2.00
CA VAL J 83 -56.73 -38.14 -1.12
C VAL J 83 -56.67 -36.64 -1.31
N LEU J 84 -56.87 -36.16 -2.55
CA LEU J 84 -56.79 -34.73 -2.80
C LEU J 84 -57.91 -33.97 -2.11
N VAL J 85 -59.14 -34.45 -2.22
CA VAL J 85 -60.28 -33.76 -1.61
C VAL J 85 -60.16 -33.76 -0.09
N MET J 86 -59.81 -34.91 0.49
CA MET J 86 -59.65 -34.98 1.94
C MET J 86 -58.49 -34.12 2.41
N TYR J 87 -57.38 -34.12 1.66
CA TYR J 87 -56.24 -33.31 2.04
C TYR J 87 -56.59 -31.84 2.03
N HIS J 88 -57.30 -31.38 0.99
CA HIS J 88 -57.64 -29.96 0.96
C HIS J 88 -58.67 -29.62 2.03
N ARG J 89 -59.63 -30.51 2.27
CA ARG J 89 -60.65 -30.25 3.29
C ARG J 89 -60.01 -30.13 4.66
N TYR J 90 -59.04 -30.99 4.96
CA TYR J 90 -58.34 -30.91 6.24
C TYR J 90 -57.33 -29.77 6.27
N TRP J 91 -56.75 -29.41 5.13
CA TRP J 91 -55.75 -28.35 5.11
C TRP J 91 -56.37 -26.98 5.25
N GLU J 92 -57.53 -26.74 4.64
CA GLU J 92 -58.20 -25.47 4.83
C GLU J 92 -58.69 -25.30 6.26
N GLU J 93 -58.86 -26.40 7.00
CA GLU J 93 -59.17 -26.31 8.41
C GLU J 93 -57.90 -26.09 9.23
N TYR J 94 -56.83 -26.83 8.91
CA TYR J 94 -55.62 -26.77 9.72
C TYR J 94 -54.84 -25.48 9.53
N SER J 95 -54.85 -24.87 8.35
CA SER J 95 -54.13 -23.61 8.18
C SER J 95 -54.78 -22.51 9.00
N LYS J 96 -56.10 -22.41 8.92
CA LYS J 96 -56.82 -21.45 9.76
C LYS J 96 -56.65 -21.79 11.24
N GLY J 97 -56.65 -23.08 11.58
CA GLY J 97 -56.41 -23.48 12.96
C GLY J 97 -55.04 -23.07 13.45
N ALA J 98 -54.03 -23.23 12.60
CA ALA J 98 -52.67 -22.85 12.97
C ALA J 98 -52.57 -21.35 13.17
N ASP J 99 -53.17 -20.56 12.29
CA ASP J 99 -53.13 -19.11 12.48
C ASP J 99 -53.89 -18.68 13.74
N TYR J 100 -55.05 -19.27 13.98
CA TYR J 100 -55.82 -18.92 15.17
C TYR J 100 -55.09 -19.32 16.44
N MET J 101 -54.44 -20.48 16.45
CA MET J 101 -53.68 -20.91 17.61
C MET J 101 -52.41 -20.08 17.78
N ASP J 102 -51.84 -19.59 16.69
CA ASP J 102 -50.75 -18.62 16.79
C ASP J 102 -51.23 -17.35 17.46
N CYS J 103 -52.45 -16.92 17.14
CA CYS J 103 -53.03 -15.78 17.85
C CYS J 103 -53.23 -16.10 19.33
N LEU J 104 -53.71 -17.31 19.64
CA LEU J 104 -53.94 -17.67 21.04
C LEU J 104 -52.63 -17.77 21.82
N TYR J 105 -51.59 -18.31 21.20
CA TYR J 105 -50.29 -18.48 21.85
C TYR J 105 -49.38 -17.30 21.63
N ARG J 106 -49.93 -16.08 21.49
CA ARG J 106 -49.11 -14.93 21.18
C ARG J 106 -48.15 -14.62 22.31
N TYR J 107 -48.60 -14.77 23.56
CA TYR J 107 -47.71 -14.50 24.69
C TYR J 107 -46.58 -15.52 24.75
N LEU J 108 -46.89 -16.80 24.55
CA LEU J 108 -45.84 -17.82 24.54
C LEU J 108 -44.88 -17.59 23.38
N ASN J 109 -45.39 -17.15 22.23
CA ASN J 109 -44.53 -16.89 21.09
C ASN J 109 -43.55 -15.76 21.36
N THR J 110 -44.00 -14.72 22.05
CA THR J 110 -43.21 -13.51 22.17
C THR J 110 -42.51 -13.37 23.52
N GLN J 111 -42.82 -14.19 24.51
CA GLN J 111 -42.16 -14.11 25.80
C GLN J 111 -41.40 -15.36 26.19
N PHE J 112 -41.61 -16.49 25.54
CA PHE J 112 -40.82 -17.68 25.79
C PHE J 112 -40.08 -18.18 24.56
N ILE J 113 -40.78 -18.32 23.44
CA ILE J 113 -40.19 -18.96 22.27
C ILE J 113 -39.17 -18.06 21.60
N LYS J 114 -39.53 -16.80 21.36
CA LYS J 114 -38.60 -15.88 20.72
C LYS J 114 -37.45 -15.50 21.64
N LYS J 115 -37.67 -15.49 22.95
CA LYS J 115 -36.60 -15.15 23.88
C LYS J 115 -35.52 -16.22 23.91
N ASN J 116 -35.91 -17.48 24.06
CA ASN J 116 -34.95 -18.56 24.14
C ASN J 116 -34.32 -18.84 22.78
N PRO J 135 -33.35 -22.84 18.33
CA PRO J 135 -33.85 -24.20 18.13
C PRO J 135 -35.38 -24.28 18.21
N LEU J 136 -35.98 -23.47 19.08
CA LEU J 136 -37.43 -23.47 19.22
C LEU J 136 -38.07 -22.75 18.03
N MET J 137 -39.33 -23.09 17.78
CA MET J 137 -40.11 -22.47 16.72
C MET J 137 -41.44 -21.99 17.27
N GLU J 138 -41.96 -20.92 16.66
CA GLU J 138 -43.21 -20.34 17.11
C GLU J 138 -44.36 -21.34 16.94
N ILE J 139 -45.39 -21.16 17.75
CA ILE J 139 -46.52 -22.09 17.73
C ILE J 139 -47.22 -22.06 16.37
N GLY J 140 -47.36 -20.89 15.78
CA GLY J 140 -47.91 -20.83 14.45
C GLY J 140 -46.97 -21.30 13.37
N GLU J 141 -45.70 -21.51 13.69
CA GLU J 141 -44.74 -22.06 12.75
C GLU J 141 -44.54 -23.57 12.92
N LEU J 142 -44.50 -24.06 14.16
CA LEU J 142 -44.36 -25.50 14.32
C LEU J 142 -45.62 -26.23 13.92
N ALA J 143 -46.77 -25.57 13.90
CA ALA J 143 -47.97 -26.23 13.39
C ALA J 143 -47.80 -26.60 11.93
N LEU J 144 -47.34 -25.66 11.12
CA LEU J 144 -47.06 -25.94 9.72
C LEU J 144 -45.84 -26.85 9.57
N ASP J 145 -44.88 -26.78 10.51
CA ASP J 145 -43.75 -27.69 10.45
C ASP J 145 -44.18 -29.14 10.70
N MET J 146 -45.09 -29.35 11.65
CA MET J 146 -45.61 -30.69 11.89
C MET J 146 -46.58 -31.11 10.80
N TRP J 147 -47.16 -30.16 10.06
CA TRP J 147 -47.93 -30.53 8.89
C TRP J 147 -47.02 -30.97 7.75
N ARG J 148 -45.90 -30.28 7.55
CA ARG J 148 -44.96 -30.61 6.48
C ARG J 148 -43.95 -31.68 6.89
N LYS J 149 -44.03 -32.19 8.11
CA LYS J 149 -43.20 -33.32 8.52
C LYS J 149 -44.00 -34.58 8.82
N LEU J 150 -45.32 -34.48 8.99
CA LEU J 150 -46.13 -35.62 9.37
C LEU J 150 -47.39 -35.79 8.55
N MET J 151 -47.70 -34.86 7.65
CA MET J 151 -48.93 -34.94 6.88
C MET J 151 -48.72 -34.87 5.38
N VAL J 152 -47.77 -34.07 4.91
CA VAL J 152 -47.52 -33.95 3.48
C VAL J 152 -46.18 -34.52 3.06
N GLU J 153 -45.21 -34.62 3.97
CA GLU J 153 -43.95 -35.25 3.60
C GLU J 153 -44.06 -36.77 3.65
N PRO J 154 -44.78 -37.38 4.61
CA PRO J 154 -45.14 -38.79 4.42
C PRO J 154 -46.00 -39.04 3.19
N LEU J 155 -46.90 -38.11 2.85
CA LEU J 155 -47.66 -38.20 1.62
C LEU J 155 -46.97 -37.45 0.48
N GLN J 156 -45.69 -37.72 0.28
CA GLN J 156 -44.95 -37.00 -0.75
C GLN J 156 -45.18 -37.61 -2.13
N ALA J 157 -44.88 -38.90 -2.27
CA ALA J 157 -45.04 -39.57 -3.56
C ALA J 157 -46.50 -39.93 -3.85
N ILE J 158 -47.37 -39.86 -2.86
CA ILE J 158 -48.79 -40.15 -3.09
C ILE J 158 -49.53 -38.92 -3.58
N LEU J 159 -49.27 -37.75 -2.97
CA LEU J 159 -50.00 -36.56 -3.34
C LEU J 159 -49.60 -36.06 -4.72
N ILE J 160 -48.29 -35.94 -4.97
CA ILE J 160 -47.86 -35.35 -6.24
C ILE J 160 -48.18 -36.28 -7.40
N ARG J 161 -48.13 -37.59 -7.20
CA ARG J 161 -48.53 -38.52 -8.24
C ARG J 161 -50.02 -38.38 -8.55
N MET J 162 -50.83 -38.19 -7.52
CA MET J 162 -52.25 -37.92 -7.75
C MET J 162 -52.48 -36.51 -8.25
N LEU J 163 -51.60 -35.57 -7.88
CA LEU J 163 -51.74 -34.20 -8.37
C LEU J 163 -51.39 -34.11 -9.84
N LEU J 164 -50.25 -34.68 -10.24
CA LEU J 164 -49.81 -34.58 -11.63
C LEU J 164 -50.72 -35.37 -12.56
N ARG J 165 -51.27 -36.49 -12.09
CA ARG J 165 -52.25 -37.21 -12.89
C ARG J 165 -53.51 -36.38 -13.09
N GLU J 166 -53.90 -35.62 -12.06
CA GLU J 166 -55.08 -34.76 -12.21
C GLU J 166 -54.82 -33.61 -13.17
N ILE J 167 -53.58 -33.17 -13.31
CA ILE J 167 -53.26 -32.17 -14.33
C ILE J 167 -53.32 -32.79 -15.71
N LYS J 168 -52.84 -34.04 -15.86
CA LYS J 168 -52.92 -34.72 -17.14
C LYS J 168 -54.36 -34.93 -17.59
N ASN J 169 -55.29 -35.04 -16.64
CA ASN J 169 -56.70 -35.10 -17.02
C ASN J 169 -57.16 -33.76 -17.60
N ASP J 170 -56.62 -32.65 -17.09
CA ASP J 170 -56.94 -31.36 -17.68
C ASP J 170 -56.40 -31.23 -19.10
N ARG J 171 -55.17 -31.71 -19.32
CA ARG J 171 -54.59 -31.67 -20.66
C ARG J 171 -55.25 -32.65 -21.62
N GLY J 172 -55.93 -33.67 -21.09
CA GLY J 172 -56.68 -34.60 -21.89
C GLY J 172 -58.09 -34.17 -22.19
N GLY J 173 -58.51 -32.99 -21.74
CA GLY J 173 -59.83 -32.48 -21.99
C GLY J 173 -60.78 -32.56 -20.81
N GLU J 174 -60.47 -33.36 -19.79
CA GLU J 174 -61.32 -33.43 -18.62
C GLU J 174 -61.16 -32.17 -17.77
N ASP J 175 -62.18 -31.89 -16.97
CA ASP J 175 -62.22 -30.69 -16.13
C ASP J 175 -62.18 -31.08 -14.66
N PRO J 176 -61.04 -30.95 -13.99
CA PRO J 176 -60.97 -31.25 -12.57
C PRO J 176 -61.49 -30.07 -11.76
N ASN J 177 -61.45 -30.22 -10.44
CA ASN J 177 -61.89 -29.14 -9.55
C ASN J 177 -60.84 -28.03 -9.54
N GLN J 178 -61.31 -26.79 -9.58
CA GLN J 178 -60.38 -25.68 -9.73
C GLN J 178 -59.61 -25.41 -8.44
N LYS J 179 -60.29 -25.49 -7.29
CA LYS J 179 -59.68 -25.06 -6.03
C LYS J 179 -59.04 -26.18 -5.25
N VAL J 180 -59.55 -27.41 -5.35
CA VAL J 180 -58.98 -28.51 -4.57
C VAL J 180 -57.56 -28.81 -5.03
N ILE J 181 -57.34 -28.89 -6.34
CA ILE J 181 -55.98 -29.04 -6.84
C ILE J 181 -55.16 -27.78 -6.58
N HIS J 182 -55.78 -26.61 -6.69
CA HIS J 182 -55.03 -25.38 -6.41
C HIS J 182 -54.67 -25.27 -4.93
N GLY J 183 -55.60 -25.64 -4.05
CA GLY J 183 -55.34 -25.53 -2.62
C GLY J 183 -54.21 -26.44 -2.17
N VAL J 184 -54.17 -27.66 -2.69
CA VAL J 184 -53.11 -28.58 -2.32
C VAL J 184 -51.76 -28.09 -2.84
N ILE J 185 -51.72 -27.56 -4.06
CA ILE J 185 -50.47 -27.01 -4.59
C ILE J 185 -50.06 -25.77 -3.80
N ASN J 186 -51.05 -24.99 -3.35
CA ASN J 186 -50.74 -23.87 -2.46
C ASN J 186 -50.17 -24.34 -1.13
N SER J 187 -50.61 -25.51 -0.65
CA SER J 187 -50.15 -25.98 0.65
C SER J 187 -48.69 -26.38 0.66
N PHE J 188 -48.04 -26.46 -0.49
CA PHE J 188 -46.61 -26.71 -0.53
C PHE J 188 -45.79 -25.45 -0.30
N VAL J 189 -46.40 -24.28 -0.37
CA VAL J 189 -45.72 -23.02 -0.13
C VAL J 189 -46.28 -22.28 1.07
N HIS J 190 -47.52 -22.54 1.47
CA HIS J 190 -48.06 -21.96 2.69
C HIS J 190 -47.50 -22.61 3.96
N VAL J 191 -46.88 -23.79 3.84
CA VAL J 191 -46.25 -24.43 4.99
C VAL J 191 -44.79 -24.01 5.04
N GLU J 192 -44.45 -22.94 4.33
CA GLU J 192 -43.09 -22.45 4.30
C GLU J 192 -43.02 -20.93 4.45
N GLN J 193 -44.09 -20.30 4.94
CA GLN J 193 -44.06 -18.86 5.14
C GLN J 193 -43.07 -18.49 6.25
N TYR J 194 -43.04 -19.27 7.33
CA TYR J 194 -42.15 -18.98 8.44
C TYR J 194 -40.75 -19.55 8.21
N LYS J 195 -40.15 -19.22 7.08
CA LYS J 195 -38.81 -19.72 6.82
C LYS J 195 -37.82 -18.61 6.48
N LYS J 196 -38.24 -17.61 5.70
CA LYS J 196 -37.48 -16.42 5.32
C LYS J 196 -36.10 -16.73 4.74
N LYS J 197 -35.86 -17.99 4.38
CA LYS J 197 -34.62 -18.41 3.74
C LYS J 197 -35.02 -19.47 2.70
N PHE J 198 -35.19 -19.02 1.46
CA PHE J 198 -35.73 -19.82 0.37
C PHE J 198 -37.10 -20.38 0.77
N PRO J 199 -38.12 -19.53 0.90
CA PRO J 199 -39.45 -20.06 1.24
C PRO J 199 -40.02 -20.96 0.18
N LEU J 200 -39.71 -20.73 -1.09
CA LEU J 200 -40.17 -21.58 -2.18
C LEU J 200 -39.13 -22.65 -2.50
N LYS J 201 -38.80 -23.44 -1.47
CA LYS J 201 -37.87 -24.55 -1.59
C LYS J 201 -38.56 -25.89 -1.45
N PHE J 202 -39.42 -26.03 -0.45
CA PHE J 202 -40.23 -27.24 -0.33
C PHE J 202 -41.20 -27.37 -1.49
N TYR J 203 -41.81 -26.26 -1.90
CA TYR J 203 -42.74 -26.30 -3.04
C TYR J 203 -42.00 -26.65 -4.32
N GLN J 204 -40.81 -26.08 -4.52
CA GLN J 204 -40.07 -26.30 -5.76
C GLN J 204 -39.60 -27.74 -5.88
N GLU J 205 -39.04 -28.29 -4.81
CA GLU J 205 -38.38 -29.59 -4.87
C GLU J 205 -39.33 -30.76 -4.69
N ILE J 206 -40.59 -30.53 -4.33
CA ILE J 206 -41.56 -31.59 -4.11
C ILE J 206 -42.64 -31.60 -5.18
N PHE J 207 -43.07 -30.42 -5.64
CA PHE J 207 -44.09 -30.35 -6.67
C PHE J 207 -43.56 -29.80 -7.99
N GLU J 208 -42.91 -28.63 -7.98
CA GLU J 208 -42.56 -27.98 -9.24
C GLU J 208 -41.54 -28.80 -10.02
N SER J 209 -40.49 -29.28 -9.35
CA SER J 209 -39.50 -30.10 -10.05
C SER J 209 -40.08 -31.40 -10.59
N PRO J 210 -40.87 -32.17 -9.84
CA PRO J 210 -41.58 -33.29 -10.49
C PRO J 210 -42.58 -32.83 -11.55
N PHE J 211 -43.19 -31.66 -11.39
CA PHE J 211 -44.12 -31.20 -12.42
C PHE J 211 -43.39 -30.70 -13.66
N LEU J 212 -42.28 -29.98 -13.49
CA LEU J 212 -41.53 -29.49 -14.63
C LEU J 212 -40.98 -30.64 -15.47
N THR J 213 -40.44 -31.67 -14.83
CA THR J 213 -39.93 -32.81 -15.58
C THR J 213 -41.05 -33.57 -16.27
N GLU J 214 -42.19 -33.74 -15.60
CA GLU J 214 -43.29 -34.47 -16.21
C GLU J 214 -43.97 -33.67 -17.31
N THR J 215 -44.13 -32.35 -17.11
CA THR J 215 -44.70 -31.54 -18.18
C THR J 215 -43.73 -31.38 -19.34
N GLY J 216 -42.43 -31.58 -19.11
CA GLY J 216 -41.50 -31.62 -20.22
C GLY J 216 -41.66 -32.86 -21.07
N GLU J 217 -41.81 -34.02 -20.42
CA GLU J 217 -42.00 -35.27 -21.16
C GLU J 217 -43.35 -35.29 -21.86
N TYR J 218 -44.38 -34.75 -21.23
CA TYR J 218 -45.70 -34.76 -21.85
C TYR J 218 -45.74 -33.91 -23.11
N TYR J 219 -45.11 -32.73 -23.07
CA TYR J 219 -44.98 -31.90 -24.27
C TYR J 219 -43.83 -32.32 -25.17
N LYS J 220 -42.91 -33.15 -24.70
CA LYS J 220 -41.99 -33.78 -25.65
C LYS J 220 -42.72 -34.76 -26.54
N GLN J 221 -43.64 -35.53 -25.97
CA GLN J 221 -44.46 -36.43 -26.77
C GLN J 221 -45.54 -35.66 -27.54
N GLU J 222 -46.11 -34.63 -26.92
CA GLU J 222 -47.20 -33.89 -27.57
C GLU J 222 -46.69 -33.13 -28.79
N ALA J 223 -45.50 -32.56 -28.71
CA ALA J 223 -44.96 -31.81 -29.85
C ALA J 223 -44.72 -32.73 -31.04
N SER J 224 -44.14 -33.91 -30.80
CA SER J 224 -43.91 -34.85 -31.89
C SER J 224 -45.21 -35.42 -32.43
N ASN J 225 -46.25 -35.46 -31.61
CA ASN J 225 -47.53 -35.99 -32.08
C ASN J 225 -48.27 -35.00 -32.96
N LEU J 226 -48.12 -33.70 -32.70
CA LEU J 226 -48.86 -32.70 -33.46
C LEU J 226 -48.29 -32.50 -34.86
N LEU J 227 -46.97 -32.59 -35.01
CA LEU J 227 -46.38 -32.38 -36.33
C LEU J 227 -46.70 -33.53 -37.28
N GLN J 228 -46.89 -34.75 -36.75
CA GLN J 228 -47.19 -35.89 -37.59
C GLN J 228 -48.60 -35.86 -38.17
N GLU J 229 -49.46 -34.95 -37.71
CA GLU J 229 -50.82 -34.87 -38.20
C GLU J 229 -51.08 -33.63 -39.05
N SER J 230 -50.35 -32.53 -38.81
CA SER J 230 -50.62 -31.27 -39.50
C SER J 230 -49.32 -30.70 -40.05
N ASN J 231 -49.46 -29.86 -41.06
CA ASN J 231 -48.32 -29.16 -41.65
C ASN J 231 -47.93 -27.96 -40.78
N CYS J 232 -46.79 -27.37 -41.12
CA CYS J 232 -46.26 -26.26 -40.32
C CYS J 232 -47.12 -25.02 -40.38
N SER J 233 -47.99 -24.90 -41.38
CA SER J 233 -48.85 -23.72 -41.48
C SER J 233 -49.85 -23.65 -40.33
N GLN J 234 -50.57 -24.75 -40.08
CA GLN J 234 -51.51 -24.83 -38.98
C GLN J 234 -50.92 -25.46 -37.73
N TYR J 235 -49.64 -25.86 -37.78
CA TYR J 235 -48.96 -26.28 -36.55
C TYR J 235 -48.82 -25.12 -35.58
N MET J 236 -48.64 -23.90 -36.09
CA MET J 236 -48.54 -22.73 -35.22
C MET J 236 -49.83 -22.50 -34.45
N GLU J 237 -50.98 -22.61 -35.13
CA GLU J 237 -52.26 -22.39 -34.47
C GLU J 237 -52.52 -23.42 -33.37
N LYS J 238 -52.19 -24.69 -33.63
CA LYS J 238 -52.38 -25.72 -32.62
C LYS J 238 -51.46 -25.50 -31.42
N VAL J 239 -50.21 -25.12 -31.67
CA VAL J 239 -49.29 -24.87 -30.57
C VAL J 239 -49.68 -23.60 -29.81
N LEU J 240 -50.01 -22.53 -30.54
CA LEU J 240 -50.51 -21.33 -29.88
C LEU J 240 -51.84 -21.60 -29.20
N GLY J 241 -52.63 -22.53 -29.72
CA GLY J 241 -53.83 -22.95 -29.01
C GLY J 241 -53.54 -23.74 -27.75
N ARG J 242 -52.32 -24.24 -27.61
CA ARG J 242 -51.91 -24.98 -26.42
C ARG J 242 -51.26 -24.07 -25.38
N LEU J 243 -50.33 -23.22 -25.81
CA LEU J 243 -49.69 -22.30 -24.88
C LEU J 243 -50.68 -21.32 -24.28
N LYS J 244 -51.63 -20.85 -25.10
CA LYS J 244 -52.69 -19.99 -24.56
C LYS J 244 -53.53 -20.73 -23.54
N ASP J 245 -53.85 -22.00 -23.81
CA ASP J 245 -54.59 -22.79 -22.83
C ASP J 245 -53.72 -23.16 -21.65
N GLU J 246 -52.44 -23.46 -21.89
CA GLU J 246 -51.55 -23.83 -20.78
C GLU J 246 -51.36 -22.68 -19.81
N GLU J 247 -51.20 -21.46 -20.34
CA GLU J 247 -51.04 -20.30 -19.46
C GLU J 247 -52.28 -20.06 -18.61
N ILE J 248 -53.46 -20.44 -19.11
CA ILE J 248 -54.67 -20.31 -18.32
C ILE J 248 -54.66 -21.32 -17.18
N ARG J 249 -54.33 -22.58 -17.47
CA ARG J 249 -54.34 -23.58 -16.40
C ARG J 249 -53.11 -23.47 -15.51
N CYS J 250 -52.05 -22.81 -15.97
CA CYS J 250 -50.88 -22.65 -15.11
C CYS J 250 -51.16 -21.68 -13.98
N ARG J 251 -52.03 -20.70 -14.20
CA ARG J 251 -52.40 -19.79 -13.13
C ARG J 251 -53.62 -20.25 -12.35
N LYS J 252 -54.31 -21.29 -12.80
CA LYS J 252 -55.41 -21.84 -12.01
C LYS J 252 -54.93 -22.81 -10.95
N TYR J 253 -53.74 -23.38 -11.11
CA TYR J 253 -53.25 -24.40 -10.18
C TYR J 253 -51.99 -23.99 -9.46
N LEU J 254 -50.95 -23.57 -10.18
CA LEU J 254 -49.62 -23.46 -9.60
C LEU J 254 -49.43 -22.14 -8.86
N HIS J 255 -48.26 -22.01 -8.24
CA HIS J 255 -47.83 -20.76 -7.65
C HIS J 255 -47.46 -19.77 -8.73
N PRO J 256 -47.62 -18.46 -8.47
CA PRO J 256 -47.24 -17.46 -9.49
C PRO J 256 -45.79 -17.49 -9.89
N SER J 257 -44.90 -17.97 -9.02
CA SER J 257 -43.48 -17.99 -9.35
C SER J 257 -43.12 -19.07 -10.36
N SER J 258 -44.03 -19.99 -10.65
CA SER J 258 -43.76 -21.05 -11.61
C SER J 258 -44.29 -20.73 -13.01
N TYR J 259 -44.92 -19.56 -13.19
CA TYR J 259 -45.47 -19.23 -14.50
C TYR J 259 -44.38 -19.13 -15.56
N THR J 260 -43.25 -18.52 -15.21
CA THR J 260 -42.15 -18.33 -16.14
C THR J 260 -41.26 -19.57 -16.28
N LYS J 261 -41.51 -20.62 -15.50
CA LYS J 261 -40.74 -21.84 -15.61
C LYS J 261 -41.48 -22.98 -16.27
N VAL J 262 -42.80 -23.06 -16.10
CA VAL J 262 -43.57 -24.06 -16.83
C VAL J 262 -43.66 -23.70 -18.31
N ILE J 263 -43.93 -22.42 -18.62
CA ILE J 263 -44.02 -22.00 -20.00
C ILE J 263 -42.67 -22.13 -20.70
N HIS J 264 -41.59 -21.78 -19.99
CA HIS J 264 -40.25 -21.97 -20.57
C HIS J 264 -39.97 -23.44 -20.82
N GLU J 265 -40.38 -24.32 -19.90
CA GLU J 265 -40.26 -25.75 -20.14
C GLU J 265 -41.22 -26.20 -21.23
N CYS J 266 -42.39 -25.56 -21.33
CA CYS J 266 -43.31 -25.84 -22.42
C CYS J 266 -42.68 -25.56 -23.77
N GLN J 267 -42.14 -24.35 -23.96
CA GLN J 267 -41.61 -23.97 -25.26
C GLN J 267 -40.30 -24.68 -25.57
N GLN J 268 -39.52 -25.04 -24.56
CA GLN J 268 -38.27 -25.74 -24.81
C GLN J 268 -38.51 -27.11 -25.43
N ARG J 269 -39.55 -27.81 -24.98
CA ARG J 269 -39.89 -29.13 -25.47
C ARG J 269 -40.92 -29.11 -26.59
N MET J 270 -41.38 -27.95 -27.01
CA MET J 270 -42.38 -27.84 -28.06
C MET J 270 -41.97 -26.94 -29.22
N VAL J 271 -40.98 -26.06 -29.03
CA VAL J 271 -40.56 -25.12 -30.06
C VAL J 271 -39.06 -25.27 -30.27
N ALA J 272 -38.28 -25.09 -29.21
CA ALA J 272 -36.83 -25.20 -29.31
C ALA J 272 -36.39 -26.61 -29.64
N ASP J 273 -37.20 -27.61 -29.26
CA ASP J 273 -36.89 -28.99 -29.61
C ASP J 273 -36.99 -29.20 -31.12
N HIS J 274 -38.11 -28.80 -31.72
CA HIS J 274 -38.27 -28.89 -33.16
C HIS J 274 -37.86 -27.59 -33.85
N LEU J 275 -36.65 -27.13 -33.55
CA LEU J 275 -36.18 -25.88 -34.13
C LEU J 275 -35.81 -26.05 -35.61
N GLN J 276 -35.28 -27.23 -35.97
CA GLN J 276 -34.91 -27.46 -37.36
C GLN J 276 -36.14 -27.50 -38.26
N PHE J 277 -37.25 -28.06 -37.76
CA PHE J 277 -38.48 -28.09 -38.55
C PHE J 277 -39.01 -26.69 -38.81
N LEU J 278 -38.86 -25.78 -37.85
CA LEU J 278 -39.36 -24.43 -38.02
C LEU J 278 -38.52 -23.63 -39.00
N HIS J 279 -37.20 -23.72 -38.88
CA HIS J 279 -36.32 -22.96 -39.76
C HIS J 279 -36.34 -23.49 -41.18
N ALA J 280 -36.57 -24.78 -41.37
CA ALA J 280 -36.57 -25.35 -42.71
C ALA J 280 -37.77 -24.88 -43.51
N GLU J 281 -38.91 -24.68 -42.86
CA GLU J 281 -40.14 -24.35 -43.56
C GLU J 281 -40.46 -22.86 -43.55
N CYS J 282 -39.79 -22.07 -42.69
CA CYS J 282 -40.06 -20.64 -42.62
C CYS J 282 -39.66 -19.91 -43.90
N HIS J 283 -38.84 -20.54 -44.75
CA HIS J 283 -38.54 -19.97 -46.06
C HIS J 283 -39.81 -19.80 -46.89
N ASN J 284 -40.68 -20.81 -46.87
CA ASN J 284 -41.94 -20.70 -47.62
C ASN J 284 -42.91 -19.75 -46.95
N ILE J 285 -42.87 -19.66 -45.62
CA ILE J 285 -43.77 -18.76 -44.90
C ILE J 285 -43.47 -17.31 -45.24
N ILE J 286 -42.20 -16.92 -45.13
CA ILE J 286 -41.82 -15.52 -45.29
C ILE J 286 -41.95 -15.10 -46.76
N ARG J 287 -41.45 -15.92 -47.68
CA ARG J 287 -41.50 -15.53 -49.09
C ARG J 287 -42.85 -15.89 -49.71
N GLN J 288 -43.93 -15.56 -49.02
CA GLN J 288 -45.27 -15.57 -49.61
C GLN J 288 -46.13 -14.43 -49.10
N GLU J 289 -45.60 -13.55 -48.25
CA GLU J 289 -46.35 -12.48 -47.59
C GLU J 289 -47.60 -13.03 -46.90
N LYS J 290 -47.42 -14.13 -46.19
CA LYS J 290 -48.49 -14.72 -45.37
C LYS J 290 -48.63 -13.87 -44.12
N LYS J 291 -49.60 -12.96 -44.11
CA LYS J 291 -49.79 -12.07 -42.97
C LYS J 291 -50.22 -12.85 -41.73
N ASN J 292 -51.25 -13.68 -41.87
CA ASN J 292 -51.82 -14.38 -40.72
C ASN J 292 -51.02 -15.61 -40.33
N ASP J 293 -49.99 -15.98 -41.08
CA ASP J 293 -49.20 -17.15 -40.78
C ASP J 293 -47.79 -16.84 -40.31
N MET J 294 -47.17 -15.77 -40.81
CA MET J 294 -45.87 -15.36 -40.31
C MET J 294 -45.97 -14.64 -38.97
N ALA J 295 -47.16 -14.13 -38.63
CA ALA J 295 -47.36 -13.55 -37.31
C ALA J 295 -47.23 -14.61 -36.22
N ASN J 296 -47.85 -15.77 -36.43
CA ASN J 296 -47.71 -16.87 -35.49
C ASN J 296 -46.32 -17.49 -35.58
N MET J 297 -45.67 -17.39 -36.73
CA MET J 297 -44.31 -17.91 -36.86
C MET J 297 -43.34 -17.14 -35.98
N TYR J 298 -43.55 -15.83 -35.83
CA TYR J 298 -42.61 -15.00 -35.08
C TYR J 298 -42.75 -15.22 -33.58
N VAL J 299 -43.98 -15.31 -33.08
CA VAL J 299 -44.18 -15.37 -31.64
C VAL J 299 -43.63 -16.67 -31.05
N LEU J 300 -43.62 -17.75 -31.84
CA LEU J 300 -43.03 -18.99 -31.34
C LEU J 300 -41.52 -18.90 -31.29
N LEU J 301 -40.91 -18.28 -32.29
CA LEU J 301 -39.46 -18.15 -32.34
C LEU J 301 -38.94 -17.00 -31.49
N ARG J 302 -39.82 -16.13 -31.00
CA ARG J 302 -39.40 -15.05 -30.12
C ARG J 302 -38.83 -15.60 -28.81
N ALA J 303 -39.48 -16.62 -28.25
CA ALA J 303 -39.08 -17.14 -26.95
C ALA J 303 -37.75 -17.88 -27.02
N VAL J 304 -37.55 -18.69 -28.07
CA VAL J 304 -36.31 -19.43 -28.21
C VAL J 304 -35.17 -18.46 -28.50
N SER J 305 -34.07 -18.62 -27.78
CA SER J 305 -32.94 -17.69 -27.89
C SER J 305 -32.31 -17.75 -29.27
N THR J 306 -32.12 -18.95 -29.82
CA THR J 306 -31.42 -19.12 -31.08
C THR J 306 -32.37 -19.33 -32.25
N GLY J 307 -33.68 -19.15 -32.05
CA GLY J 307 -34.63 -19.31 -33.13
C GLY J 307 -34.83 -18.06 -33.95
N LEU J 308 -34.97 -16.93 -33.27
CA LEU J 308 -35.21 -15.66 -33.97
C LEU J 308 -34.11 -15.25 -34.96
N PRO J 309 -32.81 -15.36 -34.66
CA PRO J 309 -31.79 -14.86 -35.61
C PRO J 309 -31.83 -15.50 -36.98
N HIS J 310 -32.40 -16.70 -37.12
CA HIS J 310 -32.54 -17.29 -38.45
C HIS J 310 -33.63 -16.60 -39.25
N MET J 311 -34.72 -16.21 -38.59
CA MET J 311 -35.85 -15.63 -39.32
C MET J 311 -35.50 -14.25 -39.88
N ILE J 312 -34.79 -13.43 -39.11
CA ILE J 312 -34.43 -12.10 -39.59
C ILE J 312 -33.45 -12.20 -40.75
N GLN J 313 -32.53 -13.16 -40.70
CA GLN J 313 -31.58 -13.33 -41.79
C GLN J 313 -32.27 -13.76 -43.06
N GLU J 314 -33.27 -14.63 -42.96
CA GLU J 314 -33.98 -15.08 -44.14
C GLU J 314 -34.85 -13.98 -44.72
N LEU J 315 -35.47 -13.16 -43.86
CA LEU J 315 -36.24 -12.01 -44.34
C LEU J 315 -35.31 -10.97 -44.96
N GLN J 316 -34.11 -10.81 -44.40
CA GLN J 316 -33.13 -9.90 -44.99
C GLN J 316 -32.77 -10.33 -46.40
N ASN J 317 -32.77 -11.64 -46.66
CA ASN J 317 -32.60 -12.11 -48.04
C ASN J 317 -33.86 -11.90 -48.86
N HIS J 318 -35.03 -11.95 -48.22
CA HIS J 318 -36.27 -11.75 -48.96
C HIS J 318 -36.40 -10.32 -49.48
N ILE J 319 -36.01 -9.34 -48.66
CA ILE J 319 -36.04 -7.94 -49.13
C ILE J 319 -35.00 -7.73 -50.23
N HIS J 320 -33.85 -8.38 -50.11
CA HIS J 320 -32.83 -8.29 -51.14
C HIS J 320 -33.35 -8.81 -52.48
N ASP J 321 -34.03 -9.96 -52.46
CA ASP J 321 -34.57 -10.49 -53.70
C ASP J 321 -35.80 -9.72 -54.17
N GLU J 322 -36.59 -9.19 -53.23
CA GLU J 322 -37.75 -8.41 -53.62
C GLU J 322 -37.33 -7.05 -54.19
N GLY J 323 -36.29 -6.44 -53.61
CA GLY J 323 -35.82 -5.17 -54.12
C GLY J 323 -35.22 -5.29 -55.51
N LEU J 324 -34.42 -6.34 -55.75
CA LEU J 324 -33.80 -6.53 -57.06
C LEU J 324 -34.86 -6.79 -58.13
N ARG J 325 -35.96 -7.44 -57.77
CA ARG J 325 -37.05 -7.63 -58.72
C ARG J 325 -37.68 -6.30 -59.11
N ALA J 326 -37.81 -5.38 -58.15
CA ALA J 326 -38.35 -4.06 -58.46
C ALA J 326 -37.37 -3.23 -59.26
N THR J 327 -36.10 -3.20 -58.85
CA THR J 327 -35.10 -2.35 -59.49
C THR J 327 -34.33 -3.10 -60.59
N SER J 328 -35.06 -3.69 -61.53
CA SER J 328 -34.41 -4.36 -62.64
C SER J 328 -34.91 -3.89 -63.99
N ASN J 329 -36.21 -3.60 -64.12
CA ASN J 329 -36.78 -3.12 -65.37
C ASN J 329 -36.84 -1.60 -65.39
N LEU J 330 -35.66 -1.00 -65.30
CA LEU J 330 -35.55 0.46 -65.26
C LEU J 330 -35.82 1.03 -66.64
N THR J 331 -36.96 1.70 -66.79
CA THR J 331 -37.27 2.37 -68.06
C THR J 331 -36.36 3.58 -68.23
N GLN J 332 -35.73 3.69 -69.40
CA GLN J 332 -34.69 4.70 -69.59
C GLN J 332 -35.25 6.12 -69.66
N GLU J 333 -36.54 6.29 -69.91
CA GLU J 333 -37.12 7.62 -70.00
C GLU J 333 -37.54 8.18 -68.65
N ASN J 334 -37.70 7.34 -67.64
CA ASN J 334 -38.12 7.79 -66.31
C ASN J 334 -37.30 7.06 -65.24
N MET J 335 -35.99 7.00 -65.45
CA MET J 335 -35.11 6.30 -64.52
C MET J 335 -35.17 6.84 -63.09
N PRO J 336 -35.06 8.15 -62.82
CA PRO J 336 -34.96 8.56 -61.41
C PRO J 336 -36.25 8.42 -60.63
N THR J 337 -37.38 8.82 -61.20
CA THR J 337 -38.64 8.75 -60.46
C THR J 337 -39.05 7.31 -60.21
N LEU J 338 -38.80 6.42 -61.17
CA LEU J 338 -39.18 5.02 -61.00
C LEU J 338 -38.31 4.34 -59.95
N PHE J 339 -37.00 4.61 -59.96
CA PHE J 339 -36.11 3.94 -59.01
C PHE J 339 -36.41 4.35 -57.58
N VAL J 340 -36.64 5.63 -57.34
CA VAL J 340 -36.94 6.09 -55.98
C VAL J 340 -38.27 5.53 -55.51
N GLU J 341 -39.27 5.52 -56.39
CA GLU J 341 -40.59 5.03 -56.01
C GLU J 341 -40.57 3.53 -55.75
N SER J 342 -39.79 2.77 -56.52
CA SER J 342 -39.71 1.33 -56.29
C SER J 342 -39.12 1.02 -54.93
N VAL J 343 -38.06 1.74 -54.54
CA VAL J 343 -37.47 1.54 -53.22
C VAL J 343 -38.43 2.01 -52.14
N LEU J 344 -39.11 3.14 -52.37
CA LEU J 344 -40.08 3.62 -51.40
C LEU J 344 -41.27 2.68 -51.27
N GLU J 345 -41.70 2.09 -52.39
CA GLU J 345 -42.81 1.14 -52.32
C GLU J 345 -42.41 -0.12 -51.55
N VAL J 346 -41.19 -0.60 -51.77
CA VAL J 346 -40.70 -1.76 -51.02
C VAL J 346 -40.57 -1.40 -49.54
N HIS J 347 -39.95 -0.26 -49.25
CA HIS J 347 -39.80 0.16 -47.86
C HIS J 347 -41.15 0.48 -47.23
N GLY J 348 -42.03 1.16 -47.97
CA GLY J 348 -43.30 1.58 -47.41
C GLY J 348 -44.26 0.44 -47.14
N LYS J 349 -44.15 -0.66 -47.88
CA LYS J 349 -45.02 -1.81 -47.66
C LYS J 349 -44.44 -2.77 -46.63
N PHE J 350 -43.12 -2.99 -46.66
CA PHE J 350 -42.51 -3.92 -45.72
C PHE J 350 -42.39 -3.36 -44.31
N VAL J 351 -42.33 -2.04 -44.14
CA VAL J 351 -42.37 -1.49 -42.80
C VAL J 351 -43.74 -1.72 -42.18
N GLN J 352 -44.79 -1.81 -43.00
CA GLN J 352 -46.11 -2.16 -42.49
C GLN J 352 -46.12 -3.58 -41.95
N LEU J 353 -45.47 -4.52 -42.65
CA LEU J 353 -45.45 -5.91 -42.20
C LEU J 353 -44.76 -6.04 -40.86
N ILE J 354 -43.66 -5.32 -40.66
CA ILE J 354 -42.99 -5.34 -39.36
C ILE J 354 -43.82 -4.60 -38.31
N ASN J 355 -44.80 -3.82 -38.73
CA ASN J 355 -45.62 -3.05 -37.80
C ASN J 355 -47.08 -3.51 -37.72
N THR J 356 -47.50 -4.47 -38.54
CA THR J 356 -48.86 -4.98 -38.50
C THR J 356 -48.91 -6.43 -38.03
N VAL J 357 -48.22 -7.33 -38.71
CA VAL J 357 -48.20 -8.74 -38.31
C VAL J 357 -46.97 -9.08 -37.48
N LEU J 358 -46.02 -8.17 -37.36
CA LEU J 358 -44.87 -8.33 -36.49
C LEU J 358 -44.80 -7.15 -35.54
N ASN J 359 -43.85 -7.22 -34.61
CA ASN J 359 -43.54 -6.09 -33.75
C ASN J 359 -42.31 -5.39 -34.27
N GLY J 360 -42.27 -4.07 -34.09
CA GLY J 360 -41.19 -3.27 -34.65
C GLY J 360 -39.86 -3.48 -33.95
N ASP J 361 -39.40 -4.73 -33.91
CA ASP J 361 -38.11 -5.03 -33.29
C ASP J 361 -36.98 -4.43 -34.12
N GLN J 362 -35.98 -3.88 -33.44
CA GLN J 362 -34.82 -3.34 -34.13
C GLN J 362 -34.05 -4.42 -34.88
N HIS J 363 -34.18 -5.69 -34.48
CA HIS J 363 -33.56 -6.76 -35.24
C HIS J 363 -34.14 -6.86 -36.63
N PHE J 364 -35.47 -6.72 -36.76
CA PHE J 364 -36.08 -6.74 -38.08
C PHE J 364 -35.86 -5.42 -38.82
N MET J 365 -35.93 -4.30 -38.10
CA MET J 365 -35.71 -3.00 -38.74
C MET J 365 -34.29 -2.86 -39.25
N SER J 366 -33.31 -3.36 -38.49
CA SER J 366 -31.94 -3.39 -38.99
C SER J 366 -31.80 -4.36 -40.14
N ALA J 367 -32.55 -5.46 -40.12
CA ALA J 367 -32.54 -6.39 -41.24
C ALA J 367 -33.07 -5.72 -42.51
N LEU J 368 -34.14 -4.93 -42.37
CA LEU J 368 -34.64 -4.19 -43.51
C LEU J 368 -33.64 -3.15 -44.00
N ASP J 369 -33.01 -2.41 -43.07
CA ASP J 369 -32.07 -1.38 -43.45
C ASP J 369 -30.83 -1.97 -44.11
N LYS J 370 -30.33 -3.10 -43.58
CA LYS J 370 -29.19 -3.76 -44.20
C LYS J 370 -29.55 -4.30 -45.58
N ALA J 371 -30.78 -4.81 -45.74
CA ALA J 371 -31.19 -5.33 -47.02
C ALA J 371 -31.41 -4.21 -48.04
N LEU J 372 -32.04 -3.11 -47.63
CA LEU J 372 -32.27 -2.02 -48.55
C LEU J 372 -30.98 -1.28 -48.90
N THR J 373 -30.01 -1.28 -48.00
CA THR J 373 -28.71 -0.71 -48.31
C THR J 373 -28.03 -1.46 -49.45
N SER J 374 -28.11 -2.79 -49.42
CA SER J 374 -27.45 -3.59 -50.45
C SER J 374 -28.13 -3.44 -51.80
N VAL J 375 -29.47 -3.45 -51.84
CA VAL J 375 -30.16 -3.40 -53.12
C VAL J 375 -30.04 -2.02 -53.76
N VAL J 376 -30.07 -0.96 -52.94
CA VAL J 376 -29.91 0.39 -53.48
C VAL J 376 -28.50 0.57 -54.03
N ASN J 377 -27.49 0.19 -53.26
CA ASN J 377 -26.10 0.30 -53.70
C ASN J 377 -25.67 -0.97 -54.43
N TYR J 378 -26.40 -1.25 -55.52
CA TYR J 378 -26.13 -2.43 -56.33
C TYR J 378 -24.90 -2.16 -57.19
N ARG J 379 -23.77 -2.76 -56.80
CA ARG J 379 -22.50 -2.56 -57.48
C ARG J 379 -22.27 -3.69 -58.48
N GLU J 380 -22.46 -3.40 -59.76
CA GLU J 380 -22.09 -4.36 -60.79
C GLU J 380 -20.57 -4.50 -60.85
N PRO J 381 -20.07 -5.67 -61.26
CA PRO J 381 -18.62 -5.85 -61.39
C PRO J 381 -18.03 -4.86 -62.39
N LYS J 382 -16.89 -4.28 -62.01
CA LYS J 382 -16.13 -3.30 -62.81
C LYS J 382 -16.98 -2.11 -63.26
N SER J 383 -18.15 -1.91 -62.65
CA SER J 383 -19.06 -0.84 -63.03
C SER J 383 -19.51 -0.09 -61.79
N VAL J 384 -19.85 1.17 -61.97
CA VAL J 384 -20.26 2.05 -60.88
C VAL J 384 -21.76 1.90 -60.64
N CYS J 385 -22.16 1.99 -59.38
CA CYS J 385 -23.57 1.94 -59.03
C CYS J 385 -24.27 3.23 -59.45
N LYS J 386 -25.51 3.09 -59.92
CA LYS J 386 -26.27 4.22 -60.39
C LYS J 386 -27.12 4.88 -59.30
N ALA J 387 -27.02 4.38 -58.07
CA ALA J 387 -27.83 4.94 -56.98
C ALA J 387 -27.55 6.42 -56.72
N PRO J 388 -26.30 6.90 -56.62
CA PRO J 388 -26.11 8.35 -56.45
C PRO J 388 -26.64 9.16 -57.63
N GLU J 389 -26.53 8.64 -58.84
CA GLU J 389 -26.99 9.41 -60.00
C GLU J 389 -28.51 9.43 -60.07
N LEU J 390 -29.16 8.30 -59.80
CA LEU J 390 -30.61 8.24 -59.92
C LEU J 390 -31.30 9.09 -58.86
N LEU J 391 -30.84 9.01 -57.61
CA LEU J 391 -31.45 9.81 -56.55
C LEU J 391 -31.22 11.29 -56.76
N ALA J 392 -30.03 11.67 -57.22
CA ALA J 392 -29.77 13.08 -57.50
C ALA J 392 -30.65 13.59 -58.62
N LYS J 393 -30.80 12.80 -59.69
CA LYS J 393 -31.64 13.22 -60.80
C LYS J 393 -33.10 13.28 -60.41
N TYR J 394 -33.52 12.50 -59.41
CA TYR J 394 -34.89 12.58 -58.92
C TYR J 394 -35.18 13.95 -58.33
N CYS J 395 -34.22 14.51 -57.59
CA CYS J 395 -34.41 15.84 -57.02
C CYS J 395 -34.50 16.90 -58.12
N ASP J 396 -33.62 16.82 -59.12
CA ASP J 396 -33.65 17.79 -60.20
C ASP J 396 -34.93 17.69 -61.01
N ASN J 397 -35.41 16.47 -61.27
CA ASN J 397 -36.64 16.29 -62.02
C ASN J 397 -37.87 16.74 -61.25
N LEU J 398 -37.75 17.02 -59.95
CA LEU J 398 -38.88 17.43 -59.13
C LEU J 398 -38.89 18.92 -58.83
N LEU J 399 -37.74 19.56 -58.79
CA LEU J 399 -37.65 20.99 -58.50
C LEU J 399 -37.79 21.86 -59.74
N LYS J 400 -37.98 21.27 -60.91
CA LYS J 400 -38.13 22.04 -62.14
C LYS J 400 -39.50 22.70 -62.18
N LYS J 401 -39.53 24.00 -62.49
CA LYS J 401 -40.78 24.69 -62.73
C LYS J 401 -41.32 24.43 -64.14
N SER J 402 -40.47 23.94 -65.05
CA SER J 402 -40.89 23.70 -66.42
C SER J 402 -41.84 22.51 -66.50
N ALA J 403 -42.46 22.36 -67.67
CA ALA J 403 -43.41 21.29 -67.98
C ALA J 403 -44.57 21.38 -67.00
N LYS J 404 -44.86 20.35 -66.21
CA LYS J 404 -45.98 20.36 -65.28
C LYS J 404 -45.45 20.40 -63.85
N GLY J 405 -45.96 21.36 -63.07
CA GLY J 405 -45.59 21.46 -61.68
C GLY J 405 -46.38 20.50 -60.80
N MET J 406 -46.02 20.50 -59.51
CA MET J 406 -46.70 19.66 -58.53
C MET J 406 -46.95 20.41 -57.23
N THR J 407 -47.15 21.73 -57.30
CA THR J 407 -47.42 22.62 -56.17
C THR J 407 -46.29 22.61 -55.14
N GLU J 408 -46.38 23.48 -54.14
CA GLU J 408 -45.36 23.55 -53.11
C GLU J 408 -45.51 22.42 -52.09
N ASN J 409 -46.76 22.08 -51.72
CA ASN J 409 -46.97 21.14 -50.63
C ASN J 409 -46.66 19.72 -51.06
N GLU J 410 -47.03 19.34 -52.29
CA GLU J 410 -46.84 17.96 -52.72
C GLU J 410 -45.38 17.64 -53.02
N VAL J 411 -44.62 18.63 -53.53
CA VAL J 411 -43.22 18.39 -53.85
C VAL J 411 -42.43 18.10 -52.58
N GLU J 412 -42.63 18.91 -51.54
CA GLU J 412 -41.89 18.70 -50.30
C GLU J 412 -42.31 17.40 -49.61
N ASP J 413 -43.55 16.96 -49.85
CA ASP J 413 -43.98 15.67 -49.31
C ASP J 413 -43.20 14.52 -49.94
N ARG J 414 -43.01 14.57 -51.26
CA ARG J 414 -42.22 13.55 -51.94
C ARG J 414 -40.75 13.63 -51.53
N LEU J 415 -40.23 14.85 -51.37
CA LEU J 415 -38.84 15.01 -50.97
C LEU J 415 -38.62 14.58 -49.53
N THR J 416 -39.63 14.73 -48.67
CA THR J 416 -39.52 14.22 -47.31
C THR J 416 -39.36 12.71 -47.31
N SER J 417 -40.13 12.02 -48.14
CA SER J 417 -39.98 10.58 -48.27
C SER J 417 -38.74 10.20 -49.05
N PHE J 418 -38.17 11.14 -49.82
CA PHE J 418 -36.95 10.86 -50.54
C PHE J 418 -35.76 10.64 -49.60
N ILE J 419 -35.83 11.21 -48.40
CA ILE J 419 -34.74 11.07 -47.44
C ILE J 419 -34.55 9.61 -47.05
N THR J 420 -35.65 8.85 -47.00
CA THR J 420 -35.54 7.42 -46.65
C THR J 420 -34.68 6.68 -47.65
N VAL J 421 -34.86 6.95 -48.95
CA VAL J 421 -34.00 6.34 -49.95
C VAL J 421 -32.58 6.88 -49.84
N PHE J 422 -32.45 8.16 -49.49
CA PHE J 422 -31.12 8.77 -49.40
C PHE J 422 -30.28 8.15 -48.28
N LYS J 423 -30.92 7.78 -47.17
CA LYS J 423 -30.18 7.28 -46.02
C LYS J 423 -29.47 5.96 -46.30
N TYR J 424 -29.90 5.21 -47.31
CA TYR J 424 -29.30 3.93 -47.64
C TYR J 424 -28.17 4.05 -48.66
N ILE J 425 -27.84 5.27 -49.08
CA ILE J 425 -26.75 5.45 -50.04
C ILE J 425 -25.44 5.18 -49.33
N ASP J 426 -24.67 4.21 -49.85
CA ASP J 426 -23.40 3.86 -49.22
C ASP J 426 -22.34 4.93 -49.48
N ASP J 427 -22.37 5.55 -50.66
CA ASP J 427 -21.42 6.59 -51.03
C ASP J 427 -22.18 7.91 -51.16
N LYS J 428 -22.35 8.60 -50.03
CA LYS J 428 -23.04 9.88 -50.04
C LYS J 428 -22.15 11.02 -50.53
N ASP J 429 -20.84 10.86 -50.46
CA ASP J 429 -19.93 11.91 -50.90
C ASP J 429 -20.04 12.15 -52.41
N VAL J 430 -20.16 11.06 -53.18
CA VAL J 430 -20.29 11.22 -54.63
C VAL J 430 -21.68 11.74 -54.98
N PHE J 431 -22.66 11.54 -54.10
CA PHE J 431 -23.97 12.14 -54.34
C PHE J 431 -23.92 13.65 -54.16
N GLN J 432 -23.18 14.13 -53.15
CA GLN J 432 -23.06 15.56 -52.94
C GLN J 432 -22.37 16.24 -54.12
N LYS J 433 -21.31 15.62 -54.64
CA LYS J 433 -20.64 16.18 -55.81
C LYS J 433 -21.57 16.18 -57.01
N PHE J 434 -22.34 15.11 -57.18
CA PHE J 434 -23.26 15.03 -58.32
C PHE J 434 -24.41 16.00 -58.16
N TYR J 435 -24.88 16.20 -56.93
CA TYR J 435 -25.96 17.16 -56.70
C TYR J 435 -25.46 18.59 -56.84
N ALA J 436 -24.25 18.86 -56.35
CA ALA J 436 -23.68 20.21 -56.48
C ALA J 436 -23.43 20.56 -57.94
N ARG J 437 -22.95 19.60 -58.73
CA ARG J 437 -22.76 19.81 -60.16
C ARG J 437 -24.06 20.00 -60.90
N MET J 438 -25.19 19.72 -60.26
CA MET J 438 -26.51 19.91 -60.85
C MET J 438 -27.32 21.02 -60.19
N LEU J 439 -27.11 21.26 -58.90
CA LEU J 439 -27.71 22.44 -58.27
C LEU J 439 -27.12 23.72 -58.84
N ALA J 440 -25.82 23.74 -59.10
CA ALA J 440 -25.19 24.92 -59.67
C ALA J 440 -25.76 25.26 -61.04
N LYS J 441 -25.94 24.24 -61.88
CA LYS J 441 -26.54 24.46 -63.18
C LYS J 441 -28.01 24.83 -63.06
N ARG J 442 -28.69 24.33 -62.03
CA ARG J 442 -30.11 24.65 -61.86
C ARG J 442 -30.30 26.07 -61.35
N LEU J 443 -29.46 26.52 -60.42
CA LEU J 443 -29.70 27.80 -59.76
C LEU J 443 -29.40 28.97 -60.69
N ILE J 444 -28.28 28.93 -61.41
CA ILE J 444 -27.84 30.08 -62.18
C ILE J 444 -28.73 30.34 -63.39
N HIS J 445 -29.44 29.34 -63.88
CA HIS J 445 -30.27 29.50 -65.06
C HIS J 445 -31.62 30.10 -64.75
N GLY J 446 -31.91 30.38 -63.48
CA GLY J 446 -33.21 30.87 -63.07
C GLY J 446 -34.27 29.82 -62.96
N LEU J 447 -33.92 28.56 -63.20
CA LEU J 447 -34.88 27.45 -63.18
C LEU J 447 -34.99 26.95 -61.74
N SER J 448 -36.15 27.18 -61.12
CA SER J 448 -36.39 26.72 -59.76
C SER J 448 -37.88 26.71 -59.52
N MET J 449 -38.36 25.70 -58.78
CA MET J 449 -39.76 25.68 -58.38
C MET J 449 -40.08 26.86 -57.48
N SER J 450 -39.30 27.04 -56.42
CA SER J 450 -39.36 28.22 -55.57
C SER J 450 -38.05 28.31 -54.82
N MET J 451 -37.74 29.52 -54.35
CA MET J 451 -36.50 29.71 -53.59
C MET J 451 -36.53 28.97 -52.27
N ASP J 452 -37.72 28.88 -51.64
CA ASP J 452 -37.82 28.17 -50.37
C ASP J 452 -37.73 26.66 -50.56
N SER J 453 -38.18 26.15 -51.71
CA SER J 453 -38.14 24.71 -51.94
C SER J 453 -36.71 24.19 -51.99
N GLU J 454 -35.81 24.91 -52.66
CA GLU J 454 -34.40 24.53 -52.65
C GLU J 454 -33.80 24.70 -51.27
N GLU J 455 -34.26 25.69 -50.51
CA GLU J 455 -33.83 25.83 -49.13
C GLU J 455 -34.27 24.63 -48.29
N ALA J 456 -35.50 24.17 -48.49
CA ALA J 456 -36.00 23.03 -47.73
C ALA J 456 -35.21 21.77 -48.04
N MET J 457 -34.90 21.54 -49.32
CA MET J 457 -34.08 20.38 -49.68
C MET J 457 -32.69 20.47 -49.08
N ILE J 458 -32.10 21.67 -49.11
CA ILE J 458 -30.78 21.85 -48.50
C ILE J 458 -30.86 21.69 -46.99
N ASN J 459 -31.90 22.23 -46.37
CA ASN J 459 -32.03 22.13 -44.92
C ASN J 459 -32.28 20.69 -44.48
N LYS J 460 -32.96 19.89 -45.30
CA LYS J 460 -33.22 18.51 -44.92
C LYS J 460 -31.95 17.69 -44.89
N LEU J 461 -31.06 17.89 -45.87
CA LEU J 461 -29.78 17.17 -45.87
C LEU J 461 -28.91 17.57 -44.69
N LYS J 462 -29.05 18.81 -44.20
CA LYS J 462 -28.23 19.28 -43.10
C LYS J 462 -28.51 18.47 -41.83
N GLN J 463 -29.77 18.16 -41.57
CA GLN J 463 -30.13 17.37 -40.40
C GLN J 463 -30.14 15.88 -40.66
N ALA J 464 -30.29 15.45 -41.91
CA ALA J 464 -30.35 14.03 -42.21
C ALA J 464 -28.94 13.42 -42.28
N CYS J 465 -28.13 13.90 -43.22
CA CYS J 465 -26.80 13.32 -43.40
C CYS J 465 -25.81 13.88 -42.38
N GLY J 466 -25.56 15.19 -42.44
CA GLY J 466 -24.60 15.78 -41.52
C GLY J 466 -24.66 17.29 -41.61
N TYR J 467 -24.16 17.93 -40.55
CA TYR J 467 -24.18 19.39 -40.50
C TYR J 467 -23.14 19.99 -41.43
N GLU J 468 -21.92 19.44 -41.44
CA GLU J 468 -20.89 19.89 -42.33
C GLU J 468 -20.98 19.28 -43.72
N PHE J 469 -21.86 18.28 -43.89
CA PHE J 469 -22.07 17.70 -45.21
C PHE J 469 -22.65 18.73 -46.18
N THR J 470 -23.65 19.48 -45.72
CA THR J 470 -24.27 20.53 -46.54
C THR J 470 -23.70 21.89 -46.12
N SER J 471 -22.46 22.14 -46.55
CA SER J 471 -21.81 23.42 -46.35
C SER J 471 -21.56 24.12 -47.67
N LYS J 472 -20.85 23.46 -48.60
CA LYS J 472 -20.72 24.01 -49.94
C LYS J 472 -22.06 24.07 -50.63
N LEU J 473 -22.90 23.04 -50.43
CA LEU J 473 -24.25 23.06 -50.97
C LEU J 473 -25.07 24.19 -50.39
N HIS J 474 -24.94 24.43 -49.08
CA HIS J 474 -25.65 25.54 -48.46
C HIS J 474 -25.06 26.88 -48.88
N ARG J 475 -23.75 26.94 -49.10
CA ARG J 475 -23.14 28.16 -49.60
C ARG J 475 -23.48 28.40 -51.06
N MET J 476 -23.87 27.36 -51.79
CA MET J 476 -24.41 27.57 -53.13
C MET J 476 -25.71 28.35 -53.06
N TYR J 477 -26.56 28.03 -52.09
CA TYR J 477 -27.65 28.90 -51.70
C TYR J 477 -27.09 30.06 -50.88
N THR J 478 -27.94 31.03 -50.57
CA THR J 478 -27.60 32.21 -49.78
C THR J 478 -26.63 33.11 -50.55
N ASP J 479 -26.18 32.67 -51.71
CA ASP J 479 -25.43 33.52 -52.63
C ASP J 479 -26.35 34.18 -53.66
N MET J 480 -27.29 33.42 -54.22
CA MET J 480 -28.34 34.02 -55.01
C MET J 480 -29.32 34.79 -54.14
N SER J 481 -29.46 34.40 -52.87
CA SER J 481 -30.31 35.13 -51.95
C SER J 481 -29.78 36.52 -51.68
N VAL J 482 -28.46 36.66 -51.51
CA VAL J 482 -27.86 37.98 -51.35
C VAL J 482 -27.56 38.66 -52.67
N SER J 483 -27.68 37.94 -53.78
CA SER J 483 -27.48 38.57 -55.08
C SER J 483 -28.52 39.63 -55.35
N ALA J 484 -29.78 39.36 -54.99
CA ALA J 484 -30.82 40.38 -55.10
C ALA J 484 -30.54 41.56 -54.18
N ASP J 485 -30.07 41.28 -52.95
CA ASP J 485 -29.68 42.36 -52.06
C ASP J 485 -28.50 43.14 -52.60
N LEU J 486 -27.51 42.44 -53.16
CA LEU J 486 -26.32 43.13 -53.66
C LEU J 486 -26.63 43.93 -54.91
N ASN J 487 -27.46 43.39 -55.81
CA ASN J 487 -27.79 44.11 -57.03
C ASN J 487 -28.58 45.38 -56.73
N ASN J 488 -29.37 45.37 -55.65
CA ASN J 488 -29.98 46.61 -55.18
C ASN J 488 -28.92 47.61 -54.76
N LYS J 489 -27.89 47.14 -54.03
CA LYS J 489 -26.81 48.04 -53.64
C LYS J 489 -25.98 48.46 -54.84
N PHE J 490 -25.73 47.53 -55.78
CA PHE J 490 -24.96 47.86 -56.97
C PHE J 490 -25.68 48.89 -57.84
N ASN J 491 -26.99 48.71 -58.03
CA ASN J 491 -27.75 49.69 -58.79
C ASN J 491 -27.80 51.03 -58.05
N ASN J 492 -27.91 51.00 -56.72
CA ASN J 492 -27.89 52.22 -55.94
C ASN J 492 -26.52 52.88 -55.96
N PHE J 493 -25.46 52.09 -56.15
CA PHE J 493 -24.11 52.65 -56.18
C PHE J 493 -23.92 53.57 -57.38
N ILE J 494 -24.39 53.16 -58.56
CA ILE J 494 -24.18 53.98 -59.74
C ILE J 494 -25.11 55.20 -59.74
N LYS J 495 -26.26 55.10 -59.08
CA LYS J 495 -27.15 56.27 -59.00
C LYS J 495 -26.61 57.32 -58.05
N ASN J 496 -25.87 56.90 -57.03
CA ASN J 496 -25.25 57.82 -56.07
C ASN J 496 -23.87 58.27 -56.51
N GLN J 497 -23.44 57.90 -57.72
CA GLN J 497 -22.15 58.34 -58.23
C GLN J 497 -22.14 59.85 -58.42
N ASP J 498 -20.99 60.47 -58.15
CA ASP J 498 -20.86 61.91 -58.30
C ASP J 498 -21.08 62.33 -59.75
N THR J 499 -20.21 61.86 -60.64
CA THR J 499 -20.40 62.11 -62.07
C THR J 499 -21.50 61.21 -62.61
N VAL J 500 -22.11 61.64 -63.71
CA VAL J 500 -23.20 60.89 -64.33
C VAL J 500 -22.59 59.81 -65.22
N ILE J 501 -22.68 58.56 -64.78
CA ILE J 501 -22.20 57.41 -65.55
C ILE J 501 -23.38 56.50 -65.83
N ASP J 502 -23.66 56.27 -67.10
CA ASP J 502 -24.73 55.40 -67.54
C ASP J 502 -24.13 54.11 -68.07
N LEU J 503 -24.57 52.97 -67.51
CA LEU J 503 -24.06 51.69 -67.96
C LEU J 503 -24.58 51.34 -69.35
N GLY J 504 -25.78 51.77 -69.69
CA GLY J 504 -26.36 51.44 -70.98
C GLY J 504 -27.09 50.12 -70.92
N ILE J 505 -26.40 49.05 -71.32
CA ILE J 505 -26.94 47.70 -71.26
C ILE J 505 -27.19 47.33 -69.80
N SER J 506 -28.46 47.19 -69.42
CA SER J 506 -28.79 46.81 -68.05
C SER J 506 -28.39 45.37 -67.78
N PHE J 507 -27.84 45.13 -66.59
CA PHE J 507 -27.36 43.80 -66.25
C PHE J 507 -27.36 43.62 -64.75
N GLN J 508 -27.49 42.36 -64.33
CA GLN J 508 -27.40 41.97 -62.93
C GLN J 508 -26.44 40.80 -62.80
N ILE J 509 -25.85 40.67 -61.61
CA ILE J 509 -24.77 39.72 -61.38
C ILE J 509 -25.10 38.86 -60.17
N TYR J 510 -24.91 37.54 -60.32
CA TYR J 510 -24.90 36.63 -59.19
C TYR J 510 -23.45 36.43 -58.75
N VAL J 511 -23.17 36.67 -57.48
CA VAL J 511 -21.83 36.47 -56.93
C VAL J 511 -21.72 35.07 -56.38
N LEU J 512 -20.63 34.39 -56.70
CA LEU J 512 -20.44 32.98 -56.38
C LEU J 512 -19.10 32.81 -55.69
N GLN J 513 -19.09 32.09 -54.56
CA GLN J 513 -17.81 31.78 -53.93
C GLN J 513 -17.02 30.80 -54.77
N ALA J 514 -15.71 31.01 -54.84
CA ALA J 514 -14.87 30.11 -55.61
C ALA J 514 -14.76 28.75 -54.95
N GLY J 515 -14.70 28.72 -53.61
CA GLY J 515 -14.49 27.50 -52.89
C GLY J 515 -15.73 26.68 -52.63
N ALA J 516 -16.90 27.12 -53.09
CA ALA J 516 -18.15 26.41 -52.87
C ALA J 516 -18.76 25.86 -54.16
N TRP J 517 -18.94 26.70 -55.16
CA TRP J 517 -19.57 26.26 -56.40
C TRP J 517 -18.63 25.33 -57.17
N PRO J 518 -19.16 24.34 -57.87
CA PRO J 518 -18.30 23.44 -58.64
C PRO J 518 -18.05 23.94 -60.05
N LEU J 519 -18.34 25.21 -60.29
CA LEU J 519 -18.27 25.79 -61.61
C LEU J 519 -16.89 26.34 -61.96
N THR J 520 -15.90 26.17 -61.09
CA THR J 520 -14.56 26.70 -61.36
C THR J 520 -13.96 26.06 -62.61
N GLN J 521 -13.99 24.73 -62.67
CA GLN J 521 -13.51 23.93 -63.81
C GLN J 521 -12.04 24.28 -64.05
N ALA J 522 -11.62 24.46 -65.31
CA ALA J 522 -10.24 24.79 -65.65
C ALA J 522 -10.24 26.02 -66.55
N PRO J 523 -10.33 27.21 -65.97
CA PRO J 523 -10.37 28.42 -66.80
C PRO J 523 -9.01 28.78 -67.39
N SER J 524 -8.51 27.95 -68.30
CA SER J 524 -7.23 28.16 -68.93
C SER J 524 -7.32 28.96 -70.23
N SER J 525 -8.53 29.35 -70.64
CA SER J 525 -8.75 30.11 -71.86
C SER J 525 -9.04 31.56 -71.51
N THR J 526 -8.31 32.47 -72.14
CA THR J 526 -8.49 33.89 -71.91
C THR J 526 -9.65 34.43 -72.73
N PHE J 527 -9.99 35.70 -72.51
CA PHE J 527 -11.05 36.35 -73.27
C PHE J 527 -10.86 37.86 -73.19
N ALA J 528 -11.34 38.55 -74.22
CA ALA J 528 -11.29 40.00 -74.29
C ALA J 528 -12.69 40.48 -74.67
N ILE J 529 -13.48 40.87 -73.67
CA ILE J 529 -14.84 41.35 -73.93
C ILE J 529 -14.78 42.67 -74.70
N PRO J 530 -15.60 42.86 -75.74
CA PRO J 530 -15.55 44.12 -76.49
C PRO J 530 -16.17 45.28 -75.74
N GLN J 531 -16.25 46.44 -76.41
CA GLN J 531 -16.65 47.69 -75.78
C GLN J 531 -18.14 47.75 -75.44
N GLU J 532 -18.94 46.79 -75.90
CA GLU J 532 -20.38 46.81 -75.62
C GLU J 532 -20.70 46.66 -74.13
N LEU J 533 -19.78 46.08 -73.35
CA LEU J 533 -19.99 45.93 -71.92
C LEU J 533 -18.75 46.31 -71.11
N GLU J 534 -17.77 46.96 -71.73
CA GLU J 534 -16.57 47.39 -70.99
C GLU J 534 -16.93 48.43 -69.95
N LYS J 535 -17.82 49.36 -70.28
CA LYS J 535 -18.21 50.40 -69.34
C LYS J 535 -18.92 49.81 -68.12
N SER J 536 -19.81 48.83 -68.35
CA SER J 536 -20.52 48.21 -67.23
C SER J 536 -19.58 47.40 -66.36
N VAL J 537 -18.65 46.66 -66.97
CA VAL J 537 -17.75 45.81 -66.19
C VAL J 537 -16.66 46.63 -65.52
N GLN J 538 -16.35 47.83 -66.02
CA GLN J 538 -15.28 48.63 -65.44
C GLN J 538 -15.62 49.08 -64.03
N MET J 539 -16.82 49.65 -63.85
CA MET J 539 -17.19 50.19 -62.55
C MET J 539 -17.56 49.10 -61.55
N PHE J 540 -18.04 47.96 -62.04
CA PHE J 540 -18.39 46.86 -61.13
C PHE J 540 -17.16 46.35 -60.39
N GLU J 541 -16.04 46.22 -61.09
CA GLU J 541 -14.78 45.90 -60.42
C GLU J 541 -14.41 46.99 -59.43
N LEU J 542 -14.61 48.25 -59.81
CA LEU J 542 -14.41 49.35 -58.85
C LEU J 542 -15.41 49.27 -57.72
N PHE J 543 -16.67 48.94 -58.03
CA PHE J 543 -17.69 48.87 -56.98
C PHE J 543 -17.43 47.73 -56.02
N TYR J 544 -17.12 46.54 -56.54
CA TYR J 544 -16.91 45.39 -55.68
C TYR J 544 -15.65 45.54 -54.84
N SER J 545 -14.62 46.18 -55.38
CA SER J 545 -13.38 46.37 -54.61
C SER J 545 -13.62 47.28 -53.42
N GLN J 546 -14.35 48.37 -53.60
CA GLN J 546 -14.59 49.28 -52.48
C GLN J 546 -15.63 48.75 -51.51
N HIS J 547 -16.65 48.04 -52.02
CA HIS J 547 -17.66 47.46 -51.14
C HIS J 547 -17.09 46.27 -50.37
N PHE J 548 -16.29 45.44 -51.03
CA PHE J 548 -15.66 44.28 -50.41
C PHE J 548 -14.16 44.35 -50.67
N SER J 549 -13.39 44.65 -49.63
CA SER J 549 -11.96 44.80 -49.79
C SER J 549 -11.29 43.44 -50.01
N GLY J 550 -10.40 43.39 -50.99
CA GLY J 550 -9.61 42.19 -51.22
C GLY J 550 -10.40 40.99 -51.68
N ARG J 551 -11.33 41.17 -52.62
CA ARG J 551 -12.15 40.08 -53.14
C ARG J 551 -12.23 40.25 -54.66
N LYS J 552 -11.29 39.62 -55.37
CA LYS J 552 -11.25 39.74 -56.82
C LYS J 552 -12.45 39.03 -57.44
N LEU J 553 -12.83 39.49 -58.62
CA LEU J 553 -13.96 38.95 -59.36
C LEU J 553 -13.44 38.19 -60.57
N THR J 554 -13.87 36.93 -60.72
CA THR J 554 -13.56 36.13 -61.88
C THR J 554 -14.82 35.90 -62.68
N TRP J 555 -14.78 36.24 -63.97
CA TRP J 555 -15.96 36.17 -64.82
C TRP J 555 -15.91 34.89 -65.63
N LEU J 556 -16.87 34.00 -65.38
CA LEU J 556 -16.95 32.72 -66.08
C LEU J 556 -17.70 32.95 -67.39
N HIS J 557 -16.98 33.48 -68.38
CA HIS J 557 -17.61 34.02 -69.58
C HIS J 557 -18.33 32.96 -70.39
N TYR J 558 -17.80 31.72 -70.41
CA TYR J 558 -18.46 30.68 -71.19
C TYR J 558 -19.79 30.28 -70.59
N LEU J 559 -19.97 30.47 -69.28
CA LEU J 559 -21.22 30.13 -68.61
C LEU J 559 -22.16 31.32 -68.50
N CYS J 560 -21.75 32.50 -68.95
CA CYS J 560 -22.63 33.66 -68.95
C CYS J 560 -23.61 33.56 -70.12
N THR J 561 -24.59 34.47 -70.14
CA THR J 561 -25.57 34.52 -71.20
C THR J 561 -26.13 35.93 -71.27
N GLY J 562 -26.95 36.17 -72.29
CA GLY J 562 -27.55 37.48 -72.45
C GLY J 562 -28.24 37.60 -73.79
N GLU J 563 -28.48 38.84 -74.20
CA GLU J 563 -29.10 39.16 -75.47
C GLU J 563 -28.53 40.47 -75.98
N VAL J 564 -28.65 40.68 -77.29
CA VAL J 564 -28.01 41.82 -77.96
C VAL J 564 -29.08 42.59 -78.74
N LYS J 565 -28.79 43.86 -79.01
CA LYS J 565 -29.69 44.68 -79.80
C LYS J 565 -29.78 44.16 -81.22
N MET J 566 -30.98 44.28 -81.80
CA MET J 566 -31.26 43.77 -83.15
C MET J 566 -31.97 44.88 -83.90
N ASN J 567 -31.20 45.72 -84.59
CA ASN J 567 -31.75 46.89 -85.26
C ASN J 567 -31.31 47.07 -86.70
N TYR J 568 -30.40 46.23 -87.22
CA TYR J 568 -29.95 46.43 -88.59
C TYR J 568 -30.99 45.96 -89.60
N LEU J 569 -31.80 44.96 -89.25
CA LEU J 569 -32.79 44.41 -90.16
C LEU J 569 -34.18 44.91 -89.77
N GLY J 570 -35.17 44.56 -90.60
CA GLY J 570 -36.51 45.05 -90.40
C GLY J 570 -37.17 44.53 -89.13
N LYS J 571 -37.03 43.22 -88.87
CA LYS J 571 -37.69 42.61 -87.74
C LYS J 571 -36.71 42.48 -86.57
N PRO J 572 -36.97 43.12 -85.43
CA PRO J 572 -36.07 43.02 -84.26
C PRO J 572 -36.26 41.74 -83.45
N TYR J 573 -35.60 40.68 -83.91
CA TYR J 573 -35.63 39.41 -83.20
C TYR J 573 -34.92 39.53 -81.86
N VAL J 574 -35.39 38.75 -80.88
CA VAL J 574 -34.78 38.68 -79.56
C VAL J 574 -34.30 37.25 -79.35
N ALA J 575 -33.00 37.08 -79.15
CA ALA J 575 -32.39 35.77 -79.00
C ALA J 575 -31.49 35.75 -77.77
N MET J 576 -31.45 34.60 -77.11
CA MET J 576 -30.61 34.39 -75.93
C MET J 576 -29.28 33.80 -76.40
N VAL J 577 -28.20 34.54 -76.21
CA VAL J 577 -26.86 34.09 -76.60
C VAL J 577 -25.92 34.29 -75.44
N THR J 578 -24.85 33.50 -75.42
CA THR J 578 -23.85 33.59 -74.37
C THR J 578 -22.93 34.77 -74.60
N THR J 579 -22.10 35.07 -73.60
CA THR J 579 -21.06 36.07 -73.77
C THR J 579 -20.05 35.63 -74.83
N TYR J 580 -19.74 34.34 -74.88
CA TYR J 580 -18.94 33.80 -75.97
C TYR J 580 -19.62 34.03 -77.32
N GLN J 581 -20.95 33.87 -77.36
CA GLN J 581 -21.72 34.16 -78.56
C GLN J 581 -22.01 35.65 -78.72
N MET J 582 -21.82 36.44 -77.66
CA MET J 582 -22.07 37.88 -77.76
C MET J 582 -21.09 38.56 -78.70
N ALA J 583 -19.81 38.18 -78.63
CA ALA J 583 -18.80 38.84 -79.45
C ALA J 583 -19.02 38.59 -80.94
N VAL J 584 -19.66 37.47 -81.29
CA VAL J 584 -19.94 37.19 -82.69
C VAL J 584 -21.01 38.14 -83.22
N LEU J 585 -22.07 38.36 -82.46
CA LEU J 585 -23.20 39.16 -82.95
C LEU J 585 -22.82 40.63 -83.07
N LEU J 586 -22.13 41.18 -82.06
CA LEU J 586 -21.81 42.60 -82.09
C LEU J 586 -20.82 42.93 -83.20
N ALA J 587 -19.92 42.00 -83.53
CA ALA J 587 -19.01 42.21 -84.65
C ALA J 587 -19.77 42.27 -85.97
N PHE J 588 -20.80 41.43 -86.12
CA PHE J 588 -21.58 41.43 -87.35
C PHE J 588 -22.50 42.65 -87.43
N ASN J 589 -22.96 43.17 -86.28
CA ASN J 589 -23.79 44.36 -86.30
C ASN J 589 -23.01 45.58 -86.82
N ASN J 590 -21.76 45.71 -86.42
CA ASN J 590 -20.95 46.85 -86.87
C ASN J 590 -20.56 46.70 -88.34
N SER J 591 -20.11 45.50 -88.72
CA SER J 591 -19.70 45.22 -90.10
C SER J 591 -20.45 43.99 -90.60
N GLU J 592 -21.14 44.14 -91.72
CA GLU J 592 -21.92 43.02 -92.27
C GLU J 592 -21.05 41.89 -92.79
N THR J 593 -19.80 42.17 -93.15
CA THR J 593 -18.87 41.17 -93.66
C THR J 593 -17.80 40.95 -92.60
N VAL J 594 -17.84 39.80 -91.93
CA VAL J 594 -16.88 39.43 -90.90
C VAL J 594 -16.36 38.04 -91.22
N SER J 595 -15.04 37.91 -91.28
CA SER J 595 -14.40 36.63 -91.56
C SER J 595 -14.02 35.92 -90.26
N TYR J 596 -13.69 34.64 -90.39
CA TYR J 596 -13.28 33.86 -89.23
C TYR J 596 -11.93 34.31 -88.70
N LYS J 597 -11.04 34.81 -89.57
CA LYS J 597 -9.75 35.29 -89.13
C LYS J 597 -9.88 36.50 -88.22
N GLU J 598 -10.79 37.42 -88.57
CA GLU J 598 -10.96 38.63 -87.78
C GLU J 598 -11.55 38.35 -86.40
N LEU J 599 -12.44 37.35 -86.31
CA LEU J 599 -13.05 37.03 -85.03
C LEU J 599 -12.11 36.26 -84.11
N GLN J 600 -11.23 35.42 -84.67
CA GLN J 600 -10.41 34.55 -83.85
C GLN J 600 -9.34 35.33 -83.09
N ASP J 601 -8.64 36.23 -83.78
CA ASP J 601 -7.60 37.01 -83.11
C ASP J 601 -8.17 38.16 -82.29
N SER J 602 -9.46 38.46 -82.41
CA SER J 602 -10.09 39.47 -81.57
C SER J 602 -10.36 38.95 -80.16
N THR J 603 -10.69 37.67 -80.03
CA THR J 603 -10.95 37.08 -78.72
C THR J 603 -9.71 36.53 -78.05
N GLN J 604 -8.73 36.08 -78.84
CA GLN J 604 -7.44 35.57 -78.35
C GLN J 604 -7.64 34.39 -77.40
N MET J 605 -8.20 33.31 -77.94
CA MET J 605 -8.46 32.11 -77.15
C MET J 605 -8.48 30.90 -78.09
N ASN J 606 -8.99 29.78 -77.58
CA ASN J 606 -8.88 28.51 -78.29
C ASN J 606 -9.65 28.52 -79.61
N GLU J 607 -9.00 28.07 -80.67
CA GLU J 607 -9.65 28.05 -81.98
C GLU J 607 -10.71 26.96 -82.07
N LYS J 608 -10.51 25.83 -81.40
CA LYS J 608 -11.47 24.74 -81.47
C LYS J 608 -12.77 25.06 -80.75
N GLU J 609 -12.78 26.06 -79.86
CA GLU J 609 -14.01 26.44 -79.19
C GLU J 609 -14.99 27.10 -80.15
N LEU J 610 -14.48 27.95 -81.05
CA LEU J 610 -15.33 28.66 -81.99
C LEU J 610 -15.88 27.77 -83.09
N THR J 611 -15.35 26.55 -83.25
CA THR J 611 -15.87 25.63 -84.26
C THR J 611 -17.31 25.24 -83.99
N LYS J 612 -17.76 25.33 -82.74
CA LYS J 612 -19.15 25.07 -82.39
C LYS J 612 -19.91 26.32 -81.98
N THR J 613 -19.21 27.42 -81.70
CA THR J 613 -19.89 28.67 -81.32
C THR J 613 -20.68 29.23 -82.49
N ILE J 614 -20.05 29.35 -83.66
CA ILE J 614 -20.78 29.75 -84.86
C ILE J 614 -21.69 28.62 -85.31
N LYS J 615 -21.24 27.37 -85.17
CA LYS J 615 -22.04 26.22 -85.59
C LYS J 615 -23.35 26.15 -84.81
N SER J 616 -23.35 26.60 -83.56
CA SER J 616 -24.61 26.72 -82.83
C SER J 616 -25.53 27.73 -83.50
N LEU J 617 -24.97 28.85 -83.97
CA LEU J 617 -25.76 29.82 -84.74
C LEU J 617 -26.09 29.31 -86.13
N LEU J 618 -25.34 28.34 -86.65
CA LEU J 618 -25.64 27.79 -87.97
C LEU J 618 -26.92 26.98 -87.95
N ASP J 619 -27.19 26.27 -86.85
CA ASP J 619 -28.43 25.51 -86.74
C ASP J 619 -29.65 26.41 -86.76
N VAL J 620 -29.58 27.55 -86.06
CA VAL J 620 -30.66 28.53 -86.08
C VAL J 620 -30.53 29.49 -87.26
N LYS J 621 -29.39 29.46 -87.96
CA LYS J 621 -29.16 30.25 -89.19
C LYS J 621 -29.24 31.74 -88.92
N MET J 622 -28.60 32.18 -87.84
CA MET J 622 -28.43 33.61 -87.61
C MET J 622 -27.33 34.20 -88.50
N ILE J 623 -26.32 33.39 -88.83
CA ILE J 623 -25.18 33.82 -89.64
C ILE J 623 -25.07 32.88 -90.82
N ASN J 624 -24.94 33.45 -92.02
CA ASN J 624 -24.77 32.66 -93.23
C ASN J 624 -23.29 32.41 -93.50
N HIS J 625 -22.97 31.16 -93.83
CA HIS J 625 -21.60 30.76 -94.12
C HIS J 625 -21.29 31.09 -95.57
N ASP J 626 -20.40 32.07 -95.78
CA ASP J 626 -20.03 32.46 -97.14
C ASP J 626 -19.16 31.40 -97.80
N SER J 627 -18.28 30.76 -97.05
CA SER J 627 -17.35 29.80 -97.62
C SER J 627 -18.07 28.55 -98.10
N GLU J 628 -17.63 28.03 -99.25
CA GLU J 628 -18.21 26.80 -99.78
C GLU J 628 -17.89 25.60 -98.91
N LYS J 629 -16.68 25.56 -98.33
CA LYS J 629 -16.28 24.44 -97.49
C LYS J 629 -17.16 24.35 -96.25
N GLU J 630 -17.64 23.14 -95.96
CA GLU J 630 -18.53 22.96 -94.81
C GLU J 630 -17.77 23.10 -93.50
N ASP J 631 -16.54 22.59 -93.45
CA ASP J 631 -15.73 22.72 -92.25
C ASP J 631 -15.36 24.18 -92.01
N ILE J 632 -15.42 24.59 -90.74
CA ILE J 632 -15.15 25.97 -90.37
C ILE J 632 -13.67 26.08 -90.04
N ASP J 633 -12.93 26.83 -90.87
CA ASP J 633 -11.51 27.06 -90.63
C ASP J 633 -11.22 28.55 -90.70
N ALA J 634 -9.92 28.91 -90.69
CA ALA J 634 -9.54 30.31 -90.72
C ALA J 634 -9.97 30.98 -92.03
N GLU J 635 -9.78 30.29 -93.15
CA GLU J 635 -10.12 30.86 -94.45
C GLU J 635 -11.63 30.97 -94.67
N SER J 636 -12.43 30.37 -93.83
CA SER J 636 -13.88 30.45 -93.97
C SER J 636 -14.37 31.86 -93.70
N SER J 637 -15.37 32.30 -94.46
CA SER J 637 -15.97 33.61 -94.32
C SER J 637 -17.46 33.46 -93.99
N PHE J 638 -18.01 34.47 -93.32
CA PHE J 638 -19.38 34.43 -92.86
C PHE J 638 -20.04 35.78 -93.11
N SER J 639 -21.37 35.77 -93.22
CA SER J 639 -22.15 36.98 -93.45
C SER J 639 -23.47 36.87 -92.70
N LEU J 640 -24.09 38.03 -92.49
CA LEU J 640 -25.36 38.08 -91.77
C LEU J 640 -26.47 37.40 -92.56
N ASN J 641 -27.47 36.90 -91.84
CA ASN J 641 -28.63 36.24 -92.42
C ASN J 641 -29.81 37.19 -92.25
N MET J 642 -30.01 38.06 -93.25
CA MET J 642 -31.05 39.08 -93.14
C MET J 642 -32.45 38.49 -93.22
N ASN J 643 -32.64 37.41 -93.99
CA ASN J 643 -33.94 36.80 -94.16
C ASN J 643 -34.23 35.68 -93.17
N PHE J 644 -33.63 35.74 -91.97
CA PHE J 644 -33.92 34.76 -90.94
C PHE J 644 -35.36 34.91 -90.46
N SER J 645 -35.99 33.78 -90.18
CA SER J 645 -37.38 33.75 -89.73
C SER J 645 -37.47 33.00 -88.41
N SER J 646 -38.16 33.60 -87.44
CA SER J 646 -38.37 32.99 -86.13
C SER J 646 -39.87 33.00 -85.83
N LYS J 647 -40.39 31.85 -85.40
CA LYS J 647 -41.81 31.76 -85.07
C LYS J 647 -42.14 32.59 -83.84
N ARG J 648 -41.25 32.60 -82.85
CA ARG J 648 -41.47 33.31 -81.61
C ARG J 648 -40.48 34.46 -81.49
N THR J 649 -40.97 35.61 -81.03
CA THR J 649 -40.11 36.79 -80.87
C THR J 649 -39.05 36.54 -79.79
N LYS J 650 -39.45 35.94 -78.67
CA LYS J 650 -38.54 35.68 -77.55
C LYS J 650 -38.17 34.21 -77.60
N PHE J 651 -36.94 33.91 -78.03
CA PHE J 651 -36.47 32.54 -78.14
C PHE J 651 -35.04 32.45 -77.63
N LYS J 652 -34.65 31.24 -77.24
CA LYS J 652 -33.32 30.96 -76.72
C LYS J 652 -32.59 30.06 -77.71
N ILE J 653 -31.36 30.43 -78.05
CA ILE J 653 -30.55 29.68 -78.99
C ILE J 653 -29.72 28.68 -78.22
N THR J 654 -29.91 27.39 -78.51
CA THR J 654 -29.19 26.32 -77.84
C THR J 654 -28.81 25.21 -78.80
N LYS K 25 -29.41 44.13 -75.14
CA LYS K 25 -29.71 45.30 -74.34
C LYS K 25 -29.92 44.92 -72.87
N LYS K 26 -30.07 43.62 -72.62
CA LYS K 26 -30.18 43.09 -71.27
C LYS K 26 -29.17 41.97 -71.10
N TRP K 27 -28.53 41.92 -69.93
CA TRP K 27 -27.44 40.99 -69.69
C TRP K 27 -27.54 40.44 -68.28
N ASN K 28 -26.87 39.31 -68.07
CA ASN K 28 -26.80 38.69 -66.75
C ASN K 28 -25.61 37.73 -66.74
N ALA K 29 -24.87 37.74 -65.63
CA ALA K 29 -23.62 36.99 -65.59
C ALA K 29 -23.32 36.59 -64.15
N VAL K 30 -22.39 35.66 -64.02
CA VAL K 30 -21.96 35.16 -62.72
C VAL K 30 -20.60 35.77 -62.39
N ALA K 31 -20.17 35.58 -61.15
CA ALA K 31 -18.90 36.14 -60.69
C ALA K 31 -18.33 35.22 -59.63
N LEU K 32 -17.34 34.42 -60.00
CA LEU K 32 -16.67 33.52 -59.06
C LEU K 32 -15.67 34.33 -58.24
N TRP K 33 -16.19 35.05 -57.25
CA TRP K 33 -15.34 35.89 -56.43
C TRP K 33 -14.51 35.05 -55.47
N ALA K 34 -13.28 35.51 -55.22
CA ALA K 34 -12.38 34.86 -54.28
C ALA K 34 -11.44 35.90 -53.73
N TRP K 35 -10.81 35.58 -52.60
CA TRP K 35 -9.89 36.51 -51.98
C TRP K 35 -8.62 36.64 -52.81
N ASP K 36 -7.96 37.79 -52.68
CA ASP K 36 -6.84 38.13 -53.55
C ASP K 36 -5.63 37.24 -53.35
N ILE K 37 -5.55 36.49 -52.24
CA ILE K 37 -4.40 35.64 -52.01
C ILE K 37 -4.38 34.50 -53.02
N VAL K 38 -3.17 34.11 -53.43
CA VAL K 38 -2.96 32.99 -54.33
C VAL K 38 -2.31 31.79 -53.64
N VAL K 39 -1.99 31.92 -52.35
CA VAL K 39 -1.41 30.79 -51.62
C VAL K 39 -2.43 29.66 -51.48
N ASP K 40 -3.71 30.01 -51.32
CA ASP K 40 -4.88 29.13 -51.33
C ASP K 40 -5.02 28.31 -50.05
N ASN K 41 -4.09 28.38 -49.11
CA ASN K 41 -4.18 27.67 -47.86
C ASN K 41 -3.91 28.61 -46.69
N CYS K 42 -4.73 28.50 -45.64
CA CYS K 42 -4.47 29.22 -44.40
C CYS K 42 -3.39 28.44 -43.66
N ALA K 43 -2.20 29.01 -43.57
CA ALA K 43 -1.03 28.27 -43.09
C ALA K 43 -1.12 27.86 -41.63
N ILE K 44 -2.06 28.40 -40.86
CA ILE K 44 -2.18 27.99 -39.46
C ILE K 44 -3.08 26.78 -39.31
N CYS K 45 -4.19 26.75 -40.06
CA CYS K 45 -5.20 25.70 -39.93
C CYS K 45 -5.20 24.73 -41.10
N ARG K 46 -4.48 25.01 -42.17
CA ARG K 46 -4.32 24.17 -43.36
C ARG K 46 -5.62 23.98 -44.13
N ASN K 47 -6.71 24.61 -43.72
CA ASN K 47 -7.93 24.57 -44.51
C ASN K 47 -7.77 25.45 -45.75
N HIS K 48 -8.66 25.24 -46.71
CA HIS K 48 -8.71 26.11 -47.88
C HIS K 48 -9.02 27.53 -47.45
N ILE K 49 -8.45 28.50 -48.16
CA ILE K 49 -8.60 29.89 -47.74
C ILE K 49 -10.05 30.34 -47.86
N MET K 50 -10.77 29.84 -48.87
CA MET K 50 -12.17 30.24 -49.05
C MET K 50 -13.08 29.56 -48.04
N ASP K 51 -12.72 28.37 -47.58
CA ASP K 51 -13.56 27.65 -46.64
C ASP K 51 -13.43 28.19 -45.25
N LEU K 52 -14.35 27.81 -44.39
CA LEU K 52 -14.31 28.28 -43.02
C LEU K 52 -13.06 27.77 -42.32
N CYS K 53 -12.59 28.55 -41.35
CA CYS K 53 -11.41 28.15 -40.60
C CYS K 53 -11.74 26.92 -39.74
N ILE K 54 -10.68 26.30 -39.21
CA ILE K 54 -10.89 25.11 -38.40
C ILE K 54 -11.62 25.42 -37.10
N GLU K 55 -11.57 26.67 -36.64
CA GLU K 55 -12.33 27.02 -35.44
C GLU K 55 -13.82 27.13 -35.76
N CYS K 56 -14.17 27.72 -36.90
CA CYS K 56 -15.56 27.76 -37.32
C CYS K 56 -16.08 26.36 -37.67
N GLN K 57 -15.25 25.56 -38.36
CA GLN K 57 -15.64 24.20 -38.70
C GLN K 57 -15.81 23.31 -37.48
N ALA K 58 -15.31 23.73 -36.32
CA ALA K 58 -15.37 22.88 -35.13
C ALA K 58 -16.75 22.91 -34.49
N ASN K 59 -17.25 24.09 -34.15
CA ASN K 59 -18.50 24.17 -33.40
C ASN K 59 -19.73 24.26 -34.30
N GLN K 60 -19.81 25.32 -35.10
CA GLN K 60 -20.97 25.53 -35.97
C GLN K 60 -20.51 26.09 -37.30
N ALA K 61 -20.96 25.47 -38.39
CA ALA K 61 -20.56 25.86 -39.73
C ALA K 61 -21.45 26.95 -40.32
N SER K 62 -22.43 27.44 -39.59
CA SER K 62 -23.29 28.48 -40.14
C SER K 62 -23.42 29.71 -39.23
N ALA K 63 -23.47 29.51 -37.92
CA ALA K 63 -23.65 30.64 -37.00
C ALA K 63 -22.42 31.55 -36.98
N THR K 64 -21.22 30.96 -36.96
CA THR K 64 -19.98 31.71 -36.93
C THR K 64 -19.41 31.89 -38.33
N SER K 65 -20.07 31.35 -39.35
CA SER K 65 -19.53 31.36 -40.71
C SER K 65 -19.38 32.77 -41.27
N GLU K 66 -20.36 33.64 -41.03
CA GLU K 66 -20.41 34.92 -41.71
C GLU K 66 -19.27 35.85 -41.31
N GLU K 67 -18.62 35.61 -40.17
CA GLU K 67 -17.52 36.47 -39.72
C GLU K 67 -16.16 35.82 -39.89
N CYS K 68 -16.06 34.79 -40.75
CA CYS K 68 -14.77 34.14 -41.01
C CYS K 68 -14.03 34.93 -42.08
N THR K 69 -13.62 36.14 -41.68
CA THR K 69 -12.88 37.06 -42.53
C THR K 69 -11.45 36.54 -42.73
N VAL K 70 -10.77 37.05 -43.75
CA VAL K 70 -9.34 36.84 -43.92
C VAL K 70 -8.63 38.15 -43.62
N ALA K 71 -7.46 38.05 -42.99
CA ALA K 71 -6.63 39.20 -42.65
C ALA K 71 -5.30 39.07 -43.38
N TRP K 72 -4.91 40.13 -44.06
CA TRP K 72 -3.62 40.18 -44.75
C TRP K 72 -2.55 40.62 -43.75
N GLY K 73 -1.36 40.93 -44.26
CA GLY K 73 -0.30 41.44 -43.41
C GLY K 73 0.66 42.27 -44.23
N VAL K 74 1.61 42.89 -43.52
CA VAL K 74 2.63 43.66 -44.21
C VAL K 74 3.51 42.73 -45.05
N CYS K 75 3.74 41.52 -44.58
CA CYS K 75 4.41 40.51 -45.37
C CYS K 75 3.53 39.92 -46.47
N ASN K 76 2.25 40.32 -46.52
CA ASN K 76 1.29 39.90 -47.53
C ASN K 76 1.09 38.38 -47.51
N HIS K 77 0.65 37.90 -46.34
CA HIS K 77 0.36 36.48 -46.12
C HIS K 77 -1.03 36.41 -45.50
N ALA K 78 -2.06 36.35 -46.35
CA ALA K 78 -3.43 36.40 -45.86
C ALA K 78 -3.81 35.08 -45.18
N PHE K 79 -4.38 35.19 -43.99
CA PHE K 79 -4.77 34.04 -43.19
C PHE K 79 -6.23 34.21 -42.77
N HIS K 80 -6.78 33.16 -42.18
CA HIS K 80 -8.10 33.28 -41.57
C HIS K 80 -8.03 34.20 -40.38
N PHE K 81 -9.04 35.06 -40.23
CA PHE K 81 -9.01 36.03 -39.15
C PHE K 81 -9.06 35.36 -37.79
N HIS K 82 -9.89 34.32 -37.64
CA HIS K 82 -9.89 33.57 -36.40
C HIS K 82 -8.57 32.85 -36.19
N CYS K 83 -8.01 32.27 -37.25
CA CYS K 83 -6.73 31.58 -37.15
C CYS K 83 -5.61 32.54 -36.80
N ILE K 84 -5.56 33.70 -37.46
CA ILE K 84 -4.49 34.65 -37.16
C ILE K 84 -4.69 35.24 -35.77
N SER K 85 -5.93 35.37 -35.30
CA SER K 85 -6.15 35.83 -33.94
C SER K 85 -5.67 34.82 -32.92
N ARG K 86 -5.94 33.52 -33.17
CA ARG K 86 -5.40 32.48 -32.30
C ARG K 86 -3.87 32.49 -32.31
N TRP K 87 -3.28 32.69 -33.49
CA TRP K 87 -1.83 32.76 -33.59
C TRP K 87 -1.28 33.94 -32.80
N LEU K 88 -1.94 35.08 -32.87
CA LEU K 88 -1.47 36.27 -32.17
C LEU K 88 -1.74 36.20 -30.68
N LYS K 89 -2.66 35.34 -30.24
CA LYS K 89 -2.86 35.16 -28.80
C LYS K 89 -1.65 34.52 -28.14
N THR K 90 -0.96 33.62 -28.84
CA THR K 90 0.19 32.91 -28.29
C THR K 90 1.52 33.52 -28.73
N ARG K 91 1.75 33.59 -30.03
CA ARG K 91 2.99 34.12 -30.58
C ARG K 91 2.72 35.46 -31.27
N GLN K 92 3.79 36.11 -31.70
CA GLN K 92 3.68 37.47 -32.21
C GLN K 92 4.37 37.64 -33.57
N VAL K 93 4.43 36.58 -34.37
CA VAL K 93 5.09 36.63 -35.68
C VAL K 93 4.22 35.93 -36.70
N CYS K 94 4.41 36.30 -37.96
CA CYS K 94 3.73 35.60 -39.04
C CYS K 94 4.25 34.17 -39.14
N PRO K 95 3.37 33.19 -39.35
CA PRO K 95 3.81 31.79 -39.36
C PRO K 95 4.76 31.44 -40.49
N LEU K 96 4.43 31.83 -41.72
CA LEU K 96 5.28 31.47 -42.86
C LEU K 96 6.62 32.18 -42.81
N ASP K 97 6.59 33.50 -42.93
CA ASP K 97 7.78 34.33 -42.81
C ASP K 97 7.84 34.84 -41.38
N ASN K 98 9.01 34.70 -40.74
CA ASN K 98 9.09 34.95 -39.31
C ASN K 98 9.18 36.43 -38.96
N ARG K 99 8.77 37.33 -39.86
CA ARG K 99 8.77 38.75 -39.57
C ARG K 99 7.68 39.08 -38.55
N GLU K 100 7.58 40.35 -38.20
CA GLU K 100 6.53 40.79 -37.30
C GLU K 100 5.21 40.93 -38.06
N TRP K 101 4.12 40.91 -37.30
CA TRP K 101 2.78 40.86 -37.86
C TRP K 101 2.07 42.18 -37.63
N GLU K 102 1.64 42.81 -38.72
CA GLU K 102 0.82 44.02 -38.66
C GLU K 102 -0.25 43.91 -39.73
N PHE K 103 -1.51 43.89 -39.31
CA PHE K 103 -2.61 43.76 -40.26
C PHE K 103 -2.70 44.99 -41.16
N GLN K 104 -3.13 44.78 -42.40
CA GLN K 104 -3.33 45.91 -43.29
C GLN K 104 -4.69 45.91 -43.98
N LYS K 105 -5.21 44.74 -44.32
CA LYS K 105 -6.28 44.61 -45.30
C LYS K 105 -7.38 43.67 -44.84
N TYR K 106 -7.86 43.84 -43.62
CA TYR K 106 -8.86 42.89 -43.15
C TYR K 106 -9.87 42.79 -44.27
N GLY K 107 -10.17 41.58 -44.72
CA GLY K 107 -11.08 41.40 -45.82
C GLY K 107 -12.54 41.38 -45.41
N GLU L 7 3.89 22.03 -67.71
CA GLU L 7 3.07 20.84 -67.47
C GLU L 7 3.88 19.58 -67.76
N TRP L 8 4.72 19.20 -66.79
CA TRP L 8 5.54 17.99 -66.85
C TRP L 8 6.44 17.99 -68.10
N ILE L 9 7.36 18.95 -68.13
CA ILE L 9 8.35 19.01 -69.19
C ILE L 9 9.31 17.82 -69.07
N PRO L 10 9.75 17.21 -70.16
CA PRO L 10 10.75 16.15 -70.06
C PRO L 10 12.04 16.67 -69.47
N GLU L 11 12.71 15.83 -68.68
CA GLU L 11 14.00 16.19 -68.11
C GLU L 11 15.05 16.26 -69.20
N THR L 12 15.98 17.19 -69.05
CA THR L 12 17.05 17.38 -70.01
C THR L 12 17.94 16.13 -70.04
N LEU L 13 18.54 15.87 -71.20
CA LEU L 13 19.45 14.74 -71.30
C LEU L 13 20.64 14.90 -70.37
N TYR L 14 21.16 16.12 -70.26
CA TYR L 14 22.25 16.40 -69.33
C TYR L 14 21.81 16.11 -67.90
N ASN L 15 20.65 16.65 -67.49
CA ASN L 15 20.17 16.43 -66.13
C ASN L 15 19.68 15.01 -65.91
N THR L 16 19.55 14.20 -66.97
CA THR L 16 19.26 12.79 -66.79
C THR L 16 20.54 11.96 -66.76
N ALA L 17 21.56 12.36 -67.52
CA ALA L 17 22.86 11.69 -67.41
C ALA L 17 23.51 11.99 -66.06
N ILE L 18 23.23 13.15 -65.49
CA ILE L 18 23.72 13.48 -64.15
C ILE L 18 23.18 12.49 -63.12
N SER L 19 21.89 12.18 -63.19
CA SER L 19 21.32 11.21 -62.29
C SER L 19 21.88 9.82 -62.54
N ALA L 20 22.25 9.51 -63.78
CA ALA L 20 22.79 8.19 -64.06
C ALA L 20 24.24 8.07 -63.60
N VAL L 21 25.03 9.13 -63.77
CA VAL L 21 26.42 9.09 -63.31
C VAL L 21 26.49 9.10 -61.79
N VAL L 22 25.65 9.90 -61.14
CA VAL L 22 25.64 9.94 -59.68
C VAL L 22 25.22 8.60 -59.11
N ASP L 23 24.28 7.92 -59.78
CA ASP L 23 23.85 6.61 -59.30
C ASP L 23 24.97 5.58 -59.39
N ASN L 24 25.92 5.77 -60.29
CA ASN L 24 27.11 4.92 -60.41
C ASN L 24 28.32 5.58 -59.79
N TYR L 25 28.14 6.22 -58.63
CA TYR L 25 29.23 6.97 -58.03
C TYR L 25 30.41 6.07 -57.68
N ILE L 26 30.12 4.86 -57.17
CA ILE L 26 31.18 3.96 -56.72
C ILE L 26 32.11 3.59 -57.87
N ARG L 27 31.56 3.40 -59.06
CA ARG L 27 32.33 2.97 -60.21
C ARG L 27 32.85 4.14 -61.04
N SER L 28 32.58 5.38 -60.64
CA SER L 28 33.02 6.52 -61.41
C SER L 28 33.54 7.67 -60.56
N ARG L 29 33.70 7.48 -59.25
CA ARG L 29 34.16 8.58 -58.41
C ARG L 29 35.59 9.01 -58.73
N ARG L 30 36.40 8.12 -59.30
CA ARG L 30 37.73 8.49 -59.75
C ARG L 30 37.76 8.91 -61.20
N ASP L 31 36.65 8.75 -61.92
CA ASP L 31 36.56 9.16 -63.31
C ASP L 31 35.73 10.43 -63.51
N ILE L 32 34.96 10.84 -62.51
CA ILE L 32 34.26 12.11 -62.58
C ILE L 32 35.24 13.27 -62.56
N ARG L 33 36.37 13.11 -61.86
CA ARG L 33 37.34 14.19 -61.79
C ARG L 33 38.00 14.47 -63.13
N SER L 34 37.86 13.59 -64.11
CA SER L 34 38.34 13.84 -65.46
C SER L 34 37.32 14.56 -66.32
N LEU L 35 36.13 14.84 -65.79
CA LEU L 35 35.09 15.54 -66.52
C LEU L 35 35.43 17.02 -66.64
N PRO L 36 34.78 17.74 -67.56
CA PRO L 36 34.97 19.19 -67.63
C PRO L 36 34.64 19.90 -66.33
N GLU L 37 35.15 21.13 -66.21
CA GLU L 37 35.00 21.87 -64.97
C GLU L 37 33.54 22.17 -64.66
N ASN L 38 32.76 22.56 -65.67
CA ASN L 38 31.36 22.89 -65.44
C ASN L 38 30.52 21.65 -65.18
N ILE L 39 30.90 20.52 -65.76
CA ILE L 39 30.20 19.27 -65.47
C ILE L 39 30.51 18.79 -64.06
N GLN L 40 31.77 18.92 -63.64
CA GLN L 40 32.19 18.37 -62.35
C GLN L 40 31.41 18.97 -61.21
N PHE L 41 31.16 20.28 -61.25
CA PHE L 41 30.36 20.88 -60.19
C PHE L 41 28.94 20.37 -60.22
N ASP L 42 28.39 20.15 -61.41
CA ASP L 42 26.99 19.74 -61.49
C ASP L 42 26.81 18.29 -61.08
N VAL L 43 27.83 17.45 -61.23
CA VAL L 43 27.78 16.11 -60.66
C VAL L 43 27.83 16.17 -59.14
N TYR L 44 28.79 16.94 -58.61
CA TYR L 44 28.91 17.08 -57.17
C TYR L 44 27.75 17.86 -56.56
N TYR L 45 27.01 18.62 -57.37
CA TYR L 45 25.82 19.26 -56.84
C TYR L 45 24.71 18.24 -56.63
N LYS L 46 24.60 17.28 -57.53
CA LYS L 46 23.53 16.28 -57.40
C LYS L 46 23.74 15.39 -56.18
N LEU L 47 24.98 15.26 -55.72
CA LEU L 47 25.21 14.53 -54.47
C LEU L 47 24.63 15.28 -53.28
N TYR L 48 24.69 16.62 -53.31
CA TYR L 48 24.04 17.37 -52.25
C TYR L 48 22.53 17.34 -52.39
N GLN L 49 22.02 17.47 -53.62
CA GLN L 49 20.58 17.48 -53.82
C GLN L 49 19.95 16.16 -53.40
N GLN L 50 20.61 15.05 -53.74
CA GLN L 50 20.11 13.74 -53.35
C GLN L 50 20.30 13.45 -51.88
N GLY L 51 20.99 14.33 -51.15
CA GLY L 51 21.25 14.10 -49.75
C GLY L 51 22.50 13.34 -49.45
N ARG L 52 23.27 12.94 -50.47
CA ARG L 52 24.50 12.20 -50.24
C ARG L 52 25.58 13.12 -49.72
N LEU L 53 25.41 13.66 -48.52
CA LEU L 53 26.41 14.56 -47.97
C LEU L 53 27.72 13.82 -47.70
N CYS L 54 27.63 12.57 -47.26
CA CYS L 54 28.83 11.82 -46.90
C CYS L 54 29.67 11.47 -48.12
N GLN L 55 29.02 11.19 -49.25
CA GLN L 55 29.79 10.98 -50.48
C GLN L 55 30.37 12.29 -51.00
N LEU L 56 29.69 13.40 -50.76
CA LEU L 56 30.19 14.70 -51.17
C LEU L 56 31.30 15.20 -50.26
N GLY L 57 31.18 14.94 -48.96
CA GLY L 57 32.17 15.43 -48.01
C GLY L 57 33.55 14.88 -48.24
N SER L 58 33.64 13.65 -48.74
CA SER L 58 34.93 13.07 -49.10
C SER L 58 35.43 13.56 -50.45
N GLU L 59 34.64 14.34 -51.17
CA GLU L 59 35.03 14.89 -52.46
C GLU L 59 35.12 16.41 -52.48
N PHE L 60 34.86 17.08 -51.35
CA PHE L 60 35.23 18.47 -51.17
C PHE L 60 36.33 18.66 -50.15
N CYS L 61 36.66 17.63 -49.36
CA CYS L 61 37.83 17.71 -48.50
C CYS L 61 39.13 17.55 -49.30
N GLU L 62 39.05 17.23 -50.58
CA GLU L 62 40.21 17.07 -51.42
C GLU L 62 40.44 18.33 -52.23
N LEU L 63 41.58 18.98 -52.03
CA LEU L 63 41.86 20.23 -52.71
C LEU L 63 42.05 20.05 -54.21
N GLU L 64 42.58 18.90 -54.63
CA GLU L 64 42.83 18.68 -56.05
C GLU L 64 41.55 18.70 -56.86
N VAL L 65 40.42 18.36 -56.25
CA VAL L 65 39.13 18.37 -56.94
C VAL L 65 38.24 19.53 -56.48
N PHE L 66 38.44 20.07 -55.28
CA PHE L 66 37.65 21.22 -54.87
C PHE L 66 38.05 22.47 -55.63
N ALA L 67 39.32 22.60 -56.00
CA ALA L 67 39.76 23.76 -56.76
C ALA L 67 39.15 23.77 -58.15
N LYS L 68 38.89 22.61 -58.74
CA LYS L 68 38.18 22.57 -60.01
C LYS L 68 36.73 22.97 -59.85
N VAL L 69 36.13 22.69 -58.70
CA VAL L 69 34.77 23.13 -58.44
C VAL L 69 34.73 24.65 -58.24
N LEU L 70 35.74 25.19 -57.55
CA LEU L 70 35.74 26.62 -57.20
C LEU L 70 35.81 27.51 -58.44
N ARG L 71 36.44 27.04 -59.52
CA ARG L 71 36.54 27.85 -60.72
C ARG L 71 35.25 27.93 -61.50
N ALA L 72 34.23 27.15 -61.13
CA ALA L 72 32.90 27.27 -61.71
C ALA L 72 32.17 28.39 -61.00
N LEU L 73 32.53 29.62 -61.36
CA LEU L 73 32.04 30.81 -60.67
C LEU L 73 30.68 31.29 -61.17
N ASP L 74 30.10 30.61 -62.17
CA ASP L 74 28.72 30.88 -62.53
C ASP L 74 27.77 30.48 -61.42
N LYS L 75 28.01 29.32 -60.81
CA LYS L 75 27.14 28.75 -59.81
C LYS L 75 27.79 28.77 -58.43
N ARG L 76 28.50 29.85 -58.10
CA ARG L 76 29.09 29.97 -56.79
C ARG L 76 28.03 30.13 -55.71
N HIS L 77 26.86 30.67 -56.05
CA HIS L 77 25.79 30.79 -55.06
C HIS L 77 25.27 29.42 -54.64
N LEU L 78 25.34 28.43 -55.53
CA LEU L 78 25.02 27.06 -55.15
C LEU L 78 26.15 26.42 -54.35
N LEU L 79 27.40 26.76 -54.66
CA LEU L 79 28.54 26.18 -53.96
C LEU L 79 28.57 26.60 -52.50
N HIS L 80 28.22 27.85 -52.21
CA HIS L 80 28.16 28.29 -50.82
C HIS L 80 27.11 27.52 -50.05
N HIS L 81 26.05 27.07 -50.72
CA HIS L 81 25.04 26.28 -50.04
C HIS L 81 25.53 24.86 -49.77
N CYS L 82 26.21 24.24 -50.74
CA CYS L 82 26.77 22.91 -50.53
C CYS L 82 27.84 22.93 -49.46
N PHE L 83 28.75 23.90 -49.54
CA PHE L 83 29.85 23.98 -48.59
C PHE L 83 29.34 24.21 -47.18
N GLN L 84 28.37 25.10 -47.02
CA GLN L 84 27.81 25.32 -45.69
C GLN L 84 26.98 24.13 -45.23
N ALA L 85 26.37 23.40 -46.16
CA ALA L 85 25.62 22.20 -45.76
C ALA L 85 26.53 21.08 -45.32
N LEU L 86 27.82 21.14 -45.63
CA LEU L 86 28.77 20.15 -45.13
C LEU L 86 29.34 20.51 -43.76
N MET L 87 29.62 21.80 -43.53
CA MET L 87 30.26 22.18 -42.28
C MET L 87 29.36 21.92 -41.08
N ASP L 88 28.06 22.18 -41.20
CA ASP L 88 27.16 21.82 -40.12
C ASP L 88 26.76 20.35 -40.17
N HIS L 89 27.04 19.67 -41.28
CA HIS L 89 26.78 18.24 -41.37
C HIS L 89 27.68 17.46 -40.43
N GLY L 90 28.89 17.95 -40.18
CA GLY L 90 29.80 17.31 -39.26
C GLY L 90 31.22 17.28 -39.81
N VAL L 91 31.34 17.19 -41.12
CA VAL L 91 32.65 17.12 -41.77
C VAL L 91 33.29 18.50 -41.74
N LYS L 92 34.61 18.53 -41.51
CA LYS L 92 35.35 19.78 -41.42
C LYS L 92 36.01 20.07 -42.76
N VAL L 93 35.19 20.55 -43.70
CA VAL L 93 35.69 20.83 -45.04
C VAL L 93 36.58 22.06 -45.03
N ALA L 94 36.27 23.04 -44.17
CA ALA L 94 37.08 24.25 -44.12
C ALA L 94 38.47 23.98 -43.56
N SER L 95 38.55 23.25 -42.45
CA SER L 95 39.85 22.96 -41.84
C SER L 95 40.69 22.06 -42.74
N VAL L 96 40.09 21.02 -43.30
CA VAL L 96 40.84 20.07 -44.11
C VAL L 96 41.35 20.75 -45.38
N LEU L 97 40.53 21.61 -45.99
CA LEU L 97 41.01 22.37 -47.14
C LEU L 97 42.08 23.37 -46.75
N ALA L 98 42.06 23.85 -45.51
CA ALA L 98 43.15 24.71 -45.04
C ALA L 98 44.43 23.91 -44.85
N TYR L 99 44.33 22.74 -44.18
CA TYR L 99 45.51 21.92 -43.97
C TYR L 99 46.03 21.35 -45.29
N SER L 100 45.14 20.97 -46.20
CA SER L 100 45.59 20.40 -47.47
C SER L 100 46.33 21.44 -48.29
N PHE L 101 45.89 22.70 -48.24
CA PHE L 101 46.58 23.74 -49.01
C PHE L 101 47.90 24.13 -48.36
N SER L 102 47.94 24.17 -47.02
CA SER L 102 49.18 24.49 -46.35
C SER L 102 50.22 23.40 -46.58
N ARG L 103 49.78 22.14 -46.62
CA ARG L 103 50.70 21.06 -46.93
C ARG L 103 51.23 21.17 -48.35
N ARG L 104 50.38 21.56 -49.30
CA ARG L 104 50.84 21.76 -50.67
C ARG L 104 51.85 22.91 -50.76
N CYS L 105 51.60 23.98 -50.01
CA CYS L 105 52.50 25.13 -50.07
C CYS L 105 53.90 24.78 -49.57
N SER L 106 54.00 24.04 -48.47
CA SER L 106 55.30 23.62 -47.98
C SER L 106 55.98 22.65 -48.93
N TYR L 107 55.20 21.81 -49.61
CA TYR L 107 55.76 20.88 -50.59
C TYR L 107 56.20 21.58 -51.87
N ILE L 108 55.65 22.77 -52.16
CA ILE L 108 55.93 23.47 -53.40
C ILE L 108 56.72 24.75 -53.19
N ALA L 109 57.05 25.10 -51.95
CA ALA L 109 57.80 26.32 -51.69
C ALA L 109 59.19 26.27 -52.33
N GLU L 110 59.85 25.11 -52.26
CA GLU L 110 61.18 24.97 -52.82
C GLU L 110 61.19 24.92 -54.35
N SER L 111 60.04 24.81 -54.98
CA SER L 111 59.96 24.69 -56.43
C SER L 111 60.17 26.06 -57.07
N ASP L 112 60.02 26.12 -58.40
CA ASP L 112 60.22 27.35 -59.13
C ASP L 112 59.14 28.37 -58.79
N ALA L 113 59.53 29.65 -58.80
CA ALA L 113 58.60 30.72 -58.47
C ALA L 113 57.47 30.81 -59.48
N ALA L 114 57.73 30.44 -60.74
CA ALA L 114 56.66 30.39 -61.73
C ALA L 114 55.62 29.35 -61.37
N VAL L 115 56.06 28.18 -60.92
CA VAL L 115 55.13 27.16 -60.44
C VAL L 115 54.47 27.63 -59.16
N LYS L 116 55.21 28.35 -58.32
CA LYS L 116 54.66 28.87 -57.07
C LYS L 116 53.52 29.86 -57.33
N GLU L 117 53.53 30.53 -58.48
CA GLU L 117 52.47 31.48 -58.80
C GLU L 117 51.13 30.79 -58.97
N LYS L 118 51.14 29.58 -59.55
CA LYS L 118 49.88 28.84 -59.70
C LYS L 118 49.30 28.44 -58.34
N ALA L 119 50.17 28.05 -57.40
CA ALA L 119 49.69 27.75 -56.05
C ALA L 119 49.19 29.00 -55.35
N ILE L 120 49.72 30.18 -55.71
CA ILE L 120 49.19 31.43 -55.16
C ILE L 120 47.78 31.67 -55.68
N GLN L 121 47.54 31.44 -56.96
CA GLN L 121 46.23 31.70 -57.54
C GLN L 121 45.16 30.81 -56.93
N VAL L 122 45.48 29.54 -56.69
CA VAL L 122 44.55 28.65 -56.00
C VAL L 122 44.29 29.17 -54.59
N GLY L 123 45.33 29.68 -53.93
CA GLY L 123 45.14 30.25 -52.60
C GLY L 123 44.21 31.44 -52.60
N PHE L 124 44.31 32.29 -53.62
CA PHE L 124 43.39 33.42 -53.72
C PHE L 124 41.95 32.96 -53.96
N VAL L 125 41.77 31.94 -54.81
CA VAL L 125 40.42 31.42 -55.05
C VAL L 125 39.90 30.73 -53.81
N LEU L 126 40.70 29.86 -53.21
CA LEU L 126 40.27 29.15 -52.01
C LEU L 126 40.19 30.09 -50.81
N GLY L 127 41.16 30.98 -50.65
CA GLY L 127 41.08 31.94 -49.57
C GLY L 127 39.96 32.94 -49.77
N GLY L 128 39.74 33.37 -51.00
CA GLY L 128 38.63 34.27 -51.29
C GLY L 128 37.28 33.61 -51.14
N PHE L 129 37.22 32.28 -51.19
CA PHE L 129 35.96 31.59 -50.97
C PHE L 129 35.71 31.36 -49.48
N LEU L 130 36.71 30.82 -48.78
CA LEU L 130 36.55 30.52 -47.36
C LEU L 130 36.33 31.77 -46.53
N SER L 131 36.85 32.92 -46.98
CA SER L 131 36.54 34.17 -46.32
C SER L 131 35.14 34.67 -46.67
N ASP L 132 34.67 34.38 -47.89
CA ASP L 132 33.30 34.76 -48.25
C ASP L 132 32.27 33.94 -47.50
N ALA L 133 32.63 32.72 -47.09
CA ALA L 133 31.72 31.84 -46.39
C ALA L 133 31.75 32.04 -44.89
N GLY L 134 32.51 33.03 -44.42
CA GLY L 134 32.62 33.24 -42.98
C GLY L 134 33.39 32.16 -42.26
N TRP L 135 34.51 31.70 -42.82
CA TRP L 135 35.38 30.73 -42.16
C TRP L 135 36.78 31.32 -42.09
N TYR L 136 36.88 32.55 -41.60
CA TYR L 136 38.17 33.24 -41.56
C TYR L 136 39.20 32.49 -40.72
N SER L 137 38.76 31.78 -39.68
CA SER L 137 39.69 31.03 -38.85
C SER L 137 40.39 29.92 -39.62
N ASP L 138 39.80 29.45 -40.71
CA ASP L 138 40.44 28.49 -41.59
C ASP L 138 40.87 29.09 -42.92
N ALA L 139 40.41 30.28 -43.26
CA ALA L 139 40.94 31.00 -44.40
C ALA L 139 42.20 31.77 -44.06
N GLU L 140 42.52 31.92 -42.77
CA GLU L 140 43.78 32.54 -42.38
C GLU L 140 44.96 31.67 -42.78
N LYS L 141 44.87 30.37 -42.52
CA LYS L 141 45.97 29.46 -42.84
C LYS L 141 46.17 29.32 -44.34
N VAL L 142 45.11 29.50 -45.12
CA VAL L 142 45.26 29.51 -46.58
C VAL L 142 46.05 30.72 -47.02
N PHE L 143 45.75 31.89 -46.43
CA PHE L 143 46.47 33.10 -46.81
C PHE L 143 47.85 33.16 -46.18
N LEU L 144 47.99 32.66 -44.94
CA LEU L 144 49.31 32.65 -44.31
C LEU L 144 50.28 31.77 -45.08
N SER L 145 49.81 30.60 -45.54
CA SER L 145 50.63 29.77 -46.42
C SER L 145 50.75 30.34 -47.82
N CYS L 146 49.98 31.37 -48.15
CA CYS L 146 50.13 32.05 -49.43
C CYS L 146 51.07 33.24 -49.33
N LEU L 147 50.98 34.02 -48.26
CA LEU L 147 51.93 35.11 -48.06
C LEU L 147 53.33 34.59 -47.82
N GLN L 148 53.47 33.55 -46.99
CA GLN L 148 54.78 32.96 -46.73
C GLN L 148 55.38 32.38 -48.00
N LEU L 149 54.55 31.75 -48.83
CA LEU L 149 55.04 31.19 -50.09
C LEU L 149 55.52 32.27 -51.03
N CYS L 150 54.80 33.38 -51.11
CA CYS L 150 55.14 34.42 -52.06
C CYS L 150 56.31 35.28 -51.60
N THR L 151 56.54 35.38 -50.29
CA THR L 151 57.58 36.25 -49.76
C THR L 151 58.95 35.59 -49.73
N LEU L 152 59.06 34.31 -50.13
CA LEU L 152 60.35 33.64 -50.14
C LEU L 152 61.31 34.28 -51.13
N HIS L 153 60.82 34.61 -52.33
CA HIS L 153 61.61 35.28 -53.35
C HIS L 153 61.10 36.71 -53.49
N ASP L 154 61.98 37.68 -53.26
CA ASP L 154 61.62 39.09 -53.24
C ASP L 154 62.00 39.71 -54.58
N GLU L 155 61.03 39.82 -55.49
CA GLU L 155 61.19 40.52 -56.75
C GLU L 155 59.96 41.36 -57.00
N MET L 156 59.98 42.13 -58.08
CA MET L 156 58.90 43.07 -58.36
C MET L 156 57.58 42.36 -58.64
N LEU L 157 57.63 41.13 -59.16
CA LEU L 157 56.41 40.41 -59.46
C LEU L 157 55.76 39.85 -58.20
N HIS L 158 56.57 39.43 -57.22
CA HIS L 158 56.01 38.82 -56.02
C HIS L 158 55.41 39.87 -55.09
N TRP L 159 55.91 41.11 -55.13
CA TRP L 159 55.40 42.13 -54.23
C TRP L 159 53.97 42.53 -54.57
N PHE L 160 53.56 42.37 -55.84
CA PHE L 160 52.17 42.60 -56.20
C PHE L 160 51.25 41.58 -55.51
N ARG L 161 51.65 40.31 -55.50
CA ARG L 161 50.86 39.30 -54.82
C ARG L 161 51.05 39.35 -53.32
N ALA L 162 52.21 39.79 -52.85
CA ALA L 162 52.47 39.82 -51.41
C ALA L 162 51.54 40.80 -50.69
N VAL L 163 51.33 41.98 -51.27
CA VAL L 163 50.38 42.92 -50.68
C VAL L 163 48.95 42.40 -50.82
N GLU L 164 48.65 41.72 -51.94
CA GLU L 164 47.33 41.13 -52.12
C GLU L 164 47.10 39.99 -51.14
N CYS L 165 48.13 39.19 -50.86
CA CYS L 165 48.03 38.16 -49.82
C CYS L 165 47.89 38.77 -48.43
N CYS L 166 48.24 40.04 -48.26
CA CYS L 166 48.18 40.72 -46.98
C CYS L 166 46.90 41.55 -46.82
N VAL L 167 46.40 42.15 -47.90
CA VAL L 167 45.13 42.86 -47.80
C VAL L 167 43.99 41.89 -47.52
N ARG L 168 44.07 40.68 -48.08
CA ARG L 168 43.09 39.66 -47.74
C ARG L 168 43.32 39.11 -46.34
N LEU L 169 44.58 39.00 -45.93
CA LEU L 169 44.88 38.54 -44.58
C LEU L 169 44.40 39.54 -43.53
N LEU L 170 44.43 40.83 -43.86
CA LEU L 170 43.85 41.83 -42.97
C LEU L 170 42.34 41.62 -42.84
N HIS L 171 41.67 41.32 -43.95
CA HIS L 171 40.23 41.13 -43.92
C HIS L 171 39.83 39.89 -43.12
N VAL L 172 40.58 38.81 -43.26
CA VAL L 172 40.24 37.58 -42.54
C VAL L 172 40.72 37.60 -41.10
N ARG L 173 41.62 38.52 -40.74
CA ARG L 173 42.00 38.67 -39.35
C ARG L 173 41.15 39.72 -38.63
N ASN L 174 40.76 40.78 -39.33
CA ASN L 174 39.84 41.75 -38.74
C ASN L 174 38.46 41.16 -38.52
N GLY L 175 37.99 40.34 -39.47
CA GLY L 175 36.67 39.76 -39.34
C GLY L 175 36.58 38.69 -38.26
N ASN L 176 37.71 38.10 -37.88
CA ASN L 176 37.74 37.09 -36.84
C ASN L 176 38.04 37.66 -35.46
N CYS L 177 37.98 38.98 -35.32
CA CYS L 177 38.33 39.68 -34.08
C CYS L 177 39.76 39.38 -33.64
N LYS L 178 40.66 39.23 -34.60
CA LYS L 178 42.09 39.23 -34.33
C LYS L 178 42.66 40.62 -34.57
N TYR L 179 42.10 41.59 -33.83
CA TYR L 179 42.48 42.99 -34.03
C TYR L 179 43.94 43.23 -33.67
N HIS L 180 44.42 42.60 -32.59
CA HIS L 180 45.81 42.77 -32.21
C HIS L 180 46.75 42.25 -33.28
N LEU L 181 46.43 41.10 -33.87
CA LEU L 181 47.21 40.60 -34.99
C LEU L 181 46.95 41.37 -36.27
N GLY L 182 45.82 42.07 -36.36
CA GLY L 182 45.54 42.85 -37.55
C GLY L 182 46.47 44.03 -37.72
N GLU L 183 46.77 44.73 -36.61
CA GLU L 183 47.67 45.86 -36.68
C GLU L 183 49.08 45.42 -37.08
N GLU L 184 49.54 44.30 -36.53
CA GLU L 184 50.81 43.73 -36.95
C GLU L 184 50.76 43.32 -38.42
N THR L 185 49.61 42.78 -38.86
CA THR L 185 49.46 42.40 -40.26
C THR L 185 49.57 43.62 -41.18
N PHE L 186 49.00 44.75 -40.77
CA PHE L 186 49.13 45.96 -41.57
C PHE L 186 50.57 46.45 -41.60
N LYS L 187 51.33 46.19 -40.54
CA LYS L 187 52.75 46.58 -40.53
C LYS L 187 53.53 45.80 -41.58
N LEU L 188 53.19 44.52 -41.77
CA LEU L 188 53.78 43.77 -42.89
C LEU L 188 53.39 44.37 -44.23
N ALA L 189 52.16 44.89 -44.32
CA ALA L 189 51.73 45.53 -45.56
C ALA L 189 52.53 46.78 -45.86
N GLN L 190 52.94 47.53 -44.82
CA GLN L 190 53.72 48.73 -45.03
C GLN L 190 55.09 48.42 -45.62
N THR L 191 55.62 47.22 -45.36
CA THR L 191 56.91 46.84 -45.91
C THR L 191 56.83 46.63 -47.42
N TYR L 192 55.81 45.89 -47.88
CA TYR L 192 55.74 45.50 -49.28
C TYR L 192 55.33 46.65 -50.19
N MET L 193 54.52 47.58 -49.69
CA MET L 193 54.18 48.74 -50.51
C MET L 193 55.40 49.62 -50.75
N ASP L 194 56.27 49.74 -49.74
CA ASP L 194 57.50 50.52 -49.91
C ASP L 194 58.42 49.88 -50.93
N LYS L 195 58.54 48.55 -50.90
CA LYS L 195 59.35 47.85 -51.91
C LYS L 195 58.77 48.06 -53.31
N LEU L 196 57.45 48.05 -53.43
CA LEU L 196 56.81 48.29 -54.72
C LEU L 196 56.93 49.74 -55.13
N SER L 197 56.82 50.67 -54.16
CA SER L 197 56.89 52.09 -54.49
C SER L 197 58.30 52.52 -54.87
N LYS L 198 59.32 51.99 -54.18
CA LYS L 198 60.69 52.41 -54.43
C LYS L 198 61.24 51.87 -55.74
N HIS L 199 60.54 50.96 -56.42
CA HIS L 199 60.98 50.38 -57.67
C HIS L 199 60.17 50.90 -58.86
N GLY L 200 59.64 52.12 -58.74
CA GLY L 200 58.90 52.72 -59.83
C GLY L 200 57.58 52.04 -60.15
N GLN L 201 56.87 51.55 -59.14
CA GLN L 201 55.58 50.92 -59.31
C GLN L 201 54.61 51.47 -58.28
N GLN L 202 53.35 51.58 -58.67
CA GLN L 202 52.29 52.06 -57.79
C GLN L 202 51.08 51.14 -57.88
N ALA L 203 50.58 50.72 -56.73
CA ALA L 203 49.39 49.89 -56.64
C ALA L 203 48.28 50.67 -55.94
N ASN L 204 47.06 50.18 -56.08
CA ASN L 204 45.90 50.83 -55.46
C ASN L 204 45.76 50.33 -54.03
N LYS L 205 45.80 51.25 -53.08
CA LYS L 205 45.71 50.93 -51.66
C LYS L 205 44.32 51.16 -51.10
N ALA L 206 43.32 51.38 -51.95
CA ALA L 206 41.97 51.66 -51.48
C ALA L 206 41.41 50.49 -50.68
N ALA L 207 41.59 49.27 -51.18
CA ALA L 207 41.14 48.10 -50.44
C ALA L 207 41.88 47.95 -49.13
N LEU L 208 43.19 48.19 -49.14
CA LEU L 208 43.99 48.02 -47.93
C LEU L 208 43.67 49.10 -46.91
N TYR L 209 43.62 50.36 -47.33
CA TYR L 209 43.34 51.45 -46.41
C TYR L 209 41.91 51.36 -45.88
N GLY L 210 40.96 51.03 -46.76
CA GLY L 210 39.58 50.90 -46.32
C GLY L 210 39.38 49.75 -45.34
N GLU L 211 40.09 48.64 -45.55
CA GLU L 211 40.01 47.52 -44.61
C GLU L 211 40.63 47.87 -43.27
N LEU L 212 41.70 48.68 -43.27
CA LEU L 212 42.27 49.15 -42.02
C LEU L 212 41.27 49.98 -41.24
N CYS L 213 40.41 50.72 -41.95
CA CYS L 213 39.38 51.51 -41.28
C CYS L 213 38.43 50.63 -40.50
N ALA L 214 38.05 49.48 -41.07
CA ALA L 214 37.23 48.53 -40.33
C ALA L 214 37.96 47.98 -39.12
N LEU L 215 39.28 47.81 -39.23
CA LEU L 215 40.06 47.36 -38.08
C LEU L 215 40.04 48.37 -36.95
N LEU L 216 40.19 49.66 -37.28
CA LEU L 216 40.13 50.68 -36.24
C LEU L 216 38.71 50.94 -35.78
N PHE L 217 37.72 50.81 -36.68
CA PHE L 217 36.34 50.98 -36.27
C PHE L 217 35.93 49.91 -35.26
N ALA L 218 36.36 48.67 -35.46
CA ALA L 218 36.05 47.62 -34.51
C ALA L 218 36.69 47.91 -33.15
N LYS L 219 37.92 48.40 -33.16
CA LYS L 219 38.64 48.74 -31.93
C LYS L 219 38.15 50.05 -31.31
N SER L 220 37.02 50.59 -31.79
CA SER L 220 36.39 51.80 -31.27
C SER L 220 37.26 53.04 -31.42
N HIS L 221 38.26 52.99 -32.31
CA HIS L 221 39.07 54.16 -32.61
C HIS L 221 38.44 54.91 -33.80
N TYR L 222 37.27 55.50 -33.52
CA TYR L 222 36.49 56.15 -34.56
C TYR L 222 37.25 57.32 -35.16
N ASP L 223 37.93 58.11 -34.33
CA ASP L 223 38.68 59.25 -34.84
C ASP L 223 39.83 58.79 -35.72
N GLU L 224 40.52 57.73 -35.34
CA GLU L 224 41.59 57.19 -36.18
C GLU L 224 41.02 56.45 -37.38
N ALA L 225 39.82 55.90 -37.26
CA ALA L 225 39.21 55.21 -38.39
C ALA L 225 38.75 56.18 -39.46
N TYR L 226 38.07 57.26 -39.06
CA TYR L 226 37.54 58.20 -40.03
C TYR L 226 38.65 58.92 -40.79
N LYS L 227 39.73 59.27 -40.11
CA LYS L 227 40.84 59.92 -40.79
C LYS L 227 41.51 58.98 -41.79
N TRP L 228 41.32 57.67 -41.63
CA TRP L 228 41.86 56.71 -42.59
C TRP L 228 40.94 56.50 -43.79
N CYS L 229 39.70 56.97 -43.73
CA CYS L 229 38.82 56.87 -44.89
C CYS L 229 39.31 57.75 -46.02
N ILE L 230 39.86 58.92 -45.69
CA ILE L 230 40.22 59.91 -46.71
C ILE L 230 41.30 59.36 -47.63
N GLU L 231 42.32 58.71 -47.07
CA GLU L 231 43.31 58.04 -47.90
C GLU L 231 42.69 56.89 -48.68
N ALA L 232 41.77 56.15 -48.05
CA ALA L 232 41.07 55.09 -48.76
C ALA L 232 40.19 55.64 -49.88
N MET L 233 39.47 56.73 -49.60
CA MET L 233 38.52 57.25 -50.57
C MET L 233 39.23 57.87 -51.77
N LYS L 234 40.33 58.58 -51.54
CA LYS L 234 41.03 59.24 -52.63
C LYS L 234 41.73 58.25 -53.55
N GLU L 235 41.99 57.04 -53.08
CA GLU L 235 42.65 56.03 -53.90
C GLU L 235 41.70 55.35 -54.87
N ILE L 236 40.40 55.62 -54.77
CA ILE L 236 39.43 54.99 -55.67
C ILE L 236 39.58 55.56 -57.07
N THR L 237 39.75 54.68 -58.04
CA THR L 237 39.86 55.06 -59.44
C THR L 237 38.80 54.31 -60.25
N ALA L 238 38.85 54.48 -61.56
CA ALA L 238 37.90 53.78 -62.43
C ALA L 238 38.25 52.30 -62.59
N GLY L 239 39.53 51.95 -62.50
CA GLY L 239 39.95 50.59 -62.74
C GLY L 239 39.73 49.62 -61.59
N LEU L 240 39.36 50.12 -60.42
CA LEU L 240 39.14 49.24 -59.29
C LEU L 240 37.91 48.36 -59.52
N PRO L 241 37.92 47.12 -59.06
CA PRO L 241 36.73 46.28 -59.17
C PRO L 241 35.61 46.79 -58.29
N VAL L 242 34.38 46.46 -58.68
CA VAL L 242 33.20 46.84 -57.89
C VAL L 242 33.27 46.20 -56.52
N LYS L 243 33.86 45.01 -56.43
CA LYS L 243 34.08 44.35 -55.14
C LYS L 243 34.88 45.23 -54.20
N VAL L 244 35.94 45.87 -54.70
CA VAL L 244 36.76 46.74 -53.87
C VAL L 244 36.02 48.03 -53.52
N VAL L 245 35.33 48.62 -54.50
CA VAL L 245 34.70 49.92 -54.29
C VAL L 245 33.60 49.83 -53.25
N VAL L 246 32.80 48.76 -53.31
CA VAL L 246 31.78 48.55 -52.29
C VAL L 246 32.41 48.36 -50.91
N ASP L 247 33.55 47.66 -50.87
CA ASP L 247 34.23 47.45 -49.60
C ASP L 247 34.72 48.76 -49.00
N VAL L 248 35.23 49.67 -49.83
CA VAL L 248 35.68 50.96 -49.32
C VAL L 248 34.49 51.79 -48.85
N LEU L 249 33.44 51.86 -49.67
CA LEU L 249 32.28 52.68 -49.34
C LEU L 249 31.56 52.16 -48.11
N ARG L 250 31.40 50.84 -48.00
CA ARG L 250 30.69 50.27 -46.87
C ARG L 250 31.41 50.55 -45.56
N GLN L 251 32.74 50.39 -45.55
CA GLN L 251 33.49 50.63 -44.33
C GLN L 251 33.68 52.12 -44.06
N ALA L 252 33.71 52.94 -45.09
CA ALA L 252 33.75 54.39 -44.88
C ALA L 252 32.42 54.89 -44.32
N SER L 253 31.30 54.27 -44.71
CA SER L 253 30.02 54.67 -44.15
C SER L 253 29.92 54.40 -42.67
N LYS L 254 30.42 53.25 -42.23
CA LYS L 254 30.37 52.92 -40.81
C LYS L 254 31.21 53.88 -39.97
N ALA L 255 32.36 54.29 -40.50
CA ALA L 255 33.15 55.30 -39.81
C ALA L 255 32.49 56.67 -39.85
N CYS L 256 31.85 57.00 -40.98
CA CYS L 256 31.18 58.30 -41.09
C CYS L 256 29.99 58.39 -40.15
N VAL L 257 29.21 57.32 -40.03
CA VAL L 257 28.00 57.38 -39.21
C VAL L 257 28.33 57.31 -37.72
N VAL L 258 29.51 56.80 -37.35
CA VAL L 258 29.86 56.76 -35.94
C VAL L 258 30.48 58.08 -35.49
N LYS L 259 31.03 58.87 -36.42
CA LYS L 259 31.56 60.20 -36.12
C LYS L 259 30.53 61.29 -36.33
N ARG L 260 29.25 60.91 -36.44
CA ARG L 260 28.13 61.86 -36.53
C ARG L 260 28.26 62.75 -37.76
N GLU L 261 28.28 62.12 -38.94
CA GLU L 261 28.37 62.82 -40.22
C GLU L 261 27.34 62.24 -41.17
N PHE L 262 26.09 62.16 -40.69
CA PHE L 262 25.06 61.36 -41.34
C PHE L 262 24.79 61.80 -42.77
N LYS L 263 24.91 63.10 -43.06
CA LYS L 263 24.68 63.57 -44.42
C LYS L 263 25.73 63.01 -45.38
N LYS L 264 27.00 62.97 -44.94
CA LYS L 264 28.04 62.39 -45.77
C LYS L 264 27.96 60.87 -45.74
N ALA L 265 27.50 60.29 -44.63
CA ALA L 265 27.35 58.84 -44.54
C ALA L 265 26.22 58.35 -45.43
N GLU L 266 25.17 59.16 -45.59
CA GLU L 266 24.02 58.80 -46.40
C GLU L 266 24.39 58.58 -47.85
N GLN L 267 25.07 59.57 -48.46
CA GLN L 267 25.37 59.50 -49.88
C GLN L 267 26.32 58.35 -50.20
N LEU L 268 27.08 57.91 -49.19
CA LEU L 268 28.01 56.81 -49.40
C LEU L 268 27.29 55.46 -49.39
N ILE L 269 26.64 55.13 -48.27
CA ILE L 269 26.03 53.81 -48.14
C ILE L 269 24.82 53.67 -49.07
N LYS L 270 24.15 54.78 -49.41
CA LYS L 270 23.07 54.67 -50.38
C LYS L 270 23.62 54.50 -51.79
N HIS L 271 24.88 54.85 -52.01
CA HIS L 271 25.52 54.52 -53.28
C HIS L 271 26.17 53.15 -53.24
N ALA L 272 26.61 52.70 -52.05
CA ALA L 272 27.16 51.36 -51.93
C ALA L 272 26.10 50.31 -52.20
N VAL L 273 24.88 50.51 -51.67
CA VAL L 273 23.80 49.55 -51.90
C VAL L 273 23.45 49.50 -53.38
N TYR L 274 23.32 50.66 -54.02
CA TYR L 274 23.02 50.68 -55.45
C TYR L 274 24.12 50.03 -56.26
N LEU L 275 25.39 50.29 -55.90
CA LEU L 275 26.50 49.73 -56.66
C LEU L 275 26.55 48.21 -56.51
N ALA L 276 26.28 47.71 -55.31
CA ALA L 276 26.23 46.25 -55.12
C ALA L 276 25.06 45.65 -55.88
N ARG L 277 23.90 46.30 -55.86
CA ARG L 277 22.73 45.76 -56.55
C ARG L 277 22.88 45.86 -58.06
N ASP L 278 23.53 46.90 -58.56
CA ASP L 278 23.67 47.06 -60.00
C ASP L 278 24.63 46.02 -60.58
N HIS L 279 25.65 45.63 -59.83
CA HIS L 279 26.67 44.72 -60.33
C HIS L 279 26.57 43.32 -59.75
N PHE L 280 26.46 43.20 -58.43
CA PHE L 280 26.46 41.90 -57.77
C PHE L 280 25.05 41.35 -57.58
N GLY L 281 24.27 41.31 -58.65
CA GLY L 281 22.94 40.72 -58.59
C GLY L 281 22.06 41.40 -57.55
N SER L 282 21.19 40.61 -56.93
CA SER L 282 20.38 41.07 -55.82
C SER L 282 20.39 40.12 -54.63
N LYS L 283 20.95 38.91 -54.77
CA LYS L 283 21.05 37.97 -53.67
C LYS L 283 22.48 37.51 -53.45
N HIS L 284 23.46 38.28 -53.91
CA HIS L 284 24.85 37.98 -53.66
C HIS L 284 25.17 38.20 -52.18
N PRO L 285 26.11 37.43 -51.62
CA PRO L 285 26.52 37.70 -50.22
C PRO L 285 27.07 39.10 -50.00
N LYS L 286 27.75 39.68 -50.99
CA LYS L 286 28.28 41.03 -50.81
C LYS L 286 27.17 42.06 -50.72
N TYR L 287 26.12 41.91 -51.54
CA TYR L 287 24.97 42.80 -51.40
C TYR L 287 24.30 42.62 -50.06
N SER L 288 24.32 41.41 -49.52
CA SER L 288 23.84 41.21 -48.15
C SER L 288 24.76 41.89 -47.15
N ASP L 289 26.06 41.92 -47.43
CA ASP L 289 26.99 42.63 -46.55
C ASP L 289 26.74 44.13 -46.59
N THR L 290 26.42 44.67 -47.76
CA THR L 290 26.12 46.10 -47.86
C THR L 290 24.84 46.44 -47.12
N LEU L 291 23.80 45.61 -47.26
CA LEU L 291 22.55 45.88 -46.56
C LEU L 291 22.70 45.75 -45.05
N LEU L 292 23.56 44.84 -44.60
CA LEU L 292 23.77 44.70 -43.17
C LEU L 292 24.44 45.92 -42.57
N ASP L 293 25.19 46.67 -43.38
CA ASP L 293 25.76 47.93 -42.94
C ASP L 293 25.00 49.14 -43.47
N TYR L 294 24.05 48.95 -44.38
CA TYR L 294 23.09 50.01 -44.69
C TYR L 294 22.06 50.13 -43.58
N GLY L 295 21.67 49.01 -42.98
CA GLY L 295 20.80 49.08 -41.82
C GLY L 295 21.51 49.61 -40.60
N PHE L 296 22.84 49.49 -40.55
CA PHE L 296 23.61 50.12 -39.50
C PHE L 296 23.53 51.64 -39.60
N TYR L 297 23.57 52.17 -40.82
CA TYR L 297 23.42 53.61 -41.01
C TYR L 297 22.04 54.08 -40.60
N LEU L 298 20.99 53.37 -41.04
CA LEU L 298 19.63 53.79 -40.73
C LEU L 298 19.26 53.54 -39.27
N LEU L 299 19.99 52.68 -38.57
CA LEU L 299 19.76 52.52 -37.14
C LEU L 299 20.31 53.69 -36.34
N ASN L 300 21.38 54.33 -36.84
CA ASN L 300 22.03 55.42 -36.14
C ASN L 300 21.56 56.80 -36.60
N VAL L 301 20.60 56.89 -37.50
CA VAL L 301 20.04 58.17 -37.91
C VAL L 301 18.55 58.25 -37.59
N ASP L 302 18.11 57.46 -36.61
CA ASP L 302 16.73 57.47 -36.13
C ASP L 302 15.74 57.15 -37.25
N ASN L 303 15.95 55.99 -37.87
CA ASN L 303 15.00 55.42 -38.81
C ASN L 303 14.82 53.94 -38.51
N ILE L 304 14.62 53.64 -37.22
CA ILE L 304 14.59 52.25 -36.74
C ILE L 304 13.45 51.48 -37.39
N CYS L 305 12.31 52.15 -37.64
CA CYS L 305 11.17 51.48 -38.24
C CYS L 305 11.47 50.98 -39.64
N GLN L 306 12.50 51.53 -40.30
CA GLN L 306 12.90 51.11 -41.63
C GLN L 306 14.16 50.24 -41.61
N SER L 307 15.00 50.38 -40.60
CA SER L 307 16.21 49.58 -40.49
C SER L 307 15.93 48.09 -40.35
N VAL L 308 14.96 47.71 -39.52
CA VAL L 308 14.68 46.29 -39.31
C VAL L 308 14.13 45.67 -40.58
N ALA L 309 13.49 46.47 -41.45
CA ALA L 309 13.03 45.96 -42.73
C ALA L 309 14.16 45.76 -43.73
N ILE L 310 15.37 46.20 -43.40
CA ILE L 310 16.54 45.99 -44.24
C ILE L 310 17.41 44.85 -43.73
N TYR L 311 17.52 44.70 -42.41
CA TYR L 311 18.17 43.51 -41.88
C TYR L 311 17.42 42.25 -42.29
N GLN L 312 16.09 42.32 -42.30
CA GLN L 312 15.29 41.20 -42.81
C GLN L 312 15.52 41.01 -44.30
N ALA L 313 15.92 42.05 -45.01
CA ALA L 313 16.34 41.92 -46.40
C ALA L 313 17.82 41.62 -46.53
N ALA L 314 18.55 41.56 -45.42
CA ALA L 314 19.94 41.11 -45.41
C ALA L 314 20.12 39.78 -44.70
N LEU L 315 19.21 39.41 -43.81
CA LEU L 315 19.22 38.06 -43.27
C LEU L 315 18.66 37.07 -44.29
N ASP L 316 17.60 37.45 -45.00
CA ASP L 316 16.99 36.55 -45.96
C ASP L 316 17.86 36.32 -47.19
N ILE L 317 18.89 37.14 -47.38
CA ILE L 317 19.86 36.85 -48.44
C ILE L 317 20.94 35.91 -47.92
N ARG L 318 21.44 36.15 -46.71
CA ARG L 318 22.46 35.28 -46.14
C ARG L 318 21.90 33.94 -45.68
N GLN L 319 20.58 33.81 -45.55
CA GLN L 319 19.99 32.52 -45.21
C GLN L 319 19.61 31.72 -46.44
N SER L 320 19.70 32.29 -47.63
CA SER L 320 19.48 31.54 -48.86
C SER L 320 20.77 31.16 -49.56
N VAL L 321 21.82 31.96 -49.41
CA VAL L 321 23.13 31.58 -49.95
C VAL L 321 23.85 30.64 -48.99
N PHE L 322 24.13 31.11 -47.79
CA PHE L 322 24.63 30.26 -46.73
C PHE L 322 23.48 29.63 -45.97
N GLY L 323 23.70 28.42 -45.48
CA GLY L 323 22.71 27.76 -44.66
C GLY L 323 22.77 28.25 -43.23
N GLY L 324 22.24 27.43 -42.33
CA GLY L 324 22.41 27.70 -40.93
C GLY L 324 23.81 27.38 -40.45
N LYS L 325 24.07 27.75 -39.19
CA LYS L 325 25.36 27.51 -38.54
C LYS L 325 26.51 28.13 -39.33
N ASN L 326 26.28 29.33 -39.85
CA ASN L 326 27.31 30.13 -40.50
C ASN L 326 27.55 31.39 -39.67
N ILE L 327 28.74 31.96 -39.79
CA ILE L 327 29.01 33.20 -39.04
C ILE L 327 28.48 34.42 -39.77
N HIS L 328 28.23 34.35 -41.08
CA HIS L 328 27.60 35.48 -41.75
C HIS L 328 26.11 35.55 -41.45
N VAL L 329 25.43 34.40 -41.40
CA VAL L 329 24.03 34.43 -40.98
C VAL L 329 23.94 34.64 -39.48
N ALA L 330 25.03 34.43 -38.75
CA ALA L 330 25.02 34.72 -37.32
C ALA L 330 25.06 36.22 -37.05
N THR L 331 25.91 36.95 -37.76
CA THR L 331 25.97 38.39 -37.56
C THR L 331 24.77 39.09 -38.17
N ALA L 332 24.16 38.49 -39.20
CA ALA L 332 22.90 39.03 -39.71
C ALA L 332 21.77 38.78 -38.74
N HIS L 333 21.83 37.70 -37.96
CA HIS L 333 20.86 37.50 -36.89
C HIS L 333 21.09 38.49 -35.76
N GLU L 334 22.34 38.68 -35.36
CA GLU L 334 22.64 39.52 -34.20
C GLU L 334 22.38 40.99 -34.48
N ASP L 335 22.36 41.41 -35.74
CA ASP L 335 22.04 42.79 -36.05
C ASP L 335 20.54 43.02 -36.11
N LEU L 336 19.79 42.04 -36.62
CA LEU L 336 18.35 42.15 -36.63
C LEU L 336 17.77 41.92 -35.25
N ALA L 337 18.40 41.06 -34.45
CA ALA L 337 17.91 40.84 -33.09
C ALA L 337 18.06 42.09 -32.25
N TYR L 338 19.01 42.95 -32.57
CA TYR L 338 19.16 44.22 -31.89
C TYR L 338 18.29 45.31 -32.48
N SER L 339 18.16 45.35 -33.82
CA SER L 339 17.31 46.35 -34.44
C SER L 339 15.85 46.14 -34.05
N SER L 340 15.38 44.89 -34.03
CA SER L 340 14.04 44.61 -33.56
C SER L 340 13.89 44.90 -32.07
N TYR L 341 14.97 44.75 -31.32
CA TYR L 341 14.95 45.10 -29.90
C TYR L 341 14.77 46.60 -29.70
N VAL L 342 15.42 47.41 -30.54
CA VAL L 342 15.20 48.85 -30.49
C VAL L 342 13.80 49.20 -30.99
N HIS L 343 13.37 48.55 -32.08
CA HIS L 343 12.09 48.88 -32.69
C HIS L 343 10.92 48.56 -31.76
N GLN L 344 10.98 47.40 -31.10
CA GLN L 344 9.90 46.97 -30.22
C GLN L 344 10.15 47.32 -28.76
N TYR L 345 10.99 48.32 -28.49
CA TYR L 345 11.20 48.75 -27.12
C TYR L 345 9.92 49.28 -26.49
N SER L 346 9.20 50.13 -27.23
CA SER L 346 7.95 50.67 -26.72
C SER L 346 6.84 49.63 -26.75
N SER L 347 6.76 48.85 -27.84
CA SER L 347 5.66 47.92 -28.03
C SER L 347 5.73 46.70 -27.13
N GLY L 348 6.91 46.30 -26.68
CA GLY L 348 7.02 45.10 -25.86
C GLY L 348 6.69 43.83 -26.61
N LYS L 349 7.16 43.72 -27.84
CA LYS L 349 6.88 42.55 -28.69
C LYS L 349 8.18 41.85 -29.05
N PHE L 350 9.00 41.57 -28.05
CA PHE L 350 10.34 41.03 -28.24
C PHE L 350 10.37 39.54 -28.54
N ASP L 351 9.24 38.91 -28.87
CA ASP L 351 9.25 37.49 -29.18
C ASP L 351 10.05 37.22 -30.46
N ASN L 352 9.92 38.10 -31.45
CA ASN L 352 10.74 37.95 -32.65
C ASN L 352 12.20 38.26 -32.36
N ALA L 353 12.46 39.30 -31.56
CA ALA L 353 13.84 39.72 -31.34
C ALA L 353 14.58 38.76 -30.41
N LEU L 354 13.84 37.97 -29.63
CA LEU L 354 14.49 36.93 -28.84
C LEU L 354 14.92 35.77 -29.71
N PHE L 355 14.06 35.35 -30.64
CA PHE L 355 14.38 34.23 -31.51
C PHE L 355 15.59 34.54 -32.39
N HIS L 356 15.64 35.76 -32.92
CA HIS L 356 16.78 36.15 -33.75
C HIS L 356 18.04 36.37 -32.94
N ALA L 357 17.94 36.40 -31.61
CA ALA L 357 19.11 36.48 -30.74
C ALA L 357 19.55 35.12 -30.22
N GLU L 358 18.60 34.21 -29.99
CA GLU L 358 18.96 32.84 -29.64
C GLU L 358 19.60 32.13 -30.82
N ARG L 359 19.15 32.43 -32.04
CA ARG L 359 19.76 31.85 -33.22
C ARG L 359 21.21 32.28 -33.36
N ALA L 360 21.50 33.57 -33.14
CA ALA L 360 22.87 34.03 -33.23
C ALA L 360 23.72 33.46 -32.11
N ILE L 361 23.14 33.27 -30.92
CA ILE L 361 23.88 32.65 -29.83
C ILE L 361 24.08 31.17 -30.10
N GLY L 362 23.03 30.48 -30.55
CA GLY L 362 23.14 29.04 -30.81
C GLY L 362 24.05 28.70 -31.98
N ILE L 363 24.37 29.67 -32.82
CA ILE L 363 25.25 29.42 -33.96
C ILE L 363 26.70 29.69 -33.61
N ILE L 364 26.98 30.85 -33.00
CA ILE L 364 28.36 31.22 -32.71
C ILE L 364 28.95 30.30 -31.64
N THR L 365 28.14 29.86 -30.69
CA THR L 365 28.61 28.88 -29.72
C THR L 365 28.93 27.53 -30.36
N HIS L 366 28.49 27.30 -31.60
CA HIS L 366 28.73 26.04 -32.29
C HIS L 366 29.89 26.11 -33.27
N ILE L 367 30.16 27.26 -33.88
CA ILE L 367 31.24 27.39 -34.84
C ILE L 367 32.41 28.21 -34.32
N LEU L 368 32.30 28.83 -33.15
CA LEU L 368 33.37 29.64 -32.60
C LEU L 368 33.63 29.22 -31.16
N PRO L 369 34.88 29.36 -30.69
CA PRO L 369 35.18 29.03 -29.30
C PRO L 369 34.49 29.98 -28.34
N GLU L 370 34.46 29.57 -27.07
CA GLU L 370 33.79 30.37 -26.05
C GLU L 370 34.45 31.73 -25.88
N ASP L 371 35.78 31.76 -25.90
CA ASP L 371 36.54 33.00 -25.70
C ASP L 371 36.78 33.68 -27.05
N HIS L 372 35.69 34.13 -27.67
CA HIS L 372 35.76 34.86 -28.91
C HIS L 372 34.93 36.13 -28.82
N LEU L 373 35.44 37.21 -29.40
CA LEU L 373 34.80 38.52 -29.26
C LEU L 373 33.49 38.58 -30.04
N LEU L 374 33.37 37.82 -31.13
CA LEU L 374 32.12 37.82 -31.88
C LEU L 374 30.97 37.26 -31.05
N LEU L 375 31.27 36.40 -30.08
CA LEU L 375 30.22 35.93 -29.17
C LEU L 375 29.83 37.02 -28.19
N ALA L 376 30.71 37.98 -27.92
CA ALA L 376 30.38 39.05 -26.99
C ALA L 376 29.32 39.98 -27.57
N SER L 377 29.43 40.35 -28.84
CA SER L 377 28.46 41.25 -29.44
C SER L 377 27.10 40.61 -29.61
N SER L 378 27.02 39.28 -29.61
CA SER L 378 25.74 38.58 -29.64
C SER L 378 25.22 38.20 -28.28
N LYS L 379 26.11 38.10 -27.28
CA LYS L 379 25.65 37.80 -25.92
C LYS L 379 25.01 39.01 -25.27
N ARG L 380 25.52 40.20 -25.57
CA ARG L 380 24.92 41.42 -25.01
C ARG L 380 23.51 41.63 -25.54
N VAL L 381 23.29 41.39 -26.83
CA VAL L 381 21.99 41.64 -27.43
C VAL L 381 20.94 40.71 -26.84
N LYS L 382 21.26 39.42 -26.71
CA LYS L 382 20.29 38.47 -26.17
C LYS L 382 19.87 38.86 -24.76
N ALA L 383 20.80 39.37 -23.96
CA ALA L 383 20.43 39.82 -22.62
C ALA L 383 19.60 41.09 -22.67
N LEU L 384 19.80 41.94 -23.67
CA LEU L 384 19.01 43.16 -23.79
C LEU L 384 17.54 42.85 -24.01
N ILE L 385 17.24 41.91 -24.92
CA ILE L 385 15.87 41.43 -25.03
C ILE L 385 15.44 40.72 -23.76
N LEU L 386 16.36 39.99 -23.12
CA LEU L 386 15.99 39.18 -21.98
C LEU L 386 15.58 40.03 -20.77
N GLU L 387 16.05 41.27 -20.69
CA GLU L 387 15.71 42.09 -19.53
C GLU L 387 14.29 42.64 -19.64
N GLU L 388 13.83 42.99 -20.84
CA GLU L 388 12.49 43.53 -20.98
C GLU L 388 11.42 42.45 -21.03
N ILE L 389 11.79 41.20 -21.26
CA ILE L 389 10.83 40.11 -21.13
C ILE L 389 10.50 39.89 -19.65
N ALA L 390 11.48 40.01 -18.77
CA ALA L 390 11.24 39.83 -17.35
C ALA L 390 10.32 40.90 -16.80
N ILE L 391 10.62 42.18 -17.07
CA ILE L 391 9.82 43.27 -16.51
C ILE L 391 8.42 43.28 -17.11
N ASP L 392 8.25 42.76 -18.33
CA ASP L 392 6.91 42.62 -18.88
C ASP L 392 6.14 41.54 -18.15
N CYS L 393 6.82 40.48 -17.72
CA CYS L 393 6.17 39.41 -16.99
C CYS L 393 5.79 39.86 -15.59
N HIS L 394 4.80 39.19 -15.02
CA HIS L 394 4.29 39.49 -13.69
C HIS L 394 4.57 38.35 -12.71
N ASN L 395 5.77 37.77 -12.80
CA ASN L 395 6.16 36.66 -11.94
C ASN L 395 7.47 37.01 -11.25
N LYS L 396 7.51 36.81 -9.93
CA LYS L 396 8.73 37.08 -9.18
C LYS L 396 9.81 36.05 -9.50
N GLU L 397 9.43 34.79 -9.69
CA GLU L 397 10.41 33.74 -9.97
C GLU L 397 11.06 33.95 -11.33
N THR L 398 10.29 34.36 -12.34
CA THR L 398 10.87 34.61 -13.65
C THR L 398 11.66 35.92 -13.69
N GLU L 399 11.25 36.91 -12.89
CA GLU L 399 11.95 38.18 -12.88
C GLU L 399 13.40 38.02 -12.40
N GLN L 400 13.60 37.21 -11.36
CA GLN L 400 14.94 37.05 -10.80
C GLN L 400 15.86 36.29 -11.75
N ARG L 401 15.39 35.16 -12.28
CA ARG L 401 16.27 34.30 -13.06
C ARG L 401 16.58 34.89 -14.42
N LEU L 402 15.61 35.58 -15.04
CA LEU L 402 15.85 36.17 -16.35
C LEU L 402 16.91 37.26 -16.30
N LEU L 403 16.83 38.13 -15.29
CA LEU L 403 17.87 39.14 -15.13
C LEU L 403 19.17 38.52 -14.65
N GLN L 404 19.10 37.44 -13.87
CA GLN L 404 20.31 36.73 -13.48
C GLN L 404 21.00 36.13 -14.70
N GLU L 405 20.22 35.60 -15.64
CA GLU L 405 20.79 35.20 -16.93
C GLU L 405 21.33 36.40 -17.67
N ALA L 406 20.60 37.51 -17.65
CA ALA L 406 21.11 38.75 -18.24
C ALA L 406 22.29 39.30 -17.46
N HIS L 407 22.41 38.94 -16.18
CA HIS L 407 23.60 39.30 -15.41
C HIS L 407 24.82 38.56 -15.92
N ASP L 408 24.69 37.26 -16.18
CA ASP L 408 25.83 36.47 -16.64
C ASP L 408 26.20 36.83 -18.07
N LEU L 409 25.21 37.10 -18.92
CA LEU L 409 25.49 37.40 -20.32
C LEU L 409 26.27 38.70 -20.48
N HIS L 410 25.89 39.75 -19.74
CA HIS L 410 26.71 40.96 -19.74
C HIS L 410 28.06 40.71 -19.12
N LEU L 411 28.12 39.93 -18.04
CA LEU L 411 29.40 39.59 -17.43
C LEU L 411 30.29 38.83 -18.42
N SER L 412 29.70 37.87 -19.13
CA SER L 412 30.46 37.16 -20.15
C SER L 412 30.86 38.09 -21.29
N SER L 413 29.96 38.97 -21.71
CA SER L 413 30.28 39.91 -22.78
C SER L 413 31.35 40.91 -22.34
N LEU L 414 31.24 41.41 -21.10
CA LEU L 414 32.23 42.37 -20.61
C LEU L 414 33.60 41.73 -20.48
N GLN L 415 33.65 40.51 -19.95
CA GLN L 415 34.93 39.81 -19.82
C GLN L 415 35.53 39.51 -21.19
N LEU L 416 34.69 39.11 -22.14
CA LEU L 416 35.18 38.78 -23.48
C LEU L 416 35.63 40.03 -24.22
N ALA L 417 34.95 41.16 -24.01
CA ALA L 417 35.33 42.39 -24.69
C ALA L 417 36.58 43.01 -24.07
N LYS L 418 36.75 42.90 -22.75
CA LYS L 418 37.91 43.48 -22.10
C LYS L 418 39.20 42.73 -22.44
N LYS L 419 39.09 41.46 -22.84
CA LYS L 419 40.28 40.68 -23.14
C LYS L 419 41.03 41.21 -24.35
N ALA L 420 40.30 41.61 -25.39
CA ALA L 420 40.92 42.08 -26.63
C ALA L 420 40.99 43.60 -26.73
N PHE L 421 39.92 44.30 -26.36
CA PHE L 421 39.89 45.74 -26.51
C PHE L 421 40.69 46.42 -25.40
N GLY L 422 40.28 46.24 -24.16
CA GLY L 422 40.82 46.96 -23.03
C GLY L 422 39.75 47.76 -22.30
N GLU L 423 40.15 48.27 -21.14
CA GLU L 423 39.20 48.96 -20.28
C GLU L 423 38.84 50.36 -20.77
N PHE L 424 39.54 50.89 -21.76
CA PHE L 424 39.33 52.24 -22.26
C PHE L 424 38.93 52.27 -23.73
N ASN L 425 37.99 51.42 -24.12
CA ASN L 425 37.43 51.44 -25.46
C ASN L 425 35.91 51.56 -25.37
N VAL L 426 35.31 52.12 -26.41
CA VAL L 426 33.88 52.40 -26.40
C VAL L 426 33.07 51.12 -26.35
N GLN L 427 33.55 50.08 -27.04
CA GLN L 427 32.83 48.81 -27.05
C GLN L 427 32.78 48.18 -25.66
N THR L 428 33.87 48.29 -24.91
CA THR L 428 33.83 47.86 -23.52
C THR L 428 33.06 48.85 -22.65
N ALA L 429 33.07 50.13 -23.02
CA ALA L 429 32.29 51.12 -22.29
C ALA L 429 30.80 50.86 -22.44
N LYS L 430 30.36 50.48 -23.64
CA LYS L 430 28.94 50.25 -23.87
C LYS L 430 28.43 49.06 -23.09
N HIS L 431 29.30 48.14 -22.71
CA HIS L 431 28.87 47.00 -21.90
C HIS L 431 28.52 47.43 -20.48
N TYR L 432 29.24 48.43 -19.94
CA TYR L 432 28.89 48.95 -18.63
C TYR L 432 27.53 49.64 -18.65
N GLY L 433 27.27 50.43 -19.70
CA GLY L 433 26.00 51.13 -19.78
C GLY L 433 24.82 50.19 -19.87
N ASN L 434 24.95 49.11 -20.65
CA ASN L 434 23.90 48.09 -20.69
C ASN L 434 23.81 47.34 -19.37
N LEU L 435 24.95 47.07 -18.73
CA LEU L 435 24.94 46.39 -17.45
C LEU L 435 24.35 47.28 -16.36
N GLY L 436 24.61 48.59 -16.45
CA GLY L 436 24.03 49.50 -15.47
C GLY L 436 22.52 49.58 -15.57
N ARG L 437 21.99 49.57 -16.79
CA ARG L 437 20.54 49.57 -16.96
C ARG L 437 19.93 48.28 -16.43
N LEU L 438 20.65 47.16 -16.53
CA LEU L 438 20.17 45.91 -15.95
C LEU L 438 20.08 46.01 -14.43
N TYR L 439 21.08 46.63 -13.80
CA TYR L 439 21.06 46.80 -12.35
C TYR L 439 19.96 47.74 -11.89
N GLN L 440 19.41 48.55 -12.78
CA GLN L 440 18.27 49.41 -12.43
C GLN L 440 17.03 48.59 -12.10
N SER L 441 16.97 47.34 -12.56
CA SER L 441 15.88 46.43 -12.22
C SER L 441 16.36 45.21 -11.45
N MET L 442 17.66 45.13 -11.14
CA MET L 442 18.23 44.02 -10.39
C MET L 442 18.29 44.29 -8.88
N ARG L 443 17.73 45.42 -8.43
CA ARG L 443 17.81 45.84 -7.02
C ARG L 443 19.25 45.97 -6.57
N LYS L 444 20.09 46.53 -7.44
CA LYS L 444 21.51 46.78 -7.17
C LYS L 444 21.84 48.24 -7.45
N PHE L 445 21.01 49.14 -6.91
CA PHE L 445 21.07 50.55 -7.30
C PHE L 445 22.38 51.20 -6.85
N LYS L 446 22.96 50.73 -5.74
CA LYS L 446 24.18 51.33 -5.23
C LYS L 446 25.33 51.20 -6.21
N GLU L 447 25.49 50.02 -6.80
CA GLU L 447 26.49 49.83 -7.83
C GLU L 447 25.97 50.11 -9.24
N ALA L 448 24.67 50.34 -9.39
CA ALA L 448 24.12 50.66 -10.71
C ALA L 448 24.66 51.99 -11.22
N GLU L 449 24.73 53.00 -10.36
CA GLU L 449 25.29 54.28 -10.77
C GLU L 449 26.79 54.17 -11.01
N GLU L 450 27.47 53.29 -10.28
CA GLU L 450 28.91 53.11 -10.49
C GLU L 450 29.21 52.55 -11.87
N MET L 451 28.39 51.59 -12.33
CA MET L 451 28.57 51.06 -13.68
C MET L 451 28.33 52.11 -14.74
N HIS L 452 27.31 52.96 -14.54
CA HIS L 452 27.03 54.03 -15.50
C HIS L 452 28.17 55.04 -15.52
N ILE L 453 28.57 55.54 -14.35
CA ILE L 453 29.56 56.62 -14.31
C ILE L 453 30.93 56.12 -14.76
N LYS L 454 31.21 54.83 -14.57
CA LYS L 454 32.44 54.27 -15.13
C LYS L 454 32.44 54.34 -16.65
N ALA L 455 31.29 54.04 -17.26
CA ALA L 455 31.16 54.16 -18.71
C ALA L 455 31.09 55.60 -19.17
N ILE L 456 30.48 56.48 -18.36
CA ILE L 456 30.26 57.86 -18.79
C ILE L 456 31.60 58.56 -19.01
N GLN L 457 32.52 58.42 -18.06
CA GLN L 457 33.79 59.12 -18.16
C GLN L 457 34.73 58.48 -19.18
N ILE L 458 34.48 57.21 -19.53
CA ILE L 458 35.22 56.59 -20.62
C ILE L 458 34.72 57.12 -21.97
N LYS L 459 33.41 57.18 -22.14
CA LYS L 459 32.84 57.60 -23.42
C LYS L 459 33.13 59.07 -23.71
N GLU L 460 33.07 59.91 -22.68
CA GLU L 460 33.44 61.32 -22.86
C GLU L 460 34.92 61.45 -23.19
N GLN L 461 35.76 60.63 -22.57
CA GLN L 461 37.21 60.71 -22.79
C GLN L 461 37.56 60.40 -24.24
N LEU L 462 36.91 59.40 -24.83
CA LEU L 462 37.27 58.91 -26.15
C LEU L 462 36.62 59.70 -27.27
N LEU L 463 35.40 60.19 -27.08
CA LEU L 463 34.68 60.92 -28.11
C LEU L 463 34.59 62.40 -27.81
N GLY L 464 34.08 62.78 -26.65
CA GLY L 464 33.94 64.17 -26.28
C GLY L 464 32.66 64.38 -25.52
N GLN L 465 32.25 65.66 -25.43
CA GLN L 465 31.02 66.04 -24.76
C GLN L 465 29.86 66.26 -25.71
N GLU L 466 30.09 66.15 -27.02
CA GLU L 466 29.08 66.44 -28.03
C GLU L 466 28.92 65.27 -28.98
N ASP L 467 28.78 64.07 -28.44
CA ASP L 467 28.58 62.87 -29.23
C ASP L 467 27.30 62.15 -28.79
N TYR L 468 26.67 61.48 -29.74
CA TYR L 468 25.39 60.81 -29.48
C TYR L 468 25.56 59.59 -28.61
N GLU L 469 26.74 58.96 -28.64
CA GLU L 469 26.95 57.72 -27.89
C GLU L 469 26.83 57.96 -26.39
N VAL L 470 27.47 59.02 -25.89
CA VAL L 470 27.43 59.30 -24.45
C VAL L 470 26.05 59.77 -24.03
N ALA L 471 25.32 60.45 -24.91
CA ALA L 471 24.01 60.98 -24.55
C ALA L 471 23.01 59.87 -24.26
N LEU L 472 23.21 58.69 -24.85
CA LEU L 472 22.32 57.57 -24.57
C LEU L 472 22.45 57.09 -23.13
N SER L 473 23.69 56.95 -22.65
CA SER L 473 23.88 56.54 -21.26
C SER L 473 23.62 57.69 -20.30
N VAL L 474 23.83 58.94 -20.74
CA VAL L 474 23.52 60.10 -19.91
C VAL L 474 22.03 60.13 -19.61
N GLY L 475 21.19 59.90 -20.62
CA GLY L 475 19.77 59.76 -20.38
C GLY L 475 19.44 58.56 -19.53
N HIS L 476 20.20 57.47 -19.67
CA HIS L 476 19.99 56.30 -18.82
C HIS L 476 20.47 56.55 -17.40
N LEU L 477 21.61 57.23 -17.24
CA LEU L 477 22.14 57.52 -15.91
C LEU L 477 21.21 58.44 -15.13
N ALA L 478 20.69 59.47 -15.80
CA ALA L 478 19.80 60.40 -15.11
C ALA L 478 18.43 59.77 -14.83
N SER L 479 18.00 58.83 -15.66
CA SER L 479 16.79 58.08 -15.36
C SER L 479 16.97 57.21 -14.12
N LEU L 480 18.20 56.73 -13.88
CA LEU L 480 18.50 56.03 -12.64
C LEU L 480 18.28 56.93 -11.43
N TYR L 481 18.73 58.19 -11.53
CA TYR L 481 18.55 59.13 -10.43
C TYR L 481 17.08 59.43 -10.20
N ASN L 482 16.31 59.63 -11.28
CA ASN L 482 14.92 60.05 -11.14
C ASN L 482 14.06 59.00 -10.47
N TYR L 483 14.31 57.72 -10.78
CA TYR L 483 13.43 56.65 -10.32
C TYR L 483 13.99 55.84 -9.15
N ASP L 484 15.30 55.73 -9.02
CA ASP L 484 15.88 54.91 -7.97
C ASP L 484 16.73 55.68 -6.98
N MET L 485 17.64 56.52 -7.46
CA MET L 485 18.51 57.27 -6.55
C MET L 485 17.78 58.43 -5.88
N ASN L 486 16.67 58.90 -6.45
CA ASN L 486 15.88 60.02 -5.95
C ASN L 486 16.68 61.31 -5.85
N GLN L 487 17.78 61.43 -6.59
CA GLN L 487 18.58 62.65 -6.61
C GLN L 487 18.16 63.47 -7.85
N TYR L 488 17.10 64.25 -7.67
CA TYR L 488 16.58 65.04 -8.78
C TYR L 488 17.46 66.23 -9.12
N GLU L 489 18.38 66.60 -8.22
CA GLU L 489 19.23 67.76 -8.45
C GLU L 489 20.21 67.50 -9.58
N ASN L 490 20.91 66.38 -9.54
CA ASN L 490 21.92 66.06 -10.53
C ASN L 490 21.38 65.23 -11.70
N ALA L 491 20.07 64.98 -11.73
CA ALA L 491 19.44 64.32 -12.87
C ALA L 491 18.92 65.31 -13.90
N GLU L 492 18.38 66.45 -13.44
CA GLU L 492 17.87 67.45 -14.36
C GLU L 492 18.98 68.10 -15.17
N LYS L 493 20.20 68.10 -14.63
CA LYS L 493 21.33 68.67 -15.35
C LYS L 493 21.79 67.77 -16.51
N LEU L 494 21.35 66.51 -16.53
CA LEU L 494 21.74 65.57 -17.57
C LEU L 494 20.69 65.41 -18.67
N TYR L 495 19.41 65.52 -18.33
CA TYR L 495 18.37 65.54 -19.37
C TYR L 495 18.57 66.72 -20.30
N LEU L 496 18.88 67.89 -19.75
CA LEU L 496 19.06 69.07 -20.60
C LEU L 496 20.24 68.88 -21.55
N ARG L 497 21.30 68.23 -21.08
CA ARG L 497 22.41 67.87 -21.97
C ARG L 497 21.97 66.90 -23.04
N SER L 498 21.10 65.94 -22.67
CA SER L 498 20.61 64.97 -23.65
C SER L 498 19.60 65.60 -24.61
N ILE L 499 18.75 66.50 -24.11
CA ILE L 499 17.75 67.12 -24.96
C ILE L 499 18.39 68.08 -25.95
N ALA L 500 19.38 68.84 -25.48
CA ALA L 500 20.04 69.82 -26.36
C ALA L 500 20.77 69.14 -27.51
N ILE L 501 21.45 68.03 -27.22
CA ILE L 501 22.18 67.32 -28.28
C ILE L 501 21.23 66.58 -29.19
N GLY L 502 20.03 66.21 -28.71
CA GLY L 502 19.09 65.51 -29.57
C GLY L 502 18.61 66.37 -30.72
N LYS L 503 18.23 67.62 -30.44
CA LYS L 503 17.82 68.52 -31.51
C LYS L 503 18.99 69.05 -32.30
N LYS L 504 20.16 69.16 -31.67
CA LYS L 504 21.35 69.62 -32.38
C LYS L 504 21.77 68.64 -33.46
N LEU L 505 21.67 67.35 -33.18
CA LEU L 505 22.16 66.32 -34.10
C LEU L 505 21.05 65.81 -35.03
N PHE L 506 19.98 65.25 -34.46
CA PHE L 506 18.89 64.70 -35.25
C PHE L 506 17.84 65.75 -35.58
N GLY L 507 17.29 66.37 -34.56
CA GLY L 507 16.21 67.34 -34.71
C GLY L 507 15.19 67.12 -33.62
N GLU L 508 14.00 67.69 -33.82
CA GLU L 508 12.95 67.59 -32.83
C GLU L 508 12.22 66.24 -32.87
N GLY L 509 12.50 65.41 -33.86
CA GLY L 509 11.80 64.14 -34.01
C GLY L 509 12.58 62.94 -33.52
N TYR L 510 13.58 63.17 -32.67
CA TYR L 510 14.38 62.08 -32.15
C TYR L 510 13.53 61.15 -31.29
N SER L 511 13.69 59.84 -31.50
CA SER L 511 12.82 58.87 -30.84
C SER L 511 13.14 58.74 -29.37
N GLY L 512 14.37 59.02 -28.96
CA GLY L 512 14.71 58.96 -27.55
C GLY L 512 14.25 60.15 -26.74
N LEU L 513 13.64 61.16 -27.38
CA LEU L 513 13.15 62.32 -26.67
C LEU L 513 11.94 62.02 -25.81
N GLU L 514 11.27 60.89 -26.02
CA GLU L 514 10.15 60.52 -25.16
C GLU L 514 10.64 60.03 -23.81
N TYR L 515 11.77 59.34 -23.77
CA TYR L 515 12.24 58.70 -22.55
C TYR L 515 12.90 59.66 -21.58
N ASP L 516 13.10 60.93 -21.95
CA ASP L 516 13.52 61.95 -21.00
C ASP L 516 12.53 63.10 -20.86
N TYR L 517 11.65 63.33 -21.84
CA TYR L 517 10.53 64.23 -21.62
C TYR L 517 9.57 63.63 -20.59
N ARG L 518 9.21 62.37 -20.77
CA ARG L 518 8.48 61.65 -19.73
C ARG L 518 9.36 61.37 -18.52
N GLY L 519 10.68 61.44 -18.68
CA GLY L 519 11.56 61.45 -17.52
C GLY L 519 11.57 62.75 -16.76
N LEU L 520 11.06 63.82 -17.38
CA LEU L 520 10.90 65.12 -16.71
C LEU L 520 9.49 65.38 -16.23
N ILE L 521 8.48 64.71 -16.79
CA ILE L 521 7.11 64.90 -16.32
C ILE L 521 6.94 64.30 -14.92
N LYS L 522 7.84 63.40 -14.52
CA LYS L 522 7.84 62.85 -13.17
C LYS L 522 8.99 63.38 -12.32
N LEU L 523 10.09 63.82 -12.93
CA LEU L 523 11.15 64.47 -12.16
C LEU L 523 10.65 65.78 -11.55
N TYR L 524 9.90 66.56 -12.33
CA TYR L 524 9.32 67.80 -11.84
C TYR L 524 8.01 67.58 -11.09
N ASN L 525 7.39 66.41 -11.21
CA ASN L 525 6.16 66.13 -10.48
C ASN L 525 6.40 66.06 -8.98
N SER L 526 7.49 65.43 -8.57
CA SER L 526 7.79 65.22 -7.15
C SER L 526 8.80 66.21 -6.60
N ILE L 527 9.18 67.23 -7.38
CA ILE L 527 10.12 68.23 -6.90
C ILE L 527 9.42 69.51 -6.43
N GLY L 528 8.14 69.70 -6.77
CA GLY L 528 7.42 70.87 -6.32
C GLY L 528 6.95 71.77 -7.45
N ASN L 529 7.79 71.94 -8.47
CA ASN L 529 7.42 72.76 -9.61
C ASN L 529 6.23 72.14 -10.33
N TYR L 530 5.28 72.98 -10.71
CA TYR L 530 4.05 72.50 -11.37
C TYR L 530 3.78 73.26 -12.65
N GLU L 531 4.23 74.51 -12.74
CA GLU L 531 4.07 75.25 -13.98
C GLU L 531 4.94 74.69 -15.09
N LYS L 532 6.19 74.33 -14.77
CA LYS L 532 7.08 73.75 -15.76
C LYS L 532 6.68 72.32 -16.13
N VAL L 533 5.92 71.66 -15.25
CA VAL L 533 5.31 70.38 -15.59
C VAL L 533 4.37 70.54 -16.79
N PHE L 534 3.57 71.60 -16.80
CA PHE L 534 2.72 71.86 -17.96
C PHE L 534 3.54 72.25 -19.18
N GLU L 535 4.72 72.82 -18.98
CA GLU L 535 5.56 73.20 -20.11
C GLU L 535 6.08 71.96 -20.86
N TYR L 536 6.64 71.00 -20.14
CA TYR L 536 7.12 69.78 -20.76
C TYR L 536 6.00 68.81 -21.11
N HIS L 537 4.82 68.98 -20.51
CA HIS L 537 3.66 68.25 -21.00
C HIS L 537 3.20 68.78 -22.35
N ASN L 538 3.38 70.09 -22.59
CA ASN L 538 2.99 70.66 -23.88
C ASN L 538 3.96 70.25 -24.98
N VAL L 539 5.27 70.32 -24.72
CA VAL L 539 6.25 70.01 -25.76
C VAL L 539 6.28 68.52 -26.08
N LEU L 540 5.88 67.66 -25.13
CA LEU L 540 5.74 66.24 -25.44
C LEU L 540 4.63 66.03 -26.46
N SER L 541 3.52 66.75 -26.30
CA SER L 541 2.48 66.74 -27.32
C SER L 541 2.97 67.39 -28.60
N ASN L 542 3.80 68.43 -28.48
CA ASN L 542 4.46 68.99 -29.65
C ASN L 542 5.38 67.96 -30.31
N TRP L 543 6.11 67.20 -29.49
CA TRP L 543 6.94 66.12 -30.01
C TRP L 543 6.08 65.07 -30.72
N ASN L 544 4.91 64.75 -30.16
CA ASN L 544 3.97 63.88 -30.84
C ASN L 544 3.41 64.54 -32.10
N ARG L 545 3.13 65.83 -32.03
CA ARG L 545 2.48 66.51 -33.15
C ARG L 545 3.40 66.69 -34.35
N LEU L 546 4.72 66.72 -34.14
CA LEU L 546 5.66 66.77 -35.25
C LEU L 546 6.12 65.40 -35.69
N ARG L 547 6.02 64.40 -34.81
CA ARG L 547 6.32 63.03 -35.20
C ARG L 547 5.34 62.49 -36.23
N ASP L 548 4.08 62.96 -36.17
CA ASP L 548 3.06 62.47 -37.10
C ASP L 548 3.41 62.80 -38.55
N ARG L 549 3.91 64.01 -38.79
CA ARG L 549 4.29 64.42 -40.13
C ARG L 549 5.69 63.96 -40.51
N GLN L 550 6.62 63.93 -39.56
CA GLN L 550 7.99 63.52 -39.85
C GLN L 550 8.09 62.04 -40.19
N TYR L 551 7.33 61.18 -39.51
CA TYR L 551 7.41 59.74 -39.70
C TYR L 551 6.77 59.39 -41.04
N SER L 552 7.60 59.02 -42.01
CA SER L 552 7.14 58.58 -43.33
C SER L 552 7.77 57.21 -43.59
N VAL L 553 6.95 56.17 -43.57
CA VAL L 553 7.46 54.81 -43.76
C VAL L 553 7.59 54.51 -45.26
N THR L 554 8.79 54.77 -45.78
CA THR L 554 9.10 54.48 -47.18
C THR L 554 10.17 53.40 -47.21
N ASP L 555 10.01 52.42 -48.10
CA ASP L 555 10.97 51.34 -48.24
C ASP L 555 12.32 51.89 -48.68
N ALA L 556 13.32 51.85 -47.79
CA ALA L 556 14.64 52.36 -48.12
C ALA L 556 15.34 51.53 -49.19
N LEU L 557 14.88 50.30 -49.43
CA LEU L 557 15.41 49.52 -50.53
C LEU L 557 15.08 50.15 -51.87
N GLU L 558 13.86 50.67 -52.02
CA GLU L 558 13.46 51.37 -53.24
C GLU L 558 13.79 52.85 -53.20
N ASP L 559 14.17 53.37 -52.03
CA ASP L 559 14.67 54.75 -51.96
C ASP L 559 15.99 54.89 -52.70
N VAL L 560 16.80 53.83 -52.71
CA VAL L 560 18.11 53.85 -53.34
C VAL L 560 18.09 53.21 -54.73
N SER L 561 16.92 53.14 -55.37
CA SER L 561 16.71 52.41 -56.62
C SER L 561 17.74 52.73 -57.69
N THR L 562 17.81 53.99 -58.11
CA THR L 562 18.78 54.39 -59.14
C THR L 562 19.38 55.73 -58.71
N SER L 563 20.58 55.67 -58.14
CA SER L 563 21.30 56.88 -57.78
C SER L 563 21.78 57.56 -59.06
N PRO L 564 21.41 58.82 -59.29
CA PRO L 564 21.81 59.51 -60.52
C PRO L 564 23.28 59.90 -60.54
N GLN L 565 24.00 59.59 -59.46
CA GLN L 565 25.42 59.89 -59.34
C GLN L 565 26.22 58.60 -59.41
N SER L 566 27.34 58.65 -60.13
CA SER L 566 28.25 57.52 -60.21
C SER L 566 29.26 57.57 -59.07
N THR L 567 30.22 56.65 -59.11
CA THR L 567 31.19 56.54 -58.03
C THR L 567 32.11 57.75 -57.97
N GLU L 568 32.44 58.33 -59.13
CA GLU L 568 33.37 59.46 -59.16
C GLU L 568 32.80 60.68 -58.44
N GLU L 569 31.50 60.94 -58.62
CA GLU L 569 30.89 62.11 -58.00
C GLU L 569 30.83 61.95 -56.48
N VAL L 570 30.52 60.74 -56.01
CA VAL L 570 30.34 60.55 -54.57
C VAL L 570 31.67 60.66 -53.84
N VAL L 571 32.73 60.07 -54.39
CA VAL L 571 34.03 60.10 -53.72
C VAL L 571 34.59 61.52 -53.72
N GLN L 572 34.32 62.29 -54.78
CA GLN L 572 34.77 63.68 -54.80
C GLN L 572 33.93 64.54 -53.87
N SER L 573 32.63 64.27 -53.80
CA SER L 573 31.75 65.05 -52.93
C SER L 573 32.07 64.81 -51.46
N PHE L 574 32.48 63.59 -51.12
CA PHE L 574 32.87 63.31 -49.74
C PHE L 574 34.15 64.06 -49.38
N LEU L 575 35.14 64.07 -50.28
CA LEU L 575 36.39 64.75 -50.00
C LEU L 575 36.22 66.26 -50.00
N ILE L 576 35.30 66.78 -50.81
CA ILE L 576 35.06 68.23 -50.84
C ILE L 576 34.53 68.69 -49.50
N SER L 577 33.57 67.96 -48.92
CA SER L 577 33.04 68.31 -47.61
C SER L 577 34.11 68.16 -46.53
N GLN L 578 34.94 67.14 -46.63
CA GLN L 578 36.00 66.93 -45.66
C GLN L 578 37.36 67.35 -46.24
N GLU M 7 40.15 -9.00 -15.72
CA GLU M 7 40.80 -10.27 -16.01
C GLU M 7 41.80 -10.11 -17.15
N TRP M 8 41.60 -9.07 -17.97
CA TRP M 8 42.50 -8.70 -19.06
C TRP M 8 42.67 -9.85 -20.06
N ILE M 9 41.58 -10.17 -20.73
CA ILE M 9 41.62 -11.19 -21.79
C ILE M 9 42.04 -10.53 -23.10
N PRO M 10 42.95 -11.13 -23.87
CA PRO M 10 43.35 -10.52 -25.14
C PRO M 10 42.25 -10.62 -26.19
N GLU M 11 42.27 -9.68 -27.12
CA GLU M 11 41.27 -9.64 -28.18
C GLU M 11 41.55 -10.72 -29.22
N THR M 12 40.46 -11.20 -29.84
CA THR M 12 40.57 -12.21 -30.89
C THR M 12 41.31 -11.61 -32.08
N LEU M 13 42.00 -12.48 -32.83
CA LEU M 13 42.68 -12.02 -34.05
C LEU M 13 41.69 -11.41 -35.03
N TYR M 14 40.47 -11.90 -35.05
CA TYR M 14 39.44 -11.29 -35.89
C TYR M 14 39.17 -9.86 -35.46
N ASN M 15 38.89 -9.65 -34.18
CA ASN M 15 38.64 -8.31 -33.68
C ASN M 15 39.87 -7.43 -33.69
N THR M 16 41.06 -8.00 -33.89
CA THR M 16 42.27 -7.21 -34.08
C THR M 16 42.49 -6.89 -35.55
N ALA M 17 42.29 -7.86 -36.44
CA ALA M 17 42.42 -7.58 -37.87
C ALA M 17 41.31 -6.66 -38.36
N ILE M 18 40.15 -6.67 -37.68
CA ILE M 18 39.09 -5.73 -38.01
C ILE M 18 39.54 -4.32 -37.70
N SER M 19 40.11 -4.10 -36.52
CA SER M 19 40.58 -2.77 -36.13
C SER M 19 41.83 -2.34 -36.87
N ALA M 20 42.46 -3.23 -37.63
CA ALA M 20 43.62 -2.87 -38.41
C ALA M 20 43.30 -2.57 -39.86
N VAL M 21 42.19 -3.12 -40.37
CA VAL M 21 41.77 -2.75 -41.72
C VAL M 21 40.87 -1.53 -41.69
N VAL M 22 40.17 -1.29 -40.57
CA VAL M 22 39.40 -0.07 -40.42
C VAL M 22 40.33 1.13 -40.25
N ASP M 23 41.41 0.96 -39.49
CA ASP M 23 42.40 2.03 -39.37
C ASP M 23 43.12 2.31 -40.68
N ASN M 24 43.08 1.38 -41.63
CA ASN M 24 43.63 1.56 -42.96
C ASN M 24 42.53 1.53 -44.00
N TYR M 25 41.40 2.16 -43.69
CA TYR M 25 40.22 2.03 -44.53
C TYR M 25 40.35 2.76 -45.85
N ILE M 26 41.02 3.90 -45.87
CA ILE M 26 41.11 4.70 -47.09
C ILE M 26 41.82 3.93 -48.18
N ARG M 27 42.93 3.27 -47.83
CA ARG M 27 43.67 2.49 -48.81
C ARG M 27 42.95 1.21 -49.18
N SER M 28 42.24 0.60 -48.24
CA SER M 28 41.65 -0.73 -48.41
C SER M 28 40.15 -0.69 -48.65
N ARG M 29 39.58 0.48 -48.95
CA ARG M 29 38.15 0.58 -49.20
C ARG M 29 37.75 -0.20 -50.44
N ARG M 30 38.61 -0.19 -51.46
CA ARG M 30 38.32 -0.92 -52.69
C ARG M 30 38.27 -2.42 -52.44
N ASP M 31 39.19 -2.94 -51.62
CA ASP M 31 39.32 -4.37 -51.43
C ASP M 31 38.40 -4.92 -50.35
N ILE M 32 37.88 -4.06 -49.46
CA ILE M 32 36.96 -4.53 -48.42
C ILE M 32 35.64 -4.97 -49.03
N ARG M 33 35.19 -4.31 -50.10
CA ARG M 33 33.91 -4.65 -50.70
C ARG M 33 33.91 -6.05 -51.31
N SER M 34 35.08 -6.66 -51.49
CA SER M 34 35.18 -8.02 -52.00
C SER M 34 35.22 -9.07 -50.91
N LEU M 35 35.17 -8.68 -49.64
CA LEU M 35 35.21 -9.61 -48.52
C LEU M 35 33.88 -10.33 -48.38
N PRO M 36 33.85 -11.47 -47.67
CA PRO M 36 32.58 -12.16 -47.44
C PRO M 36 31.63 -11.33 -46.59
N GLU M 37 30.35 -11.70 -46.63
CA GLU M 37 29.31 -10.88 -46.00
C GLU M 37 29.51 -10.77 -44.49
N ASN M 38 29.90 -11.87 -43.85
CA ASN M 38 30.10 -11.83 -42.39
C ASN M 38 31.26 -10.93 -42.01
N ILE M 39 32.35 -10.96 -42.78
CA ILE M 39 33.47 -10.06 -42.53
C ILE M 39 33.12 -8.64 -42.91
N GLN M 40 32.48 -8.46 -44.06
CA GLN M 40 32.24 -7.12 -44.59
C GLN M 40 31.36 -6.30 -43.67
N PHE M 41 30.32 -6.91 -43.11
CA PHE M 41 29.50 -6.18 -42.16
C PHE M 41 30.28 -5.83 -40.89
N ASP M 42 31.21 -6.68 -40.48
CA ASP M 42 31.96 -6.39 -39.27
C ASP M 42 32.97 -5.28 -39.48
N VAL M 43 33.48 -5.11 -40.71
CA VAL M 43 34.29 -3.94 -40.99
C VAL M 43 33.44 -2.68 -40.90
N TYR M 44 32.27 -2.69 -41.54
CA TYR M 44 31.43 -1.50 -41.56
C TYR M 44 30.88 -1.19 -40.18
N TYR M 45 30.54 -2.21 -39.39
CA TYR M 45 30.09 -1.91 -38.05
C TYR M 45 31.21 -1.36 -37.20
N LYS M 46 32.45 -1.75 -37.48
CA LYS M 46 33.57 -1.15 -36.76
C LYS M 46 33.71 0.33 -37.09
N LEU M 47 33.42 0.71 -38.34
CA LEU M 47 33.44 2.12 -38.69
C LEU M 47 32.39 2.90 -37.90
N TYR M 48 31.22 2.30 -37.69
CA TYR M 48 30.24 2.95 -36.84
C TYR M 48 30.72 3.00 -35.39
N GLN M 49 31.38 1.94 -34.91
CA GLN M 49 31.88 1.96 -33.54
C GLN M 49 32.93 3.04 -33.35
N GLN M 50 33.82 3.20 -34.33
CA GLN M 50 34.79 4.28 -34.29
C GLN M 50 34.16 5.64 -34.53
N GLY M 51 32.89 5.68 -34.91
CA GLY M 51 32.21 6.94 -35.14
C GLY M 51 32.49 7.57 -36.49
N ARG M 52 33.21 6.88 -37.37
CA ARG M 52 33.56 7.42 -38.68
C ARG M 52 32.40 7.19 -39.65
N LEU M 53 31.28 7.84 -39.34
CA LEU M 53 30.06 7.62 -40.10
C LEU M 53 30.20 8.09 -41.54
N CYS M 54 31.03 9.12 -41.79
CA CYS M 54 31.22 9.59 -43.15
C CYS M 54 31.92 8.53 -44.00
N GLN M 55 32.87 7.81 -43.42
CA GLN M 55 33.51 6.72 -44.15
C GLN M 55 32.58 5.54 -44.34
N LEU M 56 31.46 5.50 -43.60
CA LEU M 56 30.49 4.42 -43.62
C LEU M 56 29.29 4.73 -44.50
N GLY M 57 28.69 5.92 -44.32
CA GLY M 57 27.58 6.32 -45.17
C GLY M 57 27.97 6.53 -46.61
N SER M 58 29.26 6.68 -46.89
CA SER M 58 29.75 6.68 -48.26
C SER M 58 29.63 5.31 -48.91
N GLU M 59 29.43 4.25 -48.13
CA GLU M 59 29.31 2.90 -48.64
C GLU M 59 27.90 2.33 -48.54
N PHE M 60 27.12 2.75 -47.54
CA PHE M 60 25.73 2.32 -47.45
C PHE M 60 24.84 2.99 -48.49
N CYS M 61 25.25 4.16 -49.01
CA CYS M 61 24.47 4.82 -50.04
C CYS M 61 24.49 4.03 -51.34
N GLU M 62 25.54 3.26 -51.58
CA GLU M 62 25.54 2.33 -52.70
C GLU M 62 24.60 1.18 -52.41
N LEU M 63 23.79 0.79 -53.40
CA LEU M 63 22.83 -0.27 -53.16
C LEU M 63 23.51 -1.63 -53.06
N GLU M 64 24.55 -1.86 -53.86
CA GLU M 64 25.16 -3.18 -53.89
C GLU M 64 25.81 -3.54 -52.55
N VAL M 65 26.49 -2.58 -51.91
CA VAL M 65 27.02 -2.83 -50.57
C VAL M 65 25.88 -3.03 -49.58
N PHE M 66 24.84 -2.20 -49.67
CA PHE M 66 23.74 -2.43 -48.75
C PHE M 66 22.95 -3.68 -49.08
N ALA M 67 23.17 -4.29 -50.24
CA ALA M 67 22.64 -5.63 -50.46
C ALA M 67 23.47 -6.68 -49.74
N LYS M 68 24.79 -6.49 -49.67
CA LYS M 68 25.65 -7.46 -49.00
C LYS M 68 25.48 -7.41 -47.48
N VAL M 69 25.42 -6.20 -46.90
CA VAL M 69 25.24 -6.09 -45.46
C VAL M 69 23.81 -6.32 -45.03
N LEU M 70 22.90 -6.58 -45.96
CA LEU M 70 21.54 -6.98 -45.61
C LEU M 70 21.36 -8.48 -45.54
N ARG M 71 22.34 -9.26 -46.00
CA ARG M 71 22.28 -10.71 -45.91
C ARG M 71 22.82 -11.24 -44.59
N ALA M 72 23.34 -10.36 -43.72
CA ALA M 72 23.79 -10.76 -42.40
C ALA M 72 22.58 -10.71 -41.47
N LEU M 73 21.84 -11.82 -41.42
CA LEU M 73 20.61 -11.85 -40.64
C LEU M 73 20.87 -11.95 -39.15
N ASP M 74 22.01 -12.52 -38.74
CA ASP M 74 22.33 -12.59 -37.32
C ASP M 74 22.54 -11.20 -36.73
N LYS M 75 23.24 -10.33 -37.45
CA LYS M 75 23.58 -9.01 -36.97
C LYS M 75 22.70 -7.93 -37.59
N ARG M 76 21.41 -8.22 -37.76
CA ARG M 76 20.49 -7.21 -38.26
C ARG M 76 20.17 -6.17 -37.20
N HIS M 77 20.12 -6.58 -35.93
CA HIS M 77 19.83 -5.61 -34.87
C HIS M 77 20.94 -4.57 -34.76
N LEU M 78 22.18 -4.93 -35.12
CA LEU M 78 23.24 -3.93 -35.20
C LEU M 78 23.13 -3.07 -36.44
N LEU M 79 22.54 -3.60 -37.52
CA LEU M 79 22.39 -2.81 -38.73
C LEU M 79 21.37 -1.70 -38.53
N HIS M 80 20.29 -1.97 -37.82
CA HIS M 80 19.27 -0.95 -37.58
C HIS M 80 19.85 0.22 -36.81
N HIS M 81 20.65 -0.07 -35.78
CA HIS M 81 21.29 1.01 -35.02
C HIS M 81 22.36 1.70 -35.85
N CYS M 82 23.01 0.98 -36.76
CA CYS M 82 23.99 1.58 -37.65
C CYS M 82 23.31 2.36 -38.76
N PHE M 83 22.15 1.88 -39.22
CA PHE M 83 21.40 2.59 -40.24
C PHE M 83 20.76 3.85 -39.69
N GLN M 84 20.13 3.74 -38.51
CA GLN M 84 19.48 4.90 -37.91
C GLN M 84 20.49 5.98 -37.56
N ALA M 85 21.71 5.58 -37.17
CA ALA M 85 22.74 6.58 -36.90
C ALA M 85 23.10 7.36 -38.15
N LEU M 86 23.10 6.70 -39.30
CA LEU M 86 23.36 7.41 -40.56
C LEU M 86 22.28 8.43 -40.86
N MET M 87 21.01 8.05 -40.65
CA MET M 87 19.93 8.97 -41.00
C MET M 87 19.94 10.22 -40.13
N ASP M 88 20.23 10.07 -38.83
CA ASP M 88 20.36 11.24 -37.98
C ASP M 88 21.66 11.99 -38.23
N HIS M 89 22.66 11.34 -38.82
CA HIS M 89 23.95 11.97 -39.06
C HIS M 89 23.89 13.03 -40.15
N GLY M 90 22.78 13.14 -40.87
CA GLY M 90 22.84 13.83 -42.13
C GLY M 90 22.31 12.96 -43.25
N VAL M 91 23.23 12.39 -44.02
CA VAL M 91 23.00 11.74 -45.31
C VAL M 91 21.71 10.93 -45.34
N LYS M 92 20.90 11.16 -46.38
CA LYS M 92 19.62 10.47 -46.54
C LYS M 92 19.91 9.11 -47.17
N VAL M 93 20.38 8.19 -46.33
CA VAL M 93 20.73 6.87 -46.82
C VAL M 93 19.50 6.02 -47.08
N ALA M 94 18.34 6.40 -46.55
CA ALA M 94 17.13 5.66 -46.88
C ALA M 94 16.57 6.08 -48.22
N SER M 95 16.48 7.40 -48.45
CA SER M 95 15.91 7.87 -49.70
C SER M 95 16.85 7.64 -50.87
N VAL M 96 18.17 7.62 -50.64
CA VAL M 96 19.11 7.33 -51.71
C VAL M 96 19.04 5.87 -52.11
N LEU M 97 18.96 4.96 -51.13
CA LEU M 97 18.85 3.54 -51.44
C LEU M 97 17.54 3.23 -52.17
N ALA M 98 16.43 3.82 -51.73
CA ALA M 98 15.15 3.57 -52.37
C ALA M 98 15.15 4.09 -53.80
N TYR M 99 15.69 5.27 -54.03
CA TYR M 99 15.75 5.79 -55.40
C TYR M 99 16.76 5.03 -56.24
N SER M 100 17.91 4.67 -55.65
CA SER M 100 18.91 3.94 -56.42
C SER M 100 18.42 2.54 -56.77
N PHE M 101 17.53 1.97 -55.97
CA PHE M 101 16.95 0.69 -56.34
C PHE M 101 15.91 0.86 -57.44
N SER M 102 15.06 1.87 -57.34
CA SER M 102 14.04 2.08 -58.36
C SER M 102 14.64 2.38 -59.72
N ARG M 103 15.72 3.16 -59.74
CA ARG M 103 16.39 3.42 -61.01
C ARG M 103 17.01 2.15 -61.58
N ARG M 104 17.66 1.35 -60.72
CA ARG M 104 18.25 0.10 -61.20
C ARG M 104 17.18 -0.93 -61.52
N CYS M 105 16.07 -0.93 -60.78
CA CYS M 105 14.98 -1.86 -61.06
C CYS M 105 14.28 -1.54 -62.37
N SER M 106 14.18 -0.25 -62.72
CA SER M 106 13.52 0.14 -63.95
C SER M 106 14.33 -0.21 -65.20
N TYR M 107 15.58 -0.64 -65.05
CA TYR M 107 16.42 -0.93 -66.19
C TYR M 107 16.42 -2.39 -66.59
N ILE M 108 16.03 -3.29 -65.68
CA ILE M 108 16.02 -4.71 -65.97
C ILE M 108 14.61 -5.18 -66.34
N ALA M 109 13.72 -4.25 -66.69
CA ALA M 109 12.37 -4.64 -67.12
C ALA M 109 12.43 -5.51 -68.37
N GLU M 110 13.36 -5.21 -69.27
CA GLU M 110 13.56 -6.00 -70.50
C GLU M 110 14.63 -7.07 -70.31
N SER M 111 14.45 -7.90 -69.28
CA SER M 111 15.38 -8.99 -69.00
C SER M 111 14.59 -10.28 -68.76
N ASP M 112 15.31 -11.35 -68.46
CA ASP M 112 14.69 -12.64 -68.25
C ASP M 112 14.12 -12.74 -66.83
N ALA M 113 13.55 -13.89 -66.51
CA ALA M 113 12.96 -14.11 -65.19
C ALA M 113 13.97 -14.51 -64.13
N ALA M 114 15.25 -14.63 -64.50
CA ALA M 114 16.28 -14.95 -63.53
C ALA M 114 16.91 -13.69 -62.93
N VAL M 115 17.25 -12.72 -63.78
CA VAL M 115 17.77 -11.46 -63.28
C VAL M 115 16.69 -10.68 -62.54
N LYS M 116 15.46 -10.69 -63.07
CA LYS M 116 14.37 -9.98 -62.43
C LYS M 116 14.07 -10.56 -61.05
N GLU M 117 14.12 -11.87 -60.91
CA GLU M 117 13.89 -12.48 -59.60
C GLU M 117 15.05 -12.21 -58.65
N LYS M 118 16.25 -11.98 -59.18
CA LYS M 118 17.37 -11.59 -58.33
C LYS M 118 17.13 -10.21 -57.70
N ALA M 119 16.64 -9.26 -58.50
CA ALA M 119 16.42 -7.91 -57.97
C ALA M 119 15.16 -7.81 -57.14
N ILE M 120 14.13 -8.59 -57.46
CA ILE M 120 12.92 -8.58 -56.64
C ILE M 120 13.25 -9.06 -55.23
N GLN M 121 14.09 -10.09 -55.11
CA GLN M 121 14.49 -10.54 -53.79
C GLN M 121 15.35 -9.51 -53.08
N VAL M 122 16.15 -8.72 -53.82
CA VAL M 122 16.85 -7.61 -53.19
C VAL M 122 15.86 -6.58 -52.67
N GLY M 123 14.82 -6.29 -53.46
CA GLY M 123 13.81 -5.36 -53.02
C GLY M 123 13.02 -5.84 -51.82
N PHE M 124 12.80 -7.15 -51.71
CA PHE M 124 12.03 -7.67 -50.59
C PHE M 124 12.82 -7.68 -49.29
N VAL M 125 14.15 -7.65 -49.34
CA VAL M 125 14.95 -7.51 -48.14
C VAL M 125 15.39 -6.07 -47.92
N LEU M 126 15.48 -5.25 -48.97
CA LEU M 126 15.69 -3.82 -48.78
C LEU M 126 14.39 -3.15 -48.35
N GLY M 127 13.33 -3.32 -49.13
CA GLY M 127 12.04 -2.80 -48.73
C GLY M 127 11.52 -3.42 -47.45
N GLY M 128 11.97 -4.64 -47.15
CA GLY M 128 11.65 -5.22 -45.87
C GLY M 128 12.48 -4.69 -44.72
N PHE M 129 13.54 -3.94 -45.02
CA PHE M 129 14.35 -3.29 -44.01
C PHE M 129 13.97 -1.85 -43.76
N LEU M 130 13.74 -1.08 -44.83
CA LEU M 130 13.27 0.29 -44.65
C LEU M 130 11.90 0.33 -44.00
N SER M 131 11.02 -0.60 -44.40
CA SER M 131 9.74 -0.72 -43.71
C SER M 131 9.91 -1.12 -42.26
N ASP M 132 10.92 -1.94 -41.97
CA ASP M 132 11.19 -2.34 -40.60
C ASP M 132 11.79 -1.21 -39.79
N ALA M 133 12.62 -0.37 -40.41
CA ALA M 133 13.25 0.74 -39.71
C ALA M 133 12.34 1.95 -39.58
N GLY M 134 11.17 1.94 -40.21
CA GLY M 134 10.23 3.03 -40.09
C GLY M 134 10.14 3.95 -41.29
N TRP M 135 11.01 3.79 -42.29
CA TRP M 135 10.99 4.68 -43.45
C TRP M 135 9.95 4.19 -44.46
N TYR M 136 8.68 4.33 -44.07
CA TYR M 136 7.59 3.84 -44.90
C TYR M 136 7.46 4.63 -46.19
N SER M 137 7.69 5.93 -46.15
CA SER M 137 7.63 6.73 -47.37
C SER M 137 8.72 6.34 -48.36
N ASP M 138 9.81 5.76 -47.87
CA ASP M 138 10.90 5.30 -48.72
C ASP M 138 10.86 3.81 -49.00
N ALA M 139 10.18 3.03 -48.17
CA ALA M 139 10.00 1.62 -48.47
C ALA M 139 8.97 1.42 -49.57
N GLU M 140 7.94 2.28 -49.62
CA GLU M 140 6.92 2.14 -50.64
C GLU M 140 7.50 2.33 -52.04
N LYS M 141 8.46 3.23 -52.18
CA LYS M 141 9.09 3.44 -53.48
C LYS M 141 9.87 2.22 -53.92
N VAL M 142 10.40 1.44 -52.97
CA VAL M 142 11.06 0.18 -53.32
C VAL M 142 10.04 -0.84 -53.78
N PHE M 143 8.94 -0.99 -53.02
CA PHE M 143 7.94 -1.99 -53.35
C PHE M 143 7.20 -1.64 -54.62
N LEU M 144 6.91 -0.36 -54.84
CA LEU M 144 6.24 0.04 -56.07
C LEU M 144 7.10 -0.26 -57.29
N SER M 145 8.42 -0.31 -57.12
CA SER M 145 9.29 -0.78 -58.18
C SER M 145 9.30 -2.30 -58.26
N CYS M 146 9.25 -2.97 -57.11
CA CYS M 146 9.14 -4.43 -57.12
C CYS M 146 7.79 -4.87 -57.67
N LEU M 147 6.73 -4.12 -57.39
CA LEU M 147 5.42 -4.47 -57.93
C LEU M 147 5.41 -4.41 -59.45
N GLN M 148 6.01 -3.37 -60.03
CA GLN M 148 5.96 -3.27 -61.48
C GLN M 148 6.90 -4.24 -62.17
N LEU M 149 7.77 -4.93 -61.44
CA LEU M 149 8.47 -6.06 -62.02
C LEU M 149 7.59 -7.30 -62.12
N CYS M 150 6.69 -7.49 -61.14
CA CYS M 150 5.81 -8.66 -61.18
C CYS M 150 4.71 -8.51 -62.22
N THR M 151 4.32 -7.28 -62.55
CA THR M 151 3.25 -7.07 -63.52
C THR M 151 3.70 -7.32 -64.95
N LEU M 152 5.01 -7.27 -65.23
CA LEU M 152 5.49 -7.47 -66.59
C LEU M 152 5.20 -8.88 -67.08
N HIS M 153 5.47 -9.88 -66.24
CA HIS M 153 5.20 -11.27 -66.56
C HIS M 153 3.90 -11.69 -65.91
N ASP M 154 3.01 -12.29 -66.70
CA ASP M 154 1.65 -12.58 -66.28
C ASP M 154 1.39 -14.08 -66.19
N GLU M 155 2.33 -14.82 -65.62
CA GLU M 155 2.16 -16.24 -65.40
C GLU M 155 1.83 -16.51 -63.93
N MET M 156 1.65 -17.79 -63.61
CA MET M 156 1.31 -18.18 -62.25
C MET M 156 2.48 -18.00 -61.28
N LEU M 157 3.72 -18.00 -61.77
CA LEU M 157 4.87 -17.88 -60.89
C LEU M 157 4.96 -16.49 -60.27
N HIS M 158 4.84 -15.46 -61.09
CA HIS M 158 5.04 -14.10 -60.60
C HIS M 158 3.81 -13.50 -59.94
N TRP M 159 2.64 -14.15 -60.06
CA TRP M 159 1.46 -13.63 -59.38
C TRP M 159 1.57 -13.79 -57.87
N PHE M 160 2.35 -14.77 -57.41
CA PHE M 160 2.50 -14.95 -55.98
C PHE M 160 3.43 -13.91 -55.37
N ARG M 161 4.25 -13.24 -56.19
CA ARG M 161 5.10 -12.16 -55.70
C ARG M 161 4.39 -10.82 -55.78
N ALA M 162 3.52 -10.61 -56.76
CA ALA M 162 2.74 -9.39 -56.81
C ALA M 162 1.79 -9.29 -55.63
N VAL M 163 1.24 -10.41 -55.18
CA VAL M 163 0.48 -10.41 -53.94
C VAL M 163 1.41 -10.37 -52.74
N GLU M 164 2.67 -10.75 -52.91
CA GLU M 164 3.64 -10.60 -51.84
C GLU M 164 4.11 -9.15 -51.71
N CYS M 165 4.10 -8.39 -52.80
CA CYS M 165 4.35 -6.96 -52.70
C CYS M 165 3.16 -6.23 -52.11
N CYS M 166 1.95 -6.61 -52.53
CA CYS M 166 0.76 -5.88 -52.11
C CYS M 166 0.44 -6.09 -50.64
N VAL M 167 0.83 -7.23 -50.07
CA VAL M 167 0.68 -7.39 -48.63
C VAL M 167 1.67 -6.50 -47.90
N ARG M 168 2.84 -6.25 -48.50
CA ARG M 168 3.81 -5.36 -47.88
C ARG M 168 3.51 -3.90 -48.20
N LEU M 169 3.04 -3.62 -49.42
CA LEU M 169 2.64 -2.26 -49.76
C LEU M 169 1.49 -1.80 -48.87
N LEU M 170 0.60 -2.72 -48.53
CA LEU M 170 -0.48 -2.39 -47.60
C LEU M 170 0.04 -2.12 -46.20
N HIS M 171 1.26 -2.56 -45.88
CA HIS M 171 1.82 -2.34 -44.56
C HIS M 171 2.64 -1.06 -44.49
N VAL M 172 3.33 -0.70 -45.57
CA VAL M 172 4.06 0.56 -45.61
C VAL M 172 3.16 1.74 -45.90
N ARG M 173 1.93 1.50 -46.31
CA ARG M 173 0.96 2.56 -46.54
C ARG M 173 0.04 2.77 -45.34
N ASN M 174 0.26 2.06 -44.24
CA ASN M 174 -0.43 2.32 -42.99
C ASN M 174 0.47 2.96 -41.94
N GLY M 175 1.75 2.59 -41.91
CA GLY M 175 2.69 3.32 -41.10
C GLY M 175 2.95 4.72 -41.62
N ASN M 176 2.74 4.94 -42.91
CA ASN M 176 2.82 6.25 -43.52
C ASN M 176 1.49 6.99 -43.48
N CYS M 177 0.44 6.35 -42.95
CA CYS M 177 -0.88 6.95 -42.83
C CYS M 177 -1.44 7.40 -44.18
N LYS M 178 -1.15 6.64 -45.23
CA LYS M 178 -1.78 6.85 -46.54
C LYS M 178 -2.88 5.81 -46.67
N TYR M 179 -3.98 6.04 -45.95
CA TYR M 179 -5.05 5.06 -45.91
C TYR M 179 -5.84 5.03 -47.22
N HIS M 180 -6.07 6.19 -47.83
CA HIS M 180 -6.88 6.22 -49.04
C HIS M 180 -6.23 5.51 -50.21
N LEU M 181 -4.89 5.37 -50.20
CA LEU M 181 -4.25 4.48 -51.16
C LEU M 181 -4.24 3.04 -50.69
N GLY M 182 -4.47 2.78 -49.40
CA GLY M 182 -4.45 1.42 -48.90
C GLY M 182 -5.57 0.56 -49.46
N GLU M 183 -6.78 1.13 -49.54
CA GLU M 183 -7.91 0.39 -50.10
C GLU M 183 -7.67 0.03 -51.56
N GLU M 184 -7.12 0.97 -52.33
CA GLU M 184 -6.79 0.67 -53.72
C GLU M 184 -5.70 -0.38 -53.82
N THR M 185 -4.76 -0.40 -52.87
CA THR M 185 -3.77 -1.46 -52.84
C THR M 185 -4.41 -2.81 -52.55
N PHE M 186 -5.32 -2.86 -51.57
CA PHE M 186 -6.01 -4.11 -51.26
C PHE M 186 -6.84 -4.59 -52.44
N LYS M 187 -7.53 -3.67 -53.12
CA LYS M 187 -8.32 -4.06 -54.29
C LYS M 187 -7.41 -4.57 -55.41
N LEU M 188 -6.23 -3.97 -55.57
CA LEU M 188 -5.30 -4.46 -56.55
C LEU M 188 -4.73 -5.81 -56.15
N ALA M 189 -4.61 -6.06 -54.85
CA ALA M 189 -4.14 -7.36 -54.38
C ALA M 189 -5.12 -8.47 -54.73
N GLN M 190 -6.41 -8.21 -54.55
CA GLN M 190 -7.43 -9.21 -54.88
C GLN M 190 -7.46 -9.50 -56.37
N THR M 191 -7.15 -8.51 -57.20
CA THR M 191 -7.02 -8.76 -58.62
C THR M 191 -5.90 -9.75 -58.89
N TYR M 192 -4.77 -9.59 -58.22
CA TYR M 192 -3.68 -10.55 -58.33
C TYR M 192 -3.87 -11.76 -57.43
N MET M 193 -4.89 -11.76 -56.57
CA MET M 193 -5.21 -12.94 -55.78
C MET M 193 -6.21 -13.84 -56.49
N ASP M 194 -7.27 -13.24 -57.05
CA ASP M 194 -8.27 -14.03 -57.78
C ASP M 194 -7.66 -14.66 -59.03
N LYS M 195 -6.78 -13.95 -59.72
CA LYS M 195 -6.10 -14.51 -60.88
C LYS M 195 -5.24 -15.71 -60.48
N LEU M 196 -4.53 -15.61 -59.35
CA LEU M 196 -3.69 -16.72 -58.92
C LEU M 196 -4.53 -17.85 -58.34
N SER M 197 -5.55 -17.53 -57.53
CA SER M 197 -6.34 -18.55 -56.87
C SER M 197 -7.15 -19.37 -57.88
N LYS M 198 -7.66 -18.72 -58.92
CA LYS M 198 -8.43 -19.44 -59.93
C LYS M 198 -7.57 -20.44 -60.69
N HIS M 199 -6.32 -20.08 -60.97
CA HIS M 199 -5.45 -20.94 -61.78
C HIS M 199 -4.79 -22.02 -60.94
N GLY M 200 -5.58 -22.77 -60.18
CA GLY M 200 -5.11 -23.97 -59.51
C GLY M 200 -3.99 -23.75 -58.52
N GLN M 201 -3.98 -22.61 -57.84
CA GLN M 201 -2.94 -22.34 -56.84
C GLN M 201 -3.50 -21.34 -55.84
N GLN M 202 -3.92 -21.84 -54.67
CA GLN M 202 -4.51 -20.99 -53.66
C GLN M 202 -3.41 -20.36 -52.80
N ALA M 203 -3.48 -19.04 -52.66
CA ALA M 203 -2.51 -18.29 -51.87
C ALA M 203 -3.04 -18.06 -50.47
N ASN M 204 -2.12 -18.02 -49.51
CA ASN M 204 -2.51 -17.82 -48.11
C ASN M 204 -2.96 -16.39 -47.91
N LYS M 205 -4.26 -16.19 -47.73
CA LYS M 205 -4.83 -14.86 -47.53
C LYS M 205 -4.96 -14.56 -46.03
N ALA M 206 -3.82 -14.63 -45.35
CA ALA M 206 -3.79 -14.44 -43.90
C ALA M 206 -3.02 -13.19 -43.50
N ALA M 207 -1.83 -12.98 -44.05
CA ALA M 207 -1.10 -11.75 -43.78
C ALA M 207 -1.83 -10.55 -44.36
N LEU M 208 -2.40 -10.70 -45.55
CA LEU M 208 -3.01 -9.57 -46.24
C LEU M 208 -4.24 -9.07 -45.51
N TYR M 209 -5.08 -9.98 -45.00
CA TYR M 209 -6.25 -9.54 -44.26
C TYR M 209 -5.88 -8.99 -42.89
N GLY M 210 -4.70 -9.36 -42.37
CA GLY M 210 -4.25 -8.77 -41.13
C GLY M 210 -3.94 -7.30 -41.25
N GLU M 211 -3.43 -6.87 -42.40
CA GLU M 211 -3.18 -5.45 -42.62
C GLU M 211 -4.47 -4.66 -42.63
N LEU M 212 -5.52 -5.20 -43.26
CA LEU M 212 -6.82 -4.53 -43.25
C LEU M 212 -7.39 -4.47 -41.85
N CYS M 213 -7.01 -5.41 -40.99
CA CYS M 213 -7.39 -5.33 -39.58
C CYS M 213 -6.75 -4.15 -38.88
N ALA M 214 -5.72 -3.54 -39.47
CA ALA M 214 -5.11 -2.33 -38.95
C ALA M 214 -5.44 -1.09 -39.77
N LEU M 215 -5.62 -1.24 -41.08
CA LEU M 215 -6.08 -0.12 -41.90
C LEU M 215 -7.49 0.30 -41.49
N LEU M 216 -8.41 -0.65 -41.45
CA LEU M 216 -9.78 -0.33 -41.07
C LEU M 216 -9.89 -0.02 -39.58
N PHE M 217 -8.98 -0.56 -38.77
CA PHE M 217 -8.89 -0.10 -37.39
C PHE M 217 -8.43 1.35 -37.32
N ALA M 218 -7.50 1.73 -38.19
CA ALA M 218 -6.98 3.10 -38.17
C ALA M 218 -8.06 4.10 -38.55
N LYS M 219 -8.88 3.77 -39.55
CA LYS M 219 -9.97 4.64 -39.95
C LYS M 219 -11.22 4.47 -39.09
N SER M 220 -11.07 3.86 -37.91
CA SER M 220 -12.16 3.67 -36.96
C SER M 220 -13.33 2.89 -37.55
N HIS M 221 -13.04 1.96 -38.45
CA HIS M 221 -14.05 1.05 -38.97
C HIS M 221 -14.04 -0.25 -38.18
N TYR M 222 -14.26 -0.11 -36.87
CA TYR M 222 -14.17 -1.27 -35.98
C TYR M 222 -15.20 -2.34 -36.34
N ASP M 223 -16.36 -1.93 -36.85
CA ASP M 223 -17.33 -2.90 -37.34
C ASP M 223 -16.75 -3.68 -38.52
N GLU M 224 -16.05 -3.00 -39.42
CA GLU M 224 -15.40 -3.68 -40.54
C GLU M 224 -14.08 -4.30 -40.12
N ALA M 225 -13.43 -3.75 -39.09
CA ALA M 225 -12.16 -4.31 -38.64
C ALA M 225 -12.34 -5.71 -38.08
N TYR M 226 -13.39 -5.92 -37.27
CA TYR M 226 -13.61 -7.23 -36.68
C TYR M 226 -14.00 -8.26 -37.74
N LYS M 227 -14.70 -7.83 -38.79
CA LYS M 227 -15.06 -8.75 -39.86
C LYS M 227 -13.81 -9.29 -40.55
N TRP M 228 -12.83 -8.43 -40.81
CA TRP M 228 -11.57 -8.89 -41.37
C TRP M 228 -10.63 -9.44 -40.32
N CYS M 229 -10.89 -9.19 -39.04
CA CYS M 229 -10.17 -9.87 -37.98
C CYS M 229 -10.46 -11.36 -38.00
N ILE M 230 -11.74 -11.74 -38.13
CA ILE M 230 -12.11 -13.15 -38.22
C ILE M 230 -11.56 -13.76 -39.51
N GLU M 231 -11.70 -13.05 -40.63
CA GLU M 231 -11.24 -13.58 -41.91
C GLU M 231 -9.73 -13.77 -41.93
N ALA M 232 -8.98 -12.92 -41.23
CA ALA M 232 -7.54 -13.08 -41.19
C ALA M 232 -7.14 -14.36 -40.47
N MET M 233 -7.74 -14.63 -39.30
CA MET M 233 -7.36 -15.77 -38.50
C MET M 233 -7.91 -17.09 -39.02
N LYS M 234 -8.93 -17.04 -39.88
CA LYS M 234 -9.42 -18.27 -40.50
C LYS M 234 -8.41 -18.85 -41.48
N GLU M 235 -7.46 -18.04 -41.96
CA GLU M 235 -6.44 -18.48 -42.88
C GLU M 235 -5.09 -18.71 -42.22
N ILE M 236 -5.04 -18.70 -40.89
CA ILE M 236 -3.79 -18.99 -40.19
C ILE M 236 -3.49 -20.48 -40.29
N THR M 237 -2.29 -20.79 -40.77
CA THR M 237 -1.84 -22.16 -40.96
C THR M 237 -0.48 -22.32 -40.31
N ALA M 238 -0.21 -23.51 -39.77
CA ALA M 238 1.06 -23.76 -39.09
C ALA M 238 2.27 -23.59 -40.01
N GLY M 239 2.07 -23.71 -41.33
CA GLY M 239 3.16 -23.49 -42.25
C GLY M 239 3.53 -22.04 -42.49
N LEU M 240 2.75 -21.11 -41.96
CA LEU M 240 3.04 -19.70 -42.11
C LEU M 240 4.26 -19.31 -41.29
N PRO M 241 5.00 -18.29 -41.73
CA PRO M 241 6.11 -17.80 -40.92
C PRO M 241 5.61 -17.20 -39.61
N VAL M 242 6.46 -17.29 -38.58
CA VAL M 242 6.09 -16.78 -37.26
C VAL M 242 5.90 -15.27 -37.32
N LYS M 243 6.72 -14.59 -38.14
CA LYS M 243 6.58 -13.15 -38.32
C LYS M 243 5.21 -12.79 -38.86
N VAL M 244 4.71 -13.54 -39.83
CA VAL M 244 3.36 -13.32 -40.35
C VAL M 244 2.32 -13.64 -39.28
N VAL M 245 2.50 -14.75 -38.58
CA VAL M 245 1.49 -15.20 -37.61
C VAL M 245 1.38 -14.21 -36.46
N VAL M 246 2.53 -13.75 -35.92
CA VAL M 246 2.47 -12.78 -34.84
C VAL M 246 1.93 -11.44 -35.35
N ASP M 247 2.10 -11.16 -36.64
CA ASP M 247 1.59 -9.92 -37.21
C ASP M 247 0.06 -9.93 -37.23
N VAL M 248 -0.55 -11.07 -37.57
CA VAL M 248 -2.01 -11.14 -37.60
C VAL M 248 -2.58 -11.07 -36.19
N LEU M 249 -1.91 -11.72 -35.23
CA LEU M 249 -2.44 -11.77 -33.87
C LEU M 249 -2.50 -10.39 -33.22
N ARG M 250 -1.44 -9.60 -33.38
CA ARG M 250 -1.41 -8.28 -32.74
C ARG M 250 -2.46 -7.35 -33.33
N GLN M 251 -2.64 -7.38 -34.65
CA GLN M 251 -3.68 -6.57 -35.27
C GLN M 251 -5.07 -7.10 -34.93
N ALA M 252 -5.23 -8.42 -34.82
CA ALA M 252 -6.50 -8.99 -34.41
C ALA M 252 -6.86 -8.57 -33.00
N SER M 253 -5.87 -8.52 -32.11
CA SER M 253 -6.12 -8.07 -30.75
C SER M 253 -6.57 -6.62 -30.72
N LYS M 254 -5.96 -5.76 -31.52
CA LYS M 254 -6.32 -4.34 -31.51
C LYS M 254 -7.74 -4.12 -31.98
N ALA M 255 -8.21 -4.92 -32.94
CA ALA M 255 -9.61 -4.82 -33.35
C ALA M 255 -10.55 -5.41 -32.32
N CYS M 256 -10.12 -6.45 -31.59
CA CYS M 256 -10.99 -7.04 -30.58
C CYS M 256 -11.07 -6.16 -29.33
N VAL M 257 -9.97 -5.52 -28.95
CA VAL M 257 -9.99 -4.63 -27.79
C VAL M 257 -10.92 -3.45 -28.04
N VAL M 258 -10.81 -2.85 -29.22
CA VAL M 258 -11.68 -1.73 -29.55
C VAL M 258 -13.11 -2.19 -29.77
N LYS M 259 -13.32 -3.48 -30.04
CA LYS M 259 -14.66 -4.06 -30.05
C LYS M 259 -15.24 -4.17 -28.64
N ARG M 260 -14.45 -3.83 -27.62
CA ARG M 260 -14.85 -3.80 -26.22
C ARG M 260 -15.18 -5.19 -25.67
N GLU M 261 -14.73 -6.23 -26.35
CA GLU M 261 -14.76 -7.59 -25.82
C GLU M 261 -13.35 -7.99 -25.42
N PHE M 262 -13.15 -8.27 -24.13
CA PHE M 262 -11.81 -8.40 -23.58
C PHE M 262 -11.43 -9.84 -23.25
N LYS M 263 -12.41 -10.73 -23.12
CA LYS M 263 -12.10 -12.14 -22.84
C LYS M 263 -11.39 -12.78 -24.03
N LYS M 264 -11.87 -12.51 -25.25
CA LYS M 264 -11.20 -13.02 -26.44
C LYS M 264 -9.97 -12.22 -26.82
N ALA M 265 -9.85 -10.98 -26.31
CA ALA M 265 -8.73 -10.14 -26.68
C ALA M 265 -7.44 -10.55 -25.99
N GLU M 266 -7.51 -10.92 -24.72
CA GLU M 266 -6.30 -11.22 -23.96
C GLU M 266 -5.60 -12.46 -24.51
N GLN M 267 -6.35 -13.49 -24.88
CA GLN M 267 -5.72 -14.71 -25.35
C GLN M 267 -5.03 -14.53 -26.70
N LEU M 268 -5.49 -13.56 -27.51
CA LEU M 268 -4.85 -13.32 -28.79
C LEU M 268 -3.51 -12.60 -28.62
N ILE M 269 -3.46 -11.60 -27.74
CA ILE M 269 -2.25 -10.81 -27.62
C ILE M 269 -1.25 -11.42 -26.64
N LYS M 270 -1.72 -12.11 -25.60
CA LYS M 270 -0.78 -12.80 -24.71
C LYS M 270 -0.13 -13.98 -25.41
N HIS M 271 -0.85 -14.63 -26.33
CA HIS M 271 -0.20 -15.61 -27.20
C HIS M 271 0.75 -14.94 -28.17
N ALA M 272 0.43 -13.72 -28.63
CA ALA M 272 1.31 -13.01 -29.54
C ALA M 272 2.61 -12.61 -28.85
N VAL M 273 2.52 -12.11 -27.60
CA VAL M 273 3.73 -11.72 -26.88
C VAL M 273 4.62 -12.93 -26.63
N TYR M 274 4.02 -14.05 -26.24
CA TYR M 274 4.80 -15.27 -26.06
C TYR M 274 5.41 -15.74 -27.37
N LEU M 275 4.63 -15.70 -28.46
CA LEU M 275 5.15 -16.15 -29.74
C LEU M 275 6.19 -15.20 -30.30
N ALA M 276 6.18 -13.94 -29.90
CA ALA M 276 7.19 -12.98 -30.30
C ALA M 276 8.35 -12.88 -29.31
N ARG M 277 8.33 -13.68 -28.24
CA ARG M 277 9.43 -13.70 -27.29
C ARG M 277 10.26 -14.98 -27.35
N ASP M 278 9.66 -16.12 -27.67
CA ASP M 278 10.43 -17.35 -27.78
C ASP M 278 11.23 -17.39 -29.07
N HIS M 279 10.72 -16.79 -30.14
CA HIS M 279 11.41 -16.79 -31.43
C HIS M 279 12.27 -15.55 -31.60
N PHE M 280 11.66 -14.36 -31.54
CA PHE M 280 12.39 -13.13 -31.80
C PHE M 280 13.26 -12.72 -30.63
N GLY M 281 12.88 -13.05 -29.41
CA GLY M 281 13.64 -12.67 -28.23
C GLY M 281 13.23 -11.33 -27.69
N SER M 282 13.76 -11.00 -26.52
CA SER M 282 13.38 -9.81 -25.78
C SER M 282 14.07 -8.55 -26.29
N LYS M 283 14.70 -8.60 -27.47
CA LYS M 283 15.39 -7.44 -28.02
C LYS M 283 15.00 -7.12 -29.46
N HIS M 284 14.41 -8.06 -30.19
CA HIS M 284 14.02 -7.81 -31.56
C HIS M 284 12.90 -6.76 -31.60
N PRO M 285 12.91 -5.87 -32.58
CA PRO M 285 11.86 -4.83 -32.64
C PRO M 285 10.47 -5.39 -32.78
N LYS M 286 10.30 -6.56 -33.40
CA LYS M 286 8.98 -7.16 -33.52
C LYS M 286 8.41 -7.51 -32.16
N TYR M 287 9.26 -7.94 -31.23
CA TYR M 287 8.79 -8.19 -29.87
C TYR M 287 8.30 -6.91 -29.21
N SER M 288 9.03 -5.81 -29.39
CA SER M 288 8.56 -4.53 -28.87
C SER M 288 7.33 -4.03 -29.61
N ASP M 289 7.20 -4.38 -30.89
CA ASP M 289 5.99 -4.05 -31.63
C ASP M 289 4.78 -4.73 -31.02
N THR M 290 4.93 -6.00 -30.62
CA THR M 290 3.84 -6.72 -30.00
C THR M 290 3.51 -6.13 -28.63
N LEU M 291 4.53 -5.69 -27.88
CA LEU M 291 4.29 -5.05 -26.59
C LEU M 291 3.51 -3.75 -26.76
N LEU M 292 3.78 -3.01 -27.83
CA LEU M 292 3.05 -1.77 -28.06
C LEU M 292 1.56 -2.04 -28.26
N ASP M 293 1.23 -3.09 -29.02
CA ASP M 293 -0.17 -3.47 -29.15
C ASP M 293 -0.68 -4.18 -27.90
N TYR M 294 0.20 -4.85 -27.15
CA TYR M 294 -0.21 -5.43 -25.88
C TYR M 294 -0.60 -4.35 -24.88
N GLY M 295 0.14 -3.24 -24.86
CA GLY M 295 -0.23 -2.14 -23.99
C GLY M 295 -1.50 -1.43 -24.42
N PHE M 296 -1.87 -1.53 -25.69
CA PHE M 296 -3.18 -1.05 -26.10
C PHE M 296 -4.29 -1.84 -25.42
N TYR M 297 -4.11 -3.15 -25.30
CA TYR M 297 -5.08 -3.97 -24.58
C TYR M 297 -5.16 -3.59 -23.11
N LEU M 298 -4.01 -3.35 -22.48
CA LEU M 298 -4.01 -3.04 -21.05
C LEU M 298 -4.66 -1.71 -20.73
N LEU M 299 -4.50 -0.71 -21.61
CA LEU M 299 -5.01 0.62 -21.30
C LEU M 299 -6.53 0.67 -21.44
N ASN M 300 -7.11 -0.13 -22.34
CA ASN M 300 -8.55 -0.11 -22.53
C ASN M 300 -9.31 -1.03 -21.59
N VAL M 301 -8.63 -1.92 -20.87
CA VAL M 301 -9.28 -2.78 -19.90
C VAL M 301 -9.09 -2.24 -18.48
N ASP M 302 -8.74 -0.96 -18.35
CA ASP M 302 -8.50 -0.29 -17.06
C ASP M 302 -7.36 -0.94 -16.28
N ASN M 303 -6.48 -1.68 -16.95
CA ASN M 303 -5.29 -2.23 -16.30
C ASN M 303 -4.11 -1.28 -16.47
N ILE M 304 -4.33 -0.03 -16.06
CA ILE M 304 -3.41 1.06 -16.38
C ILE M 304 -2.12 0.94 -15.59
N CYS M 305 -2.15 0.24 -14.45
CA CYS M 305 -1.00 0.21 -13.55
C CYS M 305 0.22 -0.42 -14.22
N GLN M 306 0.02 -1.52 -14.95
CA GLN M 306 1.12 -2.19 -15.63
C GLN M 306 1.13 -1.91 -17.12
N SER M 307 0.31 -0.97 -17.60
CA SER M 307 0.41 -0.55 -19.00
C SER M 307 1.59 0.37 -19.23
N VAL M 308 1.93 1.21 -18.25
CA VAL M 308 3.11 2.05 -18.37
C VAL M 308 4.37 1.18 -18.43
N ALA M 309 4.43 0.15 -17.60
CA ALA M 309 5.60 -0.71 -17.56
C ALA M 309 5.77 -1.52 -18.84
N ILE M 310 4.73 -1.63 -19.66
CA ILE M 310 4.86 -2.36 -20.91
C ILE M 310 5.14 -1.46 -22.10
N TYR M 311 4.79 -0.18 -22.04
CA TYR M 311 5.30 0.78 -23.02
C TYR M 311 6.74 1.16 -22.74
N GLN M 312 7.11 1.29 -21.46
CA GLN M 312 8.50 1.60 -21.13
C GLN M 312 9.41 0.47 -21.57
N ALA M 313 8.95 -0.78 -21.43
CA ALA M 313 9.67 -1.90 -22.02
C ALA M 313 9.68 -1.81 -23.54
N ALA M 314 8.54 -1.44 -24.13
CA ALA M 314 8.46 -1.31 -25.58
C ALA M 314 9.34 -0.17 -26.09
N LEU M 315 9.37 0.95 -25.37
CA LEU M 315 10.22 2.07 -25.78
C LEU M 315 11.69 1.73 -25.61
N ASP M 316 12.05 1.07 -24.52
CA ASP M 316 13.46 0.81 -24.24
C ASP M 316 14.05 -0.18 -25.24
N ILE M 317 13.26 -1.10 -25.77
CA ILE M 317 13.74 -1.95 -26.84
C ILE M 317 13.98 -1.13 -28.10
N ARG M 318 13.02 -0.27 -28.45
CA ARG M 318 13.16 0.55 -29.65
C ARG M 318 14.22 1.63 -29.51
N GLN M 319 14.44 2.14 -28.29
CA GLN M 319 15.49 3.12 -28.09
C GLN M 319 16.88 2.53 -28.23
N SER M 320 17.02 1.20 -28.20
CA SER M 320 18.31 0.55 -28.33
C SER M 320 18.55 0.00 -29.73
N VAL M 321 17.49 -0.43 -30.41
CA VAL M 321 17.66 -0.96 -31.77
C VAL M 321 17.56 0.16 -32.80
N PHE M 322 16.64 1.11 -32.58
CA PHE M 322 16.28 2.09 -33.59
C PHE M 322 16.85 3.47 -33.32
N GLY M 323 17.99 3.56 -32.64
CA GLY M 323 18.70 4.83 -32.58
C GLY M 323 17.90 5.94 -31.93
N GLY M 324 18.29 7.17 -32.23
CA GLY M 324 17.67 8.33 -31.63
C GLY M 324 16.38 8.81 -32.26
N LYS M 325 16.45 9.31 -33.49
CA LYS M 325 15.30 9.95 -34.14
C LYS M 325 14.73 9.00 -35.19
N ASN M 326 13.78 8.19 -34.74
CA ASN M 326 13.10 7.24 -35.61
C ASN M 326 11.61 7.31 -35.30
N ILE M 327 10.77 7.05 -36.30
CA ILE M 327 9.34 7.13 -36.11
C ILE M 327 8.84 6.04 -35.17
N HIS M 328 9.46 4.86 -35.22
CA HIS M 328 9.09 3.79 -34.31
C HIS M 328 9.42 4.15 -32.86
N VAL M 329 10.56 4.80 -32.64
CA VAL M 329 10.86 5.34 -31.32
C VAL M 329 9.84 6.42 -30.96
N ALA M 330 9.49 7.28 -31.91
CA ALA M 330 8.54 8.35 -31.66
C ALA M 330 7.15 7.81 -31.37
N THR M 331 6.74 6.74 -32.05
CA THR M 331 5.45 6.14 -31.78
C THR M 331 5.38 5.58 -30.36
N ALA M 332 6.48 4.95 -29.91
CA ALA M 332 6.52 4.49 -28.53
C ALA M 332 6.51 5.65 -27.56
N HIS M 333 7.20 6.75 -27.89
CA HIS M 333 7.16 7.94 -27.05
C HIS M 333 5.76 8.49 -26.95
N GLU M 334 5.01 8.46 -28.05
CA GLU M 334 3.62 8.91 -28.04
C GLU M 334 2.77 8.09 -27.10
N ASP M 335 2.78 6.77 -27.26
CA ASP M 335 1.88 5.92 -26.48
C ASP M 335 2.30 5.88 -25.01
N LEU M 336 3.61 5.90 -24.73
CA LEU M 336 4.07 6.00 -23.36
C LEU M 336 3.63 7.31 -22.71
N ALA M 337 3.66 8.39 -23.48
CA ALA M 337 3.20 9.67 -22.95
C ALA M 337 1.70 9.63 -22.64
N TYR M 338 0.91 8.99 -23.51
CA TYR M 338 -0.51 8.86 -23.26
C TYR M 338 -0.77 7.96 -22.07
N SER M 339 -0.03 6.86 -21.96
CA SER M 339 -0.23 5.94 -20.85
C SER M 339 0.17 6.59 -19.53
N SER M 340 1.29 7.33 -19.53
CA SER M 340 1.68 8.07 -18.34
C SER M 340 0.69 9.19 -18.04
N TYR M 341 0.08 9.75 -19.08
CA TYR M 341 -0.98 10.72 -18.88
C TYR M 341 -2.17 10.10 -18.16
N VAL M 342 -2.61 8.93 -18.61
CA VAL M 342 -3.77 8.29 -18.00
C VAL M 342 -3.44 7.79 -16.60
N HIS M 343 -2.26 7.18 -16.45
CA HIS M 343 -1.88 6.62 -15.15
C HIS M 343 -1.73 7.70 -14.09
N GLN M 344 -1.11 8.83 -14.43
CA GLN M 344 -0.86 9.88 -13.47
C GLN M 344 -1.83 11.05 -13.60
N TYR M 345 -3.01 10.81 -14.18
CA TYR M 345 -4.01 11.86 -14.25
C TYR M 345 -4.48 12.27 -12.86
N SER M 346 -4.71 11.29 -11.98
CA SER M 346 -5.16 11.59 -10.63
C SER M 346 -4.09 12.32 -9.84
N SER M 347 -2.83 11.91 -9.99
CA SER M 347 -1.75 12.57 -9.25
C SER M 347 -1.56 14.00 -9.70
N GLY M 348 -1.68 14.25 -11.00
CA GLY M 348 -1.52 15.59 -11.55
C GLY M 348 -0.11 15.99 -11.91
N LYS M 349 0.87 15.14 -11.65
CA LYS M 349 2.27 15.43 -11.98
C LYS M 349 2.57 14.88 -13.37
N PHE M 350 2.82 15.79 -14.31
CA PHE M 350 3.14 15.43 -15.69
C PHE M 350 4.45 16.12 -16.07
N ASP M 351 5.56 15.50 -15.75
CA ASP M 351 6.87 15.95 -16.18
C ASP M 351 7.65 14.89 -16.92
N ASN M 352 7.53 13.63 -16.52
CA ASN M 352 8.00 12.54 -17.35
C ASN M 352 7.09 12.35 -18.56
N ALA M 353 5.77 12.49 -18.37
CA ALA M 353 4.84 12.34 -19.47
C ALA M 353 5.01 13.46 -20.50
N LEU M 354 5.25 14.70 -20.03
CA LEU M 354 5.48 15.79 -20.97
C LEU M 354 6.76 15.59 -21.76
N PHE M 355 7.80 15.07 -21.11
CA PHE M 355 9.05 14.82 -21.83
C PHE M 355 8.85 13.79 -22.93
N HIS M 356 8.07 12.74 -22.66
CA HIS M 356 7.79 11.73 -23.66
C HIS M 356 6.95 12.31 -24.79
N ALA M 357 5.93 13.10 -24.45
CA ALA M 357 5.08 13.69 -25.49
C ALA M 357 5.84 14.72 -26.30
N GLU M 358 6.71 15.49 -25.65
CA GLU M 358 7.52 16.44 -26.39
C GLU M 358 8.53 15.73 -27.27
N ARG M 359 9.07 14.61 -26.81
CA ARG M 359 10.01 13.84 -27.62
C ARG M 359 9.34 13.29 -28.87
N ALA M 360 8.11 12.78 -28.73
CA ALA M 360 7.42 12.20 -29.87
C ALA M 360 7.09 13.24 -30.92
N ILE M 361 7.07 14.53 -30.55
CA ILE M 361 6.89 15.59 -31.54
C ILE M 361 8.21 16.10 -32.08
N GLY M 362 9.26 16.13 -31.26
CA GLY M 362 10.56 16.54 -31.74
C GLY M 362 11.14 15.56 -32.74
N ILE M 363 10.67 14.31 -32.70
CA ILE M 363 11.10 13.32 -33.68
C ILE M 363 10.25 13.34 -34.93
N ILE M 364 8.92 13.30 -34.79
CA ILE M 364 8.03 13.21 -35.94
C ILE M 364 8.10 14.47 -36.80
N THR M 365 8.16 15.66 -36.19
CA THR M 365 8.26 16.88 -36.98
C THR M 365 9.57 16.93 -37.77
N HIS M 366 10.60 16.22 -37.30
CA HIS M 366 11.87 16.22 -38.00
C HIS M 366 11.83 15.33 -39.24
N ILE M 367 11.11 14.22 -39.18
CA ILE M 367 11.16 13.20 -40.23
C ILE M 367 9.90 13.13 -41.06
N LEU M 368 8.81 13.79 -40.65
CA LEU M 368 7.56 13.74 -41.37
C LEU M 368 7.12 15.15 -41.74
N PRO M 369 6.32 15.32 -42.79
CA PRO M 369 5.82 16.65 -43.13
C PRO M 369 4.93 17.21 -42.03
N GLU M 370 4.63 18.50 -42.15
CA GLU M 370 3.83 19.17 -41.14
C GLU M 370 2.36 18.73 -41.16
N ASP M 371 1.92 18.11 -42.26
CA ASP M 371 0.51 17.74 -42.43
C ASP M 371 0.32 16.24 -42.46
N HIS M 372 0.97 15.53 -41.56
CA HIS M 372 0.90 14.07 -41.51
C HIS M 372 -0.04 13.64 -40.39
N LEU M 373 -0.86 12.62 -40.67
CA LEU M 373 -1.85 12.16 -39.70
C LEU M 373 -1.21 11.65 -38.43
N LEU M 374 -0.10 10.94 -38.55
CA LEU M 374 0.57 10.41 -37.37
C LEU M 374 1.17 11.53 -36.53
N LEU M 375 1.48 12.66 -37.14
CA LEU M 375 1.93 13.81 -36.36
C LEU M 375 0.77 14.42 -35.57
N ALA M 376 -0.46 14.23 -36.04
CA ALA M 376 -1.62 14.78 -35.33
C ALA M 376 -1.91 14.01 -34.06
N SER M 377 -1.89 12.68 -34.13
CA SER M 377 -2.18 11.88 -32.93
C SER M 377 -1.13 12.08 -31.86
N SER M 378 0.14 12.21 -32.25
CA SER M 378 1.20 12.54 -31.30
C SER M 378 1.12 13.98 -30.81
N LYS M 379 0.42 14.84 -31.52
CA LYS M 379 0.25 16.23 -31.10
C LYS M 379 -0.85 16.39 -30.06
N ARG M 380 -1.89 15.55 -30.11
CA ARG M 380 -2.97 15.67 -29.13
C ARG M 380 -2.51 15.24 -27.74
N VAL M 381 -1.52 14.35 -27.65
CA VAL M 381 -1.10 13.85 -26.35
C VAL M 381 -0.36 14.93 -25.57
N LYS M 382 0.46 15.73 -26.24
CA LYS M 382 1.07 16.88 -25.57
C LYS M 382 0.01 17.88 -25.14
N ALA M 383 -1.00 18.10 -25.98
CA ALA M 383 -2.05 19.06 -25.64
C ALA M 383 -2.86 18.61 -24.44
N LEU M 384 -3.15 17.31 -24.34
CA LEU M 384 -3.82 16.81 -23.15
C LEU M 384 -2.97 17.02 -21.90
N ILE M 385 -1.66 16.80 -22.02
CA ILE M 385 -0.76 17.03 -20.90
C ILE M 385 -0.67 18.51 -20.57
N LEU M 386 -0.63 19.36 -21.60
CA LEU M 386 -0.49 20.80 -21.35
C LEU M 386 -1.70 21.37 -20.64
N GLU M 387 -2.91 20.93 -20.99
CA GLU M 387 -4.09 21.48 -20.35
C GLU M 387 -4.17 21.10 -18.87
N GLU M 388 -3.60 19.95 -18.50
CA GLU M 388 -3.58 19.58 -17.09
C GLU M 388 -2.53 20.36 -16.32
N ILE M 389 -1.39 20.62 -16.94
CA ILE M 389 -0.40 21.50 -16.33
C ILE M 389 -0.95 22.92 -16.26
N ALA M 390 -1.72 23.33 -17.27
CA ALA M 390 -2.34 24.65 -17.26
C ALA M 390 -3.44 24.79 -16.20
N ILE M 391 -3.86 23.70 -15.57
CA ILE M 391 -4.80 23.75 -14.46
C ILE M 391 -4.09 23.62 -13.13
N ASP M 392 -3.16 22.67 -13.02
CA ASP M 392 -2.48 22.43 -11.74
C ASP M 392 -1.60 23.60 -11.35
N CYS M 393 -0.96 24.26 -12.31
CA CYS M 393 -0.11 25.40 -11.98
C CYS M 393 -0.95 26.56 -11.47
N HIS M 394 -0.39 27.30 -10.51
CA HIS M 394 -1.11 28.36 -9.83
C HIS M 394 -0.87 29.73 -10.42
N ASN M 395 -0.07 29.83 -11.48
CA ASN M 395 0.25 31.11 -12.10
C ASN M 395 -0.76 31.40 -13.19
N LYS M 396 -1.53 32.48 -13.02
CA LYS M 396 -2.60 32.81 -13.95
C LYS M 396 -2.06 33.10 -15.35
N GLU M 397 -0.90 33.76 -15.43
CA GLU M 397 -0.28 34.00 -16.74
C GLU M 397 0.11 32.69 -17.40
N THR M 398 0.67 31.76 -16.63
CA THR M 398 1.00 30.44 -17.17
C THR M 398 -0.26 29.65 -17.49
N GLU M 399 -1.31 29.81 -16.67
CA GLU M 399 -2.55 29.07 -16.90
C GLU M 399 -3.17 29.44 -18.23
N GLN M 400 -3.19 30.73 -18.58
CA GLN M 400 -3.86 31.16 -19.80
C GLN M 400 -3.04 30.80 -21.04
N ARG M 401 -1.73 31.02 -21.00
CA ARG M 401 -0.93 30.83 -22.21
C ARG M 401 -0.75 29.36 -22.53
N LEU M 402 -0.49 28.52 -21.53
CA LEU M 402 -0.33 27.09 -21.78
C LEU M 402 -1.65 26.46 -22.23
N LEU M 403 -2.77 26.94 -21.69
CA LEU M 403 -4.06 26.44 -22.13
C LEU M 403 -4.39 26.90 -23.54
N GLN M 404 -3.88 28.06 -23.95
CA GLN M 404 -4.04 28.50 -25.33
C GLN M 404 -3.17 27.68 -26.27
N GLU M 405 -1.98 27.28 -25.83
CA GLU M 405 -1.11 26.43 -26.66
C GLU M 405 -1.75 25.07 -26.90
N ALA M 406 -2.42 24.52 -25.89
CA ALA M 406 -3.14 23.27 -26.08
C ALA M 406 -4.35 23.44 -26.99
N HIS M 407 -4.83 24.67 -27.17
CA HIS M 407 -5.95 24.90 -28.07
C HIS M 407 -5.51 24.86 -29.53
N ASP M 408 -4.31 25.35 -29.82
CA ASP M 408 -3.79 25.26 -31.19
C ASP M 408 -3.45 23.83 -31.56
N LEU M 409 -3.07 23.01 -30.59
CA LEU M 409 -2.65 21.65 -30.90
C LEU M 409 -3.85 20.77 -31.25
N HIS M 410 -4.95 20.89 -30.50
CA HIS M 410 -6.13 20.10 -30.82
C HIS M 410 -6.70 20.47 -32.18
N LEU M 411 -6.81 21.76 -32.46
CA LEU M 411 -7.37 22.19 -33.74
C LEU M 411 -6.47 21.77 -34.90
N SER M 412 -5.15 21.88 -34.73
CA SER M 412 -4.24 21.34 -35.73
C SER M 412 -4.39 19.83 -35.84
N SER M 413 -4.51 19.14 -34.70
CA SER M 413 -4.71 17.71 -34.72
C SER M 413 -6.07 17.35 -35.31
N LEU M 414 -7.10 18.13 -35.01
CA LEU M 414 -8.42 17.86 -35.55
C LEU M 414 -8.45 18.01 -37.05
N GLN M 415 -7.77 19.04 -37.57
CA GLN M 415 -7.80 19.27 -39.01
C GLN M 415 -7.20 18.11 -39.79
N LEU M 416 -6.06 17.59 -39.31
CA LEU M 416 -5.41 16.47 -39.99
C LEU M 416 -6.29 15.22 -39.95
N ALA M 417 -6.92 14.96 -38.81
CA ALA M 417 -7.85 13.84 -38.73
C ALA M 417 -9.09 14.10 -39.59
N LYS M 418 -9.62 15.32 -39.54
CA LYS M 418 -10.83 15.64 -40.30
C LYS M 418 -10.57 15.65 -41.79
N LYS M 419 -9.32 15.89 -42.21
CA LYS M 419 -9.03 15.93 -43.63
C LYS M 419 -9.04 14.52 -44.24
N ALA M 420 -8.56 13.53 -43.49
CA ALA M 420 -8.43 12.18 -44.03
C ALA M 420 -9.49 11.22 -43.53
N PHE M 421 -9.89 11.32 -42.26
CA PHE M 421 -10.90 10.42 -41.72
C PHE M 421 -12.32 10.92 -41.96
N GLY M 422 -12.50 12.12 -42.46
CA GLY M 422 -13.83 12.65 -42.68
C GLY M 422 -14.45 13.17 -41.40
N GLU M 423 -15.67 13.69 -41.54
CA GLU M 423 -16.36 14.25 -40.39
C GLU M 423 -16.87 13.15 -39.47
N PHE M 424 -17.36 12.04 -40.02
CA PHE M 424 -18.00 10.99 -39.26
C PHE M 424 -17.00 9.87 -39.00
N ASN M 425 -16.27 10.00 -37.89
CA ASN M 425 -15.35 8.95 -37.44
C ASN M 425 -15.12 9.11 -35.94
N VAL M 426 -14.63 8.05 -35.33
CA VAL M 426 -14.35 8.09 -33.89
C VAL M 426 -13.17 9.00 -33.61
N GLN M 427 -12.12 8.93 -34.44
CA GLN M 427 -10.94 9.78 -34.22
C GLN M 427 -11.27 11.25 -34.35
N THR M 428 -12.10 11.60 -35.33
CA THR M 428 -12.57 12.98 -35.43
C THR M 428 -13.40 13.36 -34.22
N ALA M 429 -14.26 12.45 -33.77
CA ALA M 429 -15.05 12.70 -32.58
C ALA M 429 -14.19 12.67 -31.32
N LYS M 430 -13.11 11.89 -31.33
CA LYS M 430 -12.21 11.87 -30.18
C LYS M 430 -11.57 13.23 -29.97
N HIS M 431 -11.30 13.95 -31.06
CA HIS M 431 -10.78 15.31 -30.94
C HIS M 431 -11.87 16.27 -30.48
N TYR M 432 -13.13 16.01 -30.85
CA TYR M 432 -14.22 16.84 -30.35
C TYR M 432 -14.34 16.72 -28.84
N GLY M 433 -14.25 15.49 -28.32
CA GLY M 433 -14.31 15.31 -26.88
C GLY M 433 -13.12 15.92 -26.16
N ASN M 434 -11.92 15.75 -26.72
CA ASN M 434 -10.74 16.38 -26.14
C ASN M 434 -10.85 17.90 -26.21
N LEU M 435 -11.32 18.41 -27.34
CA LEU M 435 -11.54 19.85 -27.45
C LEU M 435 -12.68 20.31 -26.55
N GLY M 436 -13.67 19.43 -26.32
CA GLY M 436 -14.71 19.76 -25.37
C GLY M 436 -14.19 19.88 -23.95
N ARG M 437 -13.32 18.95 -23.54
CA ARG M 437 -12.71 19.05 -22.23
C ARG M 437 -11.83 20.30 -22.12
N LEU M 438 -11.18 20.69 -23.21
CA LEU M 438 -10.34 21.87 -23.20
C LEU M 438 -11.18 23.14 -23.06
N TYR M 439 -12.30 23.21 -23.78
CA TYR M 439 -13.19 24.36 -23.64
C TYR M 439 -13.75 24.46 -22.22
N GLN M 440 -13.96 23.33 -21.55
CA GLN M 440 -14.36 23.38 -20.15
C GLN M 440 -13.30 24.06 -19.30
N SER M 441 -12.03 23.74 -19.53
CA SER M 441 -10.96 24.39 -18.78
C SER M 441 -10.73 25.82 -19.22
N MET M 442 -11.09 26.16 -20.46
CA MET M 442 -10.94 27.52 -20.97
C MET M 442 -12.08 28.44 -20.53
N ARG M 443 -12.93 27.98 -19.61
CA ARG M 443 -14.09 28.73 -19.11
C ARG M 443 -15.09 29.05 -20.21
N LYS M 444 -15.01 28.36 -21.35
CA LYS M 444 -15.97 28.52 -22.43
C LYS M 444 -17.01 27.41 -22.35
N PHE M 445 -17.82 27.49 -21.29
CA PHE M 445 -18.81 26.45 -21.02
C PHE M 445 -19.89 26.40 -22.09
N LYS M 446 -20.22 27.55 -22.68
CA LYS M 446 -21.14 27.54 -23.81
C LYS M 446 -20.55 26.79 -25.00
N GLU M 447 -19.27 27.02 -25.29
CA GLU M 447 -18.63 26.31 -26.39
C GLU M 447 -18.39 24.85 -26.05
N ALA M 448 -18.12 24.54 -24.78
CA ALA M 448 -17.88 23.16 -24.39
C ALA M 448 -19.12 22.29 -24.51
N GLU M 449 -20.31 22.90 -24.49
CA GLU M 449 -21.54 22.13 -24.66
C GLU M 449 -21.63 21.51 -26.05
N GLU M 450 -21.45 22.34 -27.08
CA GLU M 450 -21.69 21.89 -28.44
C GLU M 450 -20.63 20.93 -28.96
N MET M 451 -19.41 20.97 -28.40
CA MET M 451 -18.40 20.02 -28.81
C MET M 451 -18.74 18.61 -28.34
N HIS M 452 -19.08 18.46 -27.06
CA HIS M 452 -19.42 17.15 -26.53
C HIS M 452 -20.68 16.60 -27.20
N ILE M 453 -21.66 17.46 -27.45
CA ILE M 453 -22.87 17.02 -28.16
C ILE M 453 -22.52 16.48 -29.53
N LYS M 454 -21.65 17.19 -30.25
CA LYS M 454 -21.17 16.68 -31.53
C LYS M 454 -20.28 15.46 -31.34
N ALA M 455 -19.57 15.38 -30.22
CA ALA M 455 -18.73 14.23 -29.96
C ALA M 455 -19.55 12.97 -29.69
N ILE M 456 -20.57 13.08 -28.83
CA ILE M 456 -21.39 11.91 -28.50
C ILE M 456 -22.23 11.49 -29.69
N GLN M 457 -22.79 12.47 -30.41
CA GLN M 457 -23.69 12.15 -31.53
C GLN M 457 -22.96 11.40 -32.63
N ILE M 458 -21.70 11.75 -32.90
CA ILE M 458 -20.93 11.02 -33.89
C ILE M 458 -20.58 9.64 -33.40
N LYS M 459 -20.15 9.52 -32.13
CA LYS M 459 -19.78 8.23 -31.59
C LYS M 459 -21.01 7.33 -31.41
N GLU M 460 -22.12 7.90 -30.96
CA GLU M 460 -23.34 7.12 -30.79
C GLU M 460 -23.85 6.61 -32.14
N GLN M 461 -23.78 7.44 -33.18
CA GLN M 461 -24.25 7.03 -34.49
C GLN M 461 -23.39 5.91 -35.07
N LEU M 462 -22.08 5.97 -34.86
CA LEU M 462 -21.17 4.97 -35.42
C LEU M 462 -21.02 3.77 -34.50
N LEU M 463 -20.54 3.98 -33.28
CA LEU M 463 -20.29 2.87 -32.37
C LEU M 463 -21.58 2.21 -31.92
N GLY M 464 -22.56 3.01 -31.52
CA GLY M 464 -23.81 2.48 -31.04
C GLY M 464 -24.31 3.24 -29.83
N GLN M 465 -25.48 2.85 -29.31
CA GLN M 465 -26.03 3.53 -28.15
C GLN M 465 -25.24 3.24 -26.88
N GLU M 466 -24.70 2.04 -26.74
CA GLU M 466 -23.99 1.61 -25.53
C GLU M 466 -22.61 1.11 -25.93
N ASP M 467 -21.58 1.90 -25.61
CA ASP M 467 -20.20 1.51 -25.85
C ASP M 467 -19.29 2.24 -24.88
N TYR M 468 -18.10 1.67 -24.68
CA TYR M 468 -17.17 2.21 -23.70
C TYR M 468 -16.68 3.60 -24.08
N GLU M 469 -16.40 3.82 -25.37
CA GLU M 469 -15.95 5.13 -25.81
C GLU M 469 -17.04 6.18 -25.63
N VAL M 470 -18.30 5.81 -25.90
CA VAL M 470 -19.40 6.75 -25.74
C VAL M 470 -19.56 7.14 -24.27
N ALA M 471 -19.47 6.16 -23.37
CA ALA M 471 -19.63 6.43 -21.95
C ALA M 471 -18.53 7.35 -21.43
N LEU M 472 -17.29 7.13 -21.87
CA LEU M 472 -16.20 7.97 -21.42
C LEU M 472 -16.33 9.39 -21.94
N SER M 473 -16.95 9.56 -23.11
CA SER M 473 -17.23 10.91 -23.60
C SER M 473 -18.37 11.56 -22.83
N VAL M 474 -19.37 10.78 -22.41
CA VAL M 474 -20.50 11.32 -21.67
C VAL M 474 -20.03 11.89 -20.34
N GLY M 475 -19.10 11.19 -19.67
CA GLY M 475 -18.58 11.69 -18.41
C GLY M 475 -17.88 13.02 -18.54
N HIS M 476 -17.28 13.29 -19.69
CA HIS M 476 -16.75 14.63 -19.95
C HIS M 476 -17.88 15.66 -20.00
N LEU M 477 -18.99 15.31 -20.66
CA LEU M 477 -20.13 16.22 -20.70
C LEU M 477 -20.83 16.28 -19.35
N ALA M 478 -20.89 15.16 -18.63
CA ALA M 478 -21.54 15.15 -17.33
C ALA M 478 -20.84 16.08 -16.34
N SER M 479 -19.50 16.10 -16.37
CA SER M 479 -18.76 17.03 -15.52
C SER M 479 -19.00 18.47 -15.92
N LEU M 480 -19.28 18.73 -17.19
CA LEU M 480 -19.59 20.08 -17.63
C LEU M 480 -20.94 20.54 -17.07
N TYR M 481 -21.97 19.71 -17.21
CA TYR M 481 -23.30 20.09 -16.76
C TYR M 481 -23.42 20.13 -15.24
N ASN M 482 -22.46 19.55 -14.52
CA ASN M 482 -22.55 19.39 -13.07
C ASN M 482 -21.71 20.40 -12.31
N TYR M 483 -20.43 20.52 -12.66
CA TYR M 483 -19.49 21.23 -11.80
C TYR M 483 -19.44 22.72 -12.09
N ASP M 484 -19.72 23.13 -13.33
CA ASP M 484 -19.56 24.53 -13.70
C ASP M 484 -20.69 25.07 -14.58
N MET M 485 -21.74 24.29 -14.84
CA MET M 485 -22.90 24.80 -15.53
C MET M 485 -24.19 24.67 -14.74
N ASN M 486 -24.18 23.92 -13.64
CA ASN M 486 -25.27 23.87 -12.66
C ASN M 486 -26.57 23.34 -13.24
N GLN M 487 -26.50 22.60 -14.35
CA GLN M 487 -27.69 21.95 -14.92
C GLN M 487 -27.72 20.52 -14.40
N TYR M 488 -28.09 20.39 -13.13
CA TYR M 488 -28.04 19.11 -12.45
C TYR M 488 -29.07 18.12 -13.01
N GLU M 489 -30.21 18.63 -13.50
CA GLU M 489 -31.20 17.75 -14.09
C GLU M 489 -30.67 17.08 -15.35
N ASN M 490 -29.99 17.84 -16.21
CA ASN M 490 -29.39 17.25 -17.40
C ASN M 490 -28.25 16.31 -17.05
N ALA M 491 -27.43 16.68 -16.07
CA ALA M 491 -26.30 15.85 -15.68
C ALA M 491 -26.74 14.57 -14.97
N GLU M 492 -27.95 14.54 -14.42
CA GLU M 492 -28.39 13.38 -13.66
C GLU M 492 -28.48 12.13 -14.54
N LYS M 493 -29.00 12.28 -15.75
CA LYS M 493 -29.07 11.15 -16.67
C LYS M 493 -27.72 10.82 -17.29
N LEU M 494 -26.82 11.81 -17.42
CA LEU M 494 -25.53 11.55 -18.05
C LEU M 494 -24.63 10.72 -17.15
N TYR M 495 -24.56 11.07 -15.86
CA TYR M 495 -23.76 10.29 -14.93
C TYR M 495 -24.28 8.85 -14.85
N LEU M 496 -25.60 8.69 -14.77
CA LEU M 496 -26.16 7.34 -14.73
C LEU M 496 -25.92 6.59 -16.03
N ARG M 497 -25.88 7.29 -17.16
CA ARG M 497 -25.63 6.64 -18.44
C ARG M 497 -24.24 6.02 -18.48
N SER M 498 -23.23 6.75 -17.98
CA SER M 498 -21.88 6.21 -17.96
C SER M 498 -21.70 5.15 -16.89
N ILE M 499 -22.49 5.23 -15.81
CA ILE M 499 -22.37 4.27 -14.71
C ILE M 499 -22.73 2.87 -15.19
N ALA M 500 -23.82 2.75 -15.94
CA ALA M 500 -24.25 1.43 -16.43
C ALA M 500 -23.25 0.85 -17.40
N ILE M 501 -22.76 1.67 -18.35
CA ILE M 501 -21.79 1.18 -19.32
C ILE M 501 -20.44 0.93 -18.65
N GLY M 502 -20.07 1.75 -17.67
CA GLY M 502 -18.79 1.59 -17.01
C GLY M 502 -18.67 0.27 -16.27
N LYS M 503 -19.74 -0.15 -15.60
CA LYS M 503 -19.74 -1.45 -14.94
C LYS M 503 -20.18 -2.57 -15.86
N LYS M 504 -20.64 -2.26 -17.07
CA LYS M 504 -21.04 -3.29 -18.02
C LYS M 504 -19.85 -4.14 -18.44
N LEU M 505 -18.69 -3.53 -18.68
CA LEU M 505 -17.51 -4.23 -19.16
C LEU M 505 -16.36 -4.22 -18.16
N PHE M 506 -16.52 -3.58 -17.01
CA PHE M 506 -15.47 -3.52 -16.01
C PHE M 506 -15.94 -3.79 -14.59
N GLY M 507 -17.24 -3.78 -14.33
CA GLY M 507 -17.74 -3.94 -12.99
C GLY M 507 -17.70 -2.63 -12.21
N GLU M 508 -18.09 -2.72 -10.94
CA GLU M 508 -18.10 -1.55 -10.08
C GLU M 508 -16.69 -1.10 -9.71
N GLY M 509 -15.70 -1.98 -9.83
CA GLY M 509 -14.32 -1.66 -9.52
C GLY M 509 -13.57 -0.90 -10.59
N TYR M 510 -14.27 -0.44 -11.62
CA TYR M 510 -13.65 0.37 -12.66
C TYR M 510 -13.08 1.65 -12.08
N SER M 511 -11.76 1.84 -12.21
CA SER M 511 -11.11 2.99 -11.59
C SER M 511 -11.49 4.30 -12.24
N GLY M 512 -12.11 4.28 -13.42
CA GLY M 512 -12.65 5.50 -13.97
C GLY M 512 -13.96 5.95 -13.36
N LEU M 513 -14.60 5.08 -12.58
CA LEU M 513 -15.85 5.45 -11.92
C LEU M 513 -15.63 6.39 -10.76
N GLU M 514 -14.38 6.62 -10.34
CA GLU M 514 -14.11 7.58 -9.27
C GLU M 514 -14.58 8.98 -9.67
N TYR M 515 -14.32 9.38 -10.91
CA TYR M 515 -14.84 10.65 -11.42
C TYR M 515 -16.31 10.56 -11.77
N ASP M 516 -16.90 9.36 -11.76
CA ASP M 516 -18.32 9.19 -12.00
C ASP M 516 -19.13 9.13 -10.71
N TYR M 517 -18.60 8.45 -9.68
CA TYR M 517 -19.30 8.38 -8.41
C TYR M 517 -19.19 9.70 -7.65
N ARG M 518 -17.99 10.30 -7.63
CA ARG M 518 -17.79 11.56 -6.92
C ARG M 518 -18.62 12.68 -7.53
N GLY M 519 -18.72 12.70 -8.87
CA GLY M 519 -19.58 13.67 -9.53
C GLY M 519 -21.03 13.53 -9.14
N LEU M 520 -21.49 12.30 -8.91
CA LEU M 520 -22.85 12.10 -8.43
C LEU M 520 -23.05 12.65 -7.03
N ILE M 521 -22.00 12.62 -6.19
CA ILE M 521 -22.09 13.19 -4.86
C ILE M 521 -22.26 14.71 -4.94
N LYS M 522 -21.48 15.36 -5.80
CA LYS M 522 -21.66 16.79 -6.01
C LYS M 522 -22.96 17.07 -6.76
N LEU M 523 -23.45 16.11 -7.54
CA LEU M 523 -24.73 16.28 -8.23
C LEU M 523 -25.88 16.44 -7.23
N TYR M 524 -25.88 15.64 -6.17
CA TYR M 524 -26.94 15.67 -5.17
C TYR M 524 -26.67 16.67 -4.05
N ASN M 525 -25.49 17.28 -4.03
CA ASN M 525 -25.18 18.22 -2.96
C ASN M 525 -25.93 19.54 -3.12
N SER M 526 -26.33 19.90 -4.34
CA SER M 526 -26.93 21.20 -4.61
C SER M 526 -28.39 21.11 -5.02
N ILE M 527 -29.01 19.93 -4.95
CA ILE M 527 -30.42 19.79 -5.30
C ILE M 527 -31.16 19.09 -4.17
N GLY M 528 -30.60 19.13 -2.96
CA GLY M 528 -31.22 18.41 -1.88
C GLY M 528 -31.06 16.90 -2.06
N ASN M 529 -31.96 16.17 -1.42
CA ASN M 529 -31.96 14.71 -1.42
C ASN M 529 -30.62 14.17 -0.89
N TYR M 530 -30.33 14.52 0.36
CA TYR M 530 -29.10 14.11 1.00
C TYR M 530 -29.10 12.63 1.37
N GLU M 531 -30.24 11.96 1.31
CA GLU M 531 -30.28 10.53 1.56
C GLU M 531 -29.50 9.76 0.49
N LYS M 532 -29.66 10.16 -0.78
CA LYS M 532 -28.93 9.50 -1.85
C LYS M 532 -27.44 9.86 -1.85
N VAL M 533 -27.06 10.94 -1.15
CA VAL M 533 -25.63 11.25 -1.02
C VAL M 533 -24.91 10.13 -0.29
N PHE M 534 -25.50 9.66 0.82
CA PHE M 534 -24.95 8.50 1.51
C PHE M 534 -25.20 7.20 0.74
N GLU M 535 -26.21 7.18 -0.13
CA GLU M 535 -26.43 6.01 -0.97
C GLU M 535 -25.30 5.83 -1.98
N TYR M 536 -24.71 6.91 -2.45
CA TYR M 536 -23.55 6.83 -3.32
C TYR M 536 -22.23 6.94 -2.54
N HIS M 537 -22.29 7.27 -1.25
CA HIS M 537 -21.06 7.45 -0.49
C HIS M 537 -20.43 6.10 -0.15
N ASN M 538 -21.26 5.10 0.18
CA ASN M 538 -20.72 3.78 0.47
C ASN M 538 -20.24 3.08 -0.80
N VAL M 539 -20.89 3.36 -1.94
CA VAL M 539 -20.44 2.77 -3.19
C VAL M 539 -19.05 3.28 -3.56
N LEU M 540 -18.76 4.54 -3.24
CA LEU M 540 -17.39 5.05 -3.42
C LEU M 540 -16.42 4.29 -2.54
N SER M 541 -16.81 3.99 -1.30
CA SER M 541 -16.01 3.09 -0.47
C SER M 541 -16.00 1.69 -1.04
N ASN M 542 -17.13 1.24 -1.59
CA ASN M 542 -17.16 -0.05 -2.29
C ASN M 542 -16.22 -0.02 -3.48
N TRP M 543 -16.18 1.10 -4.21
CA TRP M 543 -15.21 1.25 -5.29
C TRP M 543 -13.78 1.21 -4.75
N ASN M 544 -13.56 1.84 -3.59
CA ASN M 544 -12.24 1.79 -2.97
C ASN M 544 -11.86 0.37 -2.59
N ARG M 545 -12.80 -0.39 -2.03
CA ARG M 545 -12.51 -1.76 -1.62
C ARG M 545 -12.33 -2.67 -2.84
N LEU M 546 -13.16 -2.51 -3.86
CA LEU M 546 -13.11 -3.41 -5.01
C LEU M 546 -11.98 -3.08 -5.98
N ARG M 547 -11.24 -2.00 -5.75
CA ARG M 547 -10.14 -1.61 -6.62
C ARG M 547 -8.78 -2.00 -6.06
N ASP M 548 -8.52 -1.68 -4.79
CA ASP M 548 -7.20 -1.95 -4.22
C ASP M 548 -6.99 -3.43 -3.98
N ARG M 549 -8.05 -4.19 -3.71
CA ARG M 549 -7.90 -5.63 -3.49
C ARG M 549 -7.46 -6.34 -4.76
N GLN M 550 -8.03 -5.99 -5.90
CA GLN M 550 -7.62 -6.55 -7.18
C GLN M 550 -6.42 -5.85 -7.77
N TYR M 551 -5.94 -4.77 -7.14
CA TYR M 551 -4.78 -4.05 -7.64
C TYR M 551 -3.52 -4.92 -7.59
N SER M 552 -3.35 -5.68 -6.50
CA SER M 552 -2.16 -6.49 -6.31
C SER M 552 -2.19 -7.63 -7.33
N VAL M 553 -1.38 -7.50 -8.38
CA VAL M 553 -1.28 -8.51 -9.42
C VAL M 553 0.14 -8.46 -9.98
N THR M 554 0.60 -9.60 -10.46
CA THR M 554 1.95 -9.69 -11.00
C THR M 554 2.06 -8.91 -12.30
N ASP M 555 3.29 -8.55 -12.65
CA ASP M 555 3.54 -7.77 -13.86
C ASP M 555 3.17 -8.57 -15.10
N ALA M 556 2.67 -7.86 -16.11
CA ALA M 556 2.19 -8.51 -17.32
C ALA M 556 3.32 -9.17 -18.12
N LEU M 557 4.57 -8.77 -17.89
CA LEU M 557 5.68 -9.37 -18.62
C LEU M 557 5.83 -10.85 -18.28
N GLU M 558 5.66 -11.20 -17.01
CA GLU M 558 5.68 -12.59 -16.59
C GLU M 558 4.29 -13.22 -16.55
N ASP M 559 3.24 -12.44 -16.84
CA ASP M 559 1.90 -13.01 -16.91
C ASP M 559 1.78 -14.02 -18.04
N VAL M 560 2.41 -13.72 -19.19
CA VAL M 560 2.45 -14.68 -20.27
C VAL M 560 3.31 -15.89 -19.88
N SER M 561 4.30 -15.69 -19.03
CA SER M 561 5.19 -16.73 -18.50
C SER M 561 5.91 -17.39 -19.69
N THR M 562 6.25 -18.67 -19.55
CA THR M 562 6.88 -19.44 -20.61
C THR M 562 5.93 -20.55 -21.04
N SER M 563 5.64 -20.60 -22.34
CA SER M 563 4.73 -21.56 -22.95
C SER M 563 3.37 -21.58 -22.26
N PRO M 564 2.60 -20.50 -22.33
CA PRO M 564 1.26 -20.55 -21.71
C PRO M 564 0.27 -21.39 -22.49
N GLN M 565 0.25 -21.26 -23.81
CA GLN M 565 -0.63 -22.02 -24.68
C GLN M 565 0.14 -22.39 -25.93
N SER M 566 -0.57 -22.89 -26.94
CA SER M 566 0.05 -23.38 -28.16
C SER M 566 -0.60 -22.72 -29.38
N THR M 567 0.16 -22.67 -30.47
CA THR M 567 -0.36 -22.15 -31.72
C THR M 567 -1.37 -23.12 -32.31
N GLU M 568 -2.23 -22.58 -33.18
CA GLU M 568 -3.35 -23.29 -33.79
C GLU M 568 -4.33 -23.83 -32.76
N GLU M 569 -4.26 -23.30 -31.54
CA GLU M 569 -5.22 -23.57 -30.47
C GLU M 569 -5.92 -22.30 -30.01
N VAL M 570 -5.19 -21.19 -29.89
CA VAL M 570 -5.81 -19.91 -29.61
C VAL M 570 -6.64 -19.46 -30.81
N VAL M 571 -6.18 -19.77 -32.02
CA VAL M 571 -6.95 -19.45 -33.22
C VAL M 571 -8.28 -20.19 -33.20
N GLN M 572 -8.24 -21.50 -32.91
CA GLN M 572 -9.46 -22.28 -32.90
C GLN M 572 -10.36 -21.89 -31.73
N SER M 573 -9.78 -21.57 -30.58
CA SER M 573 -10.56 -21.12 -29.44
C SER M 573 -11.26 -19.79 -29.74
N PHE M 574 -10.56 -18.88 -30.42
CA PHE M 574 -11.13 -17.59 -30.73
C PHE M 574 -12.16 -17.68 -31.85
N LEU M 575 -11.89 -18.52 -32.85
CA LEU M 575 -12.77 -18.59 -34.02
C LEU M 575 -14.15 -19.11 -33.66
N ILE M 576 -14.22 -20.13 -32.80
CA ILE M 576 -15.51 -20.72 -32.46
C ILE M 576 -16.36 -19.78 -31.61
N SER M 577 -15.75 -18.82 -30.93
CA SER M 577 -16.49 -17.89 -30.10
C SER M 577 -16.83 -16.62 -30.86
N THR N 1 38.33 9.14 -81.95
CA THR N 1 38.83 9.64 -80.69
C THR N 1 37.72 9.73 -79.65
N SER N 2 38.01 10.41 -78.54
CA SER N 2 37.05 10.58 -77.46
C SER N 2 36.90 12.06 -77.15
N LEU N 3 35.70 12.44 -76.70
CA LEU N 3 35.41 13.84 -76.37
C LEU N 3 35.73 14.19 -74.93
N LYS N 4 36.51 13.34 -74.24
CA LYS N 4 36.95 13.66 -72.90
C LYS N 4 37.88 14.87 -72.92
N PRO N 5 37.99 15.59 -71.80
CA PRO N 5 38.94 16.70 -71.73
C PRO N 5 40.36 16.28 -72.02
N ARG N 6 40.91 16.76 -73.13
CA ARG N 6 42.26 16.42 -73.58
C ARG N 6 43.19 17.60 -73.35
N VAL N 7 44.47 17.35 -73.59
CA VAL N 7 45.49 18.39 -73.57
C VAL N 7 45.91 18.67 -75.01
N VAL N 8 45.91 19.96 -75.38
CA VAL N 8 46.24 20.37 -76.74
C VAL N 8 47.20 21.55 -76.67
N ASP N 9 47.95 21.72 -77.76
CA ASP N 9 48.82 22.88 -77.93
C ASP N 9 47.99 24.03 -78.48
N PHE N 10 47.97 25.15 -77.76
CA PHE N 10 47.13 26.26 -78.17
C PHE N 10 47.63 26.92 -79.44
N ASP N 11 48.94 26.87 -79.69
CA ASP N 11 49.50 27.52 -80.87
C ASP N 11 48.99 26.89 -82.15
N GLU N 12 48.97 25.55 -82.21
CA GLU N 12 48.53 24.87 -83.43
C GLU N 12 47.03 24.88 -83.58
N THR N 13 46.27 24.78 -82.48
CA THR N 13 44.83 24.73 -82.57
C THR N 13 44.25 26.09 -82.95
N TRP N 14 44.72 27.16 -82.32
CA TRP N 14 44.26 28.50 -82.66
C TRP N 14 44.62 28.89 -84.08
N ASN N 15 45.77 28.42 -84.58
CA ASN N 15 46.11 28.62 -85.98
C ASN N 15 45.13 27.88 -86.89
N LYS N 16 44.74 26.67 -86.50
CA LYS N 16 43.70 25.95 -87.24
C LYS N 16 42.36 26.67 -87.15
N LEU N 17 42.07 27.27 -85.99
CA LEU N 17 40.89 28.12 -85.88
C LEU N 17 41.01 29.35 -86.77
N LEU N 18 42.22 29.90 -86.88
CA LEU N 18 42.42 31.15 -87.61
C LEU N 18 42.06 31.02 -89.08
N THR N 19 42.43 29.90 -89.70
CA THR N 19 42.13 29.68 -91.11
C THR N 19 40.65 29.47 -91.37
N THR N 20 39.85 29.24 -90.33
CA THR N 20 38.42 28.98 -90.47
C THR N 20 37.56 30.19 -90.12
N ILE N 21 37.90 30.90 -89.04
CA ILE N 21 37.09 32.04 -88.62
C ILE N 21 37.20 33.18 -89.63
N LYS N 22 38.36 33.36 -90.26
CA LYS N 22 38.51 34.40 -91.27
C LYS N 22 37.60 34.13 -92.47
N ALA N 23 37.52 32.88 -92.90
CA ALA N 23 36.63 32.54 -94.01
C ALA N 23 35.17 32.72 -93.63
N VAL N 24 34.82 32.39 -92.38
CA VAL N 24 33.44 32.52 -91.94
C VAL N 24 33.04 33.99 -91.84
N VAL N 25 33.91 34.82 -91.25
CA VAL N 25 33.55 36.21 -91.02
C VAL N 25 33.55 36.99 -92.34
N MET N 26 34.30 36.53 -93.33
CA MET N 26 34.32 37.16 -94.65
C MET N 26 33.28 36.57 -95.60
N LEU N 27 32.52 35.57 -95.16
CA LEU N 27 31.40 35.00 -95.90
C LEU N 27 31.85 34.41 -97.24
N GLU N 28 32.73 33.42 -97.14
CA GLU N 28 33.12 32.60 -98.28
C GLU N 28 32.50 31.21 -98.14
N TYR N 29 32.70 30.39 -99.17
CA TYR N 29 32.19 29.02 -99.16
C TYR N 29 33.11 28.16 -98.30
N VAL N 30 32.86 28.20 -96.99
CA VAL N 30 33.62 27.38 -96.06
C VAL N 30 33.27 25.91 -96.27
N GLU N 31 34.28 25.06 -96.26
CA GLU N 31 34.08 23.63 -96.46
C GLU N 31 33.18 23.05 -95.37
N ARG N 32 32.24 22.20 -95.79
CA ARG N 32 31.32 21.56 -94.85
C ARG N 32 32.08 20.77 -93.80
N ALA N 33 33.06 19.96 -94.23
CA ALA N 33 33.83 19.17 -93.28
C ALA N 33 34.66 20.06 -92.36
N THR N 34 35.23 21.14 -92.90
CA THR N 34 36.05 22.03 -92.11
C THR N 34 35.19 22.85 -91.13
N TRP N 35 33.96 23.19 -91.54
CA TRP N 35 33.09 24.00 -90.69
C TRP N 35 32.69 23.24 -89.43
N ASN N 36 32.23 22.00 -89.57
CA ASN N 36 31.89 21.18 -88.42
C ASN N 36 33.11 20.62 -87.71
N ASP N 37 34.29 20.68 -88.33
CA ASP N 37 35.52 20.31 -87.63
C ASP N 37 35.79 21.25 -86.47
N ARG N 38 35.51 22.53 -86.65
CA ARG N 38 35.79 23.52 -85.61
C ARG N 38 34.81 23.44 -84.44
N PHE N 39 33.61 22.90 -84.66
CA PHE N 39 32.68 22.72 -83.53
C PHE N 39 33.26 21.75 -82.51
N SER N 40 33.83 20.64 -82.96
CA SER N 40 34.53 19.75 -82.04
C SER N 40 35.89 20.29 -81.64
N ASP N 41 36.47 21.18 -82.45
CA ASP N 41 37.73 21.79 -82.06
C ASP N 41 37.54 22.88 -81.01
N ILE N 42 36.45 23.64 -81.11
CA ILE N 42 36.17 24.67 -80.11
C ILE N 42 35.78 24.03 -78.79
N TYR N 43 35.24 22.82 -78.81
CA TYR N 43 34.85 22.15 -77.57
C TYR N 43 36.07 21.81 -76.73
N ALA N 44 37.07 21.15 -77.34
CA ALA N 44 38.24 20.72 -76.59
C ALA N 44 39.08 21.88 -76.09
N LEU N 45 38.97 23.06 -76.72
CA LEU N 45 39.71 24.22 -76.27
C LEU N 45 39.10 24.87 -75.03
N CYS N 46 37.82 24.66 -74.78
CA CYS N 46 37.19 25.16 -73.56
C CYS N 46 37.25 24.16 -72.42
N VAL N 47 37.71 22.93 -72.67
CA VAL N 47 37.83 21.92 -71.63
C VAL N 47 39.23 21.34 -71.64
N ALA N 48 40.19 22.14 -72.09
CA ALA N 48 41.56 21.66 -72.21
C ALA N 48 42.15 21.33 -70.85
N TYR N 49 43.08 20.38 -70.84
CA TYR N 49 43.76 19.90 -69.64
C TYR N 49 45.13 20.53 -69.51
N PRO N 50 45.57 20.90 -68.30
CA PRO N 50 44.87 20.79 -67.01
C PRO N 50 43.94 21.96 -66.75
N GLU N 51 44.05 23.04 -67.53
CA GLU N 51 43.19 24.19 -67.36
C GLU N 51 42.58 24.58 -68.70
N PRO N 52 41.32 25.01 -68.70
CA PRO N 52 40.68 25.39 -69.96
C PRO N 52 41.38 26.58 -70.62
N LEU N 53 41.36 26.59 -71.95
CA LEU N 53 41.97 27.64 -72.74
C LEU N 53 40.93 28.62 -73.27
N GLY N 54 39.72 28.63 -72.71
CA GLY N 54 38.71 29.56 -73.17
C GLY N 54 39.08 31.00 -72.91
N GLU N 55 39.70 31.27 -71.76
CA GLU N 55 40.13 32.64 -71.46
C GLU N 55 41.21 33.11 -72.42
N ARG N 56 42.17 32.25 -72.74
CA ARG N 56 43.18 32.61 -73.72
C ARG N 56 42.57 32.76 -75.11
N LEU N 57 41.66 31.87 -75.49
CA LEU N 57 41.02 31.96 -76.80
C LEU N 57 40.13 33.18 -76.90
N TYR N 58 39.50 33.59 -75.80
CA TYR N 58 38.62 34.75 -75.84
C TYR N 58 39.39 36.01 -76.20
N THR N 59 40.59 36.17 -75.65
CA THR N 59 41.45 37.29 -76.07
C THR N 59 41.89 37.13 -77.51
N GLU N 60 42.24 35.90 -77.91
CA GLU N 60 42.73 35.68 -79.27
C GLU N 60 41.64 35.95 -80.30
N THR N 61 40.41 35.55 -80.01
CA THR N 61 39.31 35.88 -80.90
C THR N 61 39.04 37.37 -80.91
N LYS N 62 39.12 38.02 -79.75
CA LYS N 62 38.85 39.45 -79.66
C LYS N 62 39.86 40.27 -80.44
N ILE N 63 41.15 39.92 -80.35
CA ILE N 63 42.15 40.67 -81.09
C ILE N 63 42.07 40.33 -82.58
N PHE N 64 41.58 39.14 -82.92
CA PHE N 64 41.40 38.81 -84.34
C PHE N 64 40.29 39.64 -84.96
N LEU N 65 39.15 39.75 -84.27
CA LEU N 65 38.10 40.65 -84.73
C LEU N 65 38.56 42.10 -84.66
N GLU N 66 39.50 42.42 -83.76
CA GLU N 66 40.07 43.76 -83.72
C GLU N 66 40.85 44.05 -85.00
N ASN N 67 41.60 43.07 -85.51
CA ASN N 67 42.31 43.24 -86.77
C ASN N 67 41.33 43.40 -87.93
N HIS N 68 40.24 42.65 -87.92
CA HIS N 68 39.29 42.69 -89.02
C HIS N 68 38.62 44.05 -89.15
N VAL N 69 38.23 44.65 -88.02
CA VAL N 69 37.59 45.96 -88.07
C VAL N 69 38.60 47.04 -88.46
N ARG N 70 39.84 46.92 -87.99
CA ARG N 70 40.87 47.90 -88.33
C ARG N 70 41.12 47.94 -89.82
N HIS N 71 41.20 46.78 -90.47
CA HIS N 71 41.31 46.76 -91.92
C HIS N 71 40.05 47.30 -92.58
N LEU N 72 38.89 46.96 -92.04
CA LEU N 72 37.63 47.48 -92.59
C LEU N 72 37.52 48.98 -92.37
N HIS N 73 37.91 49.47 -91.19
CA HIS N 73 37.87 50.90 -90.94
C HIS N 73 38.89 51.65 -91.79
N LYS N 74 39.99 51.00 -92.15
CA LYS N 74 40.93 51.61 -93.09
C LYS N 74 40.29 51.78 -94.47
N ARG N 75 39.50 50.80 -94.90
CA ARG N 75 38.78 50.91 -96.16
C ARG N 75 37.69 51.98 -96.11
N VAL N 76 37.22 52.35 -94.91
CA VAL N 76 36.19 53.37 -94.78
C VAL N 76 36.75 54.75 -95.12
N LEU N 77 37.94 55.06 -94.60
CA LEU N 77 38.50 56.41 -94.78
C LEU N 77 38.97 56.65 -96.21
N GLU N 78 39.47 55.61 -96.88
CA GLU N 78 40.02 55.79 -98.22
C GLU N 78 38.94 56.01 -99.28
N SER N 79 37.66 55.79 -98.96
CA SER N 79 36.57 55.99 -99.89
C SER N 79 35.79 57.24 -99.49
N GLU N 80 35.57 58.13 -100.45
CA GLU N 80 34.83 59.37 -100.24
C GLU N 80 33.55 59.34 -101.04
N GLU N 81 32.43 59.58 -100.36
CA GLU N 81 31.07 59.67 -100.91
C GLU N 81 30.55 58.33 -101.43
N GLN N 82 31.38 57.28 -101.42
CA GLN N 82 30.95 55.95 -101.81
C GLN N 82 30.98 54.97 -100.65
N VAL N 83 31.46 55.38 -99.48
CA VAL N 83 31.51 54.49 -98.32
C VAL N 83 30.10 54.11 -97.87
N LEU N 84 29.14 55.03 -98.00
CA LEU N 84 27.77 54.72 -97.62
C LEU N 84 27.16 53.66 -98.53
N VAL N 85 27.52 53.66 -99.81
CA VAL N 85 27.00 52.65 -100.74
C VAL N 85 27.52 51.27 -100.36
N MET N 86 28.81 51.16 -100.07
CA MET N 86 29.40 49.90 -99.66
C MET N 86 29.21 49.61 -98.17
N TYR N 87 28.64 50.56 -97.41
CA TYR N 87 28.37 50.31 -96.00
C TYR N 87 27.34 49.19 -95.83
N HIS N 88 26.20 49.32 -96.51
CA HIS N 88 25.20 48.26 -96.47
C HIS N 88 25.66 47.01 -97.22
N ARG N 89 26.66 47.13 -98.09
CA ARG N 89 27.25 45.95 -98.71
C ARG N 89 28.18 45.20 -97.76
N TYR N 90 28.83 45.93 -96.85
CA TYR N 90 29.77 45.34 -95.90
C TYR N 90 29.13 45.00 -94.56
N TRP N 91 28.37 45.95 -93.99
CA TRP N 91 27.77 45.74 -92.67
C TRP N 91 26.77 44.59 -92.68
N GLU N 92 25.95 44.51 -93.72
CA GLU N 92 24.99 43.41 -93.82
C GLU N 92 25.71 42.07 -93.92
N GLU N 93 26.80 42.01 -94.70
CA GLU N 93 27.62 40.81 -94.74
C GLU N 93 28.28 40.56 -93.38
N TYR N 94 28.76 41.62 -92.73
CA TYR N 94 29.40 41.48 -91.43
C TYR N 94 28.39 41.07 -90.36
N SER N 95 27.17 41.62 -90.43
CA SER N 95 26.13 41.24 -89.48
C SER N 95 25.77 39.76 -89.60
N LYS N 96 25.71 39.25 -90.84
CA LYS N 96 25.49 37.82 -91.03
C LYS N 96 26.68 37.01 -90.54
N GLY N 97 27.89 37.58 -90.63
CA GLY N 97 29.06 36.90 -90.08
C GLY N 97 29.03 36.80 -88.58
N ALA N 98 28.47 37.79 -87.89
CA ALA N 98 28.37 37.75 -86.44
C ALA N 98 27.47 36.59 -85.99
N ASP N 99 26.34 36.41 -86.66
CA ASP N 99 25.49 35.26 -86.39
C ASP N 99 26.20 33.96 -86.75
N TYR N 100 26.94 33.96 -87.86
CA TYR N 100 27.70 32.78 -88.25
C TYR N 100 28.80 32.48 -87.24
N MET N 101 29.50 33.52 -86.75
CA MET N 101 30.51 33.31 -85.74
C MET N 101 29.91 32.88 -84.42
N ASP N 102 28.74 33.43 -84.06
CA ASP N 102 28.09 33.09 -82.81
C ASP N 102 27.71 31.61 -82.77
N CYS N 103 27.18 31.09 -83.88
CA CYS N 103 26.84 29.67 -83.93
C CYS N 103 28.09 28.80 -83.89
N LEU N 104 29.18 29.25 -84.50
CA LEU N 104 30.42 28.47 -84.48
C LEU N 104 30.95 28.30 -83.07
N TYR N 105 30.90 29.37 -82.27
CA TYR N 105 31.38 29.31 -80.89
C TYR N 105 30.24 28.92 -79.95
N ARG N 106 29.62 27.78 -80.26
CA ARG N 106 28.44 27.35 -79.51
C ARG N 106 28.78 27.02 -78.06
N TYR N 107 29.86 26.27 -77.84
CA TYR N 107 30.21 25.90 -76.48
C TYR N 107 30.84 27.05 -75.72
N LEU N 108 31.60 27.91 -76.40
CA LEU N 108 32.18 29.08 -75.72
C LEU N 108 31.08 30.05 -75.29
N ASN N 109 30.05 30.22 -76.12
CA ASN N 109 28.95 31.10 -75.76
C ASN N 109 28.13 30.53 -74.62
N THR N 110 27.86 29.22 -74.66
CA THR N 110 26.90 28.64 -73.71
C THR N 110 27.48 28.54 -72.31
N GLN N 111 28.72 28.06 -72.18
CA GLN N 111 29.22 27.66 -70.87
C GLN N 111 30.61 28.21 -70.56
N PHE N 112 31.04 29.27 -71.23
CA PHE N 112 32.20 30.01 -70.75
C PHE N 112 31.91 31.48 -70.50
N ILE N 113 31.30 32.17 -71.47
CA ILE N 113 31.12 33.62 -71.33
C ILE N 113 29.91 33.93 -70.46
N LYS N 114 28.93 33.03 -70.41
CA LYS N 114 27.87 33.15 -69.42
C LYS N 114 28.33 32.69 -68.04
N LYS N 115 29.48 32.01 -67.96
CA LYS N 115 29.99 31.56 -66.67
C LYS N 115 30.58 32.72 -65.88
N ASN N 116 31.19 33.68 -66.57
CA ASN N 116 31.77 34.84 -65.89
C ASN N 116 30.68 35.77 -65.38
N PRO N 135 31.89 41.56 -66.27
CA PRO N 135 32.69 42.47 -67.08
C PRO N 135 32.97 41.95 -68.49
N LEU N 136 33.06 40.63 -68.63
CA LEU N 136 33.30 40.04 -69.94
C LEU N 136 32.04 40.17 -70.81
N MET N 137 32.26 40.35 -72.10
CA MET N 137 31.18 40.66 -73.03
C MET N 137 31.04 39.55 -74.06
N GLU N 138 29.81 39.33 -74.50
CA GLU N 138 29.45 38.12 -75.24
C GLU N 138 30.11 38.07 -76.61
N ILE N 139 30.61 36.88 -76.97
CA ILE N 139 31.27 36.69 -78.26
C ILE N 139 30.28 36.90 -79.41
N GLY N 140 29.04 36.41 -79.24
CA GLY N 140 28.05 36.56 -80.30
C GLY N 140 27.74 38.01 -80.63
N GLU N 141 27.68 38.86 -79.61
CA GLU N 141 27.51 40.29 -79.81
C GLU N 141 28.83 41.04 -79.84
N LEU N 142 29.96 40.34 -79.78
CA LEU N 142 31.25 41.03 -79.84
C LEU N 142 31.45 41.71 -81.19
N ALA N 143 31.12 41.02 -82.27
CA ALA N 143 31.18 41.65 -83.59
C ALA N 143 30.15 42.76 -83.71
N LEU N 144 28.98 42.57 -83.10
CA LEU N 144 27.95 43.60 -83.15
C LEU N 144 28.33 44.83 -82.34
N ASP N 145 28.90 44.61 -81.15
CA ASP N 145 29.24 45.74 -80.28
C ASP N 145 30.48 46.48 -80.75
N MET N 146 31.50 45.75 -81.21
CA MET N 146 32.74 46.41 -81.60
C MET N 146 32.60 47.21 -82.89
N TRP N 147 31.57 46.93 -83.69
CA TRP N 147 31.28 47.79 -84.83
C TRP N 147 30.91 49.19 -84.37
N ARG N 148 30.10 49.30 -83.31
CA ARG N 148 29.73 50.60 -82.78
C ARG N 148 30.93 51.33 -82.19
N LYS N 149 31.77 50.62 -81.42
CA LYS N 149 32.84 51.27 -80.69
C LYS N 149 33.99 51.67 -81.61
N LEU N 150 34.37 50.79 -82.53
CA LEU N 150 35.62 51.00 -83.26
C LEU N 150 35.46 51.92 -84.46
N MET N 151 34.40 51.76 -85.24
CA MET N 151 34.26 52.51 -86.48
C MET N 151 33.08 53.47 -86.52
N VAL N 152 32.00 53.19 -85.79
CA VAL N 152 30.87 54.11 -85.79
C VAL N 152 31.22 55.40 -85.06
N GLU N 153 31.93 55.29 -83.93
CA GLU N 153 32.30 56.48 -83.17
C GLU N 153 33.17 57.46 -83.95
N PRO N 154 34.20 57.04 -84.70
CA PRO N 154 34.86 58.00 -85.60
C PRO N 154 33.94 58.56 -86.67
N LEU N 155 32.97 57.77 -87.12
CA LEU N 155 32.05 58.18 -88.18
C LEU N 155 30.84 58.93 -87.68
N GLN N 156 30.70 59.09 -86.36
CA GLN N 156 29.56 59.81 -85.80
C GLN N 156 29.99 61.17 -85.26
N ASP O 2 0.79 4.70 -81.36
CA ASP O 2 1.97 5.18 -82.10
C ASP O 2 3.15 4.27 -81.80
N VAL O 3 3.91 3.93 -82.84
CA VAL O 3 5.04 3.01 -82.73
C VAL O 3 6.29 3.69 -83.25
N PHE O 4 7.34 3.71 -82.44
CA PHE O 4 8.62 4.30 -82.79
C PHE O 4 9.61 3.18 -83.08
N LEU O 5 10.34 3.31 -84.18
CA LEU O 5 11.25 2.25 -84.61
C LEU O 5 12.47 2.87 -85.25
N MET O 6 13.54 2.08 -85.33
CA MET O 6 14.69 2.41 -86.16
C MET O 6 14.86 1.32 -87.20
N ILE O 7 15.30 1.73 -88.39
CA ILE O 7 15.45 0.83 -89.53
C ILE O 7 16.91 0.81 -89.94
N ARG O 8 17.54 -0.36 -89.90
CA ARG O 8 18.97 -0.49 -90.09
C ARG O 8 19.26 -1.49 -91.19
N ARG O 9 19.82 -1.01 -92.30
CA ARG O 9 20.20 -1.88 -93.40
C ARG O 9 21.66 -2.31 -93.30
N HIS O 10 22.58 -1.34 -93.38
CA HIS O 10 23.97 -1.56 -93.02
C HIS O 10 24.38 -0.68 -91.85
N LYS O 11 24.25 0.63 -91.98
CA LYS O 11 24.42 1.53 -90.85
C LYS O 11 23.42 2.68 -90.82
N THR O 12 22.67 2.93 -91.89
CA THR O 12 21.66 3.96 -91.85
C THR O 12 20.58 3.59 -90.84
N THR O 13 20.05 4.61 -90.16
CA THR O 13 19.12 4.39 -89.05
C THR O 13 17.97 5.37 -89.21
N ILE O 14 16.74 4.86 -89.21
CA ILE O 14 15.58 5.67 -89.49
C ILE O 14 14.72 5.82 -88.23
N PHE O 15 14.94 6.91 -87.49
CA PHE O 15 14.16 7.18 -86.29
C PHE O 15 12.89 7.94 -86.67
N THR O 16 11.93 7.19 -87.21
CA THR O 16 10.67 7.75 -87.67
C THR O 16 9.52 6.98 -87.03
N ASP O 17 8.56 7.72 -86.48
CA ASP O 17 7.40 7.11 -85.85
C ASP O 17 6.40 6.61 -86.90
N ALA O 18 5.51 5.73 -86.46
CA ALA O 18 4.45 5.23 -87.31
C ALA O 18 3.32 4.73 -86.42
N LYS O 19 2.09 4.80 -86.96
CA LYS O 19 0.93 4.34 -86.20
C LYS O 19 0.98 2.82 -86.04
N GLU O 20 0.47 2.35 -84.89
CA GLU O 20 0.46 0.92 -84.61
C GLU O 20 -0.43 0.14 -85.56
N SER O 21 -1.41 0.80 -86.19
CA SER O 21 -2.30 0.16 -87.15
C SER O 21 -1.81 0.29 -88.58
N SER O 22 -0.69 0.97 -88.80
CA SER O 22 -0.16 1.13 -90.15
C SER O 22 0.46 -0.19 -90.63
N THR O 23 0.51 -0.33 -91.95
CA THR O 23 1.09 -1.50 -92.59
C THR O 23 2.55 -1.21 -92.97
N VAL O 24 3.25 -2.28 -93.33
CA VAL O 24 4.65 -2.16 -93.71
C VAL O 24 4.83 -1.33 -94.98
N PHE O 25 3.81 -1.31 -95.84
CA PHE O 25 3.92 -0.68 -97.16
C PHE O 25 4.24 0.81 -97.04
N GLU O 26 3.52 1.53 -96.17
CA GLU O 26 3.75 2.96 -96.05
C GLU O 26 5.08 3.26 -95.36
N LEU O 27 5.51 2.40 -94.45
CA LEU O 27 6.82 2.58 -93.83
C LEU O 27 7.95 2.40 -94.83
N LYS O 28 7.74 1.56 -95.85
CA LYS O 28 8.74 1.43 -96.91
C LYS O 28 8.86 2.70 -97.72
N ARG O 29 7.77 3.46 -97.87
CA ARG O 29 7.83 4.73 -98.57
C ARG O 29 8.60 5.78 -97.76
N ILE O 30 8.61 5.64 -96.44
CA ILE O 30 9.38 6.57 -95.62
C ILE O 30 10.87 6.36 -95.82
N VAL O 31 11.30 5.11 -95.98
CA VAL O 31 12.72 4.81 -96.16
C VAL O 31 13.24 5.41 -97.47
N GLU O 32 12.46 5.30 -98.54
CA GLU O 32 12.87 5.84 -99.83
C GLU O 32 12.88 7.37 -99.86
N GLY O 33 12.30 8.02 -98.85
CA GLY O 33 12.33 9.48 -98.82
C GLY O 33 13.73 10.06 -98.71
N ILE O 34 14.61 9.37 -97.98
CA ILE O 34 15.99 9.81 -97.81
C ILE O 34 16.96 8.88 -98.53
N LEU O 35 16.72 7.57 -98.49
CA LEU O 35 17.61 6.62 -99.16
C LEU O 35 17.49 6.66 -100.67
N LYS O 36 16.45 7.32 -101.20
CA LYS O 36 16.17 7.47 -102.63
C LYS O 36 16.45 6.19 -103.42
N ARG O 37 15.86 5.09 -102.96
CA ARG O 37 15.96 3.81 -103.61
C ARG O 37 14.57 3.24 -103.84
N PRO O 38 14.40 2.42 -104.88
CA PRO O 38 13.08 1.83 -105.15
C PRO O 38 12.60 0.97 -103.99
N PRO O 39 11.30 1.00 -103.69
CA PRO O 39 10.80 0.30 -102.51
C PRO O 39 10.63 -1.20 -102.71
N ASP O 40 10.47 -1.63 -103.96
CA ASP O 40 10.33 -3.06 -104.23
C ASP O 40 11.62 -3.80 -103.95
N GLU O 41 12.76 -3.19 -104.30
CA GLU O 41 14.05 -3.82 -104.02
C GLU O 41 14.30 -3.93 -102.52
N GLN O 42 13.95 -2.87 -101.77
CA GLN O 42 14.20 -2.87 -100.34
C GLN O 42 13.29 -3.87 -99.63
N ARG O 43 13.89 -4.70 -98.78
CA ARG O 43 13.15 -5.64 -97.96
C ARG O 43 13.68 -5.58 -96.53
N LEU O 44 12.78 -5.80 -95.58
CA LEU O 44 13.06 -5.64 -94.16
C LEU O 44 13.09 -7.00 -93.48
N TYR O 45 13.94 -7.12 -92.46
CA TYR O 45 14.17 -8.40 -91.79
C TYR O 45 14.34 -8.14 -90.29
N LYS O 46 13.25 -8.23 -89.54
CA LYS O 46 13.34 -8.19 -88.09
C LYS O 46 13.70 -9.58 -87.57
N ASP O 47 14.62 -9.62 -86.61
CA ASP O 47 15.25 -10.85 -86.09
C ASP O 47 15.55 -11.85 -87.20
N ASP O 48 16.13 -11.34 -88.29
CA ASP O 48 16.45 -12.13 -89.48
C ASP O 48 15.22 -12.85 -90.03
N GLN O 49 14.09 -12.16 -90.07
CA GLN O 49 12.85 -12.71 -90.60
C GLN O 49 12.13 -11.64 -91.41
N LEU O 50 11.80 -11.96 -92.66
CA LEU O 50 11.15 -11.00 -93.54
C LEU O 50 9.74 -10.70 -93.05
N LEU O 51 9.31 -9.47 -93.28
CA LEU O 51 7.99 -8.99 -92.88
C LEU O 51 7.12 -8.81 -94.11
N ASP O 52 5.91 -9.37 -94.07
CA ASP O 52 4.99 -9.24 -95.19
C ASP O 52 4.39 -7.84 -95.20
N ASP O 53 4.18 -7.31 -96.41
CA ASP O 53 3.58 -5.98 -96.55
C ASP O 53 2.10 -5.98 -96.19
N GLY O 54 1.43 -7.13 -96.30
CA GLY O 54 0.01 -7.18 -95.99
C GLY O 54 -0.29 -6.95 -94.52
N LYS O 55 0.50 -7.57 -93.63
CA LYS O 55 0.25 -7.44 -92.20
C LYS O 55 0.64 -6.06 -91.71
N THR O 56 -0.13 -5.57 -90.73
CA THR O 56 0.10 -4.24 -90.17
C THR O 56 1.23 -4.30 -89.15
N LEU O 57 1.56 -3.13 -88.60
CA LEU O 57 2.66 -3.04 -87.63
C LEU O 57 2.33 -3.80 -86.35
N GLY O 58 1.07 -3.79 -85.94
CA GLY O 58 0.67 -4.48 -84.72
C GLY O 58 0.74 -5.99 -84.83
N GLU O 59 0.75 -6.54 -86.05
CA GLU O 59 0.82 -7.98 -86.24
C GLU O 59 2.25 -8.50 -86.32
N CYS O 60 3.25 -7.63 -86.32
CA CYS O 60 4.65 -8.03 -86.36
C CYS O 60 5.29 -8.02 -84.97
N GLY O 61 4.51 -7.83 -83.91
CA GLY O 61 5.04 -7.73 -82.58
C GLY O 61 5.52 -6.36 -82.17
N PHE O 62 5.41 -5.36 -83.06
CA PHE O 62 5.81 -3.99 -82.74
C PHE O 62 4.69 -3.24 -82.03
N THR O 63 4.33 -3.76 -80.85
CA THR O 63 3.27 -3.16 -80.06
C THR O 63 3.70 -1.79 -79.54
N SER O 64 2.76 -0.85 -79.51
CA SER O 64 3.04 0.49 -79.00
C SER O 64 3.48 0.48 -77.55
N GLN O 65 3.13 -0.56 -76.80
CA GLN O 65 3.56 -0.67 -75.41
C GLN O 65 5.00 -1.16 -75.27
N THR O 66 5.60 -1.67 -76.35
CA THR O 66 7.00 -2.06 -76.34
C THR O 66 7.81 -1.33 -77.40
N ALA O 67 7.30 -0.18 -77.88
CA ALA O 67 7.97 0.65 -78.86
C ALA O 67 8.05 2.09 -78.37
N ARG O 68 8.49 2.25 -77.13
CA ARG O 68 8.57 3.57 -76.52
C ARG O 68 9.64 4.40 -77.22
N PRO O 69 9.50 5.73 -77.21
CA PRO O 69 10.52 6.59 -77.82
C PRO O 69 11.89 6.43 -77.19
N GLN O 70 11.97 6.15 -75.89
CA GLN O 70 13.26 6.01 -75.23
C GLN O 70 13.96 4.73 -75.65
N ALA O 71 13.20 3.63 -75.81
CA ALA O 71 13.73 2.35 -76.23
C ALA O 71 12.88 1.79 -77.37
N PRO O 72 13.00 2.35 -78.56
CA PRO O 72 12.22 1.84 -79.70
C PRO O 72 12.71 0.48 -80.15
N ALA O 73 11.78 -0.33 -80.65
CA ALA O 73 12.11 -1.65 -81.14
C ALA O 73 12.84 -1.55 -82.47
N THR O 74 13.60 -2.60 -82.79
CA THR O 74 14.46 -2.61 -83.96
C THR O 74 13.87 -3.46 -85.08
N VAL O 75 14.26 -3.13 -86.31
CA VAL O 75 13.85 -3.88 -87.49
C VAL O 75 14.94 -3.73 -88.54
N GLY O 76 15.26 -4.84 -89.21
CA GLY O 76 16.31 -4.85 -90.20
C GLY O 76 15.84 -4.35 -91.56
N LEU O 77 16.80 -4.31 -92.48
CA LEU O 77 16.52 -3.86 -93.84
C LEU O 77 17.56 -4.44 -94.77
N ALA O 78 17.15 -4.70 -96.01
CA ALA O 78 18.07 -5.24 -97.00
C ALA O 78 17.60 -4.82 -98.39
N PHE O 79 18.56 -4.64 -99.29
CA PHE O 79 18.26 -4.29 -100.67
C PHE O 79 17.84 -5.53 -101.45
N LEU O 88 21.87 -10.14 -94.18
CA LEU O 88 21.93 -8.89 -93.44
C LEU O 88 23.35 -8.58 -93.01
N CYS O 89 23.69 -7.29 -92.97
CA CYS O 89 25.02 -6.83 -92.57
C CYS O 89 24.90 -5.67 -91.59
N ILE O 90 24.06 -5.84 -90.58
CA ILE O 90 23.86 -4.83 -89.55
C ILE O 90 25.03 -4.93 -88.58
N GLU O 91 26.03 -4.06 -88.76
CA GLU O 91 27.15 -4.09 -87.85
C GLU O 91 26.79 -3.39 -86.53
N PRO O 92 27.36 -3.83 -85.41
CA PRO O 92 27.12 -3.13 -84.15
C PRO O 92 27.72 -1.73 -84.16
N PHE O 93 27.15 -0.87 -83.33
CA PHE O 93 27.62 0.51 -83.22
C PHE O 93 29.06 0.56 -82.72
N SER O 94 29.25 0.15 -81.46
CA SER O 94 30.56 0.12 -80.83
C SER O 94 30.42 -0.62 -79.52
N SER O 95 31.56 -0.85 -78.86
CA SER O 95 31.57 -1.51 -77.57
C SER O 95 31.78 -0.46 -76.49
N PRO O 96 30.78 -0.19 -75.64
CA PRO O 96 31.00 0.74 -74.54
C PRO O 96 32.07 0.20 -73.60
N PRO O 97 32.83 1.08 -72.96
CA PRO O 97 33.90 0.62 -72.06
C PRO O 97 33.34 -0.21 -70.91
N GLU O 98 33.85 -1.43 -70.79
CA GLU O 98 33.33 -2.37 -69.80
C GLU O 98 33.74 -1.89 -68.42
N LEU O 99 32.79 -1.31 -67.70
CA LEU O 99 33.05 -0.81 -66.37
C LEU O 99 33.26 -1.97 -65.40
N PRO O 100 34.15 -1.81 -64.41
CA PRO O 100 34.38 -2.88 -63.45
C PRO O 100 33.16 -3.13 -62.57
N ASP O 101 33.00 -4.36 -62.14
CA ASP O 101 31.90 -4.72 -61.25
C ASP O 101 32.20 -4.42 -59.79
N VAL O 102 33.41 -3.94 -59.48
CA VAL O 102 33.83 -3.54 -58.13
C VAL O 102 33.80 -4.72 -57.16
N MET O 103 32.62 -5.31 -56.96
CA MET O 103 32.51 -6.41 -56.01
C MET O 103 33.13 -7.71 -56.51
N LYS O 104 33.52 -7.78 -57.77
CA LYS O 104 34.25 -8.95 -58.23
C LYS O 104 35.62 -8.99 -57.58
N PRO O 105 36.11 -10.17 -57.21
CA PRO O 105 37.48 -10.27 -56.68
C PRO O 105 38.50 -9.91 -57.74
N GLN O 106 39.62 -9.37 -57.28
CA GLN O 106 40.69 -8.94 -58.18
C GLN O 106 42.06 -9.30 -57.64
N MET P 1 15.13 18.01 -94.69
CA MET P 1 14.20 17.72 -93.61
C MET P 1 14.81 16.60 -92.75
N TYR P 2 15.75 15.87 -93.33
CA TYR P 2 16.54 14.88 -92.61
C TYR P 2 17.97 15.37 -92.46
N VAL P 3 18.58 15.05 -91.31
CA VAL P 3 19.93 15.49 -90.98
C VAL P 3 20.82 14.25 -90.90
N LYS P 4 21.91 14.26 -91.65
CA LYS P 4 22.85 13.14 -91.69
C LYS P 4 23.75 13.24 -90.46
N LEU P 5 23.46 12.42 -89.45
CA LEU P 5 24.21 12.45 -88.19
C LEU P 5 25.19 11.28 -88.19
N ILE P 6 26.40 11.55 -88.68
CA ILE P 6 27.44 10.53 -88.70
C ILE P 6 28.08 10.45 -87.31
N SER P 7 28.87 9.41 -87.08
CA SER P 7 29.54 9.19 -85.80
C SER P 7 31.05 9.31 -86.00
N SER P 8 31.79 9.03 -84.93
CA SER P 8 33.24 8.97 -85.04
C SER P 8 33.68 7.82 -85.94
N ASP P 9 32.99 6.68 -85.84
CA ASP P 9 33.33 5.48 -86.60
C ASP P 9 32.59 5.40 -87.93
N GLY P 10 32.19 6.53 -88.49
CA GLY P 10 31.48 6.55 -89.76
C GLY P 10 30.13 5.86 -89.72
N HIS P 11 29.34 6.10 -88.67
CA HIS P 11 28.04 5.49 -88.51
C HIS P 11 26.99 6.59 -88.54
N GLU P 12 26.04 6.48 -89.48
CA GLU P 12 25.06 7.53 -89.70
C GLU P 12 23.77 7.25 -88.93
N PHE P 13 23.16 8.32 -88.42
CA PHE P 13 22.02 8.23 -87.51
C PHE P 13 20.95 9.24 -87.91
N ILE P 14 20.56 9.23 -89.18
CA ILE P 14 19.66 10.27 -89.69
C ILE P 14 18.32 10.28 -88.96
N VAL P 15 17.79 11.48 -88.73
CA VAL P 15 16.56 11.66 -87.97
C VAL P 15 15.92 12.95 -88.47
N LYS P 16 14.64 13.14 -88.14
CA LYS P 16 13.91 14.33 -88.55
C LYS P 16 14.57 15.60 -88.01
N ARG P 17 14.53 16.66 -88.81
CA ARG P 17 15.24 17.89 -88.44
C ARG P 17 14.64 18.51 -87.18
N GLU P 18 13.31 18.49 -87.05
CA GLU P 18 12.69 19.06 -85.86
C GLU P 18 13.05 18.27 -84.60
N HIS P 19 13.35 16.98 -84.74
CA HIS P 19 13.83 16.22 -83.60
C HIS P 19 15.28 16.57 -83.26
N ALA P 20 16.09 16.86 -84.28
CA ALA P 20 17.49 17.19 -84.05
C ALA P 20 17.70 18.62 -83.59
N LEU P 21 16.66 19.45 -83.56
CA LEU P 21 16.78 20.81 -83.09
C LEU P 21 16.66 20.94 -81.58
N THR P 22 16.45 19.83 -80.86
CA THR P 22 16.44 19.89 -79.41
C THR P 22 17.80 20.34 -78.87
N SER P 23 18.87 19.77 -79.41
CA SER P 23 20.22 20.16 -79.00
C SER P 23 20.61 21.47 -79.68
N GLY P 24 21.11 22.41 -78.90
CA GLY P 24 21.48 23.71 -79.43
C GLY P 24 22.74 23.69 -80.28
N THR P 25 23.61 22.71 -80.09
CA THR P 25 24.82 22.64 -80.90
C THR P 25 24.50 22.20 -82.32
N ILE P 26 23.66 21.18 -82.47
CA ILE P 26 23.30 20.71 -83.81
C ILE P 26 22.57 21.82 -84.57
N LYS P 27 21.71 22.56 -83.87
CA LYS P 27 21.09 23.74 -84.47
C LYS P 27 22.13 24.74 -84.95
N ALA P 28 23.23 24.88 -84.19
CA ALA P 28 24.33 25.73 -84.64
C ALA P 28 25.15 25.07 -85.74
N MET P 29 25.25 23.73 -85.73
CA MET P 29 25.96 23.04 -86.79
C MET P 29 25.22 23.16 -88.13
N LEU P 30 23.89 23.10 -88.09
CA LEU P 30 23.12 23.27 -89.31
C LEU P 30 23.22 24.69 -89.84
N SER P 31 23.28 25.67 -88.95
CA SER P 31 23.44 27.06 -89.37
C SER P 31 24.84 27.29 -89.92
N GLY P 32 24.96 28.32 -90.75
CA GLY P 32 26.22 28.65 -91.37
C GLY P 32 26.48 27.80 -92.60
N PRO P 33 27.71 27.87 -93.14
CA PRO P 33 28.08 27.05 -94.29
C PRO P 33 27.83 25.57 -94.07
N GLY P 34 26.91 24.99 -94.84
CA GLY P 34 26.59 23.59 -94.72
C GLY P 34 25.46 23.32 -93.76
N THR P 41 20.88 21.03 -93.41
CA THR P 41 20.18 19.76 -93.62
C THR P 41 21.09 18.76 -94.32
N ASN P 42 22.34 18.67 -93.88
CA ASN P 42 23.32 17.77 -94.48
C ASN P 42 24.11 17.11 -93.36
N GLU P 43 25.22 16.47 -93.73
CA GLU P 43 26.05 15.78 -92.76
C GLU P 43 26.88 16.76 -91.95
N VAL P 44 27.17 16.38 -90.71
CA VAL P 44 27.96 17.18 -89.78
C VAL P 44 29.02 16.30 -89.15
N ASN P 45 30.24 16.83 -89.03
CA ASN P 45 31.34 16.06 -88.47
C ASN P 45 31.12 15.81 -86.98
N PHE P 46 31.28 14.56 -86.57
CA PHE P 46 31.16 14.15 -85.18
C PHE P 46 32.32 13.24 -84.81
N ARG P 47 33.54 13.67 -85.12
CA ARG P 47 34.72 12.83 -84.97
C ARG P 47 35.02 12.48 -83.52
N GLU P 48 34.47 13.21 -82.56
CA GLU P 48 34.76 12.95 -81.15
C GLU P 48 33.75 12.01 -80.51
N ILE P 49 32.47 12.27 -80.69
CA ILE P 49 31.44 11.44 -80.06
C ILE P 49 31.38 10.08 -80.76
N PRO P 50 31.46 8.98 -80.02
CA PRO P 50 31.34 7.66 -80.65
C PRO P 50 29.90 7.32 -80.97
N SER P 51 29.73 6.20 -81.67
CA SER P 51 28.42 5.80 -82.18
C SER P 51 27.52 5.20 -81.11
N HIS P 52 28.09 4.46 -80.15
CA HIS P 52 27.26 3.80 -79.15
C HIS P 52 26.57 4.80 -78.23
N VAL P 53 27.18 5.97 -78.03
CA VAL P 53 26.54 7.00 -77.22
C VAL P 53 25.72 7.98 -78.05
N LEU P 54 26.03 8.14 -79.34
CA LEU P 54 25.23 9.01 -80.18
C LEU P 54 23.89 8.37 -80.52
N SER P 55 23.83 7.03 -80.49
CA SER P 55 22.55 6.37 -80.68
C SER P 55 21.59 6.71 -79.55
N LYS P 56 22.08 6.76 -78.31
CA LYS P 56 21.23 7.14 -77.19
C LYS P 56 20.80 8.59 -77.27
N VAL P 57 21.65 9.47 -77.81
CA VAL P 57 21.25 10.85 -78.03
C VAL P 57 20.09 10.92 -79.01
N CYS P 58 20.18 10.15 -80.10
CA CYS P 58 19.10 10.12 -81.08
C CYS P 58 17.84 9.50 -80.48
N MET P 59 18.01 8.50 -79.61
CA MET P 59 16.85 7.96 -78.91
C MET P 59 16.24 8.99 -77.97
N TYR P 60 17.06 9.87 -77.39
CA TYR P 60 16.53 10.94 -76.56
C TYR P 60 15.79 11.98 -77.40
N PHE P 61 16.23 12.19 -78.65
CA PHE P 61 15.62 13.23 -79.47
C PHE P 61 14.14 12.98 -79.69
N THR P 62 13.79 11.74 -80.07
CA THR P 62 12.38 11.41 -80.21
C THR P 62 11.69 11.31 -78.86
N TYR P 63 12.46 11.09 -77.78
CA TYR P 63 11.87 11.07 -76.45
C TYR P 63 11.54 12.46 -75.96
N LYS P 64 12.38 13.45 -76.28
CA LYS P 64 12.14 14.82 -75.83
C LYS P 64 10.94 15.43 -76.55
N VAL P 65 10.91 15.33 -77.87
CA VAL P 65 9.90 16.03 -78.66
C VAL P 65 8.53 15.42 -78.45
N ARG P 66 8.44 14.09 -78.45
CA ARG P 66 7.15 13.44 -78.31
C ARG P 66 6.51 13.71 -76.96
N TYR P 67 7.33 13.77 -75.90
CA TYR P 67 6.81 13.88 -74.54
C TYR P 67 6.68 15.32 -74.05
N THR P 68 6.87 16.30 -74.93
CA THR P 68 6.67 17.69 -74.53
C THR P 68 5.22 17.91 -74.13
N ASN P 69 5.03 18.71 -73.07
CA ASN P 69 3.75 19.02 -72.44
C ASN P 69 2.82 17.81 -72.34
N SER P 70 3.38 16.66 -71.96
CA SER P 70 2.59 15.45 -71.85
C SER P 70 1.62 15.54 -70.68
N SER P 71 0.41 15.01 -70.90
CA SER P 71 -0.59 14.98 -69.83
C SER P 71 -0.25 13.92 -68.79
N THR P 72 0.32 12.80 -69.23
CA THR P 72 0.68 11.72 -68.33
C THR P 72 2.11 11.91 -67.80
N GLU P 73 2.42 11.18 -66.73
CA GLU P 73 3.76 11.24 -66.16
C GLU P 73 4.76 10.61 -67.12
N ILE P 74 5.85 11.33 -67.36
CA ILE P 74 6.85 10.88 -68.33
C ILE P 74 7.73 9.82 -67.69
N PRO P 75 7.88 8.65 -68.32
CA PRO P 75 8.80 7.64 -67.77
C PRO P 75 10.24 8.11 -67.84
N GLU P 76 11.05 7.58 -66.92
CA GLU P 76 12.47 7.93 -66.86
C GLU P 76 13.17 7.48 -68.14
N PHE P 77 13.99 8.36 -68.69
CA PHE P 77 14.81 8.01 -69.85
C PHE P 77 15.92 7.07 -69.40
N PRO P 78 16.02 5.86 -69.93
CA PRO P 78 17.04 4.91 -69.47
C PRO P 78 18.41 5.28 -70.00
N ILE P 79 19.37 5.45 -69.10
CA ILE P 79 20.76 5.70 -69.44
C ILE P 79 21.59 4.66 -68.71
N ALA P 80 22.10 3.67 -69.44
CA ALA P 80 22.74 2.52 -68.82
C ALA P 80 23.99 2.94 -68.05
N PRO P 81 24.32 2.22 -66.98
CA PRO P 81 25.51 2.60 -66.19
C PRO P 81 26.80 2.59 -66.98
N GLU P 82 26.97 1.65 -67.92
CA GLU P 82 28.20 1.61 -68.70
C GLU P 82 28.29 2.76 -69.69
N ILE P 83 27.16 3.40 -70.01
CA ILE P 83 27.13 4.47 -70.98
C ILE P 83 26.96 5.84 -70.35
N ALA P 84 26.69 5.92 -69.04
CA ALA P 84 26.27 7.16 -68.42
C ALA P 84 27.35 8.23 -68.50
N LEU P 85 28.60 7.87 -68.21
CA LEU P 85 29.66 8.87 -68.16
C LEU P 85 29.97 9.40 -69.55
N GLU P 86 30.02 8.53 -70.55
CA GLU P 86 30.30 8.99 -71.90
C GLU P 86 29.13 9.78 -72.48
N LEU P 87 27.90 9.39 -72.15
CA LEU P 87 26.73 10.11 -72.63
C LEU P 87 26.65 11.51 -72.03
N LEU P 88 27.11 11.68 -70.80
CA LEU P 88 26.98 12.97 -70.13
C LEU P 88 27.80 14.04 -70.84
N MET P 89 29.03 13.71 -71.24
CA MET P 89 29.84 14.66 -71.99
C MET P 89 29.21 14.94 -73.35
N ALA P 90 28.61 13.92 -73.97
CA ALA P 90 27.89 14.14 -75.22
C ALA P 90 26.71 15.07 -75.02
N ALA P 91 26.03 14.95 -73.88
CA ALA P 91 24.91 15.85 -73.59
C ALA P 91 25.39 17.28 -73.43
N ASN P 92 26.56 17.48 -72.81
CA ASN P 92 27.08 18.83 -72.64
C ASN P 92 27.63 19.39 -73.95
N PHE P 93 28.35 18.56 -74.71
CA PHE P 93 28.91 19.03 -75.98
C PHE P 93 27.80 19.40 -76.96
N LEU P 94 26.76 18.57 -77.04
CA LEU P 94 25.61 18.87 -77.88
C LEU P 94 24.69 19.90 -77.25
N ASP P 95 24.87 20.19 -75.97
CA ASP P 95 23.98 21.10 -75.21
C ASP P 95 22.53 20.66 -75.32
N CYS P 96 22.33 19.34 -75.36
CA CYS P 96 21.00 18.77 -75.46
C CYS P 96 20.29 18.82 -74.12
N GLN Q 10 8.93 52.89 -21.93
CA GLN Q 10 9.22 52.58 -20.53
C GLN Q 10 10.03 53.70 -19.88
N LYS Q 11 10.60 53.39 -18.71
CA LYS Q 11 11.41 54.38 -18.00
C LYS Q 11 12.71 54.66 -18.73
N ARG Q 12 13.40 53.61 -19.18
CA ARG Q 12 14.70 53.74 -19.82
C ARG Q 12 14.56 53.95 -21.32
N ALA Q 13 15.58 54.53 -21.92
CA ALA Q 13 15.63 54.68 -23.37
C ALA Q 13 16.05 53.35 -24.00
N SER Q 14 16.15 53.35 -25.33
CA SER Q 14 16.58 52.15 -26.05
C SER Q 14 18.01 51.81 -25.68
N GLY Q 15 18.26 50.54 -25.41
CA GLY Q 15 19.58 50.10 -24.98
C GLY Q 15 20.62 50.28 -26.06
N GLN Q 16 21.87 50.39 -25.62
CA GLN Q 16 22.98 50.57 -26.54
C GLN Q 16 24.28 50.04 -25.93
N GLN R 10 -9.43 17.62 -10.51
CA GLN R 10 -9.64 16.47 -11.38
C GLN R 10 -11.08 15.98 -11.30
N LYS R 11 -11.86 16.28 -12.34
CA LYS R 11 -13.27 15.93 -12.36
C LYS R 11 -13.76 15.36 -13.68
N ARG R 12 -12.98 15.41 -14.76
CA ARG R 12 -13.42 15.02 -16.08
C ARG R 12 -12.92 13.64 -16.49
N ALA R 13 -12.32 12.89 -15.56
CA ALA R 13 -11.70 11.59 -15.83
C ALA R 13 -10.59 11.69 -16.86
N SER R 14 -10.02 10.54 -17.23
CA SER R 14 -8.89 10.54 -18.17
C SER R 14 -9.36 10.99 -19.55
N GLY R 15 -8.57 11.88 -20.16
CA GLY R 15 -8.88 12.32 -21.49
C GLY R 15 -8.72 11.21 -22.51
N GLN R 16 -9.67 11.13 -23.44
CA GLN R 16 -9.66 10.11 -24.46
C GLN R 16 -8.64 10.43 -25.55
N ASP S 2 60.83 -15.15 -19.90
CA ASP S 2 60.47 -16.09 -20.95
C ASP S 2 60.56 -15.41 -22.31
N VAL S 3 61.58 -15.76 -23.10
CA VAL S 3 61.80 -15.17 -24.41
C VAL S 3 61.27 -16.12 -25.47
N PHE S 4 60.51 -15.57 -26.43
CA PHE S 4 59.89 -16.36 -27.47
C PHE S 4 60.69 -16.24 -28.76
N LEU S 5 60.91 -17.37 -29.42
CA LEU S 5 61.82 -17.46 -30.54
C LEU S 5 61.12 -18.07 -31.74
N MET S 6 61.78 -17.97 -32.88
CA MET S 6 61.26 -18.39 -34.18
C MET S 6 62.29 -19.19 -34.95
N ILE S 7 62.82 -20.24 -34.30
CA ILE S 7 63.87 -21.05 -34.90
C ILE S 7 63.41 -21.59 -36.23
N ARG S 8 64.04 -21.15 -37.31
CA ARG S 8 63.57 -21.48 -38.65
C ARG S 8 64.74 -21.76 -39.58
N ARG S 9 64.56 -22.77 -40.43
CA ARG S 9 65.52 -23.09 -41.47
C ARG S 9 64.76 -23.50 -42.73
N HIS S 10 65.27 -23.07 -43.89
CA HIS S 10 64.66 -23.35 -45.18
C HIS S 10 63.18 -23.00 -45.19
N LYS S 11 62.33 -24.01 -45.02
CA LYS S 11 60.88 -23.82 -44.93
C LYS S 11 60.36 -23.91 -43.51
N THR S 12 60.94 -24.77 -42.68
CA THR S 12 60.46 -24.97 -41.32
C THR S 12 60.63 -23.69 -40.51
N THR S 13 59.64 -23.40 -39.65
CA THR S 13 59.61 -22.16 -38.88
C THR S 13 59.18 -22.46 -37.44
N ILE S 14 59.89 -23.38 -36.79
CA ILE S 14 59.56 -23.83 -35.43
C ILE S 14 59.33 -22.65 -34.50
N PHE S 15 58.26 -22.73 -33.71
CA PHE S 15 57.93 -21.74 -32.70
C PHE S 15 58.08 -22.37 -31.33
N THR S 16 58.98 -21.83 -30.51
CA THR S 16 59.22 -22.34 -29.16
C THR S 16 59.32 -21.16 -28.20
N ASP S 17 59.79 -21.43 -26.99
CA ASP S 17 60.05 -20.40 -26.00
C ASP S 17 61.11 -20.91 -25.03
N ALA S 18 61.77 -19.96 -24.36
CA ALA S 18 62.78 -20.30 -23.37
C ALA S 18 62.93 -19.13 -22.41
N LYS S 19 63.59 -19.39 -21.28
CA LYS S 19 63.81 -18.35 -20.30
C LYS S 19 64.86 -17.36 -20.81
N GLU S 20 64.92 -16.20 -20.15
CA GLU S 20 65.86 -15.16 -20.55
C GLU S 20 67.30 -15.61 -20.37
N SER S 21 67.59 -16.30 -19.26
CA SER S 21 68.92 -16.77 -18.94
C SER S 21 69.12 -18.25 -19.24
N SER S 22 68.18 -18.87 -19.94
CA SER S 22 68.31 -20.28 -20.28
C SER S 22 69.47 -20.51 -21.25
N THR S 23 70.05 -21.70 -21.17
CA THR S 23 71.21 -22.03 -22.00
C THR S 23 70.79 -22.24 -23.45
N VAL S 24 71.72 -21.95 -24.36
CA VAL S 24 71.49 -22.16 -25.77
C VAL S 24 71.47 -23.66 -26.10
N PHE S 25 72.20 -24.47 -25.33
CA PHE S 25 72.26 -25.90 -25.64
C PHE S 25 70.91 -26.58 -25.49
N GLU S 26 70.17 -26.27 -24.42
CA GLU S 26 68.86 -26.90 -24.25
C GLU S 26 67.86 -26.41 -25.29
N LEU S 27 68.10 -25.24 -25.87
CA LEU S 27 67.31 -24.80 -27.01
C LEU S 27 67.50 -25.73 -28.21
N LYS S 28 68.75 -26.17 -28.43
CA LYS S 28 68.99 -27.19 -29.44
C LYS S 28 68.38 -28.53 -29.04
N ARG S 29 68.29 -28.79 -27.73
CA ARG S 29 67.65 -30.01 -27.25
C ARG S 29 66.16 -30.02 -27.56
N ILE S 30 65.51 -28.86 -27.52
CA ILE S 30 64.11 -28.77 -27.93
C ILE S 30 63.96 -29.12 -29.41
N VAL S 31 64.84 -28.57 -30.24
CA VAL S 31 64.84 -28.92 -31.66
C VAL S 31 65.28 -30.37 -31.85
N GLU S 32 66.10 -30.89 -30.94
CA GLU S 32 66.54 -32.28 -31.03
C GLU S 32 65.37 -33.25 -30.94
N GLY S 33 64.40 -32.97 -30.07
CA GLY S 33 63.25 -33.81 -29.91
C GLY S 33 62.15 -33.60 -30.91
N ILE S 34 62.36 -32.77 -31.92
CA ILE S 34 61.36 -32.46 -32.93
C ILE S 34 61.69 -33.12 -34.27
N LEU S 35 62.84 -32.79 -34.86
CA LEU S 35 63.29 -33.39 -36.10
C LEU S 35 64.25 -34.55 -35.87
N LYS S 36 64.24 -35.14 -34.68
CA LYS S 36 65.08 -36.25 -34.23
C LYS S 36 66.53 -36.13 -34.71
N ARG S 37 67.10 -34.91 -34.65
CA ARG S 37 68.49 -34.71 -34.97
C ARG S 37 69.31 -34.55 -33.70
N PRO S 38 70.56 -35.02 -33.70
CA PRO S 38 71.41 -34.84 -32.53
C PRO S 38 71.68 -33.37 -32.28
N PRO S 39 71.85 -32.97 -31.02
CA PRO S 39 72.08 -31.54 -30.72
C PRO S 39 73.34 -30.98 -31.35
N ASP S 40 74.41 -31.78 -31.45
CA ASP S 40 75.61 -31.32 -32.12
C ASP S 40 75.48 -31.35 -33.64
N GLU S 41 74.50 -32.11 -34.16
CA GLU S 41 74.26 -32.13 -35.60
C GLU S 41 73.75 -30.78 -36.11
N GLN S 42 72.96 -30.09 -35.29
CA GLN S 42 72.35 -28.83 -35.68
C GLN S 42 73.19 -27.66 -35.20
N ARG S 43 73.26 -26.61 -36.02
CA ARG S 43 74.05 -25.42 -35.71
C ARG S 43 73.15 -24.21 -35.83
N LEU S 44 73.10 -23.40 -34.77
CA LEU S 44 72.23 -22.24 -34.70
C LEU S 44 72.97 -21.03 -35.29
N TYR S 45 72.69 -20.74 -36.56
CA TYR S 45 73.28 -19.57 -37.22
C TYR S 45 72.40 -18.35 -36.95
N LYS S 46 72.44 -17.91 -35.70
CA LYS S 46 71.65 -16.78 -35.23
C LYS S 46 72.16 -15.50 -35.86
N ASP S 47 71.35 -14.91 -36.75
CA ASP S 47 71.66 -13.63 -37.41
C ASP S 47 73.01 -13.64 -38.11
N ASP S 48 73.34 -14.78 -38.73
CA ASP S 48 74.56 -14.94 -39.52
C ASP S 48 75.82 -14.65 -38.70
N GLN S 49 75.82 -15.06 -37.43
CA GLN S 49 77.01 -14.98 -36.61
C GLN S 49 77.15 -16.27 -35.82
N LEU S 50 78.39 -16.60 -35.46
CA LEU S 50 78.67 -17.84 -34.77
C LEU S 50 78.03 -17.87 -33.39
N LEU S 51 77.45 -19.02 -33.04
CA LEU S 51 76.85 -19.23 -31.73
C LEU S 51 77.38 -20.55 -31.19
N ASP S 52 78.14 -20.48 -30.10
CA ASP S 52 78.72 -21.67 -29.51
C ASP S 52 77.64 -22.55 -28.88
N ASP S 53 77.98 -23.83 -28.70
CA ASP S 53 77.04 -24.78 -28.11
C ASP S 53 76.73 -24.45 -26.65
N GLY S 54 77.56 -23.67 -25.99
CA GLY S 54 77.29 -23.26 -24.62
C GLY S 54 76.53 -21.95 -24.56
N LYS S 55 77.14 -20.94 -23.94
CA LYS S 55 76.59 -19.59 -23.84
C LYS S 55 75.23 -19.57 -23.16
N THR S 56 74.50 -18.46 -23.32
CA THR S 56 73.17 -18.32 -22.76
C THR S 56 72.41 -17.29 -23.56
N LEU S 57 71.09 -17.27 -23.38
CA LEU S 57 70.23 -16.38 -24.15
C LEU S 57 70.37 -14.93 -23.74
N GLY S 58 70.81 -14.66 -22.50
CA GLY S 58 70.92 -13.28 -22.05
C GLY S 58 71.95 -12.49 -22.83
N GLU S 59 73.12 -13.08 -23.06
CA GLU S 59 74.18 -12.47 -23.84
C GLU S 59 74.23 -13.02 -25.26
N CYS S 60 73.22 -13.77 -25.68
CA CYS S 60 73.17 -14.28 -27.05
C CYS S 60 73.06 -13.16 -28.07
N GLY S 61 72.46 -12.04 -27.69
CA GLY S 61 72.30 -10.92 -28.58
C GLY S 61 70.92 -10.31 -28.49
N PHE S 62 70.00 -11.02 -27.86
CA PHE S 62 68.63 -10.55 -27.71
C PHE S 62 68.15 -10.84 -26.29
N THR S 63 67.18 -10.06 -25.85
CA THR S 63 66.54 -10.22 -24.56
C THR S 63 65.10 -10.66 -24.76
N SER S 64 64.34 -10.72 -23.67
CA SER S 64 62.93 -11.07 -23.78
C SER S 64 62.11 -9.94 -24.40
N GLN S 65 62.51 -8.69 -24.19
CA GLN S 65 61.73 -7.56 -24.66
C GLN S 65 61.90 -7.33 -26.16
N THR S 66 63.09 -7.58 -26.70
CA THR S 66 63.31 -7.40 -28.13
C THR S 66 62.92 -8.63 -28.94
N ALA S 67 62.57 -9.72 -28.30
CA ALA S 67 62.04 -10.92 -28.95
C ALA S 67 60.72 -11.33 -28.31
N ARG S 68 59.84 -10.35 -28.16
CA ARG S 68 58.55 -10.55 -27.52
C ARG S 68 57.67 -11.46 -28.38
N PRO S 69 56.68 -12.12 -27.79
CA PRO S 69 55.78 -12.98 -28.58
C PRO S 69 54.98 -12.22 -29.62
N GLN S 70 54.83 -10.90 -29.46
CA GLN S 70 54.17 -10.09 -30.49
C GLN S 70 54.90 -10.19 -31.82
N ALA S 71 56.23 -10.11 -31.79
CA ALA S 71 57.05 -10.26 -32.99
C ALA S 71 58.38 -10.91 -32.61
N PRO S 72 58.40 -12.23 -32.48
CA PRO S 72 59.63 -12.90 -32.06
C PRO S 72 60.73 -12.80 -33.11
N ALA S 73 61.97 -12.85 -32.63
CA ALA S 73 63.13 -12.69 -33.49
C ALA S 73 63.54 -14.03 -34.09
N THR S 74 63.90 -14.00 -35.38
CA THR S 74 64.27 -15.21 -36.08
C THR S 74 65.62 -15.74 -35.60
N VAL S 75 65.75 -17.06 -35.62
CA VAL S 75 67.00 -17.76 -35.32
C VAL S 75 67.23 -18.79 -36.40
N GLY S 76 68.39 -18.73 -37.04
CA GLY S 76 68.71 -19.68 -38.08
C GLY S 76 69.03 -21.06 -37.54
N LEU S 77 69.13 -22.02 -38.45
CA LEU S 77 69.52 -23.37 -38.08
C LEU S 77 70.04 -24.07 -39.33
N ALA S 78 70.99 -24.98 -39.12
CA ALA S 78 71.53 -25.77 -40.21
C ALA S 78 72.16 -27.03 -39.64
N PHE S 79 72.22 -28.07 -40.46
CA PHE S 79 72.83 -29.34 -40.10
C PHE S 79 74.14 -29.53 -40.84
N ARG S 80 74.88 -30.56 -40.43
CA ARG S 80 76.15 -30.92 -41.06
C ARG S 80 75.93 -32.13 -41.97
N ALA S 81 76.32 -32.00 -43.23
CA ALA S 81 76.20 -33.07 -44.20
C ALA S 81 77.53 -33.29 -44.89
N ASP S 82 77.87 -34.55 -45.15
CA ASP S 82 79.15 -34.94 -45.76
C ASP S 82 80.33 -34.39 -44.97
N ASP S 83 80.26 -34.53 -43.64
CA ASP S 83 81.33 -34.15 -42.72
C ASP S 83 81.67 -32.67 -42.79
N THR S 84 80.70 -31.83 -43.14
CA THR S 84 80.89 -30.38 -43.13
C THR S 84 79.54 -29.71 -42.87
N PHE S 85 79.59 -28.56 -42.22
CA PHE S 85 78.38 -27.84 -41.82
C PHE S 85 77.92 -26.93 -42.96
N GLU S 86 76.65 -27.07 -43.33
CA GLU S 86 76.09 -26.25 -44.40
C GLU S 86 75.69 -24.89 -43.85
N ALA S 87 75.70 -23.89 -44.74
CA ALA S 87 75.30 -22.55 -44.36
C ALA S 87 73.79 -22.44 -44.26
N LEU S 88 73.33 -21.40 -43.58
CA LEU S 88 71.89 -21.16 -43.45
C LEU S 88 71.29 -20.81 -44.82
N CYS S 89 70.09 -21.32 -45.06
CA CYS S 89 69.39 -21.09 -46.33
C CYS S 89 67.93 -20.72 -46.08
N ILE S 90 67.72 -19.78 -45.16
CA ILE S 90 66.38 -19.26 -44.92
C ILE S 90 66.04 -18.25 -46.01
N GLU S 91 64.77 -18.18 -46.36
CA GLU S 91 64.26 -17.29 -47.39
C GLU S 91 63.05 -16.55 -46.86
N PRO S 92 62.73 -15.39 -47.43
CA PRO S 92 61.52 -14.67 -47.00
C PRO S 92 60.27 -15.50 -47.28
N PHE S 93 59.25 -15.27 -46.47
CA PHE S 93 58.02 -16.07 -46.53
C PHE S 93 57.34 -15.94 -47.89
N SER S 94 56.85 -14.75 -48.20
CA SER S 94 56.15 -14.53 -49.46
C SER S 94 56.09 -13.03 -49.72
N SER S 95 55.62 -12.68 -50.92
CA SER S 95 55.47 -11.29 -51.29
C SER S 95 54.02 -10.90 -51.09
N PRO S 96 53.69 -10.11 -50.07
CA PRO S 96 52.29 -9.78 -49.81
C PRO S 96 51.78 -8.74 -50.78
N PRO S 97 50.72 -9.05 -51.53
CA PRO S 97 50.14 -8.13 -52.52
C PRO S 97 49.48 -6.92 -51.89
N MET T 1 51.95 -33.31 -29.74
CA MET T 1 52.57 -32.21 -29.00
C MET T 1 52.87 -31.03 -29.90
N TYR T 2 53.44 -31.29 -31.08
CA TYR T 2 53.75 -30.25 -32.05
C TYR T 2 52.93 -30.47 -33.31
N VAL T 3 52.38 -29.39 -33.85
CA VAL T 3 51.52 -29.44 -35.03
C VAL T 3 52.21 -28.69 -36.16
N LYS T 4 52.31 -29.32 -37.32
CA LYS T 4 53.10 -28.80 -38.43
C LYS T 4 52.17 -28.16 -39.46
N LEU T 5 51.82 -26.90 -39.21
CA LEU T 5 51.01 -26.16 -40.17
C LEU T 5 51.82 -25.87 -41.42
N ILE T 6 51.26 -26.19 -42.59
CA ILE T 6 51.92 -25.96 -43.87
C ILE T 6 51.14 -24.90 -44.63
N SER T 7 51.84 -23.92 -45.16
CA SER T 7 51.22 -22.82 -45.87
C SER T 7 50.88 -23.24 -47.30
N SER T 8 50.45 -22.28 -48.12
CA SER T 8 50.13 -22.58 -49.51
C SER T 8 51.39 -22.95 -50.30
N ASP T 9 52.49 -22.23 -50.07
CA ASP T 9 53.71 -22.41 -50.82
C ASP T 9 54.65 -23.45 -50.23
N GLY T 10 54.24 -24.13 -49.16
CA GLY T 10 55.02 -25.21 -48.59
C GLY T 10 55.81 -24.87 -47.35
N HIS T 11 55.66 -23.67 -46.80
CA HIS T 11 56.40 -23.29 -45.60
C HIS T 11 55.77 -23.94 -44.38
N GLU T 12 56.54 -24.78 -43.70
CA GLU T 12 56.08 -25.38 -42.46
C GLU T 12 56.16 -24.37 -41.33
N PHE T 13 55.25 -24.50 -40.36
CA PHE T 13 55.17 -23.58 -39.24
C PHE T 13 54.95 -24.33 -37.94
N ILE T 14 55.81 -25.31 -37.68
CA ILE T 14 55.68 -26.22 -36.54
C ILE T 14 55.50 -25.45 -35.24
N VAL T 15 54.35 -25.65 -34.58
CA VAL T 15 54.00 -24.95 -33.35
C VAL T 15 53.38 -25.97 -32.40
N LYS T 16 53.34 -25.63 -31.12
CA LYS T 16 52.82 -26.52 -30.10
C LYS T 16 51.33 -26.78 -30.33
N ARG T 17 50.90 -27.99 -29.95
CA ARG T 17 49.51 -28.37 -30.13
C ARG T 17 48.56 -27.50 -29.31
N GLU T 18 48.95 -27.19 -28.06
CA GLU T 18 48.08 -26.38 -27.21
C GLU T 18 47.87 -24.99 -27.80
N HIS T 19 48.92 -24.39 -28.36
CA HIS T 19 48.78 -23.09 -28.98
C HIS T 19 47.86 -23.15 -30.20
N ALA T 20 48.02 -24.17 -31.04
CA ALA T 20 47.28 -24.27 -32.28
C ALA T 20 45.88 -24.83 -32.10
N LEU T 21 45.44 -25.09 -30.88
CA LEU T 21 44.07 -25.50 -30.62
C LEU T 21 43.18 -24.35 -30.18
N THR T 22 43.69 -23.12 -30.18
CA THR T 22 42.82 -21.96 -30.03
C THR T 22 42.16 -21.57 -31.33
N SER T 23 42.53 -22.22 -32.44
CA SER T 23 41.95 -21.98 -33.75
C SER T 23 40.85 -23.00 -33.98
N GLY T 24 39.64 -22.51 -34.23
CA GLY T 24 38.49 -23.40 -34.37
C GLY T 24 38.63 -24.35 -35.55
N THR T 25 39.13 -23.84 -36.68
CA THR T 25 39.32 -24.71 -37.84
C THR T 25 40.44 -25.71 -37.62
N ILE T 26 41.57 -25.25 -37.07
CA ILE T 26 42.68 -26.18 -36.80
C ILE T 26 42.28 -27.21 -35.76
N LYS T 27 41.45 -26.82 -34.78
CA LYS T 27 40.90 -27.81 -33.87
C LYS T 27 40.04 -28.81 -34.61
N ALA T 28 39.24 -28.34 -35.57
CA ALA T 28 38.42 -29.24 -36.37
C ALA T 28 39.26 -29.99 -37.41
N MET T 29 40.33 -29.37 -37.90
CA MET T 29 41.16 -30.03 -38.91
C MET T 29 41.89 -31.24 -38.33
N LEU T 30 42.34 -31.13 -37.07
CA LEU T 30 42.98 -32.26 -36.42
C LEU T 30 41.98 -33.29 -35.93
N SER T 31 40.80 -32.86 -35.50
CA SER T 31 39.78 -33.77 -35.03
C SER T 31 39.16 -34.54 -36.20
N GLY T 32 39.06 -35.86 -36.04
CA GLY T 32 38.48 -36.70 -37.07
C GLY T 32 39.51 -37.58 -37.72
N PRO T 33 39.38 -37.78 -39.03
CA PRO T 33 40.39 -38.57 -39.76
C PRO T 33 41.66 -37.78 -40.04
N GLY T 34 41.85 -36.67 -39.33
CA GLY T 34 43.10 -35.95 -39.30
C GLY T 34 44.03 -36.38 -38.18
N GLN T 35 43.68 -37.44 -37.44
CA GLN T 35 44.54 -37.95 -36.37
C GLN T 35 45.47 -39.06 -36.84
N PHE T 36 45.49 -39.39 -38.13
CA PHE T 36 46.35 -40.45 -38.65
C PHE T 36 47.78 -39.91 -38.71
N ALA T 37 48.36 -39.75 -37.52
CA ALA T 37 49.51 -38.88 -37.33
C ALA T 37 50.80 -39.48 -37.90
N GLU T 38 51.59 -38.62 -38.54
CA GLU T 38 52.98 -38.95 -38.84
C GLU T 38 53.80 -38.68 -37.60
N ASN T 39 54.33 -39.74 -36.99
CA ASN T 39 54.90 -39.68 -35.65
C ASN T 39 53.87 -39.10 -34.69
N GLU T 40 54.29 -38.17 -33.83
CA GLU T 40 53.38 -37.44 -32.95
C GLU T 40 53.09 -36.04 -33.47
N THR T 41 53.52 -35.71 -34.68
CA THR T 41 53.37 -34.38 -35.25
C THR T 41 52.34 -34.44 -36.37
N ASN T 42 51.15 -33.92 -36.11
CA ASN T 42 50.12 -33.82 -37.13
C ASN T 42 50.41 -32.65 -38.04
N GLU T 43 50.38 -32.88 -39.34
CA GLU T 43 50.58 -31.81 -40.31
C GLU T 43 49.24 -31.29 -40.80
N VAL T 44 49.21 -30.00 -41.13
CA VAL T 44 48.02 -29.35 -41.65
C VAL T 44 48.41 -28.64 -42.93
N ASN T 45 47.80 -29.02 -44.05
CA ASN T 45 48.16 -28.49 -45.36
C ASN T 45 47.13 -27.44 -45.75
N PHE T 46 47.37 -26.20 -45.32
CA PHE T 46 46.52 -25.08 -45.72
C PHE T 46 46.72 -24.81 -47.20
N ARG T 47 45.70 -25.12 -48.01
CA ARG T 47 45.82 -24.93 -49.44
C ARG T 47 45.74 -23.46 -49.85
N GLU T 48 44.97 -22.66 -49.11
CA GLU T 48 44.70 -21.28 -49.52
C GLU T 48 45.52 -20.25 -48.77
N ILE T 49 45.84 -20.48 -47.50
CA ILE T 49 46.52 -19.48 -46.67
C ILE T 49 47.98 -19.35 -47.11
N PRO T 50 48.42 -18.15 -47.50
CA PRO T 50 49.82 -17.96 -47.86
C PRO T 50 50.72 -17.92 -46.62
N SER T 51 52.03 -17.97 -46.88
CA SER T 51 52.99 -18.10 -45.80
C SER T 51 53.16 -16.81 -45.01
N HIS T 52 53.14 -15.67 -45.70
CA HIS T 52 53.41 -14.39 -45.03
C HIS T 52 52.36 -14.04 -43.99
N VAL T 53 51.17 -14.63 -44.07
CA VAL T 53 50.12 -14.37 -43.10
C VAL T 53 50.07 -15.49 -42.08
N LEU T 54 50.46 -16.70 -42.50
CA LEU T 54 50.42 -17.84 -41.59
C LEU T 54 51.39 -17.68 -40.44
N SER T 55 52.52 -16.99 -40.67
CA SER T 55 53.39 -16.64 -39.57
C SER T 55 52.70 -15.71 -38.59
N LYS T 56 51.97 -14.72 -39.10
CA LYS T 56 51.26 -13.80 -38.21
C LYS T 56 50.13 -14.49 -37.47
N VAL T 57 49.53 -15.52 -38.05
CA VAL T 57 48.58 -16.32 -37.30
C VAL T 57 49.29 -17.10 -36.20
N CYS T 58 50.41 -17.74 -36.54
CA CYS T 58 51.16 -18.48 -35.55
C CYS T 58 51.73 -17.56 -34.48
N MET T 59 52.25 -16.40 -34.89
CA MET T 59 52.70 -15.41 -33.92
C MET T 59 51.53 -14.87 -33.09
N TYR T 60 50.31 -14.98 -33.59
CA TYR T 60 49.16 -14.71 -32.74
C TYR T 60 48.88 -15.85 -31.77
N PHE T 61 49.14 -17.09 -32.20
CA PHE T 61 48.84 -18.23 -31.35
C PHE T 61 49.62 -18.18 -30.05
N THR T 62 50.92 -17.88 -30.13
CA THR T 62 51.71 -17.72 -28.92
C THR T 62 51.32 -16.44 -28.18
N TYR T 63 50.78 -15.46 -28.89
CA TYR T 63 50.34 -14.22 -28.25
C TYR T 63 49.09 -14.45 -27.42
N LYS T 64 48.18 -15.30 -27.88
CA LYS T 64 46.95 -15.54 -27.14
C LYS T 64 47.21 -16.34 -25.87
N VAL T 65 47.99 -17.42 -25.98
CA VAL T 65 48.15 -18.34 -24.86
C VAL T 65 48.94 -17.68 -23.73
N ARG T 66 50.04 -17.00 -24.06
CA ARG T 66 50.87 -16.42 -23.01
C ARG T 66 50.13 -15.32 -22.25
N TYR T 67 49.35 -14.50 -22.94
CA TYR T 67 48.66 -13.38 -22.33
C TYR T 67 47.25 -13.72 -21.88
N THR T 68 46.87 -14.99 -21.92
CA THR T 68 45.54 -15.38 -21.49
C THR T 68 45.35 -15.06 -20.01
N ASN T 69 44.22 -14.42 -19.70
CA ASN T 69 43.84 -13.94 -18.36
C ASN T 69 45.02 -13.41 -17.56
N SER T 70 45.83 -12.60 -18.22
CA SER T 70 47.01 -12.03 -17.60
C SER T 70 46.63 -10.92 -16.61
N SER T 71 47.52 -10.70 -15.64
CA SER T 71 47.30 -9.63 -14.67
C SER T 71 47.60 -8.26 -15.26
N THR T 72 48.62 -8.17 -16.10
CA THR T 72 49.05 -6.90 -16.66
C THR T 72 48.26 -6.55 -17.92
N GLU T 73 48.42 -5.30 -18.36
CA GLU T 73 47.81 -4.88 -19.61
C GLU T 73 48.53 -5.52 -20.78
N ILE T 74 47.76 -5.94 -21.77
CA ILE T 74 48.30 -6.71 -22.90
C ILE T 74 48.73 -5.76 -24.00
N PRO T 75 49.97 -5.85 -24.48
CA PRO T 75 50.36 -5.08 -25.66
C PRO T 75 49.53 -5.48 -26.87
N GLU T 76 49.22 -4.49 -27.71
CA GLU T 76 48.44 -4.74 -28.90
C GLU T 76 49.23 -5.57 -29.91
N PHE T 77 48.52 -6.43 -30.62
CA PHE T 77 49.16 -7.29 -31.59
C PHE T 77 49.68 -6.46 -32.75
N PRO T 78 50.96 -6.58 -33.10
CA PRO T 78 51.54 -5.78 -34.18
C PRO T 78 51.14 -6.35 -35.54
N ILE T 79 50.21 -5.68 -36.20
CA ILE T 79 49.65 -6.14 -37.45
C ILE T 79 49.96 -5.11 -38.52
N ALA T 80 50.67 -5.54 -39.56
CA ALA T 80 51.05 -4.61 -40.61
C ALA T 80 49.83 -4.21 -41.40
N PRO T 81 49.58 -2.91 -41.61
CA PRO T 81 48.39 -2.50 -42.38
C PRO T 81 48.41 -3.00 -43.81
N GLU T 82 49.55 -3.42 -44.32
CA GLU T 82 49.58 -3.97 -45.66
C GLU T 82 49.02 -5.39 -45.70
N ILE T 83 49.10 -6.13 -44.59
CA ILE T 83 48.52 -7.46 -44.51
C ILE T 83 47.32 -7.51 -43.58
N ALA T 84 46.77 -6.36 -43.21
CA ALA T 84 45.60 -6.37 -42.32
C ALA T 84 44.38 -6.96 -42.99
N LEU T 85 44.40 -7.11 -44.31
CA LEU T 85 43.27 -7.68 -45.04
C LEU T 85 43.40 -9.19 -45.20
N GLU T 86 44.54 -9.67 -45.70
CA GLU T 86 44.72 -11.11 -45.86
C GLU T 86 44.69 -11.82 -44.51
N LEU T 87 45.06 -11.13 -43.44
CA LEU T 87 44.92 -11.71 -42.11
C LEU T 87 43.49 -11.66 -41.64
N LEU T 88 42.72 -10.66 -42.06
CA LEU T 88 41.31 -10.59 -41.68
C LEU T 88 40.51 -11.72 -42.31
N MET T 89 40.82 -12.06 -43.56
CA MET T 89 40.15 -13.18 -44.21
C MET T 89 40.55 -14.51 -43.59
N ALA T 90 41.76 -14.60 -43.07
CA ALA T 90 42.25 -15.82 -42.43
C ALA T 90 42.04 -15.81 -40.92
N ALA T 91 41.33 -14.81 -40.39
CA ALA T 91 41.00 -14.79 -38.97
C ALA T 91 39.62 -15.33 -38.67
N ASN T 92 38.74 -15.40 -39.67
CA ASN T 92 37.47 -16.09 -39.49
C ASN T 92 37.47 -17.47 -40.14
N PHE T 93 38.29 -17.68 -41.16
CA PHE T 93 38.45 -19.02 -41.70
C PHE T 93 39.08 -19.95 -40.67
N LEU T 94 40.07 -19.47 -39.94
CA LEU T 94 40.70 -20.24 -38.87
C LEU T 94 40.00 -20.09 -37.54
N ASP T 95 39.05 -19.17 -37.43
CA ASP T 95 38.29 -18.94 -36.20
C ASP T 95 39.19 -18.62 -35.01
N CYS T 96 40.38 -18.09 -35.28
CA CYS T 96 41.34 -17.82 -34.22
C CYS T 96 41.24 -16.39 -33.75
N TRP U 27 31.48 -34.06 69.72
CA TRP U 27 30.04 -33.95 69.49
C TRP U 27 29.76 -33.32 68.14
N ASN U 28 29.55 -34.16 67.12
CA ASN U 28 29.19 -33.65 65.81
C ASN U 28 27.78 -33.10 65.83
N ALA U 29 27.60 -31.91 65.25
CA ALA U 29 26.33 -31.21 65.31
C ALA U 29 25.96 -30.64 63.96
N VAL U 30 24.66 -30.46 63.75
CA VAL U 30 24.09 -29.96 62.50
C VAL U 30 23.29 -28.71 62.81
N ALA U 31 23.55 -27.64 62.07
CA ALA U 31 22.88 -26.36 62.28
C ALA U 31 22.39 -25.82 60.94
N LEU U 32 21.07 -25.66 60.83
CA LEU U 32 20.47 -25.09 59.62
C LEU U 32 20.52 -23.57 59.73
N TRP U 33 21.56 -22.97 59.16
CA TRP U 33 21.63 -21.52 59.12
C TRP U 33 20.64 -20.97 58.11
N ALA U 34 20.03 -19.83 58.44
CA ALA U 34 19.09 -19.18 57.55
C ALA U 34 19.11 -17.69 57.83
N TRP U 35 18.66 -16.92 56.86
CA TRP U 35 18.51 -15.49 57.06
C TRP U 35 17.32 -15.23 57.98
N ASP U 36 17.51 -14.34 58.96
CA ASP U 36 16.54 -14.16 60.03
C ASP U 36 15.39 -13.24 59.66
N ILE U 37 15.11 -13.07 58.37
CA ILE U 37 13.94 -12.32 57.93
C ILE U 37 12.70 -13.15 58.25
N VAL U 38 11.69 -12.52 58.86
CA VAL U 38 10.49 -13.25 59.26
C VAL U 38 9.70 -13.71 58.03
N VAL U 39 9.69 -12.91 56.97
CA VAL U 39 8.98 -13.32 55.76
C VAL U 39 9.91 -14.14 54.90
N ASP U 40 9.36 -15.15 54.22
CA ASP U 40 10.13 -16.07 53.41
C ASP U 40 9.97 -15.79 51.92
N ASN U 41 9.91 -14.52 51.55
CA ASN U 41 9.65 -14.16 50.16
C ASN U 41 10.21 -12.79 49.84
N CYS U 42 11.20 -12.72 48.96
CA CYS U 42 11.68 -11.44 48.47
C CYS U 42 10.61 -10.77 47.64
N ALA U 43 10.06 -9.68 48.17
CA ALA U 43 8.84 -9.08 47.62
C ALA U 43 9.04 -8.50 46.22
N ILE U 44 10.27 -8.34 45.76
CA ILE U 44 10.49 -7.77 44.44
C ILE U 44 10.50 -8.82 43.35
N CYS U 45 11.02 -10.02 43.64
CA CYS U 45 11.19 -11.05 42.63
C CYS U 45 10.34 -12.28 42.88
N ARG U 46 9.58 -12.31 43.98
CA ARG U 46 8.65 -13.38 44.36
C ARG U 46 9.34 -14.70 44.70
N ASN U 47 10.65 -14.81 44.57
CA ASN U 47 11.32 -16.05 44.96
C ASN U 47 11.48 -16.12 46.47
N HIS U 48 11.79 -17.32 46.94
CA HIS U 48 12.10 -17.51 48.35
C HIS U 48 13.36 -16.72 48.70
N ILE U 49 13.41 -16.24 49.95
CA ILE U 49 14.54 -15.42 50.35
C ILE U 49 15.83 -16.21 50.35
N MET U 50 15.77 -17.52 50.61
CA MET U 50 16.97 -18.33 50.63
C MET U 50 17.48 -18.66 49.24
N ASP U 51 16.60 -18.81 48.27
CA ASP U 51 17.02 -19.18 46.93
C ASP U 51 17.58 -18.00 46.19
N LEU U 52 18.26 -18.28 45.09
CA LEU U 52 18.85 -17.22 44.29
C LEU U 52 17.77 -16.30 43.75
N CYS U 53 18.14 -15.05 43.51
CA CYS U 53 17.20 -14.10 42.94
C CYS U 53 16.86 -14.50 41.52
N ILE U 54 15.79 -13.89 40.99
CA ILE U 54 15.36 -14.25 39.64
C ILE U 54 16.39 -13.79 38.61
N GLU U 55 17.16 -12.75 38.92
CA GLU U 55 18.20 -12.33 37.99
C GLU U 55 19.38 -13.28 38.03
N CYS U 56 19.71 -13.80 39.21
CA CYS U 56 20.80 -14.77 39.33
C CYS U 56 20.40 -16.13 38.79
N GLN U 57 19.11 -16.47 38.81
CA GLN U 57 18.64 -17.72 38.24
C GLN U 57 18.38 -17.63 36.74
N ALA U 58 18.52 -16.45 36.14
CA ALA U 58 18.29 -16.29 34.72
C ALA U 58 19.58 -16.46 33.92
N ASN U 59 20.58 -15.62 34.17
CA ASN U 59 21.82 -15.64 33.42
C ASN U 59 22.96 -16.29 34.21
N GLN U 60 23.17 -15.86 35.45
CA GLN U 60 24.27 -16.36 36.27
C GLN U 60 24.00 -17.75 36.84
N ALA U 61 22.90 -18.40 36.43
CA ALA U 61 22.60 -19.73 36.95
C ALA U 61 23.65 -20.74 36.51
N SER U 62 24.11 -20.64 35.27
CA SER U 62 25.09 -21.58 34.74
C SER U 62 26.53 -21.10 34.89
N ALA U 63 26.75 -19.81 35.13
CA ALA U 63 28.11 -19.28 35.20
C ALA U 63 28.65 -19.25 36.63
N THR U 64 27.99 -18.47 37.50
CA THR U 64 28.47 -18.26 38.87
C THR U 64 27.32 -17.71 39.69
N SER U 65 26.96 -18.39 40.78
CA SER U 65 25.85 -17.95 41.63
C SER U 65 26.16 -18.30 43.09
N GLU U 66 26.92 -17.43 43.77
CA GLU U 66 27.12 -17.57 45.20
C GLU U 66 27.01 -16.27 45.98
N GLU U 67 26.97 -15.11 45.32
CA GLU U 67 27.02 -13.83 45.99
C GLU U 67 25.64 -13.20 46.20
N CYS U 68 24.56 -13.91 45.85
CA CYS U 68 23.23 -13.34 45.97
C CYS U 68 22.78 -13.30 47.42
N THR U 69 23.16 -12.25 48.14
CA THR U 69 22.84 -12.08 49.54
C THR U 69 21.59 -11.23 49.71
N VAL U 70 21.28 -10.85 50.94
CA VAL U 70 20.12 -10.02 51.23
C VAL U 70 20.59 -8.67 51.73
N ALA U 71 19.76 -7.65 51.51
CA ALA U 71 20.04 -6.30 51.96
C ALA U 71 18.84 -5.81 52.74
N TRP U 72 19.05 -5.52 54.02
CA TRP U 72 17.96 -5.06 54.87
C TRP U 72 17.71 -3.57 54.62
N GLY U 73 16.83 -2.97 55.42
CA GLY U 73 16.54 -1.56 55.28
C GLY U 73 16.17 -0.97 56.61
N VAL U 74 15.98 0.35 56.63
CA VAL U 74 15.56 1.02 57.85
C VAL U 74 14.16 0.56 58.23
N CYS U 75 13.31 0.29 57.24
CA CYS U 75 12.00 -0.27 57.50
C CYS U 75 12.04 -1.75 57.85
N ASN U 76 13.23 -2.35 57.91
CA ASN U 76 13.42 -3.76 58.25
C ASN U 76 12.66 -4.68 57.29
N HIS U 77 12.68 -4.32 56.01
CA HIS U 77 12.10 -5.15 54.95
C HIS U 77 13.26 -5.55 54.03
N ALA U 78 13.75 -6.77 54.21
CA ALA U 78 14.96 -7.22 53.53
C ALA U 78 14.61 -8.06 52.32
N PHE U 79 15.23 -7.73 51.19
CA PHE U 79 15.04 -8.44 49.93
C PHE U 79 16.39 -8.95 49.44
N HIS U 80 16.37 -9.62 48.29
CA HIS U 80 17.62 -10.03 47.66
C HIS U 80 18.44 -8.80 47.29
N PHE U 81 19.74 -8.86 47.56
CA PHE U 81 20.59 -7.71 47.28
C PHE U 81 20.68 -7.44 45.79
N HIS U 82 20.64 -8.50 44.97
CA HIS U 82 20.59 -8.29 43.53
C HIS U 82 19.24 -7.77 43.08
N CYS U 83 18.20 -7.92 43.91
CA CYS U 83 16.87 -7.43 43.55
C CYS U 83 16.67 -5.97 43.95
N ILE U 84 17.00 -5.62 45.20
CA ILE U 84 16.76 -4.26 45.67
C ILE U 84 17.69 -3.29 44.96
N SER U 85 18.93 -3.70 44.69
CA SER U 85 19.82 -2.85 43.90
C SER U 85 19.30 -2.68 42.48
N ARG U 86 18.74 -3.76 41.90
CA ARG U 86 18.04 -3.64 40.64
C ARG U 86 16.80 -2.76 40.78
N TRP U 87 16.12 -2.86 41.91
CA TRP U 87 14.92 -2.07 42.14
C TRP U 87 15.25 -0.59 42.24
N LEU U 88 16.38 -0.24 42.87
CA LEU U 88 16.72 1.15 43.08
C LEU U 88 17.13 1.87 41.80
N LYS U 89 17.37 1.14 40.70
CA LYS U 89 17.72 1.79 39.44
C LYS U 89 16.56 2.61 38.88
N THR U 90 15.33 2.30 39.27
CA THR U 90 14.15 3.00 38.78
C THR U 90 13.42 3.77 39.87
N ARG U 91 13.12 3.12 40.98
CA ARG U 91 12.40 3.74 42.08
C ARG U 91 13.21 3.62 43.36
N GLN U 92 13.23 4.69 44.15
CA GLN U 92 14.04 4.77 45.36
C GLN U 92 13.21 4.58 46.62
N VAL U 93 12.23 3.67 46.60
CA VAL U 93 11.37 3.43 47.75
C VAL U 93 11.30 1.93 48.03
N CYS U 94 10.99 1.60 49.27
CA CYS U 94 10.83 0.21 49.65
C CYS U 94 9.57 -0.35 48.98
N PRO U 95 9.68 -1.47 48.27
CA PRO U 95 8.51 -1.98 47.54
C PRO U 95 7.32 -2.34 48.41
N LEU U 96 7.55 -2.83 49.63
CA LEU U 96 6.44 -3.24 50.48
C LEU U 96 5.67 -2.04 51.00
N ASP U 97 6.33 -1.21 51.80
CA ASP U 97 5.75 0.03 52.30
C ASP U 97 6.44 1.20 51.59
N ASN U 98 5.64 2.09 51.01
CA ASN U 98 6.21 3.14 50.18
C ASN U 98 6.93 4.18 51.03
N ARG U 99 8.05 3.78 51.62
CA ARG U 99 8.88 4.63 52.44
C ARG U 99 10.24 4.79 51.76
N GLU U 100 11.01 5.75 52.24
CA GLU U 100 12.35 5.95 51.71
C GLU U 100 13.25 4.79 52.08
N TRP U 101 14.15 4.42 51.17
CA TRP U 101 14.94 3.21 51.29
C TRP U 101 16.39 3.58 51.61
N GLU U 102 16.85 3.17 52.79
CA GLU U 102 18.24 3.31 53.18
C GLU U 102 18.71 1.98 53.77
N PHE U 103 19.81 1.46 53.27
CA PHE U 103 20.32 0.18 53.75
C PHE U 103 20.80 0.29 55.18
N GLN U 104 20.66 -0.81 55.93
CA GLN U 104 21.19 -0.87 57.29
C GLN U 104 22.01 -2.11 57.56
N LYS U 105 21.91 -3.16 56.76
CA LYS U 105 22.63 -4.39 57.05
C LYS U 105 22.81 -5.16 55.75
N TYR U 106 23.89 -5.90 55.58
CA TYR U 106 24.00 -6.71 54.39
C TYR U 106 24.39 -8.10 54.84
N GLY U 107 23.91 -9.12 54.15
CA GLY U 107 24.20 -10.48 54.55
C GLY U 107 25.35 -11.10 53.78
N THR V 1 46.62 -18.47 -55.53
CA THR V 1 45.28 -18.66 -55.00
C THR V 1 45.19 -18.21 -53.55
N SER V 2 44.29 -17.28 -53.27
CA SER V 2 44.05 -16.78 -51.93
C SER V 2 42.66 -17.18 -51.47
N LEU V 3 42.42 -17.02 -50.17
CA LEU V 3 41.15 -17.40 -49.56
C LEU V 3 40.11 -16.30 -49.63
N LYS V 4 40.28 -15.34 -50.53
CA LYS V 4 39.24 -14.36 -50.80
C LYS V 4 38.08 -15.03 -51.54
N PRO V 5 36.89 -14.45 -51.48
CA PRO V 5 35.75 -15.02 -52.21
C PRO V 5 36.03 -15.10 -53.70
N ARG V 6 35.59 -16.20 -54.31
CA ARG V 6 35.79 -16.41 -55.73
C ARG V 6 34.63 -17.22 -56.27
N VAL V 7 34.39 -17.08 -57.57
CA VAL V 7 33.33 -17.85 -58.21
C VAL V 7 33.77 -19.30 -58.32
N VAL V 8 32.90 -20.21 -57.91
CA VAL V 8 33.21 -21.64 -57.91
C VAL V 8 31.97 -22.40 -58.38
N ASP V 9 32.17 -23.38 -59.25
CA ASP V 9 31.06 -24.22 -59.69
C ASP V 9 30.71 -25.20 -58.60
N PHE V 10 29.43 -25.23 -58.22
CA PHE V 10 29.01 -26.06 -57.10
C PHE V 10 29.18 -27.55 -57.42
N ASP V 11 28.86 -27.96 -58.64
CA ASP V 11 28.85 -29.38 -58.97
C ASP V 11 30.24 -30.00 -58.85
N GLU V 12 31.28 -29.28 -59.33
CA GLU V 12 32.63 -29.81 -59.22
C GLU V 12 33.07 -29.91 -57.76
N THR V 13 32.76 -28.88 -56.96
CA THR V 13 33.12 -28.93 -55.54
C THR V 13 32.29 -29.95 -54.79
N TRP V 14 30.98 -29.99 -55.05
CA TRP V 14 30.12 -30.92 -54.35
C TRP V 14 30.47 -32.37 -54.69
N ASN V 15 30.77 -32.65 -55.96
CA ASN V 15 31.20 -34.01 -56.32
C ASN V 15 32.54 -34.35 -55.68
N LYS V 16 33.47 -33.40 -55.64
CA LYS V 16 34.74 -33.64 -54.96
C LYS V 16 34.57 -33.74 -53.45
N LEU V 17 33.48 -33.23 -52.91
CA LEU V 17 33.20 -33.33 -51.49
C LEU V 17 32.24 -34.46 -51.15
N LEU V 18 31.44 -34.91 -52.12
CA LEU V 18 30.53 -36.02 -51.85
C LEU V 18 31.29 -37.31 -51.60
N THR V 19 32.42 -37.51 -52.29
CA THR V 19 33.22 -38.71 -52.06
C THR V 19 33.88 -38.68 -50.69
N THR V 20 34.31 -37.51 -50.22
CA THR V 20 34.87 -37.40 -48.88
C THR V 20 33.79 -37.54 -47.82
N ILE V 21 32.64 -36.87 -48.02
CA ILE V 21 31.58 -36.94 -47.01
C ILE V 21 30.96 -38.34 -46.97
N LYS V 22 31.01 -39.08 -48.08
CA LYS V 22 30.54 -40.45 -48.05
C LYS V 22 31.47 -41.34 -47.24
N ALA V 23 32.78 -41.05 -47.29
CA ALA V 23 33.75 -41.86 -46.56
C ALA V 23 33.89 -41.40 -45.11
N VAL V 24 33.60 -40.13 -44.81
CA VAL V 24 33.67 -39.66 -43.44
C VAL V 24 32.55 -40.27 -42.60
N VAL V 25 31.32 -40.28 -43.14
CA VAL V 25 30.18 -40.78 -42.40
C VAL V 25 30.32 -42.28 -42.14
N MET V 26 30.75 -43.03 -43.14
CA MET V 26 30.91 -44.48 -42.98
C MET V 26 32.23 -44.87 -42.34
N LEU V 27 32.95 -43.91 -41.75
CA LEU V 27 34.24 -44.16 -41.08
C LEU V 27 35.22 -44.90 -41.98
N GLU V 28 35.26 -44.50 -43.24
CA GLU V 28 36.22 -45.06 -44.18
C GLU V 28 37.55 -44.32 -44.02
N TYR V 29 38.47 -44.52 -44.95
CA TYR V 29 39.78 -43.90 -44.89
C TYR V 29 39.85 -42.74 -45.87
N VAL V 30 40.03 -41.53 -45.35
CA VAL V 30 40.34 -40.35 -46.15
C VAL V 30 41.67 -39.79 -45.67
N GLU V 31 42.58 -39.55 -46.62
CA GLU V 31 43.92 -39.15 -46.26
C GLU V 31 43.92 -37.76 -45.64
N ARG V 32 45.00 -37.46 -44.91
CA ARG V 32 45.13 -36.16 -44.26
C ARG V 32 45.16 -35.03 -45.28
N ALA V 33 45.74 -35.28 -46.46
CA ALA V 33 45.80 -34.24 -47.49
C ALA V 33 44.40 -33.88 -47.98
N THR V 34 43.53 -34.87 -48.16
CA THR V 34 42.20 -34.60 -48.69
C THR V 34 41.30 -33.96 -47.64
N TRP V 35 41.38 -34.43 -46.40
CA TRP V 35 40.53 -33.91 -45.34
C TRP V 35 40.83 -32.44 -45.08
N ASN V 36 42.11 -32.06 -45.07
CA ASN V 36 42.46 -30.65 -44.94
C ASN V 36 42.19 -29.88 -46.22
N ASP V 37 42.21 -30.55 -47.37
CA ASP V 37 41.77 -29.92 -48.60
C ASP V 37 40.27 -29.65 -48.56
N ARG V 38 39.50 -30.58 -47.98
CA ARG V 38 38.06 -30.46 -48.00
C ARG V 38 37.54 -29.36 -47.11
N PHE V 39 38.36 -28.83 -46.19
CA PHE V 39 37.93 -27.68 -45.41
C PHE V 39 37.89 -26.43 -46.26
N SER V 40 38.82 -26.29 -47.20
CA SER V 40 38.82 -25.12 -48.07
C SER V 40 37.64 -25.14 -49.02
N ASP V 41 37.24 -26.32 -49.49
CA ASP V 41 36.09 -26.42 -50.36
C ASP V 41 34.80 -26.05 -49.64
N ILE V 42 34.71 -26.39 -48.35
CA ILE V 42 33.57 -25.94 -47.54
C ILE V 42 33.59 -24.43 -47.42
N TYR V 43 34.75 -23.85 -47.17
CA TYR V 43 34.85 -22.40 -47.05
C TYR V 43 34.54 -21.71 -48.37
N ALA V 44 35.10 -22.22 -49.47
CA ALA V 44 34.90 -21.59 -50.77
C ALA V 44 33.46 -21.66 -51.24
N LEU V 45 32.64 -22.51 -50.63
CA LEU V 45 31.22 -22.55 -50.94
C LEU V 45 30.41 -21.61 -50.07
N CYS V 46 30.80 -21.38 -48.83
CA CYS V 46 30.06 -20.47 -47.96
C CYS V 46 30.35 -19.00 -48.24
N VAL V 47 31.36 -18.70 -49.06
CA VAL V 47 31.67 -17.32 -49.39
C VAL V 47 31.76 -17.15 -50.90
N ALA V 48 31.20 -18.10 -51.65
CA ALA V 48 31.25 -18.03 -53.11
C ALA V 48 30.50 -16.81 -53.61
N TYR V 49 31.00 -16.25 -54.72
CA TYR V 49 30.57 -15.10 -55.50
C TYR V 49 29.89 -15.54 -56.78
N PRO V 50 28.77 -14.92 -57.17
CA PRO V 50 28.06 -13.81 -56.52
C PRO V 50 27.18 -14.27 -55.37
N GLU V 51 26.57 -15.43 -55.49
CA GLU V 51 25.68 -15.90 -54.43
C GLU V 51 26.45 -16.84 -53.51
N PRO V 52 26.38 -16.64 -52.20
CA PRO V 52 27.00 -17.59 -51.27
C PRO V 52 26.29 -18.93 -51.30
N LEU V 53 26.99 -19.97 -51.75
CA LEU V 53 26.37 -21.29 -51.86
C LEU V 53 26.41 -22.00 -50.52
N GLY V 54 25.93 -21.36 -49.47
CA GLY V 54 25.86 -21.99 -48.17
C GLY V 54 24.53 -22.68 -47.98
N GLU V 55 23.47 -22.13 -48.60
CA GLU V 55 22.16 -22.78 -48.52
C GLU V 55 22.11 -24.02 -49.40
N ARG V 56 22.68 -23.95 -50.60
CA ARG V 56 22.71 -25.12 -51.47
C ARG V 56 23.56 -26.23 -50.87
N LEU V 57 24.68 -25.87 -50.25
CA LEU V 57 25.53 -26.85 -49.58
C LEU V 57 24.80 -27.53 -48.43
N TYR V 58 24.05 -26.75 -47.65
CA TYR V 58 23.33 -27.33 -46.53
C TYR V 58 22.12 -28.12 -46.97
N THR V 59 21.49 -27.74 -48.10
CA THR V 59 20.38 -28.51 -48.62
C THR V 59 20.85 -29.82 -49.23
N GLU V 60 21.93 -29.78 -50.02
CA GLU V 60 22.43 -30.99 -50.65
C GLU V 60 22.94 -31.98 -49.61
N THR V 61 23.57 -31.49 -48.56
CA THR V 61 23.99 -32.36 -47.46
C THR V 61 22.78 -32.95 -46.73
N LYS V 62 21.75 -32.12 -46.48
CA LYS V 62 20.54 -32.61 -45.87
C LYS V 62 19.88 -33.70 -46.70
N ILE V 63 19.86 -33.51 -48.03
CA ILE V 63 19.34 -34.54 -48.92
C ILE V 63 20.27 -35.76 -48.92
N PHE V 64 21.58 -35.52 -48.83
CA PHE V 64 22.52 -36.64 -48.83
C PHE V 64 22.39 -37.47 -47.56
N LEU V 65 22.31 -36.81 -46.40
CA LEU V 65 22.15 -37.56 -45.16
C LEU V 65 20.81 -38.28 -45.12
N GLU V 66 19.74 -37.62 -45.56
CA GLU V 66 18.44 -38.27 -45.65
C GLU V 66 18.49 -39.46 -46.60
N ASN V 67 19.30 -39.37 -47.65
CA ASN V 67 19.53 -40.54 -48.50
C ASN V 67 20.30 -41.62 -47.74
N HIS V 68 21.29 -41.23 -46.95
CA HIS V 68 22.18 -42.22 -46.35
C HIS V 68 21.50 -43.01 -45.24
N VAL V 69 20.78 -42.34 -44.34
CA VAL V 69 20.19 -43.06 -43.22
C VAL V 69 19.10 -44.00 -43.70
N ARG V 70 18.31 -43.57 -44.70
CA ARG V 70 17.31 -44.48 -45.25
C ARG V 70 17.95 -45.57 -46.10
N HIS V 71 19.18 -45.36 -46.57
CA HIS V 71 19.93 -46.46 -47.16
C HIS V 71 20.37 -47.46 -46.10
N LEU V 72 20.86 -46.95 -44.97
CA LEU V 72 21.19 -47.84 -43.86
C LEU V 72 19.92 -48.46 -43.29
N HIS V 73 18.79 -47.75 -43.37
CA HIS V 73 17.53 -48.30 -42.88
C HIS V 73 17.09 -49.51 -43.71
N LYS V 74 17.39 -49.50 -45.01
CA LYS V 74 17.05 -50.65 -45.84
C LYS V 74 18.00 -51.81 -45.62
N ARG V 75 19.21 -51.54 -45.12
CA ARG V 75 20.16 -52.61 -44.83
C ARG V 75 19.99 -53.19 -43.44
N VAL V 76 19.09 -52.63 -42.63
CA VAL V 76 18.82 -53.15 -41.30
C VAL V 76 17.44 -53.80 -41.22
N LEU V 77 16.44 -53.18 -41.85
CA LEU V 77 15.09 -53.74 -41.80
C LEU V 77 15.04 -55.11 -42.47
N GLU V 78 15.81 -55.31 -43.54
CA GLU V 78 15.84 -56.61 -44.20
C GLU V 78 16.55 -57.65 -43.35
N SER V 79 17.48 -57.23 -42.49
CA SER V 79 18.25 -58.16 -41.67
C SER V 79 17.51 -58.40 -40.35
N GLU V 80 16.40 -59.13 -40.46
CA GLU V 80 15.63 -59.50 -39.29
C GLU V 80 16.38 -60.53 -38.45
N GLU V 81 15.99 -60.63 -37.18
CA GLU V 81 16.55 -61.52 -36.15
C GLU V 81 17.97 -61.11 -35.77
N GLN V 82 18.56 -60.11 -36.42
CA GLN V 82 19.86 -59.58 -36.07
C GLN V 82 19.89 -58.07 -36.18
N VAL V 83 18.75 -57.42 -35.91
CA VAL V 83 18.66 -55.97 -36.03
C VAL V 83 19.57 -55.30 -35.01
N LEU V 84 19.58 -55.81 -33.77
CA LEU V 84 20.35 -55.17 -32.71
C LEU V 84 21.84 -55.18 -33.00
N VAL V 85 22.35 -56.30 -33.55
CA VAL V 85 23.76 -56.33 -33.93
C VAL V 85 24.01 -55.42 -35.13
N MET V 86 23.08 -55.40 -36.08
CA MET V 86 23.25 -54.59 -37.28
C MET V 86 23.02 -53.11 -37.01
N TYR V 87 22.10 -52.77 -36.11
CA TYR V 87 21.86 -51.37 -35.79
C TYR V 87 23.07 -50.76 -35.12
N HIS V 88 23.62 -51.42 -34.11
CA HIS V 88 24.76 -50.87 -33.40
C HIS V 88 26.02 -50.86 -34.26
N ARG V 89 26.14 -51.82 -35.17
CA ARG V 89 27.26 -51.76 -36.12
C ARG V 89 27.13 -50.57 -37.04
N TYR V 90 25.90 -50.22 -37.43
CA TYR V 90 25.64 -49.06 -38.25
C TYR V 90 25.41 -47.79 -37.44
N TRP V 91 25.41 -47.88 -36.12
CA TRP V 91 25.25 -46.68 -35.30
C TRP V 91 26.58 -46.11 -34.85
N GLU V 92 27.51 -46.97 -34.40
CA GLU V 92 28.83 -46.47 -34.02
C GLU V 92 29.61 -45.97 -35.22
N GLU V 93 29.27 -46.42 -36.43
CA GLU V 93 29.85 -45.82 -37.63
C GLU V 93 29.25 -44.45 -37.90
N TYR V 94 27.96 -44.29 -37.63
CA TYR V 94 27.28 -43.03 -37.90
C TYR V 94 27.41 -42.04 -36.75
N SER V 95 27.49 -42.51 -35.50
CA SER V 95 27.68 -41.59 -34.40
C SER V 95 29.03 -40.89 -34.47
N LYS V 96 30.08 -41.64 -34.82
CA LYS V 96 31.36 -41.02 -35.11
C LYS V 96 31.34 -40.35 -36.48
N GLY V 97 30.50 -40.82 -37.39
CA GLY V 97 30.39 -40.22 -38.70
C GLY V 97 29.55 -38.97 -38.73
N ALA V 98 29.02 -38.54 -37.58
CA ALA V 98 28.33 -37.27 -37.52
C ALA V 98 29.21 -36.20 -36.88
N ASP V 99 29.90 -36.54 -35.80
CA ASP V 99 30.82 -35.58 -35.18
C ASP V 99 32.00 -35.28 -36.10
N TYR V 100 32.49 -36.28 -36.83
CA TYR V 100 33.54 -36.04 -37.80
C TYR V 100 33.05 -35.13 -38.92
N MET V 101 31.83 -35.38 -39.41
CA MET V 101 31.26 -34.52 -40.43
C MET V 101 30.85 -33.17 -39.87
N ASP V 102 30.62 -33.08 -38.56
CA ASP V 102 30.38 -31.79 -37.94
C ASP V 102 31.63 -30.93 -37.97
N CYS V 103 32.80 -31.54 -37.77
CA CYS V 103 34.04 -30.78 -37.83
C CYS V 103 34.33 -30.28 -39.24
N LEU V 104 34.05 -31.12 -40.25
CA LEU V 104 34.28 -30.71 -41.63
C LEU V 104 33.40 -29.53 -42.02
N TYR V 105 32.17 -29.51 -41.53
CA TYR V 105 31.22 -28.44 -41.82
C TYR V 105 31.26 -27.35 -40.77
N ARG V 106 32.40 -27.12 -40.12
CA ARG V 106 32.42 -26.18 -39.01
C ARG V 106 32.18 -24.76 -39.48
N TYR V 107 32.73 -24.39 -40.65
CA TYR V 107 32.50 -23.04 -41.15
C TYR V 107 31.03 -22.83 -41.51
N LEU V 108 30.41 -23.82 -42.17
CA LEU V 108 29.00 -23.71 -42.47
C LEU V 108 28.16 -23.68 -41.20
N ASN V 109 28.55 -24.45 -40.19
CA ASN V 109 27.81 -24.47 -38.94
C ASN V 109 27.81 -23.11 -38.27
N THR V 110 28.96 -22.44 -38.25
CA THR V 110 29.15 -21.24 -37.45
C THR V 110 28.98 -19.95 -38.24
N GLN V 111 28.87 -20.01 -39.57
CA GLN V 111 28.72 -18.80 -40.36
C GLN V 111 27.51 -18.81 -41.28
N PHE V 112 26.79 -19.91 -41.38
CA PHE V 112 25.52 -19.87 -42.09
C PHE V 112 24.37 -20.42 -41.25
N ILE V 113 24.59 -21.51 -40.51
CA ILE V 113 23.52 -22.09 -39.70
C ILE V 113 23.19 -21.20 -38.51
N LYS V 114 24.22 -20.73 -37.81
CA LYS V 114 23.99 -19.84 -36.68
C LYS V 114 23.52 -18.47 -37.13
N LYS V 115 23.95 -18.03 -38.31
CA LYS V 115 23.58 -16.70 -38.80
C LYS V 115 22.09 -16.63 -39.10
N ASN V 116 21.56 -17.57 -39.85
CA ASN V 116 20.14 -17.57 -40.20
C ASN V 116 19.30 -18.08 -39.04
N PRO V 135 15.13 -22.08 -37.49
CA PRO V 135 14.59 -23.24 -38.19
C PRO V 135 15.66 -24.21 -38.67
N LEU V 136 16.82 -23.70 -39.06
CA LEU V 136 17.91 -24.55 -39.50
C LEU V 136 18.56 -25.25 -38.31
N MET V 137 19.23 -26.37 -38.60
CA MET V 137 19.93 -27.14 -37.59
C MET V 137 21.37 -27.34 -37.99
N GLU V 138 22.24 -27.43 -36.99
CA GLU V 138 23.66 -27.67 -37.22
C GLU V 138 23.85 -29.03 -37.87
N ILE V 139 24.94 -29.17 -38.62
CA ILE V 139 25.20 -30.43 -39.32
C ILE V 139 25.44 -31.56 -38.32
N GLY V 140 26.06 -31.25 -37.19
CA GLY V 140 26.19 -32.25 -36.14
C GLY V 140 24.87 -32.59 -35.47
N GLU V 141 23.88 -31.70 -35.56
CA GLU V 141 22.55 -31.96 -35.04
C GLU V 141 21.63 -32.54 -36.11
N LEU V 142 21.74 -32.06 -37.34
CA LEU V 142 20.92 -32.58 -38.42
C LEU V 142 21.28 -34.02 -38.76
N ALA V 143 22.54 -34.40 -38.61
CA ALA V 143 22.92 -35.78 -38.89
C ALA V 143 22.23 -36.75 -37.94
N LEU V 144 22.16 -36.41 -36.66
CA LEU V 144 21.44 -37.24 -35.71
C LEU V 144 19.94 -37.07 -35.83
N ASP V 145 19.47 -35.89 -36.25
CA ASP V 145 18.04 -35.71 -36.47
C ASP V 145 17.57 -36.46 -37.71
N MET V 146 18.43 -36.63 -38.71
CA MET V 146 18.08 -37.51 -39.81
C MET V 146 18.17 -38.97 -39.40
N TRP V 147 18.97 -39.29 -38.39
CA TRP V 147 19.00 -40.64 -37.85
C TRP V 147 17.81 -40.92 -36.95
N ARG V 148 17.35 -39.92 -36.19
CA ARG V 148 16.22 -40.12 -35.30
C ARG V 148 14.92 -40.30 -36.07
N LYS V 149 14.73 -39.54 -37.15
CA LYS V 149 13.49 -39.55 -37.88
C LYS V 149 13.43 -40.60 -38.98
N LEU V 150 14.57 -41.19 -39.36
CA LEU V 150 14.61 -42.12 -40.47
C LEU V 150 15.16 -43.48 -40.11
N MET V 151 15.69 -43.68 -38.90
CA MET V 151 16.33 -44.94 -38.56
C MET V 151 15.87 -45.46 -37.21
N VAL V 152 15.41 -44.57 -36.33
CA VAL V 152 14.95 -44.94 -35.00
C VAL V 152 13.43 -44.86 -34.90
N GLU V 153 12.84 -43.75 -35.33
CA GLU V 153 11.39 -43.66 -35.33
C GLU V 153 10.71 -44.68 -36.26
N PRO V 154 11.16 -44.92 -37.49
CA PRO V 154 10.61 -46.06 -38.24
C PRO V 154 10.85 -47.39 -37.56
N LEU V 155 12.01 -47.57 -36.93
CA LEU V 155 12.32 -48.79 -36.16
C LEU V 155 11.98 -48.61 -34.69
N GLN V 156 10.77 -48.14 -34.39
CA GLN V 156 10.40 -47.86 -33.01
C GLN V 156 9.92 -49.12 -32.31
N ALA V 157 8.87 -49.75 -32.85
CA ALA V 157 8.34 -50.97 -32.25
C ALA V 157 9.12 -52.21 -32.65
N ILE V 158 10.07 -52.10 -33.57
CA ILE V 158 10.89 -53.24 -33.94
C ILE V 158 12.18 -53.29 -33.12
N LEU V 159 12.64 -52.15 -32.60
CA LEU V 159 13.86 -52.16 -31.80
C LEU V 159 13.56 -52.43 -30.33
N ILE V 160 12.65 -51.66 -29.73
CA ILE V 160 12.42 -51.81 -28.30
C ILE V 160 11.79 -53.17 -27.99
N ARG V 161 10.95 -53.70 -28.87
CA ARG V 161 10.41 -55.04 -28.66
C ARG V 161 11.53 -56.07 -28.71
N MET V 162 12.48 -55.89 -29.62
CA MET V 162 13.64 -56.78 -29.64
C MET V 162 14.61 -56.46 -28.50
N LEU V 163 14.65 -55.21 -28.06
CA LEU V 163 15.52 -54.86 -26.93
C LEU V 163 14.98 -55.41 -25.62
N LEU V 164 13.69 -55.22 -25.36
CA LEU V 164 13.10 -55.67 -24.11
C LEU V 164 13.07 -57.19 -24.02
N ARG V 165 12.88 -57.87 -25.14
CA ARG V 165 13.00 -59.33 -25.15
C ARG V 165 14.42 -59.76 -24.84
N GLU V 166 15.41 -59.02 -25.33
CA GLU V 166 16.80 -59.37 -25.05
C GLU V 166 17.17 -59.11 -23.59
N ILE V 167 16.52 -58.13 -22.96
CA ILE V 167 16.71 -57.94 -21.53
C ILE V 167 16.08 -59.08 -20.75
N LYS V 168 14.92 -59.57 -21.21
CA LYS V 168 14.25 -60.67 -20.52
C LYS V 168 15.06 -61.95 -20.56
N ASN V 169 15.90 -62.12 -21.59
CA ASN V 169 16.83 -63.24 -21.60
C ASN V 169 17.88 -63.10 -20.50
N ASP V 170 18.32 -61.87 -20.22
CA ASP V 170 19.26 -61.65 -19.13
C ASP V 170 18.62 -61.96 -17.78
N ARG V 171 17.36 -61.59 -17.59
CA ARG V 171 16.68 -61.90 -16.35
C ARG V 171 16.37 -63.38 -16.20
N GLY V 172 16.38 -64.13 -17.30
CA GLY V 172 16.21 -65.56 -17.28
C GLY V 172 17.47 -66.36 -17.09
N GLY V 173 18.61 -65.70 -16.92
CA GLY V 173 19.88 -66.36 -16.72
C GLY V 173 20.79 -66.39 -17.95
N GLU V 174 20.25 -66.09 -19.12
CA GLU V 174 21.07 -66.06 -20.33
C GLU V 174 21.94 -64.81 -20.35
N ASP V 175 23.03 -64.89 -21.11
CA ASP V 175 24.01 -63.80 -21.20
C ASP V 175 23.98 -63.21 -22.60
N PRO V 176 23.33 -62.06 -22.81
CA PRO V 176 23.31 -61.45 -24.14
C PRO V 176 24.54 -60.59 -24.39
N ASN V 177 24.57 -59.89 -25.52
CA ASN V 177 25.65 -58.98 -25.83
C ASN V 177 25.46 -57.70 -25.02
N GLN V 178 26.38 -57.44 -24.08
CA GLN V 178 26.24 -56.26 -23.24
C GLN V 178 26.53 -54.99 -24.02
N LYS V 179 27.63 -54.97 -24.78
CA LYS V 179 28.03 -53.76 -25.48
C LYS V 179 27.06 -53.41 -26.60
N VAL V 180 26.54 -54.42 -27.29
CA VAL V 180 25.60 -54.17 -28.38
C VAL V 180 24.29 -53.60 -27.84
N ILE V 181 23.77 -54.22 -26.78
CA ILE V 181 22.50 -53.76 -26.22
C ILE V 181 22.65 -52.40 -25.55
N HIS V 182 23.78 -52.18 -24.86
CA HIS V 182 23.98 -50.88 -24.22
C HIS V 182 24.12 -49.76 -25.25
N GLY V 183 24.82 -50.02 -26.35
CA GLY V 183 25.00 -48.99 -27.36
C GLY V 183 23.68 -48.57 -27.99
N VAL V 184 22.80 -49.54 -28.25
CA VAL V 184 21.50 -49.21 -28.83
C VAL V 184 20.66 -48.41 -27.84
N ILE V 185 20.68 -48.77 -26.56
CA ILE V 185 19.96 -48.01 -25.55
C ILE V 185 20.58 -46.64 -25.37
N ASN V 186 21.91 -46.56 -25.47
CA ASN V 186 22.58 -45.26 -25.45
C ASN V 186 22.17 -44.42 -26.65
N SER V 187 21.93 -45.06 -27.81
CA SER V 187 21.61 -44.32 -29.02
C SER V 187 20.27 -43.61 -28.95
N PHE V 188 19.44 -43.89 -27.95
CA PHE V 188 18.24 -43.11 -27.73
C PHE V 188 18.54 -41.82 -26.98
N VAL V 189 19.75 -41.66 -26.45
CA VAL V 189 20.17 -40.44 -25.78
C VAL V 189 21.12 -39.62 -26.64
N HIS V 190 22.06 -40.29 -27.30
CA HIS V 190 23.04 -39.60 -28.13
C HIS V 190 22.41 -38.92 -29.34
N VAL V 191 21.22 -39.36 -29.78
CA VAL V 191 20.52 -38.70 -30.87
C VAL V 191 19.69 -37.56 -30.32
N GLU V 192 19.89 -37.24 -29.05
CA GLU V 192 19.18 -36.12 -28.46
C GLU V 192 20.10 -35.24 -27.61
N GLN V 193 21.41 -35.28 -27.88
CA GLN V 193 22.33 -34.46 -27.09
C GLN V 193 22.21 -32.98 -27.44
N TYR V 194 21.90 -32.67 -28.70
CA TYR V 194 21.82 -31.27 -29.09
C TYR V 194 20.53 -30.59 -28.66
N LYS V 195 19.53 -31.36 -28.23
CA LYS V 195 18.31 -30.74 -27.71
C LYS V 195 18.60 -30.02 -26.41
N LYS V 196 17.89 -28.91 -26.20
CA LYS V 196 18.18 -28.02 -25.09
C LYS V 196 17.26 -28.24 -23.89
N LYS V 197 15.94 -28.16 -24.12
CA LYS V 197 14.99 -28.21 -23.01
C LYS V 197 14.95 -29.60 -22.37
N PHE V 198 14.87 -30.64 -23.20
CA PHE V 198 14.72 -32.01 -22.71
C PHE V 198 15.56 -32.95 -23.56
N PRO V 199 16.80 -33.22 -23.15
CA PRO V 199 17.64 -34.13 -23.92
C PRO V 199 17.31 -35.61 -23.70
N LEU V 200 16.46 -35.93 -22.74
CA LEU V 200 16.09 -37.31 -22.46
C LEU V 200 14.62 -37.61 -22.74
N LYS V 201 13.87 -36.65 -23.27
CA LYS V 201 12.44 -36.86 -23.50
C LYS V 201 12.20 -37.96 -24.52
N PHE V 202 13.02 -38.02 -25.57
CA PHE V 202 12.92 -39.11 -26.53
C PHE V 202 13.27 -40.44 -25.90
N TYR V 203 14.31 -40.48 -25.08
CA TYR V 203 14.67 -41.72 -24.40
C TYR V 203 13.64 -42.10 -23.35
N GLN V 204 12.98 -41.11 -22.75
CA GLN V 204 11.99 -41.36 -21.72
C GLN V 204 10.62 -41.75 -22.28
N GLU V 205 10.45 -41.72 -23.59
CA GLU V 205 9.17 -42.05 -24.21
C GLU V 205 9.26 -43.17 -25.23
N ILE V 206 10.46 -43.64 -25.57
CA ILE V 206 10.63 -44.70 -26.53
C ILE V 206 11.18 -45.97 -25.89
N PHE V 207 12.13 -45.83 -24.98
CA PHE V 207 12.69 -47.00 -24.31
C PHE V 207 12.42 -47.02 -22.81
N GLU V 208 12.39 -45.86 -22.16
CA GLU V 208 12.22 -45.86 -20.70
C GLU V 208 10.82 -46.31 -20.31
N SER V 209 9.80 -45.69 -20.90
CA SER V 209 8.42 -46.05 -20.56
C SER V 209 8.06 -47.47 -20.96
N PRO V 210 8.36 -47.96 -22.16
CA PRO V 210 8.13 -49.39 -22.42
C PRO V 210 8.94 -50.32 -21.53
N PHE V 211 10.15 -49.94 -21.14
CA PHE V 211 10.90 -50.79 -20.22
C PHE V 211 10.33 -50.75 -18.82
N LEU V 212 10.01 -49.55 -18.32
CA LEU V 212 9.42 -49.45 -16.98
C LEU V 212 8.08 -50.15 -16.91
N THR V 213 7.25 -50.00 -17.95
CA THR V 213 5.97 -50.69 -17.97
C THR V 213 6.15 -52.20 -17.96
N GLU V 214 7.07 -52.71 -18.77
CA GLU V 214 7.21 -54.16 -18.86
C GLU V 214 7.96 -54.73 -17.67
N THR V 215 8.94 -54.00 -17.12
CA THR V 215 9.64 -54.53 -15.94
C THR V 215 8.74 -54.50 -14.71
N GLY V 216 7.74 -53.62 -14.67
CA GLY V 216 6.75 -53.69 -13.62
C GLY V 216 5.90 -54.94 -13.71
N GLU V 217 5.44 -55.28 -14.92
CA GLU V 217 4.64 -56.48 -15.10
C GLU V 217 5.48 -57.74 -14.93
N TYR V 218 6.75 -57.72 -15.33
CA TYR V 218 7.58 -58.91 -15.18
C TYR V 218 7.81 -59.24 -13.72
N TYR V 219 8.10 -58.23 -12.89
CA TYR V 219 8.19 -58.47 -11.45
C TYR V 219 6.85 -58.47 -10.74
N LYS V 220 5.77 -58.01 -11.37
CA LYS V 220 4.46 -58.29 -10.81
C LYS V 220 4.17 -59.79 -10.84
N GLN V 221 4.53 -60.45 -11.94
CA GLN V 221 4.41 -61.90 -12.02
C GLN V 221 5.52 -62.60 -11.24
N GLU V 222 6.73 -62.03 -11.23
CA GLU V 222 7.84 -62.66 -10.54
C GLU V 222 7.64 -62.65 -9.03
N ALA V 223 7.03 -61.59 -8.49
CA ALA V 223 6.82 -61.51 -7.05
C ALA V 223 5.89 -62.62 -6.57
N SER V 224 4.82 -62.88 -7.31
CA SER V 224 3.89 -63.95 -6.93
C SER V 224 4.55 -65.32 -7.07
N ASN V 225 5.46 -65.48 -8.03
CA ASN V 225 6.13 -66.76 -8.21
C ASN V 225 7.14 -67.04 -7.10
N LEU V 226 7.78 -66.00 -6.57
CA LEU V 226 8.80 -66.21 -5.55
C LEU V 226 8.21 -66.64 -4.22
N LEU V 227 7.08 -66.05 -3.83
CA LEU V 227 6.47 -66.39 -2.55
C LEU V 227 5.77 -67.75 -2.56
N GLN V 228 5.42 -68.27 -3.73
CA GLN V 228 4.77 -69.57 -3.80
C GLN V 228 5.74 -70.73 -3.66
N GLU V 229 7.04 -70.49 -3.87
CA GLU V 229 8.05 -71.54 -3.76
C GLU V 229 8.92 -71.41 -2.51
N SER V 230 8.67 -70.40 -1.67
CA SER V 230 9.52 -70.17 -0.51
C SER V 230 8.71 -69.45 0.56
N ASN V 231 9.23 -69.48 1.79
CA ASN V 231 8.59 -68.78 2.89
C ASN V 231 9.24 -67.40 3.07
N CYS V 232 8.70 -66.63 4.01
CA CYS V 232 9.15 -65.25 4.18
C CYS V 232 10.57 -65.16 4.75
N SER V 233 11.06 -66.21 5.41
CA SER V 233 12.42 -66.18 5.93
C SER V 233 13.43 -66.10 4.81
N GLN V 234 13.25 -66.91 3.77
CA GLN V 234 14.14 -66.91 2.62
C GLN V 234 13.59 -66.11 1.45
N TYR V 235 12.43 -65.46 1.62
CA TYR V 235 11.93 -64.56 0.59
C TYR V 235 12.81 -63.31 0.48
N MET V 236 13.40 -62.86 1.59
CA MET V 236 14.25 -61.68 1.56
C MET V 236 15.47 -61.91 0.69
N GLU V 237 16.19 -63.02 0.91
CA GLU V 237 17.43 -63.27 0.20
C GLU V 237 17.20 -63.44 -1.30
N LYS V 238 16.11 -64.12 -1.67
CA LYS V 238 15.79 -64.27 -3.09
C LYS V 238 15.45 -62.93 -3.72
N VAL V 239 14.70 -62.08 -3.01
CA VAL V 239 14.39 -60.76 -3.55
C VAL V 239 15.63 -59.87 -3.52
N LEU V 240 16.37 -59.87 -2.40
CA LEU V 240 17.62 -59.12 -2.36
C LEU V 240 18.65 -59.67 -3.33
N GLY V 241 18.58 -60.98 -3.62
CA GLY V 241 19.39 -61.52 -4.69
C GLY V 241 18.97 -61.06 -6.06
N ARG V 242 17.72 -60.60 -6.20
CA ARG V 242 17.26 -60.05 -7.47
C ARG V 242 17.63 -58.58 -7.60
N LEU V 243 17.42 -57.80 -6.54
CA LEU V 243 17.78 -56.38 -6.58
C LEU V 243 19.28 -56.20 -6.74
N LYS V 244 20.08 -57.08 -6.12
CA LYS V 244 21.52 -57.03 -6.33
C LYS V 244 21.85 -57.31 -7.79
N ASP V 245 21.16 -58.27 -8.40
CA ASP V 245 21.36 -58.54 -9.83
C ASP V 245 20.69 -57.48 -10.70
N GLU V 246 19.54 -56.96 -10.28
CA GLU V 246 18.86 -55.96 -11.10
C GLU V 246 19.68 -54.68 -11.23
N GLU V 247 20.31 -54.23 -10.15
CA GLU V 247 21.16 -53.06 -10.24
C GLU V 247 22.36 -53.32 -11.14
N ILE V 248 22.86 -54.56 -11.15
CA ILE V 248 23.97 -54.90 -12.04
C ILE V 248 23.51 -54.84 -13.50
N ARG V 249 22.36 -55.42 -13.81
CA ARG V 249 21.88 -55.39 -15.18
C ARG V 249 21.36 -54.02 -15.58
N CYS V 250 21.02 -53.17 -14.60
CA CYS V 250 20.52 -51.84 -14.93
C CYS V 250 21.65 -50.90 -15.35
N ARG V 251 22.83 -51.05 -14.78
CA ARG V 251 23.95 -50.20 -15.16
C ARG V 251 24.74 -50.75 -16.34
N LYS V 252 24.52 -52.00 -16.72
CA LYS V 252 25.14 -52.53 -17.92
C LYS V 252 24.40 -52.16 -19.20
N TYR V 253 23.12 -51.82 -19.11
CA TYR V 253 22.31 -51.55 -20.29
C TYR V 253 21.77 -50.14 -20.34
N LEU V 254 21.12 -49.67 -19.28
CA LEU V 254 20.35 -48.44 -19.38
C LEU V 254 21.22 -47.21 -19.20
N HIS V 255 20.58 -46.05 -19.40
CA HIS V 255 21.18 -44.77 -19.08
C HIS V 255 21.26 -44.60 -17.56
N PRO V 256 22.27 -43.88 -17.06
CA PRO V 256 22.36 -43.66 -15.62
C PRO V 256 21.19 -42.90 -15.02
N SER V 257 20.44 -42.14 -15.82
CA SER V 257 19.31 -41.41 -15.30
C SER V 257 18.14 -42.32 -14.92
N SER V 258 18.17 -43.59 -15.31
CA SER V 258 17.08 -44.52 -15.03
C SER V 258 17.38 -45.48 -13.90
N TYR V 259 18.53 -45.32 -13.23
CA TYR V 259 18.89 -46.24 -12.15
C TYR V 259 17.90 -46.14 -11.00
N THR V 260 17.49 -44.92 -10.66
CA THR V 260 16.54 -44.68 -9.59
C THR V 260 15.10 -44.81 -10.02
N LYS V 261 14.83 -45.00 -11.31
CA LYS V 261 13.47 -45.18 -11.79
C LYS V 261 13.10 -46.63 -12.03
N VAL V 262 14.09 -47.49 -12.29
CA VAL V 262 13.84 -48.91 -12.49
C VAL V 262 13.78 -49.65 -11.15
N ILE V 263 14.77 -49.41 -10.29
CA ILE V 263 14.80 -50.06 -8.98
C ILE V 263 13.58 -49.67 -8.16
N HIS V 264 13.14 -48.41 -8.27
CA HIS V 264 11.90 -48.01 -7.61
C HIS V 264 10.72 -48.78 -8.18
N GLU V 265 10.69 -49.00 -9.49
CA GLU V 265 9.66 -49.84 -10.08
C GLU V 265 9.85 -51.30 -9.70
N CYS V 266 11.09 -51.76 -9.59
CA CYS V 266 11.36 -53.14 -9.20
C CYS V 266 11.04 -53.42 -7.75
N GLN V 267 10.83 -52.39 -6.92
CA GLN V 267 10.39 -52.59 -5.55
C GLN V 267 8.92 -52.28 -5.35
N GLN V 268 8.37 -51.30 -6.07
CA GLN V 268 6.96 -50.98 -5.93
C GLN V 268 6.08 -52.13 -6.39
N ARG V 269 6.52 -52.89 -7.40
CA ARG V 269 5.75 -54.00 -7.93
C ARG V 269 6.19 -55.34 -7.39
N MET V 270 7.15 -55.38 -6.46
CA MET V 270 7.62 -56.63 -5.89
C MET V 270 7.71 -56.61 -4.38
N VAL V 271 7.82 -55.44 -3.75
CA VAL V 271 7.97 -55.32 -2.31
C VAL V 271 6.85 -54.51 -1.70
N ALA V 272 6.60 -53.30 -2.22
CA ALA V 272 5.47 -52.50 -1.78
C ALA V 272 4.14 -53.12 -2.20
N ASP V 273 4.13 -53.96 -3.23
CA ASP V 273 2.91 -54.65 -3.62
C ASP V 273 2.50 -55.65 -2.55
N HIS V 274 3.44 -56.51 -2.13
CA HIS V 274 3.18 -57.47 -1.06
C HIS V 274 3.55 -56.91 0.31
N LEU V 275 3.02 -55.72 0.61
CA LEU V 275 3.33 -55.08 1.88
C LEU V 275 2.68 -55.79 3.05
N GLN V 276 1.48 -56.34 2.84
CA GLN V 276 0.80 -57.06 3.92
C GLN V 276 1.53 -58.33 4.29
N PHE V 277 2.10 -59.04 3.31
CA PHE V 277 2.83 -60.26 3.60
C PHE V 277 4.07 -59.98 4.43
N LEU V 278 4.78 -58.90 4.12
CA LEU V 278 5.96 -58.53 4.91
C LEU V 278 5.56 -58.11 6.32
N HIS V 279 4.47 -57.35 6.44
CA HIS V 279 4.04 -56.89 7.77
C HIS V 279 3.52 -58.04 8.62
N ALA V 280 2.97 -59.08 7.99
CA ALA V 280 2.47 -60.23 8.73
C ALA V 280 3.58 -61.09 9.32
N GLU V 281 4.83 -60.87 8.92
CA GLU V 281 5.94 -61.68 9.40
C GLU V 281 6.87 -60.94 10.36
N CYS V 282 6.86 -59.61 10.34
CA CYS V 282 7.74 -58.86 11.24
C CYS V 282 7.42 -59.11 12.71
N HIS V 283 6.18 -59.50 13.02
CA HIS V 283 5.87 -59.94 14.37
C HIS V 283 6.63 -61.21 14.73
N ASN V 284 6.84 -62.11 13.78
CA ASN V 284 7.49 -63.38 14.02
C ASN V 284 8.96 -63.36 13.64
N ILE V 285 9.52 -62.20 13.33
CA ILE V 285 10.94 -62.06 13.02
C ILE V 285 11.70 -61.39 14.16
N ILE V 286 11.19 -60.26 14.65
CA ILE V 286 11.92 -59.50 15.66
C ILE V 286 11.82 -60.12 17.05
N ARG V 287 10.84 -61.00 17.29
CA ARG V 287 10.67 -61.60 18.60
C ARG V 287 11.49 -62.87 18.79
N GLN V 288 12.27 -63.27 17.80
CA GLN V 288 13.08 -64.48 17.90
C GLN V 288 14.57 -64.19 17.79
N GLU V 289 14.98 -62.93 17.92
CA GLU V 289 16.39 -62.52 17.86
C GLU V 289 17.05 -62.97 16.55
N LYS V 290 16.31 -62.88 15.46
CA LYS V 290 16.81 -63.29 14.15
C LYS V 290 17.69 -62.18 13.61
N LYS V 291 19.01 -62.37 13.70
CA LYS V 291 19.95 -61.36 13.21
C LYS V 291 19.86 -61.21 11.70
N ASN V 292 19.95 -62.32 10.97
CA ASN V 292 19.99 -62.25 9.52
C ASN V 292 18.61 -61.95 8.93
N ASP V 293 17.57 -62.59 9.46
CA ASP V 293 16.23 -62.45 8.90
C ASP V 293 15.60 -61.10 9.18
N MET V 294 16.18 -60.30 10.07
CA MET V 294 15.72 -58.94 10.30
C MET V 294 16.57 -57.90 9.60
N ALA V 295 17.88 -58.14 9.46
CA ALA V 295 18.74 -57.22 8.72
C ALA V 295 18.31 -57.14 7.27
N ASN V 296 18.06 -58.29 6.65
CA ASN V 296 17.59 -58.30 5.27
C ASN V 296 16.21 -57.69 5.15
N MET V 297 15.30 -58.06 6.06
CA MET V 297 13.92 -57.59 5.94
C MET V 297 13.81 -56.08 6.18
N TYR V 298 14.75 -55.50 6.93
CA TYR V 298 14.72 -54.06 7.15
C TYR V 298 14.96 -53.30 5.84
N VAL V 299 15.89 -53.80 5.01
CA VAL V 299 16.21 -53.10 3.76
C VAL V 299 15.00 -53.10 2.84
N LEU V 300 14.21 -54.17 2.85
CA LEU V 300 13.06 -54.24 1.97
C LEU V 300 12.03 -53.16 2.31
N LEU V 301 11.78 -52.95 3.60
CA LEU V 301 10.76 -52.00 4.03
C LEU V 301 11.26 -50.56 4.03
N ARG V 302 12.57 -50.34 3.93
CA ARG V 302 13.09 -48.97 3.91
C ARG V 302 12.64 -48.23 2.64
N ALA V 303 12.72 -48.90 1.49
CA ALA V 303 12.37 -48.24 0.24
C ALA V 303 10.88 -48.00 0.12
N VAL V 304 10.06 -48.90 0.66
CA VAL V 304 8.62 -48.73 0.62
C VAL V 304 8.22 -47.55 1.49
N SER V 305 7.26 -46.75 1.00
CA SER V 305 6.87 -45.54 1.71
C SER V 305 6.27 -45.86 3.07
N THR V 306 5.45 -46.90 3.16
CA THR V 306 4.77 -47.22 4.41
C THR V 306 5.21 -48.62 4.84
N GLY V 307 6.52 -48.85 4.85
CA GLY V 307 7.06 -50.12 5.28
C GLY V 307 7.58 -50.08 6.70
N LEU V 308 8.30 -49.01 7.03
CA LEU V 308 8.87 -48.83 8.36
C LEU V 308 7.88 -48.42 9.44
N PRO V 309 6.87 -47.56 9.16
CA PRO V 309 5.92 -47.21 10.23
C PRO V 309 5.27 -48.39 10.94
N HIS V 310 4.97 -49.48 10.22
CA HIS V 310 4.45 -50.66 10.90
C HIS V 310 5.53 -51.38 11.68
N MET V 311 6.72 -51.54 11.07
CA MET V 311 7.79 -52.27 11.75
C MET V 311 8.35 -51.48 12.92
N ILE V 312 8.35 -50.15 12.84
CA ILE V 312 8.87 -49.35 13.93
C ILE V 312 7.98 -49.47 15.17
N GLN V 313 6.68 -49.74 14.97
CA GLN V 313 5.79 -49.94 16.09
C GLN V 313 5.96 -51.33 16.71
N GLU V 314 6.30 -52.32 15.90
CA GLU V 314 6.42 -53.69 16.42
C GLU V 314 7.62 -53.82 17.34
N LEU V 315 8.77 -53.24 16.97
CA LEU V 315 9.93 -53.29 17.85
C LEU V 315 9.72 -52.46 19.11
N GLN V 316 8.94 -51.38 19.01
CA GLN V 316 8.58 -50.63 20.20
C GLN V 316 7.73 -51.49 21.13
N ASN V 317 6.84 -52.31 20.57
CA ASN V 317 6.10 -53.27 21.38
C ASN V 317 6.98 -54.42 21.84
N HIS V 318 8.01 -54.76 21.04
CA HIS V 318 8.89 -55.85 21.44
C HIS V 318 9.70 -55.48 22.67
N ILE V 319 10.29 -54.28 22.69
CA ILE V 319 11.08 -53.86 23.83
C ILE V 319 10.19 -53.65 25.05
N HIS V 320 8.99 -53.11 24.85
CA HIS V 320 8.05 -52.93 25.95
C HIS V 320 7.69 -54.26 26.59
N ASP V 321 7.44 -55.29 25.77
CA ASP V 321 7.15 -56.61 26.32
C ASP V 321 8.41 -57.28 26.85
N GLU V 322 9.57 -57.01 26.24
CA GLU V 322 10.81 -57.59 26.74
C GLU V 322 11.24 -56.97 28.06
N GLY V 323 10.99 -55.68 28.25
CA GLY V 323 11.34 -55.05 29.51
C GLY V 323 10.52 -55.58 30.68
N LEU V 324 9.21 -55.77 30.46
CA LEU V 324 8.36 -56.31 31.51
C LEU V 324 8.75 -57.73 31.87
N ARG V 325 9.36 -58.46 30.93
CA ARG V 325 9.85 -59.80 31.24
C ARG V 325 11.04 -59.75 32.20
N ALA V 326 11.82 -58.69 32.18
CA ALA V 326 13.00 -58.56 33.01
C ALA V 326 12.79 -57.65 34.22
N THR V 327 11.57 -57.16 34.45
CA THR V 327 11.31 -56.28 35.58
C THR V 327 10.22 -56.78 36.51
N SER V 328 9.20 -57.47 36.01
CA SER V 328 8.12 -57.98 36.84
C SER V 328 8.53 -59.17 37.69
N ASN V 329 9.71 -59.74 37.45
CA ASN V 329 10.20 -60.91 38.18
C ASN V 329 11.46 -60.56 38.97
N LEU V 330 11.47 -59.39 39.60
CA LEU V 330 12.63 -58.94 40.33
C LEU V 330 12.65 -59.54 41.74
N THR V 331 13.82 -59.46 42.37
CA THR V 331 14.04 -60.02 43.70
C THR V 331 13.92 -58.90 44.73
N GLN V 332 13.18 -59.18 45.81
CA GLN V 332 13.01 -58.18 46.86
C GLN V 332 14.31 -57.97 47.65
N GLU V 333 15.20 -58.97 47.66
CA GLU V 333 16.43 -58.87 48.44
C GLU V 333 17.33 -57.76 47.90
N ASN V 334 17.55 -57.74 46.59
CA ASN V 334 18.37 -56.71 45.95
C ASN V 334 17.52 -56.10 44.84
N MET V 335 16.64 -55.19 45.22
CA MET V 335 15.70 -54.58 44.30
C MET V 335 16.31 -53.48 43.43
N PRO V 336 17.04 -52.50 43.98
CA PRO V 336 17.48 -51.39 43.12
C PRO V 336 18.60 -51.75 42.16
N THR V 337 19.58 -52.54 42.61
CA THR V 337 20.74 -52.83 41.76
C THR V 337 20.32 -53.67 40.54
N LEU V 338 19.42 -54.63 40.74
CA LEU V 338 19.00 -55.46 39.62
C LEU V 338 18.03 -54.73 38.69
N PHE V 339 17.18 -53.86 39.22
CA PHE V 339 16.24 -53.13 38.36
C PHE V 339 16.97 -52.21 37.40
N VAL V 340 17.99 -51.50 37.89
CA VAL V 340 18.80 -50.67 37.00
C VAL V 340 19.55 -51.54 36.01
N GLU V 341 20.07 -52.69 36.47
CA GLU V 341 20.80 -53.58 35.58
C GLU V 341 19.87 -54.20 34.53
N SER V 342 18.63 -54.52 34.91
CA SER V 342 17.71 -55.12 33.95
C SER V 342 17.41 -54.18 32.80
N VAL V 343 17.22 -52.89 33.10
CA VAL V 343 17.04 -51.90 32.04
C VAL V 343 18.31 -51.77 31.21
N LEU V 344 19.47 -51.89 31.85
CA LEU V 344 20.73 -51.85 31.11
C LEU V 344 20.93 -53.08 30.24
N GLU V 345 20.44 -54.25 30.67
CA GLU V 345 20.49 -55.42 29.81
C GLU V 345 19.62 -55.23 28.57
N VAL V 346 18.43 -54.67 28.75
CA VAL V 346 17.56 -54.42 27.61
C VAL V 346 18.15 -53.35 26.70
N HIS V 347 18.61 -52.25 27.29
CA HIS V 347 19.19 -51.18 26.48
C HIS V 347 20.54 -51.58 25.90
N GLY V 348 21.33 -52.35 26.65
CA GLY V 348 22.64 -52.73 26.16
C GLY V 348 22.60 -53.76 25.04
N LYS V 349 21.51 -54.50 24.91
CA LYS V 349 21.34 -55.49 23.86
C LYS V 349 20.55 -54.96 22.67
N PHE V 350 19.46 -54.23 22.91
CA PHE V 350 18.64 -53.76 21.81
C PHE V 350 19.36 -52.67 21.01
N VAL V 351 20.13 -51.81 21.67
CA VAL V 351 20.92 -50.82 20.95
C VAL V 351 21.97 -51.52 20.10
N GLN V 352 22.51 -52.64 20.58
CA GLN V 352 23.41 -53.44 19.78
C GLN V 352 22.72 -53.94 18.51
N LEU V 353 21.45 -54.33 18.62
CA LEU V 353 20.71 -54.79 17.45
C LEU V 353 20.57 -53.69 16.41
N ILE V 354 20.27 -52.46 16.85
CA ILE V 354 20.15 -51.34 15.93
C ILE V 354 21.51 -50.91 15.37
N ASN V 355 22.61 -51.41 15.92
CA ASN V 355 23.93 -51.03 15.46
C ASN V 355 24.72 -52.18 14.85
N THR V 356 24.27 -53.42 14.99
CA THR V 356 24.98 -54.56 14.41
C THR V 356 24.36 -55.03 13.11
N VAL V 357 23.08 -55.39 13.13
CA VAL V 357 22.42 -55.90 11.93
C VAL V 357 21.59 -54.81 11.29
N LEU V 358 21.12 -53.86 12.10
CA LEU V 358 20.38 -52.73 11.59
C LEU V 358 21.28 -51.50 11.52
N ASN V 359 20.83 -50.50 10.79
CA ASN V 359 21.50 -49.22 10.77
C ASN V 359 21.00 -48.36 11.92
N GLY V 360 21.82 -47.42 12.34
CA GLY V 360 21.48 -46.57 13.46
C GLY V 360 20.40 -45.57 13.14
N ASP V 361 19.24 -46.06 12.72
CA ASP V 361 18.13 -45.18 12.36
C ASP V 361 17.64 -44.40 13.57
N GLN V 362 17.38 -43.11 13.37
CA GLN V 362 16.85 -42.30 14.46
C GLN V 362 15.46 -42.76 14.87
N HIS V 363 14.68 -43.30 13.93
CA HIS V 363 13.35 -43.80 14.26
C HIS V 363 13.44 -44.97 15.24
N PHE V 364 14.38 -45.90 15.00
CA PHE V 364 14.52 -47.04 15.90
C PHE V 364 15.00 -46.62 17.28
N MET V 365 15.97 -45.69 17.34
CA MET V 365 16.42 -45.19 18.63
C MET V 365 15.33 -44.40 19.32
N SER V 366 14.51 -43.68 18.56
CA SER V 366 13.34 -43.02 19.14
C SER V 366 12.30 -44.05 19.58
N ALA V 367 12.16 -45.14 18.83
CA ALA V 367 11.27 -46.21 19.24
C ALA V 367 11.76 -46.87 20.52
N LEU V 368 13.07 -47.08 20.64
CA LEU V 368 13.63 -47.65 21.87
C LEU V 368 13.40 -46.75 23.07
N ASP V 369 13.63 -45.44 22.90
CA ASP V 369 13.43 -44.51 24.01
C ASP V 369 11.96 -44.45 24.40
N LYS V 370 11.06 -44.48 23.43
CA LYS V 370 9.63 -44.52 23.75
C LYS V 370 9.26 -45.83 24.43
N ALA V 371 9.90 -46.94 24.03
CA ALA V 371 9.60 -48.22 24.64
C ALA V 371 10.15 -48.32 26.05
N LEU V 372 11.40 -47.91 26.25
CA LEU V 372 12.00 -48.02 27.57
C LEU V 372 11.39 -47.02 28.56
N THR V 373 10.84 -45.91 28.07
CA THR V 373 10.15 -44.97 28.94
C THR V 373 8.91 -45.61 29.56
N SER V 374 8.16 -46.37 28.77
CA SER V 374 6.92 -46.97 29.28
C SER V 374 7.21 -48.06 30.30
N VAL V 375 8.21 -48.91 30.04
CA VAL V 375 8.49 -50.01 30.94
C VAL V 375 9.11 -49.51 32.26
N VAL V 376 9.95 -48.48 32.18
CA VAL V 376 10.53 -47.93 33.40
C VAL V 376 9.45 -47.26 34.24
N ASN V 377 8.63 -46.42 33.61
CA ASN V 377 7.53 -45.74 34.31
C ASN V 377 6.29 -46.62 34.33
N TYR V 378 6.44 -47.79 34.92
CA TYR V 378 5.36 -48.77 35.01
C TYR V 378 4.42 -48.34 36.14
N ARG V 379 3.29 -47.75 35.77
CA ARG V 379 2.29 -47.30 36.73
C ARG V 379 1.24 -48.40 36.86
N GLU V 380 1.25 -49.10 38.00
CA GLU V 380 0.20 -50.06 38.29
C GLU V 380 -1.09 -49.30 38.57
N PRO V 381 -2.25 -49.92 38.31
CA PRO V 381 -3.53 -49.26 38.60
C PRO V 381 -3.66 -48.94 40.08
N LYS V 382 -4.07 -47.70 40.37
CA LYS V 382 -4.19 -47.18 41.73
C LYS V 382 -2.87 -47.33 42.48
N SER V 383 -1.77 -47.07 41.80
CA SER V 383 -0.44 -47.21 42.38
C SER V 383 0.53 -46.28 41.65
N VAL V 384 1.70 -46.08 42.26
CA VAL V 384 2.72 -45.20 41.71
C VAL V 384 3.90 -46.03 41.24
N CYS V 385 4.69 -45.44 40.34
CA CYS V 385 5.85 -46.13 39.80
C CYS V 385 6.97 -46.15 40.83
N LYS V 386 7.56 -47.32 41.03
CA LYS V 386 8.66 -47.50 41.96
C LYS V 386 10.01 -47.16 41.34
N ALA V 387 10.04 -46.82 40.05
CA ALA V 387 11.30 -46.52 39.38
C ALA V 387 12.05 -45.34 39.99
N PRO V 388 11.43 -44.20 40.31
CA PRO V 388 12.19 -43.14 40.99
C PRO V 388 12.75 -43.57 42.32
N GLU V 389 12.03 -44.41 43.07
CA GLU V 389 12.54 -44.86 44.36
C GLU V 389 13.72 -45.82 44.19
N LEU V 390 13.58 -46.78 43.27
CA LEU V 390 14.65 -47.76 43.06
C LEU V 390 15.90 -47.12 42.49
N LEU V 391 15.73 -46.20 41.54
CA LEU V 391 16.89 -45.51 40.96
C LEU V 391 17.59 -44.65 42.00
N ALA V 392 16.82 -43.96 42.84
CA ALA V 392 17.42 -43.20 43.92
C ALA V 392 18.17 -44.10 44.89
N LYS V 393 17.56 -45.21 45.28
CA LYS V 393 18.23 -46.16 46.16
C LYS V 393 19.39 -46.87 45.48
N TYR V 394 19.38 -46.94 44.14
CA TYR V 394 20.51 -47.54 43.42
C TYR V 394 21.78 -46.73 43.63
N CYS V 395 21.66 -45.39 43.58
CA CYS V 395 22.82 -44.55 43.86
C CYS V 395 23.19 -44.60 45.34
N ASP V 396 22.18 -44.70 46.21
CA ASP V 396 22.46 -44.79 47.64
C ASP V 396 23.22 -46.06 47.98
N ASN V 397 22.86 -47.18 47.36
CA ASN V 397 23.55 -48.44 47.62
C ASN V 397 24.94 -48.48 47.03
N LEU V 398 25.31 -47.53 46.17
CA LEU V 398 26.62 -47.51 45.54
C LEU V 398 27.55 -46.45 46.09
N LEU V 399 27.02 -45.35 46.62
CA LEU V 399 27.84 -44.23 47.08
C LEU V 399 28.24 -44.34 48.54
N LYS V 400 27.77 -45.38 49.24
CA LYS V 400 28.11 -45.53 50.65
C LYS V 400 29.56 -45.99 50.82
N LYS V 401 30.07 -45.83 52.03
CA LYS V 401 31.41 -46.32 52.37
C LYS V 401 31.44 -47.83 52.60
N SER V 402 30.29 -48.48 52.69
CA SER V 402 30.22 -49.91 52.93
C SER V 402 30.32 -50.74 51.65
N ALA V 403 30.89 -50.17 50.59
CA ALA V 403 31.02 -50.90 49.34
C ALA V 403 31.96 -52.09 49.48
N LYS V 404 31.67 -53.14 48.73
CA LYS V 404 32.45 -54.38 48.78
C LYS V 404 33.67 -54.24 47.87
N GLY V 405 34.58 -53.35 48.27
CA GLY V 405 35.78 -53.12 47.50
C GLY V 405 35.57 -52.42 46.17
N MET V 406 34.50 -51.65 46.04
CA MET V 406 34.22 -50.94 44.80
C MET V 406 35.21 -49.80 44.62
N THR V 407 36.12 -49.95 43.65
CA THR V 407 37.08 -48.90 43.38
C THR V 407 36.38 -47.70 42.75
N GLU V 408 37.05 -46.54 42.84
CA GLU V 408 36.44 -45.30 42.36
C GLU V 408 36.17 -45.35 40.86
N ASN V 409 37.11 -45.90 40.09
CA ASN V 409 36.88 -46.05 38.65
C ASN V 409 35.72 -47.00 38.37
N GLU V 410 35.58 -48.04 39.20
CA GLU V 410 34.46 -48.96 39.05
C GLU V 410 33.13 -48.27 39.33
N VAL V 411 33.09 -47.42 40.37
CA VAL V 411 31.84 -46.75 40.73
C VAL V 411 31.40 -45.79 39.64
N GLU V 412 32.33 -45.02 39.07
CA GLU V 412 31.97 -44.10 37.99
C GLU V 412 31.46 -44.84 36.77
N ASP V 413 31.99 -46.04 36.50
CA ASP V 413 31.50 -46.82 35.37
C ASP V 413 30.04 -47.21 35.56
N ARG V 414 29.67 -47.66 36.76
CA ARG V 414 28.29 -48.06 37.01
C ARG V 414 27.36 -46.84 37.05
N LEU V 415 27.84 -45.72 37.60
CA LEU V 415 26.99 -44.54 37.73
C LEU V 415 26.82 -43.82 36.40
N THR V 416 27.82 -43.87 35.52
CA THR V 416 27.67 -43.25 34.20
C THR V 416 26.55 -43.92 33.41
N SER V 417 26.50 -45.25 33.44
CA SER V 417 25.43 -45.96 32.75
C SER V 417 24.09 -45.79 33.46
N PHE V 418 24.08 -45.38 34.72
CA PHE V 418 22.83 -45.12 35.42
C PHE V 418 22.07 -43.95 34.80
N ILE V 419 22.79 -43.01 34.19
CA ILE V 419 22.15 -41.85 33.59
C ILE V 419 21.21 -42.27 32.47
N THR V 420 21.59 -43.33 31.73
CA THR V 420 20.72 -43.85 30.67
C THR V 420 19.39 -44.33 31.24
N VAL V 421 19.43 -45.03 32.38
CA VAL V 421 18.18 -45.43 33.03
C VAL V 421 17.46 -44.22 33.59
N PHE V 422 18.20 -43.27 34.16
CA PHE V 422 17.59 -42.08 34.73
C PHE V 422 16.95 -41.21 33.65
N LYS V 423 17.51 -41.23 32.44
CA LYS V 423 17.02 -40.34 31.38
C LYS V 423 15.58 -40.67 30.99
N TYR V 424 15.16 -41.92 31.18
CA TYR V 424 13.82 -42.34 30.81
C TYR V 424 12.79 -42.15 31.90
N ILE V 425 13.16 -41.57 33.04
CA ILE V 425 12.22 -41.34 34.12
C ILE V 425 11.27 -40.23 33.72
N ASP V 426 9.96 -40.51 33.75
CA ASP V 426 8.98 -39.51 33.38
C ASP V 426 8.85 -38.44 34.47
N ASP V 427 8.79 -38.86 35.74
CA ASP V 427 8.66 -37.93 36.86
C ASP V 427 10.04 -37.78 37.51
N LYS V 428 10.87 -36.92 36.93
CA LYS V 428 12.19 -36.67 37.48
C LYS V 428 12.15 -35.83 38.74
N ASP V 429 11.09 -35.05 38.95
CA ASP V 429 10.99 -34.23 40.15
C ASP V 429 10.91 -35.08 41.41
N VAL V 430 10.11 -36.15 41.37
CA VAL V 430 9.99 -37.00 42.55
C VAL V 430 11.26 -37.81 42.78
N PHE V 431 12.10 -37.95 41.77
CA PHE V 431 13.40 -38.57 41.99
C PHE V 431 14.34 -37.64 42.74
N GLN V 432 14.30 -36.35 42.42
CA GLN V 432 15.13 -35.38 43.13
C GLN V 432 14.73 -35.30 44.59
N LYS V 433 13.43 -35.32 44.88
CA LYS V 433 12.96 -35.32 46.26
C LYS V 433 13.42 -36.57 46.99
N PHE V 434 13.31 -37.73 46.34
CA PHE V 434 13.77 -38.97 46.96
C PHE V 434 15.28 -38.98 47.12
N TYR V 435 16.01 -38.48 46.11
CA TYR V 435 17.46 -38.43 46.23
C TYR V 435 17.92 -37.44 47.29
N ALA V 436 17.11 -36.40 47.54
CA ALA V 436 17.49 -35.41 48.54
C ALA V 436 17.50 -35.99 49.94
N ARG V 437 16.51 -36.82 50.28
CA ARG V 437 16.45 -37.40 51.62
C ARG V 437 17.64 -38.30 51.90
N MET V 438 18.02 -39.14 50.94
CA MET V 438 19.14 -40.04 51.14
C MET V 438 20.48 -39.31 51.05
N LEU V 439 20.59 -38.29 50.19
CA LEU V 439 21.81 -37.49 50.17
C LEU V 439 21.99 -36.75 51.49
N ALA V 440 20.90 -36.25 52.06
CA ALA V 440 20.99 -35.60 53.37
C ALA V 440 21.45 -36.59 54.43
N LYS V 441 20.89 -37.81 54.42
CA LYS V 441 21.31 -38.82 55.40
C LYS V 441 22.74 -39.26 55.13
N ARG V 442 23.11 -39.41 53.85
CA ARG V 442 24.47 -39.83 53.53
C ARG V 442 25.50 -38.80 53.95
N LEU V 443 25.24 -37.53 53.66
CA LEU V 443 26.23 -36.49 53.94
C LEU V 443 26.33 -36.17 55.42
N ILE V 444 25.19 -36.14 56.12
CA ILE V 444 25.19 -35.72 57.52
C ILE V 444 25.88 -36.75 58.40
N HIS V 445 25.55 -38.03 58.22
CA HIS V 445 26.11 -39.07 59.06
C HIS V 445 27.58 -39.32 58.79
N GLY V 446 28.13 -38.74 57.74
CA GLY V 446 29.54 -38.82 57.46
C GLY V 446 29.96 -39.98 56.58
N LEU V 447 29.06 -40.92 56.31
CA LEU V 447 29.41 -42.04 55.45
C LEU V 447 29.39 -41.60 54.00
N SER V 448 30.45 -41.96 53.28
CA SER V 448 30.61 -41.62 51.87
C SER V 448 31.76 -42.42 51.32
N MET V 449 31.57 -42.99 50.12
CA MET V 449 32.67 -43.73 49.49
C MET V 449 33.84 -42.81 49.18
N SER V 450 33.55 -41.64 48.62
CA SER V 450 34.54 -40.61 48.40
C SER V 450 33.82 -39.29 48.14
N MET V 451 34.40 -38.20 48.64
CA MET V 451 33.77 -36.90 48.47
C MET V 451 33.73 -36.48 47.01
N ASP V 452 34.71 -36.90 46.20
CA ASP V 452 34.70 -36.56 44.79
C ASP V 452 33.57 -37.26 44.05
N SER V 453 33.20 -38.47 44.47
CA SER V 453 32.13 -39.19 43.79
C SER V 453 30.79 -38.47 43.94
N GLU V 454 30.56 -37.84 45.10
CA GLU V 454 29.35 -37.05 45.28
C GLU V 454 29.31 -35.88 44.31
N GLU V 455 30.45 -35.22 44.10
CA GLU V 455 30.52 -34.15 43.13
C GLU V 455 30.24 -34.66 41.72
N ALA V 456 30.81 -35.81 41.36
CA ALA V 456 30.63 -36.34 40.01
C ALA V 456 29.18 -36.72 39.76
N MET V 457 28.53 -37.34 40.74
CA MET V 457 27.12 -37.70 40.58
C MET V 457 26.24 -36.46 40.46
N ILE V 458 26.53 -35.44 41.28
CA ILE V 458 25.77 -34.19 41.19
C ILE V 458 26.05 -33.48 39.87
N ASN V 459 27.31 -33.43 39.46
CA ASN V 459 27.65 -32.72 38.22
C ASN V 459 27.09 -33.42 36.99
N LYS V 460 27.04 -34.76 37.01
CA LYS V 460 26.47 -35.48 35.86
C LYS V 460 24.99 -35.20 35.70
N LEU V 461 24.25 -35.12 36.82
CA LEU V 461 22.84 -34.75 36.74
C LEU V 461 22.66 -33.31 36.29
N LYS V 462 23.58 -32.42 36.69
CA LYS V 462 23.50 -31.03 36.23
C LYS V 462 23.64 -30.95 34.72
N GLN V 463 24.56 -31.71 34.16
CA GLN V 463 24.72 -31.79 32.71
C GLN V 463 23.55 -32.49 32.03
N ALA V 464 22.92 -33.46 32.70
CA ALA V 464 21.86 -34.25 32.12
C ALA V 464 20.46 -33.66 32.29
N CYS V 465 20.24 -32.77 33.26
CA CYS V 465 18.89 -32.27 33.50
C CYS V 465 18.90 -30.76 33.81
N GLY V 466 20.04 -30.10 33.71
CA GLY V 466 20.08 -28.66 33.92
C GLY V 466 20.52 -28.28 35.32
N TYR V 467 20.93 -27.02 35.50
CA TYR V 467 21.43 -26.60 36.80
C TYR V 467 20.32 -26.47 37.83
N GLU V 468 19.12 -26.03 37.42
CA GLU V 468 18.04 -25.83 38.37
C GLU V 468 17.61 -27.14 39.02
N PHE V 469 17.81 -28.26 38.32
CA PHE V 469 17.49 -29.56 38.91
C PHE V 469 18.39 -29.85 40.10
N THR V 470 19.68 -29.57 39.97
CA THR V 470 20.65 -29.91 41.01
C THR V 470 21.13 -28.69 41.79
N SER V 471 20.41 -27.57 41.70
CA SER V 471 20.80 -26.39 42.48
C SER V 471 20.70 -26.68 43.97
N LYS V 472 19.65 -27.39 44.39
CA LYS V 472 19.54 -27.79 45.79
C LYS V 472 20.62 -28.79 46.15
N LEU V 473 20.85 -29.78 45.29
CA LEU V 473 21.83 -30.82 45.59
C LEU V 473 23.24 -30.24 45.65
N HIS V 474 23.56 -29.31 44.73
CA HIS V 474 24.88 -28.71 44.73
C HIS V 474 25.14 -27.89 45.98
N ARG V 475 24.08 -27.31 46.56
CA ARG V 475 24.24 -26.55 47.79
C ARG V 475 24.60 -27.46 48.95
N MET V 476 24.05 -28.68 48.96
CA MET V 476 24.37 -29.62 50.03
C MET V 476 25.84 -30.03 49.97
N TYR V 477 26.37 -30.25 48.78
CA TYR V 477 27.78 -30.62 48.64
C TYR V 477 28.69 -29.47 49.07
N THR V 478 28.40 -28.25 48.63
CA THR V 478 29.28 -27.13 48.96
C THR V 478 29.19 -26.74 50.42
N ASP V 479 28.08 -27.10 51.09
CA ASP V 479 27.96 -26.81 52.51
C ASP V 479 29.00 -27.57 53.32
N MET V 480 29.24 -28.84 52.97
CA MET V 480 30.29 -29.60 53.62
C MET V 480 31.66 -29.04 53.31
N SER V 481 31.87 -28.58 52.06
CA SER V 481 33.16 -28.01 51.69
C SER V 481 33.44 -26.72 52.47
N VAL V 482 32.42 -25.89 52.65
CA VAL V 482 32.56 -24.69 53.46
C VAL V 482 32.77 -25.06 54.92
N SER V 483 32.12 -26.13 55.38
CA SER V 483 32.17 -26.55 56.77
C SER V 483 33.59 -26.86 57.22
N ALA V 484 34.37 -27.51 56.36
CA ALA V 484 35.77 -27.79 56.66
C ALA V 484 36.54 -26.48 56.80
N ASP V 485 36.30 -25.54 55.90
CA ASP V 485 36.93 -24.23 55.98
C ASP V 485 36.42 -23.44 57.17
N LEU V 486 35.12 -23.56 57.46
CA LEU V 486 34.54 -22.77 58.55
C LEU V 486 35.05 -23.25 59.90
N ASN V 487 35.13 -24.57 60.11
CA ASN V 487 35.59 -25.09 61.39
C ASN V 487 37.05 -24.72 61.65
N ASN V 488 37.84 -24.55 60.60
CA ASN V 488 39.16 -23.96 60.75
C ASN V 488 39.05 -22.53 61.26
N LYS V 489 38.12 -21.75 60.71
CA LYS V 489 37.94 -20.37 61.14
C LYS V 489 37.40 -20.30 62.56
N PHE V 490 36.43 -21.17 62.88
CA PHE V 490 35.87 -21.20 64.23
C PHE V 490 36.90 -21.60 65.27
N ASN V 491 37.74 -22.60 64.95
CA ASN V 491 38.82 -22.97 65.84
C ASN V 491 39.85 -21.87 65.94
N ASN V 492 40.08 -21.13 64.85
CA ASN V 492 40.95 -19.96 64.91
C ASN V 492 40.32 -18.84 65.72
N PHE V 493 39.00 -18.69 65.64
CA PHE V 493 38.32 -17.66 66.42
C PHE V 493 38.40 -17.93 67.90
N ILE V 494 38.13 -19.17 68.31
CA ILE V 494 38.18 -19.51 69.74
C ILE V 494 39.62 -19.46 70.25
N LYS V 495 40.60 -19.75 69.39
CA LYS V 495 41.99 -19.62 69.78
C LYS V 495 42.36 -18.16 70.03
N ASN V 496 41.92 -17.26 69.15
CA ASN V 496 42.20 -15.83 69.27
C ASN V 496 41.16 -15.15 70.16
N GLN V 497 41.11 -15.59 71.41
CA GLN V 497 40.17 -15.08 72.40
C GLN V 497 40.94 -14.34 73.49
N ASP V 498 40.35 -13.24 73.98
CA ASP V 498 40.98 -12.48 75.04
C ASP V 498 41.13 -13.31 76.31
N THR V 499 40.09 -14.06 76.67
CA THR V 499 40.12 -14.97 77.80
C THR V 499 40.29 -16.39 77.32
N VAL V 500 40.59 -17.29 78.26
CA VAL V 500 40.76 -18.70 77.95
C VAL V 500 39.37 -19.34 77.90
N ILE V 501 38.98 -19.81 76.72
CA ILE V 501 37.68 -20.43 76.50
C ILE V 501 37.91 -21.87 76.09
N ASP V 502 37.38 -22.81 76.86
CA ASP V 502 37.45 -24.23 76.55
C ASP V 502 36.04 -24.80 76.57
N LEU V 503 35.64 -25.44 75.48
CA LEU V 503 34.30 -25.99 75.37
C LEU V 503 34.15 -27.27 76.18
N GLY V 504 35.25 -28.00 76.40
CA GLY V 504 35.21 -29.21 77.20
C GLY V 504 34.75 -30.45 76.48
N ILE V 505 34.56 -30.39 75.16
CA ILE V 505 34.12 -31.55 74.39
C ILE V 505 34.62 -31.36 72.96
N SER V 506 34.70 -32.47 72.22
CA SER V 506 35.12 -32.44 70.82
C SER V 506 33.96 -31.94 69.98
N PHE V 507 33.78 -30.62 70.00
CA PHE V 507 32.66 -29.99 69.30
C PHE V 507 32.92 -29.96 67.80
N GLN V 508 31.96 -30.47 67.04
CA GLN V 508 32.03 -30.46 65.58
C GLN V 508 30.72 -29.97 65.01
N ILE V 509 30.81 -29.07 64.02
CA ILE V 509 29.63 -28.44 63.44
C ILE V 509 29.75 -28.39 61.93
N TYR V 510 28.63 -28.63 61.24
CA TYR V 510 28.48 -28.36 59.82
C TYR V 510 27.34 -27.37 59.67
N VAL V 511 27.57 -26.31 58.89
CA VAL V 511 26.49 -25.36 58.63
C VAL V 511 25.76 -25.76 57.36
N LEU V 512 24.44 -25.72 57.42
CA LEU V 512 23.58 -26.21 56.34
C LEU V 512 22.62 -25.10 55.94
N GLN V 513 22.59 -24.80 54.65
CA GLN V 513 21.64 -23.79 54.14
C GLN V 513 20.23 -24.31 54.29
N ALA V 514 19.36 -23.47 54.86
CA ALA V 514 18.00 -23.92 55.16
C ALA V 514 17.15 -24.04 53.91
N GLY V 515 17.50 -23.35 52.84
CA GLY V 515 16.71 -23.41 51.63
C GLY V 515 17.01 -24.56 50.71
N ALA V 516 17.95 -25.43 51.06
CA ALA V 516 18.36 -26.52 50.19
C ALA V 516 18.14 -27.88 50.81
N TRP V 517 18.55 -28.08 52.05
CA TRP V 517 18.47 -29.40 52.65
C TRP V 517 17.02 -29.81 52.91
N PRO V 518 16.69 -31.08 52.78
CA PRO V 518 15.32 -31.55 53.05
C PRO V 518 15.08 -32.01 54.48
N LEU V 519 16.06 -31.83 55.37
CA LEU V 519 15.94 -32.24 56.76
C LEU V 519 15.30 -31.16 57.63
N THR V 520 14.52 -30.25 57.03
CA THR V 520 13.91 -29.15 57.76
C THR V 520 12.66 -29.57 58.52
N GLN V 521 12.51 -30.88 58.76
CA GLN V 521 11.43 -31.36 59.61
C GLN V 521 11.54 -30.73 60.99
N ALA V 522 10.56 -29.89 61.32
CA ALA V 522 10.65 -29.01 62.48
C ALA V 522 10.56 -29.78 63.78
N PRO V 523 11.60 -29.69 64.64
CA PRO V 523 11.50 -30.21 66.01
C PRO V 523 10.89 -29.19 66.96
N SER V 524 9.59 -28.91 66.79
CA SER V 524 8.93 -27.86 67.56
C SER V 524 8.84 -28.21 69.03
N SER V 525 9.06 -29.47 69.39
CA SER V 525 9.15 -29.87 70.79
C SER V 525 10.31 -29.15 71.46
N THR V 526 10.03 -28.46 72.56
CA THR V 526 11.04 -27.67 73.26
C THR V 526 12.12 -28.58 73.83
N PHE V 527 13.37 -28.13 73.72
CA PHE V 527 14.51 -28.88 74.21
C PHE V 527 15.36 -27.99 75.11
N ALA V 528 15.84 -28.56 76.21
CA ALA V 528 16.71 -27.86 77.15
C ALA V 528 18.08 -28.53 77.10
N ILE V 529 18.99 -27.93 76.35
CA ILE V 529 20.32 -28.51 76.16
C ILE V 529 21.07 -28.47 77.49
N PRO V 530 21.80 -29.53 77.85
CA PRO V 530 22.47 -29.56 79.16
C PRO V 530 23.58 -28.54 79.28
N GLN V 531 23.87 -28.16 80.53
CA GLN V 531 24.79 -27.09 80.84
C GLN V 531 26.23 -27.40 80.44
N GLU V 532 26.60 -28.68 80.37
CA GLU V 532 27.95 -29.02 79.94
C GLU V 532 28.20 -28.55 78.51
N LEU V 533 27.23 -28.75 77.64
CA LEU V 533 27.30 -28.42 76.23
C LEU V 533 26.73 -27.03 75.95
N GLU V 534 26.22 -26.35 76.98
CA GLU V 534 25.71 -25.01 76.79
C GLU V 534 26.83 -24.01 76.48
N LYS V 535 28.03 -24.23 77.04
CA LYS V 535 29.12 -23.31 76.82
C LYS V 535 29.54 -23.28 75.35
N SER V 536 29.58 -24.45 74.71
CA SER V 536 30.04 -24.53 73.33
C SER V 536 29.02 -23.91 72.37
N VAL V 537 27.73 -24.19 72.57
CA VAL V 537 26.73 -23.68 71.64
C VAL V 537 26.64 -22.16 71.73
N GLN V 538 26.83 -21.60 72.92
CA GLN V 538 26.82 -20.14 73.05
C GLN V 538 28.04 -19.52 72.37
N MET V 539 29.19 -20.20 72.42
CA MET V 539 30.39 -19.67 71.77
C MET V 539 30.23 -19.62 70.25
N PHE V 540 29.64 -20.67 69.67
CA PHE V 540 29.45 -20.69 68.22
C PHE V 540 28.44 -19.65 67.77
N GLU V 541 27.39 -19.42 68.58
CA GLU V 541 26.42 -18.39 68.24
C GLU V 541 27.07 -17.01 68.21
N LEU V 542 27.95 -16.73 69.17
CA LEU V 542 28.69 -15.46 69.15
C LEU V 542 29.60 -15.38 67.95
N PHE V 543 30.24 -16.49 67.58
CA PHE V 543 31.15 -16.49 66.44
C PHE V 543 30.39 -16.28 65.13
N TYR V 544 29.32 -17.04 64.93
CA TYR V 544 28.60 -16.96 63.67
C TYR V 544 27.83 -15.67 63.52
N SER V 545 27.50 -15.01 64.64
CA SER V 545 26.78 -13.74 64.54
C SER V 545 27.68 -12.64 63.98
N GLN V 546 28.97 -12.66 64.33
CA GLN V 546 29.88 -11.64 63.84
C GLN V 546 30.59 -12.04 62.55
N HIS V 547 30.88 -13.33 62.36
CA HIS V 547 31.49 -13.77 61.12
C HIS V 547 30.55 -13.56 59.94
N PHE V 548 29.27 -13.85 60.11
CA PHE V 548 28.25 -13.65 59.09
C PHE V 548 27.12 -12.83 59.67
N SER V 549 26.71 -11.78 58.96
CA SER V 549 25.66 -10.89 59.42
C SER V 549 24.32 -11.33 58.85
N GLY V 550 23.33 -11.47 59.73
CA GLY V 550 21.99 -11.80 59.31
C GLY V 550 21.69 -13.28 59.14
N ARG V 551 22.60 -14.16 59.55
CA ARG V 551 22.39 -15.60 59.42
C ARG V 551 22.11 -16.19 60.79
N LYS V 552 20.83 -16.32 61.12
CA LYS V 552 20.46 -16.97 62.37
C LYS V 552 20.68 -18.47 62.25
N LEU V 553 21.00 -19.09 63.39
CA LEU V 553 21.33 -20.50 63.44
C LEU V 553 20.18 -21.27 64.09
N THR V 554 19.73 -22.33 63.43
CA THR V 554 18.74 -23.25 63.99
C THR V 554 19.43 -24.58 64.23
N TRP V 555 19.44 -25.03 65.48
CA TRP V 555 20.16 -26.23 65.86
C TRP V 555 19.24 -27.44 65.76
N LEU V 556 19.56 -28.35 64.84
CA LEU V 556 18.76 -29.55 64.60
C LEU V 556 19.27 -30.64 65.53
N HIS V 557 18.74 -30.66 66.75
CA HIS V 557 19.30 -31.49 67.81
C HIS V 557 19.18 -32.98 67.54
N TYR V 558 18.23 -33.41 66.72
CA TYR V 558 18.09 -34.83 66.43
C TYR V 558 18.91 -35.27 65.24
N LEU V 559 19.72 -34.37 64.66
CA LEU V 559 20.74 -34.74 63.70
C LEU V 559 22.14 -34.73 64.30
N CYS V 560 22.27 -34.40 65.59
CA CYS V 560 23.55 -34.31 66.25
C CYS V 560 23.83 -35.58 67.05
N THR V 561 25.09 -36.02 67.04
CA THR V 561 25.51 -37.15 67.85
C THR V 561 26.86 -36.81 68.49
N GLY V 562 27.13 -37.44 69.62
CA GLY V 562 28.36 -37.18 70.34
C GLY V 562 28.74 -38.33 71.25
N GLU V 563 29.99 -38.32 71.65
CA GLU V 563 30.53 -39.34 72.55
C GLU V 563 30.37 -38.90 74.00
N VAL V 564 30.17 -39.87 74.89
CA VAL V 564 30.03 -39.61 76.31
C VAL V 564 30.98 -40.53 77.07
N LYS V 565 31.66 -39.98 78.07
CA LYS V 565 32.59 -40.73 78.90
C LYS V 565 31.80 -41.43 80.00
N MET V 566 31.50 -42.71 79.80
CA MET V 566 30.76 -43.49 80.79
C MET V 566 31.77 -44.07 81.78
N ASN V 567 32.19 -43.23 82.70
CA ASN V 567 33.16 -43.61 83.73
C ASN V 567 32.50 -44.04 85.03
N TYR V 568 31.15 -44.08 85.08
CA TYR V 568 30.48 -44.44 86.33
C TYR V 568 30.69 -45.91 86.68
N LEU V 569 30.79 -46.78 85.68
CA LEU V 569 31.01 -48.20 85.93
C LEU V 569 32.52 -48.48 85.95
N GLY V 570 32.88 -49.76 86.06
CA GLY V 570 34.28 -50.12 86.18
C GLY V 570 35.09 -49.82 84.93
N LYS V 571 34.53 -50.14 83.76
CA LYS V 571 35.23 -49.94 82.50
C LYS V 571 34.68 -48.72 81.78
N PRO V 572 35.53 -47.80 81.34
CA PRO V 572 35.04 -46.61 80.63
C PRO V 572 34.56 -46.95 79.22
N TYR V 573 33.34 -47.47 79.12
CA TYR V 573 32.77 -47.81 77.82
C TYR V 573 32.57 -46.54 76.99
N VAL V 574 32.75 -46.67 75.68
CA VAL V 574 32.57 -45.57 74.74
C VAL V 574 31.45 -45.94 73.79
N ALA V 575 30.42 -45.10 73.74
CA ALA V 575 29.27 -45.32 72.88
C ALA V 575 28.88 -44.02 72.20
N MET V 576 28.23 -44.13 71.05
CA MET V 576 27.75 -42.97 70.31
C MET V 576 26.27 -42.76 70.60
N VAL V 577 25.94 -41.59 71.14
CA VAL V 577 24.57 -41.24 71.48
C VAL V 577 24.26 -39.88 70.88
N THR V 578 22.99 -39.67 70.56
CA THR V 578 22.55 -38.40 70.01
C THR V 578 22.42 -37.35 71.11
N THR V 579 22.07 -36.13 70.71
CA THR V 579 21.82 -35.08 71.69
C THR V 579 20.62 -35.42 72.56
N TYR V 580 19.57 -35.99 71.97
CA TYR V 580 18.42 -36.44 72.74
C TYR V 580 18.81 -37.51 73.74
N GLN V 581 19.69 -38.43 73.32
CA GLN V 581 20.17 -39.47 74.24
C GLN V 581 21.19 -38.90 75.23
N MET V 582 21.91 -37.84 74.85
CA MET V 582 22.93 -37.28 75.72
C MET V 582 22.31 -36.64 76.96
N ALA V 583 21.17 -35.98 76.81
CA ALA V 583 20.52 -35.34 77.94
C ALA V 583 20.09 -36.37 78.99
N VAL V 584 19.59 -37.51 78.54
CA VAL V 584 19.19 -38.56 79.47
C VAL V 584 20.40 -39.16 80.18
N LEU V 585 21.48 -39.41 79.42
CA LEU V 585 22.66 -40.04 80.02
C LEU V 585 23.38 -39.08 80.96
N LEU V 586 23.42 -37.79 80.63
CA LEU V 586 24.13 -36.83 81.48
C LEU V 586 23.40 -36.63 82.81
N ALA V 587 22.07 -36.74 82.81
CA ALA V 587 21.32 -36.62 84.05
C ALA V 587 21.56 -37.78 84.99
N PHE V 588 22.05 -38.91 84.49
CA PHE V 588 22.34 -40.09 85.31
C PHE V 588 23.76 -40.12 85.83
N ASN V 589 24.60 -39.15 85.46
CA ASN V 589 25.99 -39.17 85.93
C ASN V 589 26.09 -38.80 87.41
N ASN V 590 25.37 -37.77 87.84
CA ASN V 590 25.46 -37.35 89.24
C ASN V 590 24.71 -38.30 90.16
N SER V 591 23.56 -38.81 89.72
CA SER V 591 22.75 -39.72 90.51
C SER V 591 22.53 -41.02 89.75
N GLU V 592 22.77 -42.15 90.43
CA GLU V 592 22.64 -43.45 89.77
C GLU V 592 21.21 -43.74 89.33
N THR V 593 20.24 -43.17 90.02
CA THR V 593 18.84 -43.29 89.63
C THR V 593 18.24 -41.90 89.43
N VAL V 594 17.46 -41.74 88.37
CA VAL V 594 16.77 -40.49 88.07
C VAL V 594 15.29 -40.79 87.88
N SER V 595 14.45 -40.01 88.55
CA SER V 595 13.01 -40.17 88.41
C SER V 595 12.58 -39.82 86.99
N TYR V 596 11.63 -40.58 86.46
CA TYR V 596 11.12 -40.30 85.12
C TYR V 596 10.36 -38.98 85.08
N LYS V 597 9.77 -38.58 86.21
CA LYS V 597 9.10 -37.28 86.28
C LYS V 597 10.09 -36.14 86.08
N GLU V 598 11.29 -36.27 86.67
CA GLU V 598 12.30 -35.22 86.51
C GLU V 598 12.93 -35.25 85.13
N LEU V 599 13.08 -36.44 84.55
CA LEU V 599 13.68 -36.55 83.23
C LEU V 599 12.83 -35.88 82.16
N GLN V 600 11.51 -36.08 82.21
CA GLN V 600 10.64 -35.47 81.21
C GLN V 600 10.50 -33.97 81.41
N ASP V 601 10.70 -33.49 82.64
CA ASP V 601 10.67 -32.06 82.91
C ASP V 601 12.03 -31.40 82.75
N SER V 602 13.12 -32.18 82.68
CA SER V 602 14.42 -31.60 82.42
C SER V 602 14.53 -31.12 80.98
N THR V 603 13.91 -31.85 80.04
CA THR V 603 13.94 -31.49 78.63
C THR V 603 12.61 -30.90 78.14
N GLN V 604 11.55 -30.99 78.95
CA GLN V 604 10.22 -30.40 78.71
C GLN V 604 9.76 -30.56 77.25
N MET V 605 9.65 -31.81 76.82
CA MET V 605 9.13 -32.13 75.50
C MET V 605 8.10 -33.26 75.63
N ASN V 606 7.52 -33.65 74.51
CA ASN V 606 6.39 -34.56 74.50
C ASN V 606 6.81 -35.97 74.94
N GLU V 607 5.93 -36.63 75.70
CA GLU V 607 6.23 -37.95 76.25
C GLU V 607 6.32 -39.01 75.17
N LYS V 608 5.50 -38.89 74.12
CA LYS V 608 5.42 -39.97 73.11
C LYS V 608 6.74 -40.16 72.39
N GLU V 609 7.53 -39.10 72.22
CA GLU V 609 8.86 -39.25 71.63
C GLU V 609 9.85 -39.88 72.61
N LEU V 610 9.68 -39.63 73.91
CA LEU V 610 10.61 -40.17 74.90
C LEU V 610 10.47 -41.67 75.08
N THR V 611 9.30 -42.24 74.74
CA THR V 611 9.12 -43.68 74.87
C THR V 611 10.06 -44.44 73.94
N LYS V 612 10.18 -43.99 72.69
CA LYS V 612 11.13 -44.58 71.76
C LYS V 612 12.53 -44.00 71.90
N THR V 613 12.69 -42.89 72.63
CA THR V 613 14.02 -42.32 72.83
C THR V 613 14.85 -43.16 73.78
N ILE V 614 14.26 -43.60 74.88
CA ILE V 614 15.01 -44.30 75.92
C ILE V 614 15.06 -45.81 75.70
N LYS V 615 14.21 -46.36 74.83
CA LYS V 615 14.20 -47.80 74.61
C LYS V 615 15.47 -48.27 73.90
N SER V 616 16.17 -47.37 73.20
CA SER V 616 17.45 -47.72 72.61
C SER V 616 18.47 -48.08 73.69
N LEU V 617 18.49 -47.33 74.79
CA LEU V 617 19.31 -47.70 75.93
C LEU V 617 18.79 -48.96 76.60
N LEU V 618 17.48 -49.20 76.54
CA LEU V 618 16.92 -50.42 77.10
C LEU V 618 17.30 -51.64 76.27
N ASP V 619 17.36 -51.49 74.94
CA ASP V 619 17.76 -52.60 74.08
C ASP V 619 19.20 -53.00 74.33
N VAL V 620 20.08 -52.01 74.52
CA VAL V 620 21.48 -52.29 74.85
C VAL V 620 21.66 -52.48 76.36
N LYS V 621 20.59 -52.35 77.14
CA LYS V 621 20.62 -52.50 78.60
C LYS V 621 21.59 -51.50 79.23
N MET V 622 21.64 -50.29 78.67
CA MET V 622 22.45 -49.23 79.28
C MET V 622 21.84 -48.78 80.60
N ILE V 623 20.52 -48.74 80.69
CA ILE V 623 19.80 -48.30 81.87
C ILE V 623 18.81 -49.38 82.27
N ASN V 624 18.88 -49.83 83.52
CA ASN V 624 17.99 -50.86 84.00
C ASN V 624 16.58 -50.31 84.21
N HIS V 625 15.59 -51.21 84.08
CA HIS V 625 14.19 -50.88 84.34
C HIS V 625 13.98 -50.91 85.84
N ASP V 626 14.21 -49.77 86.49
CA ASP V 626 14.08 -49.71 87.95
C ASP V 626 12.65 -49.94 88.40
N SER V 627 11.68 -49.38 87.69
CA SER V 627 10.28 -49.55 88.05
C SER V 627 9.83 -50.99 87.80
N GLU V 628 8.90 -51.45 88.65
CA GLU V 628 8.37 -52.80 88.50
C GLU V 628 7.33 -52.89 87.38
N LYS V 629 6.82 -51.76 86.90
CA LYS V 629 5.87 -51.78 85.80
C LYS V 629 6.58 -52.22 84.52
N GLU V 630 5.98 -53.17 83.82
CA GLU V 630 6.56 -53.64 82.56
C GLU V 630 6.54 -52.54 81.50
N ASP V 631 5.45 -51.78 81.43
CA ASP V 631 5.34 -50.70 80.47
C ASP V 631 6.11 -49.48 80.95
N ILE V 632 6.23 -48.49 80.07
CA ILE V 632 6.96 -47.27 80.34
C ILE V 632 5.97 -46.12 80.38
N ASP V 633 5.98 -45.37 81.49
CA ASP V 633 5.11 -44.21 81.66
C ASP V 633 5.86 -43.18 82.48
N ALA V 634 5.13 -42.15 82.94
CA ALA V 634 5.74 -41.12 83.77
C ALA V 634 6.18 -41.68 85.12
N GLU V 635 5.48 -42.70 85.62
CA GLU V 635 5.85 -43.32 86.89
C GLU V 635 7.07 -44.22 86.76
N SER V 636 7.45 -44.62 85.55
CA SER V 636 8.53 -45.57 85.36
C SER V 636 9.90 -44.93 85.59
N SER V 637 10.25 -44.68 86.85
CA SER V 637 11.58 -44.19 87.18
C SER V 637 12.62 -45.25 86.86
N PHE V 638 13.78 -44.80 86.39
CA PHE V 638 14.82 -45.69 85.92
C PHE V 638 16.11 -45.47 86.71
N SER V 639 16.95 -46.51 86.72
CA SER V 639 18.22 -46.49 87.42
C SER V 639 19.32 -47.06 86.52
N LEU V 640 20.56 -46.67 86.80
CA LEU V 640 21.68 -47.08 85.99
C LEU V 640 21.90 -48.59 86.07
N ASN V 641 22.36 -49.17 84.96
CA ASN V 641 22.64 -50.59 84.85
C ASN V 641 24.13 -50.80 85.05
N MET V 642 24.52 -51.18 86.27
CA MET V 642 25.92 -51.46 86.57
C MET V 642 26.37 -52.81 86.00
N ASN V 643 25.43 -53.70 85.70
CA ASN V 643 25.75 -55.01 85.15
C ASN V 643 25.87 -55.00 83.62
N PHE V 644 25.71 -53.85 82.98
CA PHE V 644 25.82 -53.77 81.53
C PHE V 644 27.25 -54.08 81.10
N SER V 645 27.38 -54.91 80.06
CA SER V 645 28.66 -55.28 79.50
C SER V 645 28.64 -55.05 77.99
N SER V 646 29.72 -54.46 77.47
CA SER V 646 29.86 -54.17 76.06
C SER V 646 30.96 -55.05 75.47
N LYS V 647 30.62 -55.77 74.40
CA LYS V 647 31.62 -56.59 73.72
C LYS V 647 32.71 -55.73 73.09
N ARG V 648 32.33 -54.60 72.51
CA ARG V 648 33.26 -53.69 71.86
C ARG V 648 33.53 -52.49 72.77
N THR V 649 34.80 -52.08 72.83
CA THR V 649 35.16 -50.91 73.61
C THR V 649 34.53 -49.64 73.03
N LYS V 650 34.54 -49.51 71.71
CA LYS V 650 33.94 -48.38 71.02
C LYS V 650 32.87 -48.89 70.07
N PHE V 651 31.67 -48.31 70.16
CA PHE V 651 30.55 -48.74 69.34
C PHE V 651 29.54 -47.61 69.24
N LYS V 652 28.46 -47.85 68.50
CA LYS V 652 27.40 -46.88 68.29
C LYS V 652 26.08 -47.48 68.74
N ILE V 653 25.29 -46.68 69.46
CA ILE V 653 23.99 -47.11 69.96
C ILE V 653 22.93 -46.75 68.94
N THR V 654 22.25 -47.77 68.41
CA THR V 654 21.19 -47.56 67.43
C THR V 654 20.12 -48.64 67.55
#